data_3BIW
#
_entry.id   3BIW
#
_cell.length_a   229.830
_cell.length_b   148.796
_cell.length_c   123.602
_cell.angle_alpha   90.000
_cell.angle_beta   90.380
_cell.angle_gamma   90.000
#
_symmetry.space_group_name_H-M   'C 1 2 1'
#
loop_
_entity.id
_entity.type
_entity.pdbx_description
1 polymer Neuroligin-1
2 polymer Neurexin-1-beta
3 branched 2-acetamido-2-deoxy-beta-D-glucopyranose-(1-4)-2-acetamido-2-deoxy-beta-D-glucopyranose
4 non-polymer 2-acetamido-2-deoxy-beta-D-glucopyranose
5 non-polymer 'CALCIUM ION'
#
loop_
_entity_poly.entity_id
_entity_poly.type
_entity_poly.pdbx_seq_one_letter_code
_entity_poly.pdbx_strand_id
1 'polypeptide(L)'
;ADPQKLDDVDPLVTTNFGKIRGIKKELNNEILGPVIQFLGVPYAAPPTGEHRFQPPEPPSPWSDIRNATQFAPVCPQNII
DGRLPEVMLPVWFTNNLDVVSSYVQDQSEDCLYLNIYVPTEDDIRDSGGPKPVMVYIHGGSYMEGTGNLYDGSVLASYGN
VIVITVNYRLGVLGFLSTGDQAAKGNYGLLDLIQALRWTSENIGFFGGDPLRITVFGSGAGGSCVNLLTLSHYSEKGLFQ
RAIAQSGTALSSWAVSFQPAKYARILATKVGCNVSDTVELVECLQKKPYKELVDQDVQPARYHIAFGPVIDGDVIPDDPQ
ILMEQGEFLNYDIMLGVNQGEGLKFVENIVDSDDGVSASDFDFAVSNFVDNLYGYPEGKDVLRETIKFMYTDWADRHNPE
TRRKTLLALFTDHQWVAPAVATADLHSNFGSPTYFYAFYHHCQTDQVPAWADAAHGDEVPYVLGIPMIGPTELFPCNFSK
NDVMLSAVVMTYWTNFAKTGDPNQPVPQDTKFIHTKPNRFEEVAWTRYSQKDQLYLHIGLKPRVKEHYRANKVNLWLELV
PHLHNLNDHHHHHH
;
A,B,C,D
2 'polypeptide(L)'
;GSPGISGGGGGILEASSLGAHHIHHFHGSSKHHSVPIAIYRSPASLRGGHAGTTYIFSKGGGQITYKWPPNDRPSTRADR
LAIGFSTVQKEAVLVRVDSSSGLGDYLELHIHQGKIGVKFNVGTDDIAIEESNAIINDGKYHVVRFTRSGGNATLQVDSW
PVIERYPAGRQLTIFNSQATIIIGGKEQGQPFQGQLSGLYYNGLKVLNMAAENDANIAIVGNVRLVGEVPSSMTTESHHH
HHH
;
E,F,G,H
#
# COMPACT_ATOMS: atom_id res chain seq x y z
N ASP A 10 -14.51 62.33 31.25
CA ASP A 10 -13.56 61.34 31.85
C ASP A 10 -14.27 60.08 32.39
N PRO A 11 -13.87 58.90 31.92
CA PRO A 11 -14.38 57.56 32.27
C PRO A 11 -13.76 56.90 33.50
N LEU A 12 -14.49 56.94 34.62
CA LEU A 12 -14.01 56.33 35.85
C LEU A 12 -14.98 55.29 36.38
N VAL A 13 -14.44 54.27 37.02
CA VAL A 13 -15.23 53.20 37.60
C VAL A 13 -14.51 52.63 38.82
N THR A 14 -15.27 52.46 39.91
CA THR A 14 -14.74 51.93 41.15
C THR A 14 -15.00 50.43 41.16
N THR A 15 -14.00 49.67 41.57
CA THR A 15 -14.11 48.22 41.66
C THR A 15 -13.79 47.80 43.10
N ASN A 16 -13.92 46.52 43.39
CA ASN A 16 -13.63 46.07 44.74
C ASN A 16 -12.14 46.03 45.02
N PHE A 17 -11.33 46.50 44.06
CA PHE A 17 -9.89 46.48 44.25
C PHE A 17 -9.31 47.88 44.12
N GLY A 18 -10.12 48.81 43.63
CA GLY A 18 -9.68 50.19 43.46
C GLY A 18 -10.40 50.85 42.30
N LYS A 19 -10.13 52.13 42.06
CA LYS A 19 -10.77 52.82 40.94
C LYS A 19 -9.88 52.71 39.71
N ILE A 20 -10.46 52.83 38.52
CA ILE A 20 -9.66 52.75 37.29
C ILE A 20 -10.23 53.66 36.21
N ARG A 21 -9.33 54.18 35.37
CA ARG A 21 -9.73 55.06 34.28
C ARG A 21 -9.55 54.41 32.93
N GLY A 22 -10.62 54.43 32.14
CA GLY A 22 -10.56 53.85 30.82
C GLY A 22 -10.59 54.94 29.77
N ILE A 23 -9.92 54.71 28.64
CA ILE A 23 -9.89 55.66 27.54
C ILE A 23 -11.05 55.41 26.59
N LYS A 24 -11.74 56.47 26.20
CA LYS A 24 -12.88 56.33 25.30
C LYS A 24 -12.42 56.23 23.84
N LYS A 25 -13.22 55.63 22.98
CA LYS A 25 -12.86 55.48 21.57
C LYS A 25 -14.00 55.60 20.58
N GLU A 26 -13.65 56.01 19.38
CA GLU A 26 -14.62 56.19 18.30
C GLU A 26 -14.48 55.01 17.35
N LEU A 27 -15.53 54.73 16.59
CA LEU A 27 -15.50 53.63 15.65
C LEU A 27 -15.59 54.11 14.20
N ASN A 28 -14.91 53.39 13.32
CA ASN A 28 -14.87 53.74 11.92
C ASN A 28 -16.19 53.65 11.16
N ASN A 29 -17.31 53.83 11.86
CA ASN A 29 -18.61 53.78 11.19
C ASN A 29 -19.53 54.82 11.82
N GLU A 30 -20.45 55.36 11.03
CA GLU A 30 -21.36 56.39 11.50
C GLU A 30 -22.66 55.82 12.04
N ILE A 31 -22.70 54.54 12.35
CA ILE A 31 -23.91 53.93 12.89
C ILE A 31 -23.55 53.38 14.27
N LEU A 32 -22.26 53.12 14.43
CA LEU A 32 -21.75 52.57 15.67
C LEU A 32 -21.42 53.69 16.65
N GLY A 33 -22.05 53.63 17.82
CA GLY A 33 -21.79 54.64 18.83
C GLY A 33 -20.36 54.54 19.30
N PRO A 34 -19.98 55.22 20.38
CA PRO A 34 -18.61 55.16 20.89
C PRO A 34 -18.48 54.03 21.88
N VAL A 35 -17.27 53.84 22.39
CA VAL A 35 -17.02 52.77 23.34
C VAL A 35 -15.92 53.16 24.34
N ILE A 36 -16.10 52.80 25.60
CA ILE A 36 -15.10 53.11 26.62
C ILE A 36 -14.26 51.86 26.82
N GLN A 37 -12.98 51.91 26.49
CA GLN A 37 -12.11 50.75 26.64
C GLN A 37 -11.29 50.77 27.94
N PHE A 38 -11.28 49.68 28.67
CA PHE A 38 -10.48 49.61 29.90
C PHE A 38 -9.45 48.54 29.66
N LEU A 39 -8.33 48.93 29.06
CA LEU A 39 -7.27 47.97 28.72
C LEU A 39 -6.24 47.76 29.83
N GLY A 40 -5.84 46.50 30.02
CA GLY A 40 -4.85 46.18 31.01
C GLY A 40 -5.31 45.87 32.43
N VAL A 41 -6.63 45.76 32.65
CA VAL A 41 -7.14 45.46 34.00
C VAL A 41 -6.60 44.15 34.58
N PRO A 42 -6.02 44.19 35.78
CA PRO A 42 -5.47 43.01 36.43
C PRO A 42 -6.57 42.25 37.17
N TYR A 43 -6.73 40.98 36.84
CA TYR A 43 -7.76 40.18 37.47
C TYR A 43 -7.15 39.14 38.42
N ALA A 44 -5.84 39.19 38.61
CA ALA A 44 -5.21 38.25 39.51
C ALA A 44 -3.79 38.63 39.83
N ALA A 45 -3.24 38.00 40.86
CA ALA A 45 -1.87 38.23 41.31
C ALA A 45 -0.89 37.66 40.31
N PRO A 46 0.14 38.43 39.95
CA PRO A 46 1.18 38.01 39.00
C PRO A 46 1.71 36.61 39.35
N PRO A 47 1.66 35.68 38.37
CA PRO A 47 2.11 34.28 38.51
C PRO A 47 3.63 34.24 38.44
N THR A 48 4.28 34.89 39.40
CA THR A 48 5.73 34.99 39.41
C THR A 48 6.50 34.38 40.59
N GLY A 49 7.73 33.97 40.27
CA GLY A 49 8.62 33.39 41.27
C GLY A 49 8.13 32.09 41.87
N GLU A 50 7.55 32.20 43.07
CA GLU A 50 7.04 31.03 43.79
C GLU A 50 5.60 30.76 43.34
N HIS A 51 5.02 31.74 42.65
CA HIS A 51 3.66 31.64 42.16
C HIS A 51 3.53 31.01 40.77
N ARG A 52 4.67 30.76 40.13
CA ARG A 52 4.72 30.14 38.81
C ARG A 52 4.36 28.67 39.02
N PHE A 53 3.54 28.11 38.13
CA PHE A 53 3.12 26.72 38.27
C PHE A 53 2.21 26.60 39.50
N GLN A 54 1.54 27.68 39.84
CA GLN A 54 0.65 27.70 41.00
C GLN A 54 -0.70 28.32 40.65
N PRO A 55 -1.79 27.80 41.25
CA PRO A 55 -3.11 28.36 40.97
C PRO A 55 -3.06 29.88 41.07
N PRO A 56 -3.77 30.61 40.20
CA PRO A 56 -3.73 32.06 40.26
C PRO A 56 -4.27 32.56 41.59
N GLU A 57 -3.81 33.74 42.01
CA GLU A 57 -4.24 34.35 43.27
C GLU A 57 -5.04 35.61 42.99
N PRO A 58 -5.88 36.03 43.96
CA PRO A 58 -6.66 37.25 43.75
C PRO A 58 -5.71 38.42 43.63
N PRO A 59 -6.09 39.47 42.89
CA PRO A 59 -5.19 40.62 42.76
C PRO A 59 -5.20 41.52 44.00
N SER A 60 -4.10 42.26 44.19
CA SER A 60 -3.95 43.16 45.34
C SER A 60 -4.51 44.54 44.97
N PRO A 61 -5.26 45.16 45.89
CA PRO A 61 -5.89 46.48 45.70
C PRO A 61 -4.99 47.69 45.85
N TRP A 62 -5.43 48.79 45.23
CA TRP A 62 -4.74 50.07 45.23
C TRP A 62 -5.73 51.11 45.72
N SER A 63 -5.23 52.20 46.28
CA SER A 63 -6.11 53.25 46.78
C SER A 63 -6.46 54.29 45.72
N ASP A 64 -5.42 54.85 45.10
CA ASP A 64 -5.56 55.86 44.05
C ASP A 64 -6.47 55.46 42.90
N ILE A 65 -6.12 55.94 41.71
CA ILE A 65 -6.84 55.64 40.48
C ILE A 65 -5.82 55.02 39.54
N ARG A 66 -6.09 53.80 39.08
CA ARG A 66 -5.18 53.09 38.20
C ARG A 66 -5.42 53.38 36.71
N ASN A 67 -4.36 53.78 36.01
CA ASN A 67 -4.46 54.08 34.59
C ASN A 67 -4.64 52.77 33.82
N ALA A 68 -5.84 52.52 33.33
CA ALA A 68 -6.12 51.32 32.55
C ALA A 68 -6.44 51.82 31.15
N THR A 69 -5.40 52.29 30.45
CA THR A 69 -5.58 52.85 29.12
C THR A 69 -4.77 52.26 27.97
N GLN A 70 -4.07 51.16 28.23
CA GLN A 70 -3.29 50.53 27.18
C GLN A 70 -3.01 49.09 27.54
N PHE A 71 -2.95 48.23 26.53
CA PHE A 71 -2.71 46.81 26.77
C PHE A 71 -1.54 46.58 27.70
N ALA A 72 -1.72 45.65 28.62
CA ALA A 72 -0.69 45.31 29.55
C ALA A 72 0.11 44.26 28.79
N PRO A 73 1.35 43.97 29.24
CA PRO A 73 2.17 42.95 28.57
C PRO A 73 1.41 41.64 28.33
N VAL A 74 1.77 40.93 27.27
CA VAL A 74 1.14 39.65 26.96
C VAL A 74 1.98 38.55 27.59
N CYS A 75 1.48 37.33 27.62
CA CYS A 75 2.23 36.24 28.24
C CYS A 75 3.35 35.76 27.35
N PRO A 76 4.37 35.12 27.94
CA PRO A 76 5.57 34.56 27.31
C PRO A 76 5.30 33.61 26.17
N GLN A 77 5.75 33.98 24.98
CA GLN A 77 5.56 33.14 23.82
C GLN A 77 6.61 33.45 22.78
N ASN A 78 6.64 32.64 21.72
CA ASN A 78 7.58 32.82 20.64
C ASN A 78 6.94 32.28 19.36
N ILE A 79 6.42 33.17 18.52
CA ILE A 79 5.77 32.72 17.31
C ILE A 79 6.57 32.85 16.03
N ILE A 80 7.40 33.89 15.95
CA ILE A 80 8.22 34.14 14.74
C ILE A 80 8.74 32.91 13.98
N ASP A 81 9.80 32.28 14.50
CA ASP A 81 10.41 31.11 13.87
C ASP A 81 9.48 29.91 13.67
N GLY A 82 8.71 29.95 12.58
CA GLY A 82 7.76 28.90 12.21
C GLY A 82 7.70 27.54 12.89
N ARG A 83 7.78 27.52 14.23
CA ARG A 83 7.69 26.27 14.99
C ARG A 83 6.22 26.05 15.38
N LEU A 84 5.38 27.01 14.99
CA LEU A 84 3.95 26.97 15.27
C LEU A 84 3.21 26.02 14.33
N PRO A 85 2.37 25.13 14.89
CA PRO A 85 1.59 24.14 14.15
C PRO A 85 0.62 24.76 13.16
N GLU A 86 1.13 25.08 11.97
CA GLU A 86 0.36 25.70 10.90
C GLU A 86 -1.11 25.37 10.84
N VAL A 87 -1.43 24.08 10.88
CA VAL A 87 -2.82 23.62 10.77
C VAL A 87 -3.74 24.03 11.91
N MET A 88 -3.23 23.99 13.13
CA MET A 88 -4.01 24.35 14.32
C MET A 88 -4.39 25.81 14.42
N LEU A 89 -3.48 26.70 14.05
CA LEU A 89 -3.73 28.13 14.13
C LEU A 89 -4.63 28.63 13.02
N PRO A 90 -5.39 29.70 13.29
CA PRO A 90 -6.26 30.22 12.25
C PRO A 90 -5.43 30.72 11.08
N VAL A 91 -6.06 30.83 9.93
CA VAL A 91 -5.38 31.27 8.74
C VAL A 91 -4.96 32.72 8.90
N TRP A 92 -5.88 33.60 9.26
CA TRP A 92 -5.53 34.99 9.40
C TRP A 92 -4.32 35.20 10.29
N PHE A 93 -4.12 34.31 11.26
CA PHE A 93 -3.00 34.44 12.19
C PHE A 93 -1.67 34.10 11.51
N THR A 94 -1.67 33.02 10.73
CA THR A 94 -0.49 32.54 10.00
C THR A 94 -0.14 33.42 8.81
N ASN A 95 -1.13 33.67 7.96
CA ASN A 95 -0.96 34.49 6.78
C ASN A 95 -0.72 35.95 7.14
N ASN A 96 -0.07 36.21 8.27
CA ASN A 96 0.15 37.58 8.69
C ASN A 96 0.96 37.66 9.99
N LEU A 97 1.86 36.70 10.20
CA LEU A 97 2.68 36.67 11.42
C LEU A 97 3.25 38.03 11.77
N ASP A 98 3.44 38.87 10.75
CA ASP A 98 3.99 40.21 10.94
C ASP A 98 3.15 40.95 11.95
N VAL A 99 2.01 41.45 11.49
CA VAL A 99 1.08 42.19 12.33
C VAL A 99 0.88 41.49 13.67
N VAL A 100 0.80 40.17 13.66
CA VAL A 100 0.61 39.43 14.89
C VAL A 100 1.76 39.67 15.86
N SER A 101 2.98 39.59 15.35
CA SER A 101 4.18 39.81 16.18
C SER A 101 4.14 41.17 16.87
N SER A 102 3.68 42.18 16.14
CA SER A 102 3.61 43.52 16.70
C SER A 102 2.51 43.62 17.75
N TYR A 103 2.23 42.51 18.42
CA TYR A 103 1.21 42.47 19.47
C TYR A 103 1.82 41.78 20.68
N VAL A 104 2.39 40.62 20.42
CA VAL A 104 3.01 39.82 21.45
C VAL A 104 4.50 40.12 21.59
N GLN A 105 4.90 41.28 21.05
CA GLN A 105 6.31 41.72 21.09
C GLN A 105 6.69 42.19 22.48
N ASP A 106 5.68 42.63 23.23
CA ASP A 106 5.86 43.11 24.59
C ASP A 106 5.44 42.04 25.59
N GLN A 107 6.39 41.22 26.03
CA GLN A 107 6.07 40.13 26.95
C GLN A 107 6.38 40.42 28.42
N SER A 108 6.00 39.47 29.28
CA SER A 108 6.20 39.57 30.73
C SER A 108 5.61 38.35 31.41
N GLU A 109 6.25 37.87 32.48
CA GLU A 109 5.73 36.69 33.17
C GLU A 109 4.47 37.08 33.94
N ASP A 110 4.38 38.36 34.27
CA ASP A 110 3.23 38.93 34.96
C ASP A 110 2.31 39.44 33.85
N CYS A 111 1.39 38.59 33.40
CA CYS A 111 0.51 38.92 32.28
C CYS A 111 -0.98 38.74 32.50
N LEU A 112 -1.36 38.22 33.66
CA LEU A 112 -2.76 37.98 33.96
C LEU A 112 -3.61 39.24 34.01
N TYR A 113 -4.02 39.73 32.85
CA TYR A 113 -4.85 40.93 32.75
C TYR A 113 -5.96 40.70 31.72
N LEU A 114 -7.03 41.48 31.82
CA LEU A 114 -8.16 41.34 30.90
C LEU A 114 -8.60 42.71 30.40
N ASN A 115 -9.20 42.76 29.21
CA ASN A 115 -9.67 44.02 28.64
C ASN A 115 -11.19 44.12 28.63
N ILE A 116 -11.72 45.27 29.01
CA ILE A 116 -13.16 45.46 29.05
C ILE A 116 -13.63 46.51 28.05
N TYR A 117 -14.60 46.17 27.22
CA TYR A 117 -15.12 47.09 26.20
C TYR A 117 -16.58 47.44 26.49
N VAL A 118 -16.83 48.63 27.02
CA VAL A 118 -18.19 49.04 27.35
C VAL A 118 -18.81 50.07 26.39
N PRO A 119 -20.06 49.82 25.97
CA PRO A 119 -20.80 50.69 25.06
C PRO A 119 -21.41 51.89 25.76
N THR A 120 -21.70 52.95 24.99
CA THR A 120 -22.33 54.17 25.52
C THR A 120 -23.42 54.69 24.58
N ILE A 124 -26.89 56.33 24.31
CA ILE A 124 -27.66 55.20 24.81
C ILE A 124 -29.16 55.54 24.96
N ARG A 125 -29.91 55.34 23.88
CA ARG A 125 -31.36 55.58 23.85
C ARG A 125 -32.13 54.35 23.34
N ASP A 126 -31.59 53.15 23.59
CA ASP A 126 -32.20 51.91 23.13
C ASP A 126 -32.59 50.91 24.23
N SER A 127 -31.65 50.56 25.11
CA SER A 127 -31.92 49.60 26.19
C SER A 127 -31.50 50.08 27.59
N GLY A 128 -32.40 49.90 28.55
CA GLY A 128 -32.15 50.30 29.93
C GLY A 128 -32.04 49.07 30.81
N GLY A 129 -31.06 49.07 31.73
CA GLY A 129 -30.87 47.93 32.61
C GLY A 129 -29.46 47.40 32.40
N PRO A 130 -29.00 46.44 33.22
CA PRO A 130 -27.65 45.89 33.08
C PRO A 130 -27.44 45.22 31.74
N LYS A 131 -26.28 45.46 31.12
CA LYS A 131 -25.97 44.88 29.81
C LYS A 131 -25.31 43.51 29.94
N PRO A 132 -25.59 42.59 29.00
CA PRO A 132 -25.02 41.23 28.99
C PRO A 132 -23.53 41.31 28.88
N VAL A 133 -22.82 40.26 29.25
CA VAL A 133 -21.37 40.27 29.16
C VAL A 133 -20.83 39.08 28.36
N MET A 134 -20.05 39.35 27.31
CA MET A 134 -19.45 38.32 26.47
C MET A 134 -17.95 38.26 26.67
N VAL A 135 -17.47 37.21 27.33
CA VAL A 135 -16.04 37.04 27.61
C VAL A 135 -15.39 36.18 26.52
N TYR A 136 -14.50 36.77 25.73
CA TYR A 136 -13.87 36.00 24.67
C TYR A 136 -12.55 35.34 25.07
N ILE A 137 -12.55 34.02 25.11
CA ILE A 137 -11.36 33.24 25.45
C ILE A 137 -10.58 33.00 24.16
N HIS A 138 -9.49 33.73 23.95
CA HIS A 138 -8.70 33.57 22.74
C HIS A 138 -7.96 32.25 22.78
N GLY A 139 -7.45 31.81 21.64
CA GLY A 139 -6.72 30.56 21.64
C GLY A 139 -6.18 30.12 20.30
N GLY A 140 -4.96 29.58 20.32
CA GLY A 140 -4.33 29.11 19.09
C GLY A 140 -4.01 27.65 19.23
N SER A 141 -3.06 27.34 20.09
CA SER A 141 -2.67 25.97 20.34
C SER A 141 -2.25 25.88 21.80
N TYR A 142 -2.55 26.95 22.53
CA TYR A 142 -2.24 27.08 23.95
C TYR A 142 -0.85 27.65 24.12
N MET A 143 -0.11 27.77 23.02
CA MET A 143 1.26 28.27 23.07
C MET A 143 1.42 29.75 22.78
N GLU A 144 0.43 30.38 22.16
CA GLU A 144 0.54 31.79 21.84
C GLU A 144 -0.80 32.47 21.68
N GLY A 145 -0.74 33.79 21.49
CA GLY A 145 -1.94 34.58 21.31
C GLY A 145 -2.13 35.64 22.37
N THR A 146 -3.26 36.34 22.31
CA THR A 146 -3.59 37.39 23.25
C THR A 146 -4.94 37.99 22.88
N GLY A 147 -5.87 38.07 23.83
CA GLY A 147 -7.16 38.64 23.52
C GLY A 147 -7.02 40.08 23.07
N ASN A 148 -5.77 40.56 23.06
CA ASN A 148 -5.47 41.93 22.65
C ASN A 148 -5.62 42.04 21.13
N LEU A 149 -5.49 40.92 20.43
CA LEU A 149 -5.63 40.86 18.99
C LEU A 149 -7.08 41.13 18.62
N TYR A 150 -7.97 40.44 19.32
CA TYR A 150 -9.39 40.56 19.10
C TYR A 150 -9.89 41.83 19.76
N ASP A 151 -10.26 42.81 18.94
CA ASP A 151 -10.78 44.08 19.46
C ASP A 151 -12.30 44.02 19.35
N GLY A 152 -12.96 43.82 20.50
CA GLY A 152 -14.41 43.73 20.49
C GLY A 152 -15.10 45.03 20.76
N SER A 153 -14.94 46.00 19.88
CA SER A 153 -15.58 47.29 20.07
C SER A 153 -16.82 47.35 19.20
N VAL A 154 -16.67 46.94 17.95
CA VAL A 154 -17.79 46.96 17.04
C VAL A 154 -18.82 46.00 17.61
N LEU A 155 -18.36 44.87 18.15
CA LEU A 155 -19.30 43.91 18.74
C LEU A 155 -19.97 44.58 19.92
N ALA A 156 -19.15 45.03 20.87
CA ALA A 156 -19.66 45.70 22.05
C ALA A 156 -20.67 46.79 21.68
N SER A 157 -20.29 47.63 20.74
CA SER A 157 -21.16 48.72 20.31
C SER A 157 -22.39 48.19 19.59
N TYR A 158 -22.21 47.72 18.36
CA TYR A 158 -23.32 47.21 17.57
C TYR A 158 -24.30 46.29 18.28
N GLY A 159 -23.86 45.60 19.34
CA GLY A 159 -24.76 44.69 20.02
C GLY A 159 -25.36 45.21 21.29
N ASN A 160 -24.68 46.16 21.91
CA ASN A 160 -25.13 46.77 23.16
C ASN A 160 -24.84 45.79 24.27
N VAL A 161 -23.63 45.26 24.26
CA VAL A 161 -23.18 44.31 25.27
C VAL A 161 -21.77 44.68 25.64
N ILE A 162 -21.34 44.27 26.82
CA ILE A 162 -19.98 44.54 27.25
C ILE A 162 -19.16 43.33 26.79
N VAL A 163 -17.99 43.58 26.22
CA VAL A 163 -17.12 42.51 25.75
C VAL A 163 -15.80 42.52 26.50
N ILE A 164 -15.35 41.34 26.91
CA ILE A 164 -14.10 41.21 27.64
C ILE A 164 -13.16 40.22 26.99
N THR A 165 -12.03 40.69 26.47
CA THR A 165 -11.05 39.76 25.90
C THR A 165 -10.10 39.48 27.08
N VAL A 166 -9.77 38.21 27.28
CA VAL A 166 -8.92 37.83 28.40
C VAL A 166 -7.55 37.31 28.02
N ASN A 167 -6.60 37.42 28.95
CA ASN A 167 -5.23 36.95 28.78
C ASN A 167 -5.00 35.90 29.84
N TYR A 168 -4.36 34.80 29.49
CA TYR A 168 -4.10 33.78 30.49
C TYR A 168 -2.79 33.10 30.18
N ARG A 169 -2.20 32.51 31.21
CA ARG A 169 -0.91 31.83 31.06
C ARG A 169 -0.92 30.80 29.96
N LEU A 170 0.04 30.91 29.06
CA LEU A 170 0.13 29.99 27.94
C LEU A 170 1.36 29.09 28.07
N GLY A 171 1.67 28.41 26.98
CA GLY A 171 2.81 27.51 26.92
C GLY A 171 3.13 26.71 28.16
N VAL A 172 4.43 26.55 28.41
CA VAL A 172 4.93 25.80 29.55
C VAL A 172 4.40 26.41 30.83
N LEU A 173 4.55 27.72 30.96
CA LEU A 173 4.09 28.46 32.12
C LEU A 173 2.66 28.13 32.54
N GLY A 174 1.80 27.94 31.54
CA GLY A 174 0.41 27.68 31.83
C GLY A 174 -0.08 26.26 31.95
N PHE A 175 0.55 25.30 31.28
CA PHE A 175 0.02 23.94 31.37
C PHE A 175 0.97 22.82 31.71
N LEU A 176 2.21 23.13 32.05
CA LEU A 176 3.22 22.11 32.40
C LEU A 176 2.83 21.28 33.62
N SER A 177 2.76 19.97 33.42
CA SER A 177 2.44 19.06 34.52
C SER A 177 3.52 18.01 34.58
N THR A 178 3.68 17.41 35.75
CA THR A 178 4.68 16.39 35.95
C THR A 178 4.01 15.03 35.98
N GLY A 179 2.70 15.03 35.83
CA GLY A 179 1.98 13.77 35.85
C GLY A 179 1.57 13.43 37.27
N ASP A 180 2.33 13.95 38.23
CA ASP A 180 2.01 13.69 39.63
C ASP A 180 1.72 15.01 40.34
N GLN A 181 2.00 15.03 41.64
CA GLN A 181 1.75 16.19 42.46
C GLN A 181 2.66 17.39 42.27
N ALA A 182 3.89 17.15 41.83
CA ALA A 182 4.86 18.23 41.62
C ALA A 182 4.25 19.45 40.91
N ALA A 183 3.53 19.19 39.81
CA ALA A 183 2.87 20.23 39.03
C ALA A 183 1.62 19.59 38.40
N LYS A 184 0.45 20.08 38.78
CA LYS A 184 -0.81 19.53 38.24
C LYS A 184 -1.38 20.29 37.04
N GLY A 185 -0.53 21.03 36.35
CA GLY A 185 -0.94 21.79 35.18
C GLY A 185 -2.26 22.53 35.27
N ASN A 186 -2.90 22.69 34.12
CA ASN A 186 -4.18 23.39 34.02
C ASN A 186 -4.14 24.79 34.64
N TYR A 187 -2.96 25.38 34.71
CA TYR A 187 -2.83 26.70 35.31
C TYR A 187 -3.58 27.74 34.50
N GLY A 188 -3.44 27.69 33.18
CA GLY A 188 -4.11 28.65 32.33
C GLY A 188 -5.61 28.52 32.41
N LEU A 189 -6.08 27.31 32.70
CA LEU A 189 -7.50 27.08 32.83
C LEU A 189 -7.99 27.76 34.10
N LEU A 190 -7.22 27.62 35.18
CA LEU A 190 -7.56 28.23 36.45
C LEU A 190 -7.51 29.73 36.30
N ASP A 191 -6.59 30.20 35.45
CA ASP A 191 -6.48 31.63 35.19
C ASP A 191 -7.79 32.10 34.58
N LEU A 192 -8.28 31.34 33.59
CA LEU A 192 -9.54 31.69 32.94
C LEU A 192 -10.70 31.71 33.93
N ILE A 193 -10.70 30.81 34.90
CA ILE A 193 -11.79 30.81 35.88
C ILE A 193 -11.64 32.00 36.77
N GLN A 194 -10.40 32.32 37.15
CA GLN A 194 -10.17 33.46 38.03
C GLN A 194 -10.70 34.72 37.34
N ALA A 195 -10.57 34.79 36.02
CA ALA A 195 -11.06 35.94 35.28
C ALA A 195 -12.57 36.00 35.40
N LEU A 196 -13.20 34.83 35.32
CA LEU A 196 -14.65 34.73 35.42
C LEU A 196 -15.17 35.11 36.80
N ARG A 197 -14.43 34.73 37.85
CA ARG A 197 -14.83 35.10 39.20
C ARG A 197 -14.76 36.61 39.25
N TRP A 198 -13.62 37.18 38.87
CA TRP A 198 -13.44 38.63 38.88
C TRP A 198 -14.57 39.29 38.16
N THR A 199 -14.91 38.74 37.00
CA THR A 199 -16.00 39.29 36.22
C THR A 199 -17.33 39.22 36.94
N SER A 200 -17.70 38.03 37.38
CA SER A 200 -18.98 37.85 38.08
C SER A 200 -19.18 38.80 39.25
N GLU A 201 -18.08 39.30 39.82
CA GLU A 201 -18.17 40.19 40.98
C GLU A 201 -18.08 41.67 40.70
N ASN A 202 -17.23 42.04 39.74
CA ASN A 202 -17.02 43.44 39.41
C ASN A 202 -17.62 43.97 38.12
N ILE A 203 -17.97 43.10 37.18
CA ILE A 203 -18.55 43.56 35.92
C ILE A 203 -19.83 44.35 36.20
N GLY A 204 -20.35 44.19 37.41
CA GLY A 204 -21.56 44.91 37.80
C GLY A 204 -21.29 46.40 37.78
N PHE A 205 -20.14 46.77 38.34
CA PHE A 205 -19.74 48.16 38.43
C PHE A 205 -19.56 48.85 37.09
N PHE A 206 -19.55 48.08 36.01
CA PHE A 206 -19.39 48.66 34.68
C PHE A 206 -20.71 48.67 33.93
N GLY A 207 -21.77 48.27 34.61
CA GLY A 207 -23.08 48.23 33.98
C GLY A 207 -23.37 46.84 33.47
N GLY A 208 -22.45 45.92 33.72
CA GLY A 208 -22.62 44.55 33.27
C GLY A 208 -23.58 43.76 34.13
N ASP A 209 -24.17 42.73 33.53
CA ASP A 209 -25.13 41.86 34.23
C ASP A 209 -24.50 40.47 34.48
N PRO A 210 -23.98 40.24 35.70
CA PRO A 210 -23.35 38.98 36.12
C PRO A 210 -24.24 37.76 36.05
N LEU A 211 -25.48 37.97 35.62
CA LEU A 211 -26.44 36.90 35.46
C LEU A 211 -26.60 36.52 33.99
N ARG A 212 -25.81 37.15 33.13
CA ARG A 212 -25.87 36.87 31.70
C ARG A 212 -24.49 36.94 31.06
N ILE A 213 -23.57 36.17 31.62
CA ILE A 213 -22.20 36.10 31.14
C ILE A 213 -22.12 34.93 30.19
N THR A 214 -21.69 35.21 28.98
CA THR A 214 -21.52 34.19 27.95
C THR A 214 -20.03 34.10 27.59
N VAL A 215 -19.39 32.97 27.85
CA VAL A 215 -17.98 32.84 27.49
C VAL A 215 -17.95 32.18 26.11
N PHE A 216 -17.19 32.78 25.19
CA PHE A 216 -17.06 32.27 23.83
C PHE A 216 -15.59 32.31 23.37
N GLY A 217 -15.27 31.49 22.40
CA GLY A 217 -13.90 31.45 21.88
C GLY A 217 -13.80 30.71 20.56
N SER A 218 -12.68 30.84 19.87
CA SER A 218 -12.49 30.17 18.60
C SER A 218 -11.33 29.21 18.70
N GLY A 219 -11.46 28.05 18.05
CA GLY A 219 -10.40 27.05 18.08
C GLY A 219 -9.94 26.66 19.48
N ALA A 220 -8.63 26.70 19.71
CA ALA A 220 -8.08 26.36 21.01
C ALA A 220 -8.89 27.04 22.10
N GLY A 221 -9.40 28.23 21.78
CA GLY A 221 -10.21 28.99 22.72
C GLY A 221 -11.49 28.28 23.06
N GLY A 222 -12.27 27.93 22.03
CA GLY A 222 -13.51 27.22 22.23
C GLY A 222 -13.29 25.90 22.93
N SER A 223 -12.05 25.44 22.93
CA SER A 223 -11.71 24.19 23.61
C SER A 223 -11.73 24.52 25.09
N CYS A 224 -11.19 25.68 25.44
CA CYS A 224 -11.22 26.07 26.84
C CYS A 224 -12.67 26.23 27.26
N VAL A 225 -13.44 26.97 26.47
CA VAL A 225 -14.83 27.19 26.76
C VAL A 225 -15.42 25.85 27.14
N ASN A 226 -15.23 24.85 26.29
CA ASN A 226 -15.77 23.54 26.58
C ASN A 226 -15.20 22.87 27.84
N LEU A 227 -13.88 22.90 28.00
CA LEU A 227 -13.26 22.30 29.18
C LEU A 227 -13.78 23.02 30.41
N LEU A 228 -13.98 24.33 30.32
CA LEU A 228 -14.46 25.08 31.46
C LEU A 228 -15.79 24.54 31.94
N THR A 229 -16.64 24.11 31.01
CA THR A 229 -17.95 23.58 31.38
C THR A 229 -17.87 22.16 31.91
N LEU A 230 -16.70 21.58 31.86
CA LEU A 230 -16.53 20.23 32.35
C LEU A 230 -15.86 20.17 33.72
N SER A 231 -15.27 21.30 34.13
CA SER A 231 -14.58 21.38 35.41
C SER A 231 -15.53 21.76 36.53
N HIS A 232 -15.41 21.11 37.66
CA HIS A 232 -16.29 21.44 38.77
C HIS A 232 -15.96 22.81 39.33
N TYR A 233 -14.82 23.34 38.95
CA TYR A 233 -14.39 24.63 39.42
C TYR A 233 -15.24 25.77 38.89
N SER A 234 -16.06 25.46 37.90
CA SER A 234 -16.97 26.47 37.35
C SER A 234 -18.24 26.12 38.08
N GLU A 235 -18.53 26.78 39.20
CA GLU A 235 -19.74 26.45 39.92
C GLU A 235 -20.96 27.11 39.35
N LYS A 236 -22.11 26.52 39.68
CA LYS A 236 -23.40 26.98 39.22
C LYS A 236 -23.47 28.48 39.39
N GLY A 237 -23.92 29.16 38.34
CA GLY A 237 -24.07 30.59 38.39
C GLY A 237 -22.92 31.45 37.91
N LEU A 238 -21.71 30.89 37.84
CA LEU A 238 -20.54 31.66 37.39
C LEU A 238 -20.87 32.31 36.06
N PHE A 239 -21.03 31.49 35.01
CA PHE A 239 -21.41 32.00 33.70
C PHE A 239 -22.62 31.19 33.20
N GLN A 240 -23.47 31.80 32.39
CA GLN A 240 -24.66 31.10 31.94
C GLN A 240 -24.68 30.52 30.52
N ARG A 241 -23.91 31.07 29.58
CA ARG A 241 -23.93 30.53 28.21
C ARG A 241 -22.54 30.30 27.67
N ALA A 242 -22.46 29.56 26.56
CA ALA A 242 -21.18 29.27 25.92
C ALA A 242 -21.29 29.14 24.40
N ILE A 243 -20.31 29.68 23.71
CA ILE A 243 -20.24 29.61 22.24
C ILE A 243 -18.87 29.04 21.90
N ALA A 244 -18.82 27.84 21.35
CA ALA A 244 -17.55 27.23 21.00
C ALA A 244 -17.43 27.20 19.49
N GLN A 245 -16.72 28.17 18.93
CA GLN A 245 -16.55 28.24 17.48
C GLN A 245 -15.34 27.44 16.96
N SER A 246 -15.59 26.46 16.10
CA SER A 246 -14.50 25.66 15.54
C SER A 246 -13.59 25.17 16.67
N GLY A 247 -14.14 24.45 17.63
CA GLY A 247 -13.31 23.98 18.72
C GLY A 247 -14.00 23.20 19.82
N THR A 248 -13.37 22.13 20.28
CA THR A 248 -13.98 21.32 21.33
C THR A 248 -12.99 20.78 22.33
N ALA A 249 -13.54 20.04 23.27
CA ALA A 249 -12.74 19.43 24.30
C ALA A 249 -12.48 18.02 23.83
N LEU A 250 -13.08 17.68 22.69
CA LEU A 250 -12.94 16.34 22.15
C LEU A 250 -11.88 16.13 21.08
N SER A 251 -11.33 17.21 20.53
CA SER A 251 -10.31 17.08 19.49
C SER A 251 -9.00 16.48 20.01
N SER A 252 -8.24 15.89 19.11
CA SER A 252 -6.99 15.24 19.46
C SER A 252 -5.98 16.18 20.11
N TRP A 253 -6.08 17.46 19.77
CA TRP A 253 -5.15 18.45 20.31
C TRP A 253 -5.71 19.35 21.42
N ALA A 254 -6.81 18.91 22.04
CA ALA A 254 -7.43 19.70 23.07
C ALA A 254 -6.83 19.43 24.43
N VAL A 255 -6.29 18.23 24.59
CA VAL A 255 -5.71 17.81 25.85
C VAL A 255 -4.37 17.13 25.65
N SER A 256 -3.50 17.22 26.66
CA SER A 256 -2.20 16.57 26.62
C SER A 256 -2.28 15.33 27.50
N PHE A 257 -2.02 14.17 26.93
CA PHE A 257 -2.14 12.95 27.71
C PHE A 257 -0.79 12.42 28.16
N GLN A 258 0.27 13.10 27.77
CA GLN A 258 1.62 12.69 28.15
C GLN A 258 2.29 13.95 28.65
N PRO A 259 1.74 14.52 29.73
CA PRO A 259 2.24 15.74 30.36
C PRO A 259 3.63 15.59 30.95
N ALA A 260 3.92 14.38 31.44
CA ALA A 260 5.22 14.08 32.04
C ALA A 260 6.28 14.02 30.96
N LYS A 261 6.07 13.14 29.98
CA LYS A 261 6.99 12.97 28.88
C LYS A 261 7.52 14.29 28.36
N TYR A 262 6.61 15.21 28.03
CA TYR A 262 7.02 16.48 27.50
C TYR A 262 7.50 17.45 28.55
N ALA A 263 7.26 17.14 29.82
CA ALA A 263 7.71 18.01 30.91
C ALA A 263 9.19 17.76 31.10
N ARG A 264 9.54 16.47 31.14
CA ARG A 264 10.92 16.03 31.30
C ARG A 264 11.79 16.42 30.10
N ILE A 265 11.20 16.37 28.90
CA ILE A 265 11.93 16.74 27.69
C ILE A 265 12.26 18.23 27.76
N LEU A 266 11.40 19.00 28.42
CA LEU A 266 11.61 20.44 28.58
C LEU A 266 12.66 20.59 29.67
N ALA A 267 12.61 19.70 30.65
CA ALA A 267 13.56 19.71 31.76
C ALA A 267 14.95 19.42 31.21
N THR A 268 15.07 18.30 30.49
CA THR A 268 16.33 17.90 29.89
C THR A 268 16.93 19.05 29.06
N LYS A 269 16.11 19.71 28.25
CA LYS A 269 16.60 20.80 27.41
C LYS A 269 17.15 22.03 28.15
N VAL A 270 16.79 22.21 29.41
CA VAL A 270 17.31 23.34 30.18
C VAL A 270 18.12 22.82 31.36
N GLY A 271 18.56 21.55 31.25
CA GLY A 271 19.34 20.91 32.29
C GLY A 271 18.57 20.86 33.59
N CYS A 272 17.72 19.86 33.74
CA CYS A 272 16.93 19.72 34.95
C CYS A 272 16.29 18.36 35.11
N ASN A 273 16.40 17.49 34.12
CA ASN A 273 15.79 16.15 34.20
C ASN A 273 16.26 15.32 35.41
N VAL A 274 15.99 15.81 36.62
CA VAL A 274 16.36 15.09 37.83
C VAL A 274 15.39 13.93 37.98
N SER A 275 15.70 12.95 38.81
CA SER A 275 14.81 11.82 38.97
C SER A 275 13.59 12.15 39.80
N ASP A 276 13.69 13.17 40.64
CA ASP A 276 12.54 13.56 41.47
C ASP A 276 11.78 14.76 40.92
N THR A 277 10.47 14.57 40.75
CA THR A 277 9.59 15.62 40.23
C THR A 277 9.74 16.95 40.97
N VAL A 278 9.43 16.95 42.26
CA VAL A 278 9.51 18.15 43.09
C VAL A 278 10.78 18.97 42.87
N GLU A 279 11.89 18.29 42.66
CA GLU A 279 13.16 18.99 42.42
C GLU A 279 13.11 19.60 41.03
N LEU A 280 12.58 18.81 40.09
CA LEU A 280 12.45 19.22 38.69
C LEU A 280 11.60 20.48 38.58
N VAL A 281 10.54 20.55 39.38
CA VAL A 281 9.65 21.70 39.36
C VAL A 281 10.41 22.92 39.88
N GLU A 282 11.07 22.75 41.03
CA GLU A 282 11.82 23.84 41.63
C GLU A 282 12.92 24.30 40.69
N CYS A 283 13.54 23.35 40.00
CA CYS A 283 14.59 23.63 39.04
C CYS A 283 14.06 24.64 38.02
N LEU A 284 12.94 24.29 37.41
CA LEU A 284 12.31 25.14 36.40
C LEU A 284 11.75 26.41 37.00
N GLN A 285 11.28 26.35 38.25
CA GLN A 285 10.72 27.52 38.92
C GLN A 285 11.74 28.63 39.06
N LYS A 286 12.97 28.35 38.63
CA LYS A 286 14.08 29.30 38.71
C LYS A 286 14.46 29.92 37.36
N LYS A 287 14.74 29.05 36.39
CA LYS A 287 15.12 29.49 35.05
C LYS A 287 14.39 30.74 34.57
N PRO A 288 15.08 31.64 33.84
CA PRO A 288 14.46 32.88 33.33
C PRO A 288 13.25 32.49 32.48
N TYR A 289 12.11 33.12 32.73
CA TYR A 289 10.91 32.77 31.98
C TYR A 289 11.19 32.64 30.48
N LYS A 290 12.06 33.49 29.95
CA LYS A 290 12.37 33.48 28.52
C LYS A 290 13.22 32.28 28.08
N GLU A 291 13.85 31.61 29.03
CA GLU A 291 14.68 30.45 28.70
C GLU A 291 13.82 29.22 28.50
N LEU A 292 12.76 29.12 29.28
CA LEU A 292 11.83 28.00 29.19
C LEU A 292 10.95 28.12 27.94
N VAL A 293 10.50 29.34 27.68
CA VAL A 293 9.63 29.64 26.55
C VAL A 293 10.33 29.56 25.20
N ASP A 294 11.65 29.48 25.18
CA ASP A 294 12.36 29.39 23.91
C ASP A 294 12.89 28.02 23.55
N GLN A 295 12.64 27.03 24.38
CA GLN A 295 13.08 25.68 24.08
C GLN A 295 12.35 25.19 22.83
N ASP A 296 12.31 23.87 22.63
CA ASP A 296 11.63 23.34 21.46
C ASP A 296 11.13 21.93 21.68
N VAL A 297 10.07 21.81 22.46
CA VAL A 297 9.49 20.53 22.73
C VAL A 297 8.50 20.25 21.61
N GLN A 298 8.74 19.15 20.89
CA GLN A 298 7.88 18.75 19.77
C GLN A 298 6.93 17.60 20.11
N PRO A 299 5.63 17.79 19.87
CA PRO A 299 4.59 16.79 20.12
C PRO A 299 4.27 15.98 18.89
N ALA A 300 3.71 14.79 19.05
CA ALA A 300 3.35 13.97 17.89
C ALA A 300 2.39 14.79 16.99
N ARG A 301 2.50 14.64 15.67
CA ARG A 301 1.64 15.40 14.78
C ARG A 301 0.18 15.28 15.19
N TYR A 302 -0.55 16.40 15.08
CA TYR A 302 -1.97 16.47 15.43
C TYR A 302 -2.19 16.34 16.94
N HIS A 303 -1.15 16.59 17.72
CA HIS A 303 -1.28 16.53 19.18
C HIS A 303 -0.55 17.71 19.79
N ILE A 304 -0.80 17.93 21.08
CA ILE A 304 -0.15 19.04 21.79
C ILE A 304 0.87 18.56 22.80
N ALA A 305 1.89 19.37 23.02
CA ALA A 305 2.93 19.07 23.97
C ALA A 305 2.46 19.61 25.33
N PHE A 306 2.16 20.90 25.35
CA PHE A 306 1.70 21.54 26.58
C PHE A 306 0.29 22.05 26.41
N GLY A 307 -0.55 21.78 27.40
CA GLY A 307 -1.93 22.23 27.37
C GLY A 307 -2.74 21.63 28.51
N PRO A 308 -4.09 21.74 28.46
CA PRO A 308 -4.93 21.19 29.51
C PRO A 308 -4.62 19.70 29.68
N VAL A 309 -4.70 19.24 30.92
CA VAL A 309 -4.40 17.86 31.24
C VAL A 309 -5.41 17.27 32.20
N ILE A 310 -5.70 15.99 32.05
CA ILE A 310 -6.66 15.32 32.93
C ILE A 310 -5.99 15.18 34.30
N ASP A 311 -6.21 16.15 35.18
CA ASP A 311 -5.58 16.14 36.51
C ASP A 311 -6.40 15.46 37.59
N GLY A 312 -7.66 15.15 37.29
CA GLY A 312 -8.50 14.50 38.27
C GLY A 312 -9.29 15.46 39.13
N ASP A 313 -8.90 16.73 39.14
CA ASP A 313 -9.60 17.73 39.92
C ASP A 313 -10.23 18.78 39.02
N VAL A 314 -9.39 19.62 38.42
CA VAL A 314 -9.91 20.64 37.51
C VAL A 314 -10.59 19.93 36.34
N ILE A 315 -9.88 18.98 35.74
CA ILE A 315 -10.42 18.18 34.64
C ILE A 315 -10.46 16.78 35.23
N PRO A 316 -11.58 16.44 35.89
CA PRO A 316 -11.92 15.19 36.57
C PRO A 316 -11.66 13.88 35.86
N ASP A 317 -11.93 13.84 34.57
CA ASP A 317 -11.74 12.62 33.81
C ASP A 317 -11.53 13.03 32.36
N ASP A 318 -11.49 12.05 31.46
CA ASP A 318 -11.33 12.31 30.05
C ASP A 318 -12.57 13.04 29.54
N PRO A 319 -12.38 14.20 28.90
CA PRO A 319 -13.51 14.98 28.37
C PRO A 319 -14.58 14.12 27.72
N GLN A 320 -14.15 13.25 26.83
CA GLN A 320 -15.05 12.38 26.11
C GLN A 320 -15.95 11.54 27.01
N ILE A 321 -15.46 11.14 28.18
CA ILE A 321 -16.28 10.35 29.11
C ILE A 321 -17.23 11.26 29.86
N LEU A 322 -16.70 12.31 30.44
CA LEU A 322 -17.51 13.26 31.17
C LEU A 322 -18.72 13.63 30.30
N MET A 323 -18.47 13.91 29.02
CA MET A 323 -19.51 14.28 28.08
C MET A 323 -20.60 13.22 27.96
N GLU A 324 -20.21 11.97 27.91
CA GLU A 324 -21.17 10.89 27.78
C GLU A 324 -21.95 10.66 29.08
N GLN A 325 -21.33 10.99 30.21
CA GLN A 325 -21.96 10.80 31.51
C GLN A 325 -22.72 12.03 31.98
N GLY A 326 -22.84 13.02 31.12
CA GLY A 326 -23.54 14.23 31.50
C GLY A 326 -22.90 14.98 32.64
N GLU A 327 -21.60 14.77 32.87
CA GLU A 327 -20.93 15.45 33.96
C GLU A 327 -20.61 16.91 33.69
N PHE A 328 -21.66 17.66 33.35
CA PHE A 328 -21.55 19.09 33.13
C PHE A 328 -22.86 19.75 33.53
N LEU A 329 -22.79 21.02 33.92
CA LEU A 329 -23.98 21.74 34.32
C LEU A 329 -24.72 22.14 33.06
N ASN A 330 -25.88 22.75 33.22
CA ASN A 330 -26.64 23.15 32.06
C ASN A 330 -26.38 24.61 31.73
N TYR A 331 -26.07 24.86 30.46
CA TYR A 331 -25.81 26.21 29.96
C TYR A 331 -26.51 26.31 28.61
N ASP A 332 -26.57 27.52 28.07
CA ASP A 332 -27.15 27.69 26.75
C ASP A 332 -25.91 27.54 25.88
N ILE A 333 -25.94 26.52 25.01
CA ILE A 333 -24.81 26.23 24.14
C ILE A 333 -25.02 26.53 22.67
N MET A 334 -24.00 27.13 22.08
CA MET A 334 -24.02 27.44 20.67
C MET A 334 -22.63 27.08 20.15
N LEU A 335 -22.57 26.24 19.13
CA LEU A 335 -21.29 25.85 18.59
C LEU A 335 -21.41 25.47 17.13
N GLY A 336 -20.29 25.47 16.43
CA GLY A 336 -20.29 25.13 15.02
C GLY A 336 -18.90 25.05 14.39
N VAL A 337 -18.90 24.76 13.10
CA VAL A 337 -17.68 24.62 12.33
C VAL A 337 -17.79 25.41 11.01
N ASN A 338 -16.67 25.51 10.30
CA ASN A 338 -16.59 26.21 9.03
C ASN A 338 -16.42 25.16 7.95
N GLN A 339 -16.83 25.47 6.72
CA GLN A 339 -16.75 24.52 5.61
C GLN A 339 -15.39 23.86 5.41
N GLY A 340 -14.35 24.66 5.19
CA GLY A 340 -13.04 24.08 4.96
C GLY A 340 -12.04 24.33 6.05
N GLU A 341 -12.39 23.98 7.27
CA GLU A 341 -11.50 24.16 8.41
C GLU A 341 -10.05 23.81 8.10
N GLY A 342 -9.83 22.56 7.77
CA GLY A 342 -8.48 22.11 7.48
C GLY A 342 -7.88 22.53 6.16
N LEU A 343 -7.87 23.83 5.89
CA LEU A 343 -7.26 24.29 4.65
C LEU A 343 -5.77 23.94 4.70
N LYS A 344 -5.06 24.49 5.68
CA LYS A 344 -3.64 24.24 5.84
C LYS A 344 -3.21 22.79 5.71
N PHE A 345 -4.09 21.85 6.03
CA PHE A 345 -3.76 20.44 5.95
C PHE A 345 -3.38 20.03 4.52
N VAL A 346 -4.19 20.46 3.55
CA VAL A 346 -3.93 20.12 2.16
C VAL A 346 -3.18 21.20 1.41
N GLU A 347 -3.41 22.45 1.78
CA GLU A 347 -2.75 23.58 1.10
C GLU A 347 -1.26 23.28 0.94
N ASN A 348 -0.79 22.40 1.81
CA ASN A 348 0.58 21.94 1.83
C ASN A 348 1.09 21.38 0.48
N ILE A 349 0.29 20.51 -0.16
CA ILE A 349 0.65 19.88 -1.43
C ILE A 349 -0.35 19.99 -2.60
N VAL A 350 -0.82 21.20 -2.89
CA VAL A 350 -1.76 21.42 -3.98
C VAL A 350 -1.00 22.00 -5.17
N ASP A 351 -0.67 21.16 -6.15
CA ASP A 351 0.08 21.61 -7.31
C ASP A 351 -0.47 22.85 -7.99
N SER A 352 0.35 23.39 -8.90
CA SER A 352 0.05 24.59 -9.67
C SER A 352 -1.29 24.57 -10.39
N ASP A 353 -1.78 23.39 -10.71
CA ASP A 353 -3.06 23.25 -11.39
C ASP A 353 -4.19 22.99 -10.38
N ASP A 354 -3.97 23.42 -9.13
CA ASP A 354 -4.95 23.28 -8.05
C ASP A 354 -5.44 21.85 -7.86
N GLY A 355 -4.55 20.87 -8.03
CA GLY A 355 -4.98 19.50 -7.87
C GLY A 355 -4.22 18.74 -6.80
N VAL A 356 -4.51 17.45 -6.70
CA VAL A 356 -3.84 16.61 -5.72
C VAL A 356 -3.54 15.27 -6.40
N SER A 357 -2.27 14.89 -6.44
CA SER A 357 -1.88 13.63 -7.05
C SER A 357 -2.42 12.45 -6.27
N ALA A 358 -3.06 11.52 -6.97
CA ALA A 358 -3.62 10.37 -6.31
C ALA A 358 -2.61 9.70 -5.38
N SER A 359 -1.31 9.86 -5.67
CA SER A 359 -0.31 9.23 -4.81
C SER A 359 -0.08 10.07 -3.55
N ASP A 360 -0.32 11.38 -3.66
CA ASP A 360 -0.19 12.29 -2.53
C ASP A 360 -1.38 12.10 -1.61
N PHE A 361 -2.53 11.79 -2.22
CA PHE A 361 -3.74 11.55 -1.47
C PHE A 361 -3.59 10.21 -0.76
N ASP A 362 -3.28 9.16 -1.51
CA ASP A 362 -3.10 7.85 -0.92
C ASP A 362 -2.13 7.94 0.23
N PHE A 363 -1.16 8.85 0.11
CA PHE A 363 -0.15 9.04 1.14
C PHE A 363 -0.68 9.79 2.34
N ALA A 364 -1.20 10.99 2.09
CA ALA A 364 -1.75 11.82 3.14
C ALA A 364 -2.63 11.04 4.13
N VAL A 365 -3.45 10.13 3.60
CA VAL A 365 -4.32 9.31 4.44
C VAL A 365 -3.52 8.33 5.26
N SER A 366 -2.73 7.48 4.58
CA SER A 366 -1.91 6.47 5.25
C SER A 366 -1.15 7.08 6.39
N ASN A 367 -0.74 8.32 6.18
CA ASN A 367 0.00 9.08 7.19
C ASN A 367 -0.91 9.55 8.31
N PHE A 368 -2.04 10.15 7.92
CA PHE A 368 -3.06 10.63 8.85
C PHE A 368 -3.49 9.48 9.77
N VAL A 369 -3.63 8.30 9.20
CA VAL A 369 -4.01 7.16 9.98
C VAL A 369 -2.93 6.75 10.95
N ASP A 370 -1.68 6.75 10.50
CA ASP A 370 -0.55 6.37 11.38
C ASP A 370 -0.49 7.20 12.65
N ASN A 371 -0.76 8.50 12.54
CA ASN A 371 -0.72 9.41 13.67
C ASN A 371 -1.95 9.41 14.58
N LEU A 372 -3.14 9.26 14.01
CA LEU A 372 -4.35 9.27 14.81
C LEU A 372 -4.76 7.88 15.28
N TYR A 373 -4.23 6.86 14.63
CA TYR A 373 -4.58 5.49 14.96
C TYR A 373 -3.34 4.61 14.77
N GLY A 374 -2.56 4.38 15.82
CA GLY A 374 -1.37 3.54 15.69
C GLY A 374 -1.53 2.10 16.11
N VAL A 381 -6.03 -0.87 7.00
CA VAL A 381 -7.39 -1.41 6.94
C VAL A 381 -8.52 -0.39 7.12
N LEU A 382 -8.33 0.51 8.09
CA LEU A 382 -9.28 1.58 8.34
C LEU A 382 -8.90 2.46 7.18
N ARG A 383 -7.59 2.41 6.92
CA ARG A 383 -6.93 3.14 5.86
C ARG A 383 -7.65 2.99 4.54
N GLU A 384 -7.92 1.75 4.14
CA GLU A 384 -8.61 1.51 2.88
C GLU A 384 -10.05 2.00 2.96
N THR A 385 -10.66 1.88 4.15
CA THR A 385 -12.03 2.33 4.37
C THR A 385 -12.13 3.84 4.29
N ILE A 386 -11.12 4.55 4.80
CA ILE A 386 -11.12 6.00 4.77
C ILE A 386 -11.01 6.44 3.31
N LYS A 387 -10.03 5.89 2.61
CA LYS A 387 -9.79 6.23 1.21
C LYS A 387 -11.03 6.03 0.38
N PHE A 388 -11.75 4.95 0.62
CA PHE A 388 -12.97 4.70 -0.13
C PHE A 388 -13.96 5.82 0.17
N MET A 389 -14.27 6.00 1.45
CA MET A 389 -15.20 7.00 1.89
C MET A 389 -14.93 8.40 1.39
N TYR A 390 -13.68 8.70 1.10
CA TYR A 390 -13.34 10.04 0.65
C TYR A 390 -12.90 10.20 -0.81
N THR A 391 -13.53 9.44 -1.69
CA THR A 391 -13.22 9.46 -3.11
C THR A 391 -14.53 9.56 -3.89
N ASP A 392 -14.76 10.66 -4.59
CA ASP A 392 -15.99 10.81 -5.36
C ASP A 392 -15.83 9.92 -6.58
N TRP A 393 -16.34 8.70 -6.51
CA TRP A 393 -16.23 7.73 -7.60
C TRP A 393 -16.89 8.13 -8.91
N ALA A 394 -17.81 9.09 -8.82
CA ALA A 394 -18.48 9.59 -10.00
C ALA A 394 -17.55 10.63 -10.64
N ASP A 395 -16.25 10.53 -10.34
CA ASP A 395 -15.25 11.46 -10.84
C ASP A 395 -13.92 11.06 -10.18
N ARG A 396 -13.69 9.75 -10.06
CA ARG A 396 -12.50 9.22 -9.40
C ARG A 396 -11.15 9.64 -9.94
N HIS A 397 -11.10 10.65 -10.82
CA HIS A 397 -9.82 11.09 -11.37
C HIS A 397 -9.55 12.58 -11.35
N ASN A 398 -10.59 13.39 -11.18
CA ASN A 398 -10.43 14.84 -11.13
C ASN A 398 -9.56 15.23 -9.94
N PRO A 399 -8.37 15.79 -10.18
CA PRO A 399 -7.45 16.18 -9.11
C PRO A 399 -7.93 17.32 -8.24
N GLU A 400 -8.79 18.18 -8.80
CA GLU A 400 -9.34 19.28 -8.03
C GLU A 400 -10.35 18.73 -7.03
N THR A 401 -11.11 17.74 -7.46
CA THR A 401 -12.08 17.10 -6.59
C THR A 401 -11.28 16.29 -5.56
N ARG A 402 -10.30 15.53 -6.03
CA ARG A 402 -9.47 14.71 -5.16
C ARG A 402 -8.93 15.55 -4.01
N ARG A 403 -8.87 16.87 -4.20
CA ARG A 403 -8.37 17.76 -3.17
C ARG A 403 -9.47 18.15 -2.22
N LYS A 404 -10.62 18.55 -2.76
CA LYS A 404 -11.75 18.94 -1.95
C LYS A 404 -12.02 17.87 -0.92
N THR A 405 -12.15 16.63 -1.36
CA THR A 405 -12.42 15.54 -0.44
C THR A 405 -11.26 15.33 0.53
N LEU A 406 -10.03 15.43 0.05
CA LEU A 406 -8.91 15.22 0.96
C LEU A 406 -8.93 16.24 2.08
N LEU A 407 -9.42 17.45 1.76
CA LEU A 407 -9.50 18.49 2.78
C LEU A 407 -10.67 18.21 3.73
N ALA A 408 -11.76 17.68 3.19
CA ALA A 408 -12.91 17.35 4.01
C ALA A 408 -12.47 16.32 5.04
N LEU A 409 -11.63 15.37 4.64
CA LEU A 409 -11.15 14.34 5.56
C LEU A 409 -10.70 15.00 6.85
N PHE A 410 -9.70 15.85 6.79
CA PHE A 410 -9.22 16.54 7.97
C PHE A 410 -10.40 17.28 8.62
N THR A 411 -11.00 18.22 7.88
CA THR A 411 -12.13 19.02 8.38
C THR A 411 -13.19 18.24 9.14
N ASP A 412 -13.64 17.14 8.55
CA ASP A 412 -14.64 16.31 9.19
C ASP A 412 -14.11 15.76 10.52
N HIS A 413 -12.99 15.04 10.46
CA HIS A 413 -12.40 14.42 11.63
C HIS A 413 -11.95 15.34 12.76
N GLN A 414 -11.18 16.38 12.42
CA GLN A 414 -10.66 17.30 13.43
C GLN A 414 -11.63 18.35 13.97
N TRP A 415 -12.66 18.66 13.20
CA TRP A 415 -13.61 19.67 13.62
C TRP A 415 -15.05 19.26 13.63
N VAL A 416 -15.62 18.94 12.46
CA VAL A 416 -17.05 18.57 12.39
C VAL A 416 -17.52 17.42 13.28
N ALA A 417 -16.83 16.30 13.25
CA ALA A 417 -17.23 15.16 14.05
C ALA A 417 -17.28 15.45 15.55
N PRO A 418 -16.21 16.02 16.12
CA PRO A 418 -16.18 16.33 17.56
C PRO A 418 -17.26 17.35 17.94
N ALA A 419 -17.50 18.27 17.03
CA ALA A 419 -18.48 19.32 17.23
C ALA A 419 -19.84 18.69 17.38
N VAL A 420 -20.26 17.96 16.36
CA VAL A 420 -21.55 17.28 16.40
C VAL A 420 -21.62 16.41 17.66
N ALA A 421 -20.55 15.68 17.94
CA ALA A 421 -20.48 14.83 19.11
C ALA A 421 -20.90 15.63 20.34
N THR A 422 -20.31 16.80 20.50
CA THR A 422 -20.61 17.68 21.61
C THR A 422 -22.07 18.13 21.61
N ALA A 423 -22.53 18.70 20.50
CA ALA A 423 -23.92 19.17 20.37
C ALA A 423 -24.95 18.08 20.70
N ASP A 424 -24.67 16.85 20.26
CA ASP A 424 -25.55 15.70 20.50
C ASP A 424 -25.73 15.40 21.99
N LEU A 425 -24.64 15.48 22.75
CA LEU A 425 -24.68 15.19 24.17
C LEU A 425 -25.19 16.37 24.98
N HIS A 426 -24.75 17.56 24.63
CA HIS A 426 -25.18 18.73 25.35
C HIS A 426 -26.68 18.87 25.29
N SER A 427 -27.27 18.45 24.18
CA SER A 427 -28.73 18.53 24.03
C SER A 427 -29.39 17.37 24.79
N ASN A 428 -28.94 16.15 24.51
CA ASN A 428 -29.49 14.98 25.18
C ASN A 428 -29.46 15.15 26.70
N PHE A 429 -28.84 16.21 27.20
CA PHE A 429 -28.80 16.36 28.64
C PHE A 429 -29.50 17.61 29.16
N GLY A 430 -30.39 18.17 28.33
CA GLY A 430 -31.13 19.34 28.76
C GLY A 430 -30.67 20.69 28.26
N SER A 431 -29.37 20.85 28.06
CA SER A 431 -28.85 22.12 27.58
C SER A 431 -29.45 22.56 26.23
N PRO A 432 -29.95 23.80 26.15
CA PRO A 432 -30.52 24.31 24.90
C PRO A 432 -29.33 24.54 23.96
N THR A 433 -29.31 23.83 22.85
CA THR A 433 -28.20 23.95 21.94
C THR A 433 -28.56 24.48 20.57
N TYR A 434 -27.64 25.21 19.94
CA TYR A 434 -27.82 25.72 18.60
C TYR A 434 -26.52 25.39 17.87
N PHE A 435 -26.62 24.83 16.67
CA PHE A 435 -25.43 24.45 15.90
C PHE A 435 -25.42 25.21 14.58
N TYR A 436 -24.23 25.58 14.12
CA TYR A 436 -24.09 26.32 12.86
C TYR A 436 -22.94 25.85 11.99
N ALA A 437 -23.08 26.04 10.69
CA ALA A 437 -22.03 25.69 9.75
C ALA A 437 -21.73 26.98 9.01
N PHE A 438 -20.46 27.38 8.98
CA PHE A 438 -20.09 28.63 8.33
C PHE A 438 -19.56 28.48 6.91
N TYR A 439 -20.32 28.95 5.93
CA TYR A 439 -19.91 28.86 4.52
C TYR A 439 -19.72 30.20 3.86
N HIS A 440 -18.72 30.97 4.28
CA HIS A 440 -18.45 32.26 3.68
C HIS A 440 -17.22 32.84 4.28
N HIS A 441 -16.30 33.27 3.42
CA HIS A 441 -15.07 33.86 3.89
C HIS A 441 -14.79 35.12 3.11
N CYS A 442 -13.75 35.83 3.51
CA CYS A 442 -13.37 37.05 2.83
C CYS A 442 -12.35 36.64 1.80
N GLN A 443 -12.59 37.05 0.56
CA GLN A 443 -11.69 36.71 -0.54
C GLN A 443 -10.51 37.66 -0.68
N THR A 444 -9.31 37.21 -0.29
CA THR A 444 -8.11 38.03 -0.44
C THR A 444 -7.19 37.30 -1.41
N ASP A 445 -5.94 37.72 -1.45
CA ASP A 445 -4.95 37.10 -2.34
C ASP A 445 -4.02 36.18 -1.55
N GLN A 446 -4.14 36.20 -0.23
CA GLN A 446 -3.32 35.36 0.65
C GLN A 446 -3.89 33.94 0.74
N VAL A 447 -5.20 33.82 0.59
CA VAL A 447 -5.86 32.52 0.62
C VAL A 447 -6.23 32.18 -0.82
N PRO A 448 -5.85 30.99 -1.30
CA PRO A 448 -6.16 30.56 -2.66
C PRO A 448 -7.64 30.79 -3.00
N ALA A 449 -7.96 30.83 -4.28
CA ALA A 449 -9.34 31.04 -4.70
C ALA A 449 -10.23 29.81 -4.47
N TRP A 450 -9.66 28.63 -4.70
CA TRP A 450 -10.37 27.36 -4.52
C TRP A 450 -10.62 27.01 -3.07
N ALA A 451 -10.08 27.81 -2.16
CA ALA A 451 -10.26 27.55 -0.73
C ALA A 451 -11.63 28.06 -0.28
N ASP A 452 -12.04 27.65 0.92
CA ASP A 452 -13.33 28.08 1.45
C ASP A 452 -13.11 28.56 2.86
N ALA A 453 -14.20 28.74 3.59
CA ALA A 453 -14.09 29.18 4.97
C ALA A 453 -13.09 28.29 5.69
N ALA A 454 -11.94 28.84 6.00
CA ALA A 454 -10.89 28.09 6.69
C ALA A 454 -10.98 28.34 8.19
N HIS A 455 -10.16 27.64 8.96
CA HIS A 455 -10.17 27.79 10.39
C HIS A 455 -10.00 29.24 10.85
N GLY A 456 -11.04 29.79 11.45
CA GLY A 456 -10.94 31.16 11.94
C GLY A 456 -11.51 32.27 11.07
N ASP A 457 -11.96 31.93 9.86
CA ASP A 457 -12.52 32.94 8.98
C ASP A 457 -13.79 33.55 9.51
N GLU A 458 -14.32 32.99 10.59
CA GLU A 458 -15.55 33.50 11.18
C GLU A 458 -15.25 34.64 12.16
N VAL A 459 -14.08 34.60 12.79
CA VAL A 459 -13.67 35.60 13.77
C VAL A 459 -13.89 37.05 13.34
N PRO A 460 -13.45 37.42 12.14
CA PRO A 460 -13.65 38.81 11.72
C PRO A 460 -15.11 39.18 11.53
N TYR A 461 -15.98 38.21 11.36
CA TYR A 461 -17.39 38.53 11.20
C TYR A 461 -18.06 38.60 12.55
N VAL A 462 -17.50 37.89 13.51
CA VAL A 462 -18.06 37.88 14.84
C VAL A 462 -17.58 39.13 15.57
N LEU A 463 -16.47 39.70 15.13
CA LEU A 463 -15.97 40.91 15.78
C LEU A 463 -16.40 42.19 15.05
N GLY A 464 -17.21 42.02 14.01
CA GLY A 464 -17.73 43.13 13.26
C GLY A 464 -16.70 43.94 12.52
N ILE A 465 -15.56 43.34 12.23
CA ILE A 465 -14.49 44.03 11.50
C ILE A 465 -14.99 44.68 10.21
N PRO A 466 -15.77 43.95 9.38
CA PRO A 466 -16.27 44.52 8.14
C PRO A 466 -16.88 45.91 8.30
N MET A 467 -17.51 46.17 9.44
CA MET A 467 -18.14 47.45 9.68
C MET A 467 -17.18 48.60 9.91
N ILE A 468 -15.89 48.29 9.99
CA ILE A 468 -14.89 49.33 10.19
C ILE A 468 -13.82 49.25 9.11
N GLY A 469 -14.17 48.59 8.00
CA GLY A 469 -13.25 48.45 6.89
C GLY A 469 -11.97 47.72 7.27
N PRO A 470 -11.18 47.30 6.26
CA PRO A 470 -9.92 46.58 6.49
C PRO A 470 -9.11 47.13 7.66
N THR A 471 -8.39 46.26 8.35
CA THR A 471 -7.56 46.67 9.47
C THR A 471 -6.19 46.04 9.30
N GLU A 472 -5.21 46.53 10.06
CA GLU A 472 -3.86 46.00 9.95
C GLU A 472 -3.86 44.48 10.18
N LEU A 473 -4.73 44.04 11.08
CA LEU A 473 -4.82 42.63 11.38
C LEU A 473 -5.56 41.92 10.25
N PHE A 474 -6.78 42.37 9.98
CA PHE A 474 -7.64 41.81 8.92
C PHE A 474 -7.63 42.71 7.68
N PRO A 475 -6.62 42.56 6.80
CA PRO A 475 -6.45 43.34 5.58
C PRO A 475 -7.54 43.25 4.51
N CYS A 476 -8.08 42.07 4.28
CA CYS A 476 -9.11 41.86 3.28
C CYS A 476 -10.02 43.06 2.97
N ASN A 477 -10.32 43.28 1.69
CA ASN A 477 -11.15 44.41 1.26
C ASN A 477 -12.61 44.05 1.27
N PHE A 478 -13.17 44.02 2.47
CA PHE A 478 -14.57 43.66 2.69
C PHE A 478 -15.58 44.26 1.75
N SER A 479 -16.43 43.41 1.17
CA SER A 479 -17.46 43.85 0.24
C SER A 479 -18.66 44.29 1.04
N LYS A 480 -19.70 44.74 0.35
CA LYS A 480 -20.91 45.20 1.03
C LYS A 480 -21.58 43.99 1.68
N ASN A 481 -21.40 42.83 1.08
CA ASN A 481 -21.97 41.58 1.61
C ASN A 481 -21.29 41.20 2.92
N ASP A 482 -19.96 41.28 2.94
CA ASP A 482 -19.21 40.97 4.13
C ASP A 482 -19.73 41.78 5.31
N VAL A 483 -19.91 43.08 5.10
CA VAL A 483 -20.39 43.94 6.19
C VAL A 483 -21.83 43.61 6.55
N MET A 484 -22.58 43.22 5.52
CA MET A 484 -23.97 42.86 5.72
C MET A 484 -24.00 41.56 6.56
N LEU A 485 -23.33 40.53 6.07
CA LEU A 485 -23.28 39.24 6.76
C LEU A 485 -22.67 39.40 8.14
N SER A 486 -21.78 40.36 8.29
CA SER A 486 -21.14 40.60 9.58
C SER A 486 -22.20 41.00 10.59
N ALA A 487 -23.15 41.80 10.11
CA ALA A 487 -24.21 42.27 10.97
C ALA A 487 -25.15 41.11 11.32
N VAL A 488 -25.49 40.28 10.34
CA VAL A 488 -26.37 39.13 10.54
C VAL A 488 -25.83 38.22 11.64
N VAL A 489 -24.51 38.01 11.61
CA VAL A 489 -23.81 37.16 12.59
C VAL A 489 -23.82 37.79 13.98
N MET A 490 -23.35 39.04 14.07
CA MET A 490 -23.30 39.74 15.35
C MET A 490 -24.65 39.77 16.04
N THR A 491 -25.70 40.01 15.27
CA THR A 491 -27.04 40.05 15.84
C THR A 491 -27.44 38.71 16.45
N TYR A 492 -26.93 37.61 15.91
CA TYR A 492 -27.22 36.30 16.46
C TYR A 492 -26.45 36.16 17.77
N TRP A 493 -25.13 36.22 17.65
CA TRP A 493 -24.25 36.10 18.78
C TRP A 493 -24.72 36.92 19.95
N THR A 494 -25.04 38.18 19.73
CA THR A 494 -25.48 39.03 20.83
C THR A 494 -26.86 38.65 21.36
N ASN A 495 -27.83 38.44 20.45
CA ASN A 495 -29.15 38.02 20.89
C ASN A 495 -28.98 36.83 21.79
N PHE A 496 -28.14 35.90 21.35
CA PHE A 496 -27.86 34.72 22.14
C PHE A 496 -27.38 35.14 23.52
N ALA A 497 -26.34 35.99 23.55
CA ALA A 497 -25.75 36.49 24.81
C ALA A 497 -26.77 37.19 25.69
N LYS A 498 -27.75 37.80 25.03
CA LYS A 498 -28.82 38.52 25.66
C LYS A 498 -29.87 37.61 26.26
N THR A 499 -30.42 36.72 25.45
CA THR A 499 -31.48 35.83 25.93
C THR A 499 -31.22 34.31 25.96
N GLY A 500 -30.23 33.83 25.22
CA GLY A 500 -29.97 32.40 25.23
C GLY A 500 -30.73 31.81 24.06
N ASP A 501 -31.02 32.69 23.11
CA ASP A 501 -31.71 32.34 21.89
C ASP A 501 -31.20 33.34 20.88
N PRO A 502 -30.52 32.87 19.83
CA PRO A 502 -29.96 33.70 18.78
C PRO A 502 -31.00 34.52 18.03
N ASN A 503 -32.26 34.24 18.31
CA ASN A 503 -33.35 34.91 17.65
C ASN A 503 -34.01 36.01 18.46
N GLN A 504 -33.81 36.03 19.76
CA GLN A 504 -34.40 37.08 20.60
C GLN A 504 -33.30 37.98 21.18
N PRO A 505 -33.56 39.29 21.31
CA PRO A 505 -34.79 40.00 20.98
C PRO A 505 -34.86 40.63 19.58
N VAL A 506 -33.73 41.16 19.11
CA VAL A 506 -33.59 41.84 17.80
C VAL A 506 -34.14 41.04 16.60
N GLU A 522 -36.34 36.06 7.97
CA GLU A 522 -36.61 35.05 6.94
C GLU A 522 -36.13 33.69 7.47
N VAL A 523 -35.18 33.73 8.42
CA VAL A 523 -34.64 32.52 9.00
C VAL A 523 -34.57 32.50 10.52
N ALA A 524 -35.23 31.51 11.08
CA ALA A 524 -35.25 31.32 12.52
C ALA A 524 -34.27 30.20 12.76
N TRP A 525 -33.28 30.48 13.59
CA TRP A 525 -32.27 29.48 13.90
C TRP A 525 -32.89 28.50 14.87
N THR A 526 -33.52 27.46 14.34
CA THR A 526 -34.18 26.47 15.16
C THR A 526 -33.17 25.78 16.06
N ARG A 527 -33.66 25.15 17.13
CA ARG A 527 -32.78 24.49 18.07
C ARG A 527 -32.26 23.14 17.63
N TYR A 528 -31.05 22.85 18.09
CA TYR A 528 -30.39 21.59 17.78
C TYR A 528 -30.79 20.54 18.79
N SER A 529 -31.29 19.43 18.27
CA SER A 529 -31.70 18.29 19.07
C SER A 529 -31.04 17.11 18.38
N GLN A 530 -30.75 16.06 19.13
CA GLN A 530 -30.08 14.92 18.55
C GLN A 530 -30.93 14.22 17.48
N LYS A 531 -32.24 14.29 17.62
CA LYS A 531 -33.14 13.63 16.67
C LYS A 531 -33.27 14.27 15.29
N ASP A 532 -33.06 15.57 15.19
CA ASP A 532 -33.18 16.22 13.89
C ASP A 532 -31.95 16.98 13.48
N GLN A 533 -31.13 17.28 14.47
CA GLN A 533 -29.88 17.99 14.23
C GLN A 533 -29.99 19.17 13.28
N LEU A 534 -30.90 20.07 13.58
CA LEU A 534 -31.06 21.25 12.75
C LEU A 534 -29.94 22.24 12.99
N TYR A 535 -29.29 22.66 11.92
CA TYR A 535 -28.21 23.63 12.02
C TYR A 535 -28.44 24.80 11.07
N LEU A 536 -27.93 25.98 11.42
CA LEU A 536 -28.10 27.13 10.55
C LEU A 536 -26.92 27.21 9.61
N HIS A 537 -27.20 27.12 8.31
CA HIS A 537 -26.15 27.19 7.30
C HIS A 537 -25.86 28.68 7.09
N ILE A 538 -24.92 29.19 7.88
CA ILE A 538 -24.55 30.60 7.79
C ILE A 538 -23.67 30.89 6.59
N GLY A 539 -24.21 31.68 5.68
CA GLY A 539 -23.51 32.06 4.48
C GLY A 539 -24.20 33.30 3.95
N LEU A 540 -24.22 33.47 2.64
CA LEU A 540 -24.90 34.63 2.07
C LEU A 540 -26.40 34.36 2.00
N LYS A 541 -26.77 33.09 2.15
CA LYS A 541 -28.17 32.70 2.09
C LYS A 541 -28.49 31.90 3.35
N PRO A 542 -28.32 32.49 4.54
CA PRO A 542 -28.63 31.68 5.73
C PRO A 542 -29.93 30.89 5.57
N ARG A 543 -29.90 29.65 6.03
CA ARG A 543 -31.08 28.81 5.97
C ARG A 543 -30.81 27.54 6.76
N VAL A 544 -31.83 27.07 7.47
CA VAL A 544 -31.70 25.90 8.30
C VAL A 544 -31.77 24.61 7.52
N LYS A 545 -30.76 23.76 7.72
CA LYS A 545 -30.70 22.46 7.08
C LYS A 545 -30.64 21.48 8.21
N GLU A 546 -30.69 20.19 7.92
CA GLU A 546 -30.64 19.20 8.98
C GLU A 546 -29.48 18.21 8.79
N HIS A 547 -29.02 17.60 9.88
CA HIS A 547 -27.93 16.62 9.84
C HIS A 547 -26.73 17.03 9.02
N TYR A 548 -25.96 18.00 9.54
CA TYR A 548 -24.77 18.45 8.80
C TYR A 548 -23.82 17.27 8.54
N ARG A 549 -23.37 17.15 7.30
CA ARG A 549 -22.46 16.08 6.89
C ARG A 549 -22.74 14.75 7.59
N ALA A 550 -24.01 14.48 7.82
CA ALA A 550 -24.44 13.27 8.49
C ALA A 550 -23.64 12.00 8.17
N ASN A 551 -23.29 11.84 6.90
CA ASN A 551 -22.57 10.65 6.49
C ASN A 551 -21.20 10.46 7.11
N LYS A 552 -20.29 11.38 6.82
CA LYS A 552 -18.94 11.31 7.34
C LYS A 552 -18.97 11.36 8.86
N VAL A 553 -19.79 12.24 9.40
CA VAL A 553 -19.90 12.40 10.85
C VAL A 553 -20.13 11.07 11.49
N ASN A 554 -20.86 10.22 10.80
CA ASN A 554 -21.17 8.89 11.30
C ASN A 554 -20.02 7.92 11.09
N LEU A 555 -19.29 8.09 10.00
CA LEU A 555 -18.16 7.23 9.72
C LEU A 555 -17.18 7.32 10.87
N TRP A 556 -16.99 8.53 11.35
CA TRP A 556 -16.04 8.83 12.43
C TRP A 556 -16.49 8.57 13.86
N LEU A 557 -17.75 8.84 14.16
CA LEU A 557 -18.25 8.62 15.51
C LEU A 557 -18.83 7.21 15.60
N GLU A 558 -19.13 6.61 14.47
CA GLU A 558 -19.73 5.29 14.45
C GLU A 558 -18.96 4.11 13.89
N LEU A 559 -18.70 4.12 12.58
CA LEU A 559 -17.99 3.01 11.95
C LEU A 559 -16.52 2.85 12.37
N VAL A 560 -15.71 3.87 12.18
CA VAL A 560 -14.30 3.79 12.54
C VAL A 560 -14.08 3.16 13.92
N PRO A 561 -14.90 3.54 14.91
CA PRO A 561 -14.74 2.98 16.25
C PRO A 561 -15.05 1.49 16.25
N HIS A 562 -16.23 1.13 15.75
CA HIS A 562 -16.64 -0.27 15.69
C HIS A 562 -15.56 -1.16 15.10
N LEU A 563 -14.82 -0.62 14.13
CA LEU A 563 -13.78 -1.39 13.47
C LEU A 563 -12.52 -1.50 14.33
N HIS A 564 -12.00 -0.37 14.77
CA HIS A 564 -10.80 -0.31 15.62
C HIS A 564 -11.17 -1.00 16.94
N ASN A 565 -12.32 -1.68 16.91
CA ASN A 565 -12.89 -2.39 18.05
C ASN A 565 -12.89 -3.90 17.81
N LEU A 566 -11.87 -4.38 17.09
CA LEU A 566 -11.77 -5.80 16.77
C LEU A 566 -10.31 -6.26 16.53
N ASP B 10 55.35 46.69 -9.04
CA ASP B 10 54.16 46.71 -9.95
C ASP B 10 54.10 45.51 -10.89
N PRO B 11 52.98 44.75 -10.86
CA PRO B 11 52.69 43.55 -11.66
C PRO B 11 52.09 43.77 -13.05
N LEU B 12 52.94 43.67 -14.08
CA LEU B 12 52.49 43.87 -15.45
C LEU B 12 52.76 42.64 -16.33
N VAL B 13 51.87 42.41 -17.29
CA VAL B 13 52.01 41.30 -18.21
C VAL B 13 51.38 41.66 -19.54
N THR B 14 52.11 41.36 -20.60
CA THR B 14 51.66 41.64 -21.96
C THR B 14 50.99 40.38 -22.49
N THR B 15 49.86 40.57 -23.17
CA THR B 15 49.12 39.45 -23.74
C THR B 15 48.96 39.73 -25.23
N ASN B 16 48.36 38.81 -25.97
CA ASN B 16 48.17 39.05 -27.38
C ASN B 16 47.02 39.99 -27.65
N PHE B 17 46.45 40.58 -26.60
CA PHE B 17 45.36 41.52 -26.78
C PHE B 17 45.68 42.88 -26.18
N GLY B 18 46.75 42.92 -25.39
CA GLY B 18 47.19 44.16 -24.75
C GLY B 18 47.87 43.88 -23.41
N LYS B 19 48.36 44.91 -22.73
CA LYS B 19 49.01 44.72 -21.43
C LYS B 19 47.98 44.86 -20.33
N ILE B 20 48.24 44.23 -19.18
CA ILE B 20 47.31 44.34 -18.06
C ILE B 20 48.04 44.34 -16.73
N ARG B 21 47.48 45.06 -15.76
CA ARG B 21 48.06 45.18 -14.42
C ARG B 21 47.24 44.44 -13.39
N GLY B 22 47.91 43.57 -12.65
CA GLY B 22 47.24 42.81 -11.62
C GLY B 22 47.67 43.30 -10.25
N ILE B 23 46.75 43.24 -9.28
CA ILE B 23 47.02 43.65 -7.92
C ILE B 23 47.60 42.48 -7.14
N LYS B 24 48.66 42.72 -6.38
CA LYS B 24 49.29 41.67 -5.57
C LYS B 24 48.55 41.49 -4.24
N LYS B 25 48.62 40.30 -3.65
CA LYS B 25 47.93 40.04 -2.38
C LYS B 25 48.68 39.13 -1.43
N GLU B 26 48.39 39.33 -0.14
CA GLU B 26 49.01 38.56 0.93
C GLU B 26 48.01 37.53 1.41
N LEU B 27 48.50 36.44 1.99
CA LEU B 27 47.62 35.41 2.50
C LEU B 27 47.66 35.31 4.03
N ASN B 28 46.52 34.96 4.60
CA ASN B 28 46.37 34.85 6.05
C ASN B 28 47.19 33.76 6.72
N ASN B 29 48.32 33.38 6.14
CA ASN B 29 49.16 32.35 6.73
C ASN B 29 50.62 32.71 6.51
N GLU B 30 51.48 32.32 7.45
CA GLU B 30 52.89 32.63 7.37
C GLU B 30 53.71 31.56 6.67
N ILE B 31 53.05 30.68 5.93
CA ILE B 31 53.75 29.63 5.21
C ILE B 31 53.45 29.83 3.74
N LEU B 32 52.33 30.49 3.48
CA LEU B 32 51.88 30.74 2.13
C LEU B 32 52.50 32.02 1.59
N GLY B 33 53.24 31.92 0.49
CA GLY B 33 53.84 33.09 -0.10
C GLY B 33 52.75 34.05 -0.59
N PRO B 34 53.10 35.08 -1.37
CA PRO B 34 52.12 36.04 -1.86
C PRO B 34 51.57 35.57 -3.19
N VAL B 35 50.62 36.32 -3.74
CA VAL B 35 50.00 35.96 -5.00
C VAL B 35 49.58 37.20 -5.77
N ILE B 36 49.79 37.18 -7.08
CA ILE B 36 49.41 38.31 -7.94
C ILE B 36 48.08 37.95 -8.58
N GLN B 37 47.03 38.71 -8.25
CA GLN B 37 45.70 38.45 -8.79
C GLN B 37 45.36 39.32 -9.99
N PHE B 38 44.88 38.73 -11.07
CA PHE B 38 44.50 39.51 -12.23
C PHE B 38 43.00 39.30 -12.38
N LEU B 39 42.22 40.11 -11.68
CA LEU B 39 40.78 39.98 -11.72
C LEU B 39 40.08 40.78 -12.82
N GLY B 40 39.07 40.16 -13.44
CA GLY B 40 38.32 40.82 -14.50
C GLY B 40 38.84 40.70 -15.94
N VAL B 41 39.85 39.87 -16.19
CA VAL B 41 40.37 39.70 -17.54
C VAL B 41 39.30 39.23 -18.53
N PRO B 42 39.13 39.94 -19.67
CA PRO B 42 38.14 39.60 -20.69
C PRO B 42 38.73 38.56 -21.64
N TYR B 43 38.03 37.44 -21.79
CA TYR B 43 38.51 36.37 -22.66
C TYR B 43 37.64 36.24 -23.90
N ALA B 44 36.68 37.15 -24.07
CA ALA B 44 35.83 37.10 -25.24
C ALA B 44 35.01 38.36 -25.40
N ALA B 45 34.45 38.53 -26.59
CA ALA B 45 33.64 39.68 -26.93
C ALA B 45 32.32 39.59 -26.20
N PRO B 46 31.86 40.71 -25.60
CA PRO B 46 30.59 40.78 -24.87
C PRO B 46 29.43 40.19 -25.67
N PRO B 47 28.73 39.20 -25.09
CA PRO B 47 27.59 38.51 -25.71
C PRO B 47 26.36 39.40 -25.65
N THR B 48 26.45 40.56 -26.32
CA THR B 48 25.37 41.52 -26.30
C THR B 48 24.68 41.88 -27.62
N GLY B 49 23.41 42.26 -27.47
CA GLY B 49 22.59 42.65 -28.60
C GLY B 49 22.34 41.57 -29.62
N GLU B 50 23.10 41.60 -30.71
CA GLU B 50 23.00 40.64 -31.80
C GLU B 50 23.87 39.42 -31.47
N HIS B 51 24.74 39.59 -30.50
CA HIS B 51 25.65 38.53 -30.07
C HIS B 51 25.07 37.61 -28.99
N ARG B 52 23.89 37.97 -28.49
CA ARG B 52 23.20 37.18 -27.47
C ARG B 52 22.67 35.92 -28.18
N PHE B 53 22.78 34.77 -27.54
CA PHE B 53 22.34 33.52 -28.16
C PHE B 53 23.25 33.20 -29.35
N GLN B 54 24.48 33.66 -29.29
CA GLN B 54 25.44 33.44 -30.36
C GLN B 54 26.78 32.95 -29.81
N PRO B 55 27.46 32.06 -30.55
CA PRO B 55 28.75 31.57 -30.08
C PRO B 55 29.63 32.75 -29.65
N PRO B 56 30.40 32.60 -28.57
CA PRO B 56 31.24 33.72 -28.14
C PRO B 56 32.25 34.11 -29.20
N GLU B 57 32.67 35.36 -29.16
CA GLU B 57 33.64 35.88 -30.13
C GLU B 57 34.95 36.23 -29.43
N PRO B 58 36.06 36.27 -30.18
CA PRO B 58 37.34 36.61 -29.55
C PRO B 58 37.25 38.05 -29.04
N PRO B 59 38.01 38.39 -27.97
CA PRO B 59 37.95 39.75 -27.44
C PRO B 59 38.75 40.76 -28.30
N SER B 60 38.36 42.03 -28.23
CA SER B 60 39.03 43.08 -28.98
C SER B 60 40.18 43.64 -28.15
N PRO B 61 41.34 43.87 -28.78
CA PRO B 61 42.55 44.39 -28.14
C PRO B 61 42.58 45.89 -27.85
N TRP B 62 43.44 46.25 -26.90
CA TRP B 62 43.63 47.62 -26.45
C TRP B 62 45.12 47.91 -26.54
N SER B 63 45.49 49.18 -26.68
CA SER B 63 46.90 49.53 -26.78
C SER B 63 47.57 49.78 -25.41
N ASP B 64 46.93 50.66 -24.63
CA ASP B 64 47.39 51.03 -23.31
C ASP B 64 47.63 49.85 -22.36
N ILE B 65 47.36 50.08 -21.09
CA ILE B 65 47.47 49.09 -20.04
C ILE B 65 46.11 49.01 -19.37
N ARG B 66 45.51 47.83 -19.38
CA ARG B 66 44.19 47.65 -18.79
C ARG B 66 44.23 47.31 -17.30
N ASN B 67 43.49 48.07 -16.51
CA ASN B 67 43.43 47.82 -15.08
C ASN B 67 42.62 46.54 -14.81
N ALA B 68 43.32 45.46 -14.45
CA ALA B 68 42.67 44.20 -14.13
C ALA B 68 42.89 43.99 -12.65
N THR B 69 42.20 44.78 -11.82
CA THR B 69 42.37 44.71 -10.39
C THR B 69 41.13 44.48 -9.53
N GLN B 70 40.00 44.18 -10.15
CA GLN B 70 38.80 43.92 -9.38
C GLN B 70 37.81 43.15 -10.23
N PHE B 71 37.06 42.27 -9.59
CA PHE B 71 36.10 41.45 -10.31
C PHE B 71 35.25 42.27 -11.27
N ALA B 72 35.06 41.72 -12.46
CA ALA B 72 34.24 42.37 -13.46
C ALA B 72 32.83 41.89 -13.12
N PRO B 73 31.79 42.56 -13.63
CA PRO B 73 30.41 42.15 -13.36
C PRO B 73 30.20 40.65 -13.59
N VAL B 74 29.26 40.07 -12.86
CA VAL B 74 28.96 38.64 -13.01
C VAL B 74 27.81 38.54 -14.00
N CYS B 75 27.48 37.34 -14.45
CA CYS B 75 26.38 37.20 -15.41
C CYS B 75 25.03 37.29 -14.74
N PRO B 76 23.99 37.61 -15.53
CA PRO B 76 22.61 37.77 -15.13
C PRO B 76 22.00 36.60 -14.39
N GLN B 77 21.61 36.83 -13.15
CA GLN B 77 21.00 35.78 -12.36
C GLN B 77 20.14 36.36 -11.29
N ASN B 78 19.40 35.50 -10.60
CA ASN B 78 18.53 35.93 -9.51
C ASN B 78 18.43 34.79 -8.50
N ILE B 79 19.16 34.89 -7.40
CA ILE B 79 19.15 33.81 -6.42
C ILE B 79 18.31 34.06 -5.17
N ILE B 80 18.25 35.31 -4.74
CA ILE B 80 17.51 35.66 -3.52
C ILE B 80 16.22 34.88 -3.24
N ASP B 81 15.14 35.22 -3.95
CA ASP B 81 13.84 34.58 -3.76
C ASP B 81 13.82 33.07 -4.00
N GLY B 82 14.20 32.32 -2.96
CA GLY B 82 14.25 30.85 -2.99
C GLY B 82 13.67 30.00 -4.11
N ARG B 83 13.88 30.40 -5.36
CA ARG B 83 13.37 29.64 -6.51
C ARG B 83 14.49 28.67 -6.95
N LEU B 84 15.62 28.74 -6.25
CA LEU B 84 16.78 27.90 -6.54
C LEU B 84 16.59 26.48 -5.99
N PRO B 85 16.85 25.47 -6.84
CA PRO B 85 16.71 24.05 -6.48
C PRO B 85 17.62 23.62 -5.31
N GLU B 86 17.15 23.86 -4.10
CA GLU B 86 17.87 23.54 -2.88
C GLU B 86 18.82 22.35 -2.95
N VAL B 87 18.32 21.22 -3.44
CA VAL B 87 19.11 20.00 -3.50
C VAL B 87 20.33 20.05 -4.43
N MET B 88 20.17 20.68 -5.58
CA MET B 88 21.25 20.78 -6.56
C MET B 88 22.43 21.64 -6.14
N LEU B 89 22.15 22.75 -5.49
CA LEU B 89 23.20 23.67 -5.07
C LEU B 89 23.96 23.17 -3.84
N PRO B 90 25.24 23.54 -3.72
CA PRO B 90 25.99 23.09 -2.57
C PRO B 90 25.37 23.65 -1.29
N VAL B 91 25.67 23.02 -0.17
CA VAL B 91 25.14 23.45 1.11
C VAL B 91 25.69 24.82 1.47
N TRP B 92 27.00 24.97 1.41
CA TRP B 92 27.59 26.26 1.78
C TRP B 92 26.96 27.41 1.02
N PHE B 93 26.50 27.15 -0.19
CA PHE B 93 25.89 28.19 -1.02
C PHE B 93 24.49 28.58 -0.51
N THR B 94 23.68 27.58 -0.16
CA THR B 94 22.33 27.78 0.36
C THR B 94 22.32 28.32 1.79
N ASN B 95 23.04 27.64 2.67
CA ASN B 95 23.12 28.02 4.07
C ASN B 95 23.87 29.35 4.23
N ASN B 96 23.76 30.24 3.26
CA ASN B 96 24.47 31.51 3.36
C ASN B 96 24.19 32.42 2.18
N LEU B 97 22.97 32.34 1.63
CA LEU B 97 22.59 33.16 0.48
C LEU B 97 23.00 34.61 0.63
N ASP B 98 23.12 35.06 1.87
CA ASP B 98 23.51 36.44 2.17
C ASP B 98 24.83 36.74 1.48
N VAL B 99 25.91 36.26 2.09
CA VAL B 99 27.25 36.47 1.57
C VAL B 99 27.30 36.20 0.07
N VAL B 100 26.59 35.17 -0.38
CA VAL B 100 26.58 34.85 -1.81
C VAL B 100 26.02 36.01 -2.61
N SER B 101 24.90 36.57 -2.15
CA SER B 101 24.28 37.69 -2.84
C SER B 101 25.26 38.85 -3.01
N SER B 102 26.05 39.10 -1.97
CA SER B 102 27.01 40.19 -2.04
C SER B 102 28.16 39.87 -2.98
N TYR B 103 27.88 39.08 -4.01
CA TYR B 103 28.88 38.72 -5.01
C TYR B 103 28.27 38.92 -6.37
N VAL B 104 27.10 38.35 -6.53
CA VAL B 104 26.37 38.43 -7.78
C VAL B 104 25.42 39.62 -7.79
N GLN B 105 25.66 40.57 -6.90
CA GLN B 105 24.83 41.78 -6.78
C GLN B 105 25.11 42.75 -7.93
N ASP B 106 26.31 42.65 -8.48
CA ASP B 106 26.75 43.49 -9.57
C ASP B 106 26.66 42.71 -10.89
N GLN B 107 25.53 42.81 -11.59
CA GLN B 107 25.35 42.08 -12.84
C GLN B 107 25.59 42.88 -14.10
N SER B 108 25.54 42.19 -15.24
CA SER B 108 25.77 42.78 -16.58
C SER B 108 25.66 41.69 -17.65
N GLU B 109 25.11 42.02 -18.80
CA GLU B 109 25.00 41.02 -19.85
C GLU B 109 26.36 40.74 -20.42
N ASP B 110 27.26 41.74 -20.28
CA ASP B 110 28.64 41.63 -20.75
C ASP B 110 29.42 41.12 -19.53
N CYS B 111 29.54 39.80 -19.40
CA CYS B 111 30.18 39.19 -18.24
C CYS B 111 31.29 38.18 -18.51
N LEU B 112 31.53 37.87 -19.77
CA LEU B 112 32.55 36.90 -20.14
C LEU B 112 33.97 37.32 -19.74
N TYR B 113 34.30 37.11 -18.47
CA TYR B 113 35.63 37.44 -17.98
C TYR B 113 36.15 36.30 -17.09
N LEU B 114 37.47 36.22 -16.91
CA LEU B 114 38.06 35.17 -16.09
C LEU B 114 39.10 35.77 -15.15
N ASN B 115 39.35 35.11 -14.01
CA ASN B 115 40.31 35.60 -13.04
C ASN B 115 41.54 34.70 -12.99
N ILE B 116 42.72 35.33 -12.94
CA ILE B 116 43.98 34.58 -12.91
C ILE B 116 44.74 34.78 -11.60
N TYR B 117 45.10 33.69 -10.94
CA TYR B 117 45.83 33.77 -9.67
C TYR B 117 47.23 33.19 -9.82
N VAL B 118 48.24 34.05 -9.89
CA VAL B 118 49.62 33.60 -10.06
C VAL B 118 50.50 33.69 -8.81
N PRO B 119 51.25 32.62 -8.50
CA PRO B 119 52.13 32.54 -7.33
C PRO B 119 53.48 33.22 -7.59
N THR B 120 54.15 33.62 -6.50
CA THR B 120 55.46 34.27 -6.55
C THR B 120 56.40 33.70 -5.50
N ILE B 124 60.02 32.68 -4.64
CA ILE B 124 60.06 31.50 -5.51
C ILE B 124 61.46 30.86 -5.53
N ARG B 125 61.70 29.94 -4.60
CA ARG B 125 62.98 29.21 -4.48
C ARG B 125 62.74 27.69 -4.43
N ASP B 126 61.67 27.22 -5.09
CA ASP B 126 61.32 25.80 -5.09
C ASP B 126 61.29 25.11 -6.47
N SER B 127 60.54 25.69 -7.42
CA SER B 127 60.42 25.13 -8.77
C SER B 127 60.69 26.13 -9.91
N GLY B 128 61.51 25.70 -10.86
CA GLY B 128 61.86 26.52 -12.01
C GLY B 128 61.26 25.94 -13.29
N GLY B 129 60.68 26.80 -14.13
CA GLY B 129 60.06 26.35 -15.36
C GLY B 129 58.59 26.78 -15.37
N PRO B 130 57.85 26.58 -16.48
CA PRO B 130 56.43 26.97 -16.54
C PRO B 130 55.57 26.23 -15.52
N LYS B 131 54.69 26.96 -14.85
CA LYS B 131 53.82 26.35 -13.84
C LYS B 131 52.53 25.80 -14.45
N PRO B 132 52.01 24.70 -13.88
CA PRO B 132 50.78 24.05 -14.35
C PRO B 132 49.63 25.03 -14.22
N VAL B 133 48.54 24.79 -14.93
CA VAL B 133 47.38 25.68 -14.83
C VAL B 133 46.10 24.93 -14.50
N MET B 134 45.41 25.34 -13.43
CA MET B 134 44.17 24.71 -13.01
C MET B 134 43.01 25.67 -13.22
N VAL B 135 42.16 25.38 -14.21
CA VAL B 135 41.00 26.22 -14.53
C VAL B 135 39.74 25.72 -13.81
N TYR B 136 39.21 26.48 -12.86
CA TYR B 136 38.05 26.02 -12.15
C TYR B 136 36.72 26.47 -12.75
N ILE B 137 35.95 25.50 -13.25
CA ILE B 137 34.64 25.76 -13.84
C ILE B 137 33.63 25.71 -12.73
N HIS B 138 33.14 26.87 -12.27
CA HIS B 138 32.16 26.91 -11.18
C HIS B 138 30.82 26.42 -11.68
N GLY B 139 29.91 26.11 -10.76
CA GLY B 139 28.62 25.64 -11.22
C GLY B 139 27.64 25.30 -10.12
N GLY B 140 26.38 25.67 -10.33
CA GLY B 140 25.35 25.38 -9.35
C GLY B 140 24.27 24.53 -9.99
N SER B 141 23.53 25.15 -10.90
CA SER B 141 22.47 24.45 -11.62
C SER B 141 22.42 25.04 -13.02
N TYR B 142 23.44 25.83 -13.33
CA TYR B 142 23.60 26.52 -14.62
C TYR B 142 22.87 27.85 -14.58
N MET B 143 22.12 28.09 -13.51
CA MET B 143 21.36 29.33 -13.39
C MET B 143 22.03 30.44 -12.58
N GLU B 144 23.05 30.11 -11.79
CA GLU B 144 23.71 31.12 -10.98
C GLU B 144 25.11 30.74 -10.60
N GLY B 145 25.79 31.69 -9.96
CA GLY B 145 27.15 31.46 -9.50
C GLY B 145 28.15 32.41 -10.12
N THR B 146 29.42 32.20 -9.81
CA THR B 146 30.50 33.02 -10.34
C THR B 146 31.83 32.52 -9.75
N GLY B 147 32.80 32.25 -10.63
CA GLY B 147 34.09 31.79 -10.13
C GLY B 147 34.72 32.82 -9.21
N ASN B 148 34.02 33.93 -9.02
CA ASN B 148 34.48 35.02 -8.16
C ASN B 148 34.35 34.60 -6.71
N LEU B 149 33.43 33.66 -6.46
CA LEU B 149 33.18 33.14 -5.12
C LEU B 149 34.40 32.33 -4.70
N TYR B 150 34.83 31.45 -5.59
CA TYR B 150 35.98 30.61 -5.34
C TYR B 150 37.26 31.41 -5.50
N ASP B 151 37.93 31.68 -4.38
CA ASP B 151 39.20 32.42 -4.43
C ASP B 151 40.34 31.41 -4.36
N GLY B 152 40.97 31.16 -5.50
CA GLY B 152 42.04 30.19 -5.52
C GLY B 152 43.42 30.78 -5.30
N SER B 153 43.66 31.36 -4.14
CA SER B 153 44.97 31.94 -3.85
C SER B 153 45.77 30.98 -3.02
N VAL B 154 45.15 30.43 -1.99
CA VAL B 154 45.83 29.49 -1.14
C VAL B 154 46.21 28.29 -2.02
N LEU B 155 45.30 27.90 -2.90
CA LEU B 155 45.61 26.78 -3.78
C LEU B 155 46.79 27.18 -4.64
N ALA B 156 46.62 28.26 -5.39
CA ALA B 156 47.67 28.77 -6.27
C ALA B 156 49.01 28.84 -5.56
N SER B 157 49.00 29.43 -4.37
CA SER B 157 50.22 29.56 -3.58
C SER B 157 50.72 28.22 -3.09
N TYR B 158 50.02 27.65 -2.12
CA TYR B 158 50.41 26.36 -1.54
C TYR B 158 50.81 25.27 -2.52
N GLY B 159 50.29 25.32 -3.74
CA GLY B 159 50.61 24.29 -4.71
C GLY B 159 51.67 24.65 -5.74
N ASN B 160 51.83 25.94 -5.97
CA ASN B 160 52.80 26.45 -6.93
C ASN B 160 52.25 26.22 -8.33
N VAL B 161 51.00 26.59 -8.51
CA VAL B 161 50.32 26.44 -9.79
C VAL B 161 49.50 27.69 -9.99
N ILE B 162 49.17 27.97 -11.25
CA ILE B 162 48.36 29.14 -11.55
C ILE B 162 46.93 28.67 -11.54
N VAL B 163 46.03 29.43 -10.92
CA VAL B 163 44.63 29.04 -10.86
C VAL B 163 43.77 30.06 -11.56
N ILE B 164 42.81 29.60 -12.35
CA ILE B 164 41.92 30.49 -13.09
C ILE B 164 40.46 30.17 -12.83
N THR B 165 39.74 31.08 -12.19
CA THR B 165 38.32 30.87 -11.97
C THR B 165 37.67 31.56 -13.18
N VAL B 166 36.70 30.89 -13.80
CA VAL B 166 36.08 31.45 -14.99
C VAL B 166 34.62 31.82 -14.81
N ASN B 167 34.16 32.74 -15.65
CA ASN B 167 32.78 33.21 -15.67
C ASN B 167 32.20 32.86 -17.04
N TYR B 168 30.97 32.36 -17.08
CA TYR B 168 30.41 32.05 -18.36
C TYR B 168 28.92 32.28 -18.31
N ARG B 169 28.32 32.52 -19.48
CA ARG B 169 26.88 32.78 -19.60
C ARG B 169 26.05 31.71 -18.92
N LEU B 170 25.16 32.15 -18.04
CA LEU B 170 24.32 31.23 -17.32
C LEU B 170 22.87 31.37 -17.76
N GLY B 171 21.98 30.76 -16.98
CA GLY B 171 20.54 30.81 -17.25
C GLY B 171 20.09 30.75 -18.69
N VAL B 172 19.04 31.51 -18.98
CA VAL B 172 18.46 31.58 -20.30
C VAL B 172 19.52 32.05 -21.29
N LEU B 173 20.20 33.13 -20.94
CA LEU B 173 21.23 33.70 -21.78
C LEU B 173 22.27 32.70 -22.28
N GLY B 174 22.60 31.75 -21.42
CA GLY B 174 23.60 30.77 -21.79
C GLY B 174 23.19 29.46 -22.40
N PHE B 175 22.00 28.96 -22.10
CA PHE B 175 21.63 27.66 -22.65
C PHE B 175 20.29 27.52 -23.38
N LEU B 176 19.58 28.63 -23.59
CA LEU B 176 18.28 28.60 -24.27
C LEU B 176 18.37 28.09 -25.71
N SER B 177 17.62 27.03 -25.99
CA SER B 177 17.58 26.47 -27.33
C SER B 177 16.13 26.36 -27.75
N THR B 178 15.92 26.37 -29.05
CA THR B 178 14.58 26.29 -29.61
C THR B 178 14.31 24.89 -30.12
N GLY B 179 15.31 24.03 -29.99
CA GLY B 179 15.13 22.67 -30.46
C GLY B 179 15.55 22.55 -31.90
N ASP B 180 15.50 23.67 -32.61
CA ASP B 180 15.90 23.67 -34.00
C ASP B 180 17.04 24.64 -34.21
N GLN B 181 17.13 25.19 -35.42
CA GLN B 181 18.19 26.10 -35.78
C GLN B 181 18.13 27.50 -35.17
N ALA B 182 16.93 27.97 -34.83
CA ALA B 182 16.75 29.30 -34.26
C ALA B 182 17.79 29.62 -33.17
N ALA B 183 17.95 28.69 -32.24
CA ALA B 183 18.91 28.82 -31.14
C ALA B 183 19.38 27.41 -30.77
N LYS B 184 20.67 27.14 -30.95
CA LYS B 184 21.21 25.81 -30.64
C LYS B 184 21.83 25.69 -29.26
N GLY B 185 21.44 26.56 -28.34
CA GLY B 185 21.96 26.54 -26.98
C GLY B 185 23.44 26.28 -26.78
N ASN B 186 23.78 25.68 -25.64
CA ASN B 186 25.17 25.37 -25.32
C ASN B 186 26.09 26.59 -25.43
N TYR B 187 25.53 27.77 -25.31
CA TYR B 187 26.33 28.98 -25.40
C TYR B 187 27.36 29.05 -24.26
N GLY B 188 26.91 28.75 -23.04
CA GLY B 188 27.81 28.79 -21.90
C GLY B 188 28.93 27.79 -22.04
N LEU B 189 28.66 26.70 -22.73
CA LEU B 189 29.67 25.67 -22.93
C LEU B 189 30.72 26.21 -23.88
N LEU B 190 30.27 26.89 -24.92
CA LEU B 190 31.18 27.47 -25.90
C LEU B 190 31.98 28.56 -25.23
N ASP B 191 31.34 29.25 -24.27
CA ASP B 191 32.03 30.30 -23.53
C ASP B 191 33.20 29.65 -22.80
N LEU B 192 32.92 28.54 -22.12
CA LEU B 192 33.96 27.82 -21.40
C LEU B 192 35.08 27.38 -22.33
N ILE B 193 34.76 27.00 -23.56
CA ILE B 193 35.83 26.58 -24.46
C ILE B 193 36.61 27.80 -24.88
N GLN B 194 35.91 28.91 -25.11
CA GLN B 194 36.60 30.11 -25.54
C GLN B 194 37.61 30.49 -24.47
N ALA B 195 37.25 30.28 -23.20
CA ALA B 195 38.15 30.60 -22.10
C ALA B 195 39.40 29.73 -22.19
N LEU B 196 39.19 28.46 -22.53
CA LEU B 196 40.27 27.53 -22.65
C LEU B 196 41.19 27.87 -23.82
N ARG B 197 40.62 28.36 -24.90
CA ARG B 197 41.45 28.74 -26.05
C ARG B 197 42.31 29.90 -25.58
N TRP B 198 41.66 30.93 -25.04
CA TRP B 198 42.36 32.10 -24.54
C TRP B 198 43.49 31.67 -23.62
N THR B 199 43.18 30.74 -22.73
CA THR B 199 44.16 30.25 -21.80
C THR B 199 45.32 29.58 -22.50
N SER B 200 45.02 28.62 -23.35
CA SER B 200 46.06 27.88 -24.05
C SER B 200 47.02 28.74 -24.84
N GLU B 201 46.61 29.95 -25.17
CA GLU B 201 47.45 30.87 -25.94
C GLU B 201 48.19 31.92 -25.15
N ASN B 202 47.54 32.46 -24.12
CA ASN B 202 48.11 33.52 -23.33
C ASN B 202 48.61 33.18 -21.94
N ILE B 203 48.17 32.06 -21.37
CA ILE B 203 48.60 31.72 -20.02
C ILE B 203 50.11 31.55 -20.01
N GLY B 204 50.70 31.46 -21.19
CA GLY B 204 52.14 31.32 -21.29
C GLY B 204 52.80 32.58 -20.76
N PHE B 205 52.26 33.72 -21.15
CA PHE B 205 52.77 35.01 -20.74
C PHE B 205 52.72 35.26 -19.24
N PHE B 206 52.02 34.41 -18.49
CA PHE B 206 51.94 34.59 -17.05
C PHE B 206 52.81 33.55 -16.34
N GLY B 207 53.56 32.78 -17.12
CA GLY B 207 54.43 31.77 -16.55
C GLY B 207 53.74 30.43 -16.56
N GLY B 208 52.53 30.39 -17.11
CA GLY B 208 51.76 29.16 -17.16
C GLY B 208 52.24 28.21 -18.24
N ASP B 209 51.97 26.92 -18.06
CA ASP B 209 52.36 25.89 -19.01
C ASP B 209 51.12 25.34 -19.74
N PRO B 210 50.85 25.83 -20.96
CA PRO B 210 49.71 25.42 -21.79
C PRO B 210 49.66 23.94 -22.15
N LEU B 211 50.67 23.20 -21.69
CA LEU B 211 50.76 21.77 -21.92
C LEU B 211 50.33 21.00 -20.67
N ARG B 212 49.92 21.71 -19.64
CA ARG B 212 49.48 21.07 -18.40
C ARG B 212 48.31 21.83 -17.79
N ILE B 213 47.26 21.98 -18.59
CA ILE B 213 46.04 22.64 -18.17
C ILE B 213 45.07 21.59 -17.70
N THR B 214 44.62 21.73 -16.46
CA THR B 214 43.69 20.80 -15.85
C THR B 214 42.40 21.57 -15.55
N VAL B 215 41.30 21.21 -16.19
CA VAL B 215 40.05 21.89 -15.88
C VAL B 215 39.33 21.07 -14.82
N PHE B 216 38.88 21.74 -13.75
CA PHE B 216 38.17 21.07 -12.66
C PHE B 216 36.98 21.87 -12.20
N GLY B 217 36.02 21.20 -11.58
CA GLY B 217 34.83 21.88 -11.10
C GLY B 217 34.02 21.02 -10.13
N SER B 218 33.07 21.64 -9.44
CA SER B 218 32.24 20.90 -8.51
C SER B 218 30.79 20.95 -8.94
N GLY B 219 30.08 19.85 -8.74
CA GLY B 219 28.68 19.80 -9.11
C GLY B 219 28.42 20.20 -10.55
N ALA B 220 27.45 21.08 -10.76
CA ALA B 220 27.09 21.54 -12.10
C ALA B 220 28.36 21.82 -12.89
N GLY B 221 29.39 22.28 -12.17
CA GLY B 221 30.68 22.62 -12.77
C GLY B 221 31.34 21.38 -13.32
N GLY B 222 31.51 20.36 -12.49
CA GLY B 222 32.11 19.12 -12.93
C GLY B 222 31.32 18.48 -14.07
N SER B 223 30.08 18.93 -14.25
CA SER B 223 29.24 18.41 -15.31
C SER B 223 29.78 19.04 -16.58
N CYS B 224 30.10 20.32 -16.51
CA CYS B 224 30.66 20.97 -17.67
C CYS B 224 31.99 20.31 -18.02
N VAL B 225 32.85 20.17 -17.01
CA VAL B 225 34.14 19.52 -17.20
C VAL B 225 33.91 18.27 -18.03
N ASN B 226 32.99 17.43 -17.58
CA ASN B 226 32.69 16.20 -18.30
C ASN B 226 32.12 16.43 -19.71
N LEU B 227 31.14 17.33 -19.85
CA LEU B 227 30.57 17.61 -21.16
C LEU B 227 31.66 18.16 -22.07
N LEU B 228 32.56 18.96 -21.52
CA LEU B 228 33.64 19.50 -22.33
C LEU B 228 34.47 18.41 -22.96
N THR B 229 34.70 17.32 -22.24
CA THR B 229 35.49 16.22 -22.79
C THR B 229 34.72 15.39 -23.78
N LEU B 230 33.44 15.67 -23.95
CA LEU B 230 32.60 14.91 -24.88
C LEU B 230 32.33 15.68 -26.17
N SER B 231 32.64 16.96 -26.17
CA SER B 231 32.42 17.78 -27.34
C SER B 231 33.64 17.77 -28.24
N HIS B 232 33.42 17.69 -29.54
CA HIS B 232 34.53 17.67 -30.45
C HIS B 232 35.21 19.04 -30.50
N TYR B 233 34.54 20.05 -29.95
CA TYR B 233 35.07 21.39 -29.94
C TYR B 233 36.27 21.54 -29.05
N SER B 234 36.53 20.54 -28.23
CA SER B 234 37.71 20.56 -27.36
C SER B 234 38.65 19.71 -28.16
N GLU B 235 39.50 20.33 -28.97
CA GLU B 235 40.43 19.54 -29.77
C GLU B 235 41.64 19.09 -29.01
N LYS B 236 42.26 18.04 -29.54
CA LYS B 236 43.43 17.45 -28.93
C LYS B 236 44.40 18.54 -28.55
N GLY B 237 44.92 18.47 -27.33
CA GLY B 237 45.88 19.44 -26.87
C GLY B 237 45.35 20.65 -26.12
N LEU B 238 44.08 20.99 -26.27
CA LEU B 238 43.53 22.15 -25.59
C LEU B 238 43.87 22.04 -24.11
N PHE B 239 43.28 21.06 -23.41
CA PHE B 239 43.58 20.84 -22.00
C PHE B 239 43.92 19.37 -21.83
N GLN B 240 44.77 19.05 -20.85
CA GLN B 240 45.21 17.67 -20.65
C GLN B 240 44.59 16.84 -19.55
N ARG B 241 44.10 17.48 -18.48
CA ARG B 241 43.52 16.71 -17.37
C ARG B 241 42.18 17.25 -16.92
N ALA B 242 41.43 16.44 -16.17
CA ALA B 242 40.12 16.86 -15.65
C ALA B 242 39.81 16.30 -14.28
N ILE B 243 39.18 17.11 -13.46
CA ILE B 243 38.77 16.70 -12.12
C ILE B 243 37.28 17.05 -12.00
N ALA B 244 36.42 16.05 -11.89
CA ALA B 244 34.98 16.28 -11.79
C ALA B 244 34.55 15.91 -10.40
N GLN B 245 34.43 16.89 -9.52
CA GLN B 245 34.04 16.66 -8.12
C GLN B 245 32.52 16.69 -7.93
N SER B 246 31.94 15.57 -7.47
CA SER B 246 30.50 15.52 -7.23
C SER B 246 29.75 16.04 -8.45
N GLY B 247 29.99 15.43 -9.61
CA GLY B 247 29.29 15.91 -10.80
C GLY B 247 29.63 15.19 -12.10
N THR B 248 28.62 14.96 -12.92
CA THR B 248 28.85 14.27 -14.18
C THR B 248 28.00 14.76 -15.31
N ALA B 249 28.20 14.13 -16.46
CA ALA B 249 27.44 14.47 -17.63
C ALA B 249 26.30 13.47 -17.67
N LEU B 250 26.31 12.53 -16.73
CA LEU B 250 25.32 11.48 -16.68
C LEU B 250 24.13 11.70 -15.75
N SER B 251 24.20 12.69 -14.87
CA SER B 251 23.10 12.93 -13.95
C SER B 251 21.86 13.44 -14.65
N SER B 252 20.71 13.24 -14.00
CA SER B 252 19.43 13.66 -14.57
C SER B 252 19.33 15.15 -14.85
N TRP B 253 20.05 15.95 -14.10
CA TRP B 253 20.02 17.40 -14.25
C TRP B 253 21.23 18.00 -14.96
N ALA B 254 21.97 17.18 -15.69
CA ALA B 254 23.17 17.66 -16.38
C ALA B 254 22.84 18.19 -17.76
N VAL B 255 21.75 17.70 -18.32
CA VAL B 255 21.32 18.09 -19.65
C VAL B 255 19.82 18.37 -19.70
N SER B 256 19.43 19.25 -20.60
CA SER B 256 18.02 19.58 -20.80
C SER B 256 17.57 18.86 -22.07
N PHE B 257 16.55 18.01 -21.95
CA PHE B 257 16.09 17.26 -23.10
C PHE B 257 14.82 17.82 -23.72
N GLN B 258 14.30 18.88 -23.11
CA GLN B 258 13.10 19.53 -23.62
C GLN B 258 13.42 21.02 -23.65
N PRO B 259 14.42 21.38 -24.45
CA PRO B 259 14.88 22.77 -24.61
C PRO B 259 13.84 23.69 -25.22
N ALA B 260 13.02 23.12 -26.11
CA ALA B 260 11.96 23.88 -26.77
C ALA B 260 10.85 24.18 -25.78
N LYS B 261 10.29 23.13 -25.18
CA LYS B 261 9.21 23.29 -24.21
C LYS B 261 9.45 24.45 -23.25
N TYR B 262 10.63 24.47 -22.62
CA TYR B 262 10.95 25.51 -21.67
C TYR B 262 11.36 26.81 -22.32
N ALA B 263 11.67 26.77 -23.61
CA ALA B 263 12.06 27.98 -24.30
C ALA B 263 10.80 28.77 -24.58
N ARG B 264 9.78 28.06 -25.08
CA ARG B 264 8.47 28.65 -25.39
C ARG B 264 7.76 29.13 -24.13
N ILE B 265 7.95 28.40 -23.03
CA ILE B 265 7.33 28.79 -21.77
C ILE B 265 7.94 30.10 -21.32
N LEU B 266 9.20 30.32 -21.67
CA LEU B 266 9.90 31.55 -21.31
C LEU B 266 9.41 32.63 -22.27
N ALA B 267 9.15 32.21 -23.51
CA ALA B 267 8.67 33.12 -24.53
C ALA B 267 7.27 33.61 -24.11
N THR B 268 6.38 32.67 -23.84
CA THR B 268 5.02 32.99 -23.40
C THR B 268 5.03 33.98 -22.24
N LYS B 269 5.88 33.74 -21.24
CA LYS B 269 5.94 34.62 -20.07
C LYS B 269 6.39 36.06 -20.33
N VAL B 270 7.06 36.31 -21.45
CA VAL B 270 7.49 37.67 -21.76
C VAL B 270 6.81 38.12 -23.07
N GLY B 271 5.71 37.44 -23.40
CA GLY B 271 4.97 37.74 -24.61
C GLY B 271 5.81 37.59 -25.84
N CYS B 272 5.92 36.36 -26.33
CA CYS B 272 6.73 36.09 -27.51
C CYS B 272 6.47 34.73 -28.15
N ASN B 273 5.64 33.88 -27.52
CA ASN B 273 5.38 32.55 -28.07
C ASN B 273 4.80 32.57 -29.49
N VAL B 274 5.55 33.10 -30.45
CA VAL B 274 5.09 33.14 -31.85
C VAL B 274 5.21 31.72 -32.39
N SER B 275 4.58 31.44 -33.52
CA SER B 275 4.65 30.10 -34.07
C SER B 275 6.00 29.81 -34.72
N ASP B 276 6.70 30.85 -35.14
CA ASP B 276 8.00 30.64 -35.78
C ASP B 276 9.16 30.88 -34.83
N THR B 277 10.05 29.89 -34.74
CA THR B 277 11.23 29.96 -33.89
C THR B 277 12.05 31.23 -34.12
N VAL B 278 12.58 31.39 -35.33
CA VAL B 278 13.40 32.55 -35.68
C VAL B 278 12.84 33.88 -35.20
N GLU B 279 11.52 34.02 -35.23
CA GLU B 279 10.88 35.25 -34.76
C GLU B 279 10.96 35.30 -33.23
N LEU B 280 10.72 34.13 -32.62
CA LEU B 280 10.75 33.98 -31.18
C LEU B 280 12.13 34.33 -30.63
N VAL B 281 13.18 33.92 -31.34
CA VAL B 281 14.55 34.21 -30.92
C VAL B 281 14.78 35.73 -30.98
N GLU B 282 14.42 36.33 -32.12
CA GLU B 282 14.59 37.76 -32.31
C GLU B 282 13.79 38.52 -31.26
N CYS B 283 12.60 38.03 -30.96
CA CYS B 283 11.73 38.63 -29.97
C CYS B 283 12.50 38.75 -28.66
N LEU B 284 13.06 37.63 -28.21
CA LEU B 284 13.82 37.58 -26.97
C LEU B 284 15.13 38.33 -27.08
N GLN B 285 15.73 38.33 -28.28
CA GLN B 285 16.99 39.03 -28.49
C GLN B 285 16.87 40.52 -28.23
N LYS B 286 15.66 40.95 -27.92
CA LYS B 286 15.38 42.36 -27.66
C LYS B 286 15.14 42.67 -26.18
N LYS B 287 14.19 41.97 -25.58
CA LYS B 287 13.85 42.15 -24.17
C LYS B 287 15.06 42.47 -23.28
N PRO B 288 14.88 43.36 -22.28
CA PRO B 288 15.98 43.73 -21.37
C PRO B 288 16.52 42.47 -20.72
N TYR B 289 17.84 42.30 -20.71
CA TYR B 289 18.39 41.08 -20.13
C TYR B 289 17.77 40.74 -18.77
N LYS B 290 17.48 41.77 -17.97
CA LYS B 290 16.91 41.57 -16.65
C LYS B 290 15.45 41.09 -16.65
N GLU B 291 14.77 41.25 -17.78
CA GLU B 291 13.37 40.84 -17.89
C GLU B 291 13.27 39.33 -18.12
N LEU B 292 14.22 38.80 -18.90
CA LEU B 292 14.27 37.39 -19.21
C LEU B 292 14.74 36.59 -17.99
N VAL B 293 15.76 37.13 -17.32
CA VAL B 293 16.36 36.51 -16.14
C VAL B 293 15.46 36.49 -14.90
N ASP B 294 14.39 37.26 -14.93
CA ASP B 294 13.51 37.29 -13.77
C ASP B 294 12.22 36.51 -13.91
N GLN B 295 12.04 35.86 -15.04
CA GLN B 295 10.83 35.06 -15.23
C GLN B 295 10.83 33.92 -14.24
N ASP B 296 10.07 32.88 -14.52
CA ASP B 296 10.03 31.74 -13.60
C ASP B 296 9.64 30.45 -14.32
N VAL B 297 10.57 29.92 -15.09
CA VAL B 297 10.34 28.69 -15.80
C VAL B 297 10.69 27.55 -14.85
N GLN B 298 9.71 26.71 -14.54
CA GLN B 298 9.90 25.58 -13.63
C GLN B 298 10.04 24.23 -14.34
N PRO B 299 11.13 23.50 -14.06
CA PRO B 299 11.42 22.19 -14.64
C PRO B 299 10.92 21.05 -13.76
N ALA B 300 10.73 19.87 -14.34
CA ALA B 300 10.26 18.72 -13.55
C ALA B 300 11.28 18.48 -12.43
N ARG B 301 10.82 18.08 -11.26
CA ARG B 301 11.74 17.87 -10.15
C ARG B 301 12.90 16.97 -10.56
N TYR B 302 14.09 17.30 -10.07
CA TYR B 302 15.33 16.57 -10.37
C TYR B 302 15.75 16.74 -11.83
N HIS B 303 15.27 17.80 -12.48
CA HIS B 303 15.63 18.10 -13.86
C HIS B 303 15.88 19.57 -14.03
N ILE B 304 16.49 19.94 -15.15
CA ILE B 304 16.79 21.34 -15.42
C ILE B 304 15.95 21.90 -16.54
N ALA B 305 15.67 23.19 -16.46
CA ALA B 305 14.87 23.90 -17.46
C ALA B 305 15.84 24.36 -18.53
N PHE B 306 16.85 25.13 -18.11
CA PHE B 306 17.85 25.64 -19.03
C PHE B 306 19.23 25.08 -18.69
N GLY B 307 19.94 24.63 -19.72
CA GLY B 307 21.26 24.07 -19.51
C GLY B 307 21.80 23.44 -20.77
N PRO B 308 22.90 22.67 -20.70
CA PRO B 308 23.47 22.03 -21.87
C PRO B 308 22.41 21.20 -22.55
N VAL B 309 22.47 21.15 -23.89
CA VAL B 309 21.48 20.43 -24.69
C VAL B 309 22.15 19.63 -25.79
N ILE B 310 21.59 18.47 -26.10
CA ILE B 310 22.15 17.62 -27.16
C ILE B 310 21.85 18.29 -28.49
N ASP B 311 22.79 19.11 -28.97
CA ASP B 311 22.59 19.85 -30.22
C ASP B 311 23.07 19.16 -31.47
N GLY B 312 23.81 18.07 -31.29
CA GLY B 312 24.30 17.35 -32.45
C GLY B 312 25.66 17.78 -32.92
N ASP B 313 26.09 18.96 -32.46
CA ASP B 313 27.39 19.48 -32.85
C ASP B 313 28.33 19.60 -31.63
N VAL B 314 28.05 20.57 -30.77
CA VAL B 314 28.83 20.76 -29.57
C VAL B 314 28.68 19.49 -28.71
N ILE B 315 27.43 19.08 -28.49
CA ILE B 315 27.14 17.84 -27.75
C ILE B 315 26.50 16.95 -28.81
N PRO B 316 27.33 16.18 -29.52
CA PRO B 316 27.00 15.24 -30.59
C PRO B 316 25.87 14.25 -30.40
N ASP B 317 25.77 13.70 -29.20
CA ASP B 317 24.74 12.71 -28.92
C ASP B 317 24.49 12.74 -27.42
N ASP B 318 23.70 11.80 -26.93
CA ASP B 318 23.42 11.70 -25.51
C ASP B 318 24.70 11.32 -24.76
N PRO B 319 25.10 12.13 -23.78
CA PRO B 319 26.32 11.84 -23.02
C PRO B 319 26.50 10.36 -22.70
N GLN B 320 25.45 9.75 -22.17
CA GLN B 320 25.49 8.35 -21.80
C GLN B 320 25.92 7.44 -22.94
N ILE B 321 25.56 7.79 -24.18
CA ILE B 321 25.94 6.93 -25.30
C ILE B 321 27.38 7.21 -25.68
N LEU B 322 27.71 8.49 -25.85
CA LEU B 322 29.06 8.89 -26.20
C LEU B 322 30.05 8.16 -25.27
N MET B 323 29.71 8.15 -23.99
CA MET B 323 30.53 7.51 -22.96
C MET B 323 30.74 6.02 -23.21
N GLU B 324 29.68 5.33 -23.61
CA GLU B 324 29.78 3.92 -23.87
C GLU B 324 30.54 3.62 -25.17
N GLN B 325 30.51 4.56 -26.11
CA GLN B 325 31.17 4.38 -27.39
C GLN B 325 32.59 4.94 -27.41
N GLY B 326 33.07 5.36 -26.24
CA GLY B 326 34.41 5.92 -26.15
C GLY B 326 34.60 7.19 -26.97
N GLU B 327 33.51 7.89 -27.25
CA GLU B 327 33.63 9.10 -28.03
C GLU B 327 34.18 10.30 -27.28
N PHE B 328 35.36 10.10 -26.71
CA PHE B 328 36.06 11.14 -26.00
C PHE B 328 37.54 10.92 -26.15
N LEU B 329 38.31 11.99 -26.06
CA LEU B 329 39.77 11.90 -26.18
C LEU B 329 40.30 11.42 -24.85
N ASN B 330 41.60 11.17 -24.81
CA ASN B 330 42.16 10.67 -23.57
C ASN B 330 42.73 11.79 -22.74
N TYR B 331 42.35 11.82 -21.47
CA TYR B 331 42.82 12.82 -20.52
C TYR B 331 43.15 12.09 -19.23
N ASP B 332 43.77 12.80 -18.30
CA ASP B 332 44.04 12.21 -17.02
C ASP B 332 42.79 12.62 -16.25
N ILE B 333 42.03 11.63 -15.78
CA ILE B 333 40.79 11.89 -15.08
C ILE B 333 40.81 11.58 -13.60
N MET B 334 40.23 12.49 -12.83
CA MET B 334 40.11 12.30 -11.40
C MET B 334 38.71 12.75 -11.05
N LEU B 335 37.94 11.90 -10.38
CA LEU B 335 36.60 12.27 -10.01
C LEU B 335 36.17 11.51 -8.77
N GLY B 336 35.13 12.01 -8.12
CA GLY B 336 34.63 11.39 -6.91
C GLY B 336 33.36 12.03 -6.35
N VAL B 337 32.90 11.46 -5.24
CA VAL B 337 31.68 11.89 -4.57
C VAL B 337 31.93 12.03 -3.08
N ASN B 338 30.97 12.62 -2.36
CA ASN B 338 31.07 12.83 -0.92
C ASN B 338 30.09 11.85 -0.27
N GLN B 339 30.32 11.50 0.98
CA GLN B 339 29.44 10.56 1.67
C GLN B 339 27.93 10.86 1.63
N GLY B 340 27.53 12.03 2.12
CA GLY B 340 26.13 12.38 2.13
C GLY B 340 25.72 13.49 1.20
N GLU B 341 26.06 13.35 -0.07
CA GLU B 341 25.73 14.34 -1.09
C GLU B 341 24.32 14.90 -0.90
N GLY B 342 23.33 14.02 -1.04
CA GLY B 342 21.95 14.44 -0.93
C GLY B 342 21.43 14.78 0.44
N LEU B 343 22.13 15.67 1.16
CA LEU B 343 21.65 16.05 2.47
C LEU B 343 20.29 16.71 2.29
N LYS B 344 20.27 17.83 1.57
CA LYS B 344 19.03 18.58 1.34
C LYS B 344 17.83 17.75 0.94
N PHE B 345 18.06 16.60 0.33
CA PHE B 345 16.96 15.75 -0.09
C PHE B 345 16.11 15.29 1.10
N VAL B 346 16.76 14.83 2.16
CA VAL B 346 16.06 14.35 3.34
C VAL B 346 15.94 15.40 4.43
N GLU B 347 16.93 16.28 4.55
CA GLU B 347 16.92 17.33 5.57
C GLU B 347 15.56 17.98 5.62
N ASN B 348 14.86 17.89 4.50
CA ASN B 348 13.52 18.42 4.30
C ASN B 348 12.50 17.96 5.37
N ILE B 349 12.49 16.65 5.66
CA ILE B 349 11.55 16.06 6.62
C ILE B 349 12.15 15.18 7.73
N VAL B 350 13.15 15.71 8.44
CA VAL B 350 13.78 14.98 9.55
C VAL B 350 13.26 15.55 10.85
N ASP B 351 12.30 14.87 11.48
CA ASP B 351 11.72 15.36 12.72
C ASP B 351 12.73 15.74 13.80
N SER B 352 12.20 16.40 14.83
CA SER B 352 12.96 16.87 15.98
C SER B 352 13.85 15.83 16.65
N ASP B 353 13.48 14.57 16.52
CA ASP B 353 14.24 13.48 17.12
C ASP B 353 15.19 12.87 16.09
N ASP B 354 15.56 13.67 15.09
CA ASP B 354 16.47 13.24 14.02
C ASP B 354 16.06 11.94 13.34
N GLY B 355 14.76 11.72 13.15
CA GLY B 355 14.34 10.49 12.51
C GLY B 355 13.53 10.71 11.24
N VAL B 356 13.02 9.62 10.69
CA VAL B 356 12.20 9.69 9.48
C VAL B 356 11.06 8.72 9.65
N SER B 357 9.83 9.23 9.55
CA SER B 357 8.65 8.37 9.68
C SER B 357 8.55 7.39 8.53
N ALA B 358 8.36 6.12 8.86
CA ALA B 358 8.25 5.10 7.83
C ALA B 358 7.28 5.49 6.73
N SER B 359 6.31 6.32 7.04
CA SER B 359 5.35 6.74 6.02
C SER B 359 5.94 7.83 5.13
N ASP B 360 6.86 8.63 5.69
CA ASP B 360 7.54 9.70 4.95
C ASP B 360 8.56 9.05 4.03
N PHE B 361 9.15 7.96 4.50
CA PHE B 361 10.12 7.22 3.72
C PHE B 361 9.38 6.53 2.58
N ASP B 362 8.36 5.76 2.92
CA ASP B 362 7.57 5.06 1.89
C ASP B 362 7.12 6.05 0.85
N PHE B 363 6.87 7.27 1.29
CA PHE B 363 6.42 8.32 0.39
C PHE B 363 7.56 8.87 -0.48
N ALA B 364 8.61 9.36 0.17
CA ALA B 364 9.76 9.93 -0.52
C ALA B 364 10.20 9.08 -1.71
N VAL B 365 10.18 7.76 -1.53
CA VAL B 365 10.57 6.84 -2.59
C VAL B 365 9.53 6.85 -3.70
N SER B 366 8.27 6.52 -3.39
CA SER B 366 7.21 6.47 -4.38
C SER B 366 7.21 7.71 -5.23
N ASN B 367 7.56 8.83 -4.60
CA ASN B 367 7.64 10.11 -5.25
C ASN B 367 8.89 10.18 -6.15
N PHE B 368 10.04 9.84 -5.57
CA PHE B 368 11.33 9.81 -6.27
C PHE B 368 11.19 8.95 -7.53
N VAL B 369 10.49 7.84 -7.41
CA VAL B 369 10.30 6.97 -8.56
C VAL B 369 9.41 7.63 -9.61
N ASP B 370 8.34 8.28 -9.18
CA ASP B 370 7.44 8.93 -10.13
C ASP B 370 8.16 9.93 -11.03
N ASN B 371 9.09 10.68 -10.47
CA ASN B 371 9.84 11.69 -11.22
C ASN B 371 10.99 11.18 -12.07
N LEU B 372 11.70 10.17 -11.59
CA LEU B 372 12.84 9.64 -12.34
C LEU B 372 12.46 8.49 -13.25
N TYR B 373 11.31 7.89 -13.00
CA TYR B 373 10.87 6.77 -13.81
C TYR B 373 9.33 6.84 -13.92
N GLY B 374 8.83 7.44 -15.00
CA GLY B 374 7.38 7.55 -15.15
C GLY B 374 6.74 6.50 -16.07
N VAL B 381 6.51 -1.01 -8.59
CA VAL B 381 7.26 -2.27 -8.72
C VAL B 381 8.78 -2.16 -8.54
N LEU B 382 9.38 -1.12 -9.12
CA LEU B 382 10.80 -0.85 -8.97
C LEU B 382 10.75 -0.29 -7.58
N ARG B 383 9.65 0.43 -7.35
CA ARG B 383 9.33 1.09 -6.10
C ARG B 383 9.51 0.16 -4.91
N GLU B 384 8.93 -1.02 -4.99
CA GLU B 384 9.04 -1.97 -3.90
C GLU B 384 10.46 -2.48 -3.79
N THR B 385 11.13 -2.61 -4.94
CA THR B 385 12.51 -3.08 -4.99
C THR B 385 13.47 -2.06 -4.37
N ILE B 386 13.22 -0.79 -4.63
CA ILE B 386 14.06 0.27 -4.07
C ILE B 386 13.90 0.25 -2.55
N LYS B 387 12.65 0.26 -2.09
CA LYS B 387 12.33 0.27 -0.67
C LYS B 387 13.01 -0.87 0.05
N PHE B 388 12.99 -2.04 -0.58
CA PHE B 388 13.65 -3.18 0.04
C PHE B 388 15.14 -2.90 0.16
N MET B 389 15.76 -2.61 -0.97
CA MET B 389 17.19 -2.34 -1.01
C MET B 389 17.68 -1.28 -0.06
N TYR B 390 16.82 -0.35 0.30
CA TYR B 390 17.22 0.72 1.20
C TYR B 390 16.66 0.71 2.63
N THR B 391 16.49 -0.49 3.19
CA THR B 391 15.97 -0.68 4.53
C THR B 391 16.88 -1.62 5.29
N ASP B 392 17.55 -1.16 6.34
CA ASP B 392 18.42 -2.04 7.10
C ASP B 392 17.52 -2.92 7.93
N TRP B 393 17.22 -4.12 7.43
CA TRP B 393 16.32 -5.05 8.11
C TRP B 393 16.77 -5.53 9.49
N ALA B 394 18.07 -5.38 9.75
CA ALA B 394 18.62 -5.75 11.04
C ALA B 394 18.36 -4.60 12.00
N ASP B 395 17.35 -3.77 11.68
CA ASP B 395 17.00 -2.60 12.48
C ASP B 395 15.87 -1.89 11.71
N ARG B 396 14.96 -2.68 11.16
CA ARG B 396 13.88 -2.13 10.34
C ARG B 396 12.94 -1.12 10.98
N HIS B 397 13.29 -0.61 12.16
CA HIS B 397 12.42 0.37 12.83
C HIS B 397 13.10 1.65 13.33
N ASN B 398 14.42 1.63 13.44
CA ASN B 398 15.16 2.80 13.90
C ASN B 398 14.96 3.96 12.92
N PRO B 399 14.31 5.04 13.36
CA PRO B 399 14.05 6.20 12.49
C PRO B 399 15.29 6.96 12.07
N GLU B 400 16.33 6.91 12.91
CA GLU B 400 17.58 7.59 12.59
C GLU B 400 18.26 6.83 11.45
N THR B 401 18.16 5.52 11.48
CA THR B 401 18.74 4.69 10.45
C THR B 401 17.89 4.86 9.22
N ARG B 402 16.57 4.80 9.42
CA ARG B 402 15.64 4.95 8.31
C ARG B 402 15.96 6.21 7.51
N ARG B 403 16.62 7.16 8.14
CA ARG B 403 16.98 8.41 7.49
C ARG B 403 18.27 8.26 6.73
N LYS B 404 19.28 7.70 7.40
CA LYS B 404 20.60 7.51 6.78
C LYS B 404 20.41 6.84 5.43
N THR B 405 19.67 5.73 5.42
CA THR B 405 19.45 5.03 4.18
C THR B 405 18.64 5.86 3.19
N LEU B 406 17.63 6.56 3.68
CA LEU B 406 16.83 7.35 2.75
C LEU B 406 17.71 8.38 2.06
N LEU B 407 18.71 8.88 2.78
CA LEU B 407 19.61 9.88 2.20
C LEU B 407 20.56 9.20 1.20
N ALA B 408 21.00 7.99 1.52
CA ALA B 408 21.87 7.26 0.63
C ALA B 408 21.17 7.08 -0.70
N LEU B 409 19.88 6.79 -0.67
CA LEU B 409 19.12 6.57 -1.88
C LEU B 409 19.44 7.68 -2.87
N PHE B 410 19.14 8.92 -2.50
CA PHE B 410 19.41 10.05 -3.37
C PHE B 410 20.90 10.04 -3.70
N THR B 411 21.75 10.16 -2.69
CA THR B 411 23.20 10.18 -2.87
C THR B 411 23.72 9.15 -3.86
N ASP B 412 23.29 7.92 -3.69
CA ASP B 412 23.74 6.86 -4.58
C ASP B 412 23.31 7.14 -6.00
N HIS B 413 22.01 7.29 -6.20
CA HIS B 413 21.45 7.52 -7.52
C HIS B 413 21.88 8.80 -8.25
N GLN B 414 21.79 9.95 -7.58
CA GLN B 414 22.15 11.22 -8.19
C GLN B 414 23.63 11.53 -8.31
N TRP B 415 24.45 10.90 -7.49
CA TRP B 415 25.89 11.15 -7.54
C TRP B 415 26.77 9.94 -7.69
N VAL B 416 26.78 9.04 -6.71
CA VAL B 416 27.66 7.88 -6.76
C VAL B 416 27.56 6.99 -7.99
N ALA B 417 26.36 6.59 -8.37
CA ALA B 417 26.19 5.72 -9.53
C ALA B 417 26.74 6.32 -10.83
N PRO B 418 26.35 7.55 -11.17
CA PRO B 418 26.82 8.20 -12.40
C PRO B 418 28.33 8.38 -12.42
N ALA B 419 28.86 8.68 -11.24
CA ALA B 419 30.30 8.88 -11.03
C ALA B 419 31.03 7.59 -11.38
N VAL B 420 30.70 6.52 -10.69
CA VAL B 420 31.32 5.23 -10.98
C VAL B 420 31.14 4.91 -12.46
N ALA B 421 29.93 5.13 -12.97
CA ALA B 421 29.63 4.86 -14.37
C ALA B 421 30.71 5.51 -15.25
N THR B 422 30.96 6.79 -14.99
CA THR B 422 31.97 7.55 -15.73
C THR B 422 33.37 6.95 -15.56
N ALA B 423 33.82 6.78 -14.32
CA ALA B 423 35.14 6.21 -14.04
C ALA B 423 35.37 4.87 -14.73
N ASP B 424 34.34 4.04 -14.75
CA ASP B 424 34.41 2.73 -15.37
C ASP B 424 34.69 2.79 -16.87
N LEU B 425 34.06 3.74 -17.55
CA LEU B 425 34.24 3.90 -18.98
C LEU B 425 35.51 4.65 -19.35
N HIS B 426 35.80 5.70 -18.60
CA HIS B 426 36.98 6.50 -18.84
C HIS B 426 38.21 5.64 -18.72
N SER B 427 38.20 4.67 -17.82
CA SER B 427 39.34 3.78 -17.66
C SER B 427 39.34 2.73 -18.78
N ASN B 428 38.23 2.03 -18.97
CA ASN B 428 38.11 1.02 -20.01
C ASN B 428 38.51 1.59 -21.38
N PHE B 429 38.75 2.89 -21.47
CA PHE B 429 39.14 3.41 -22.76
C PHE B 429 40.52 4.04 -22.80
N GLY B 430 41.37 3.67 -21.83
CA GLY B 430 42.72 4.17 -21.83
C GLY B 430 43.04 5.31 -20.88
N SER B 431 42.08 6.19 -20.62
CA SER B 431 42.31 7.32 -19.72
C SER B 431 42.72 6.89 -18.31
N PRO B 432 43.82 7.46 -17.79
CA PRO B 432 44.30 7.13 -16.45
C PRO B 432 43.32 7.77 -15.50
N THR B 433 42.64 6.96 -14.69
CA THR B 433 41.63 7.50 -13.80
C THR B 433 41.93 7.28 -12.34
N TYR B 434 41.50 8.21 -11.50
CA TYR B 434 41.65 8.11 -10.04
C TYR B 434 40.29 8.47 -9.48
N PHE B 435 39.78 7.68 -8.53
CA PHE B 435 38.45 7.93 -7.95
C PHE B 435 38.58 8.13 -6.47
N TYR B 436 37.77 9.01 -5.92
CA TYR B 436 37.81 9.29 -4.49
C TYR B 436 36.43 9.43 -3.85
N ALA B 437 36.36 9.13 -2.55
CA ALA B 437 35.13 9.25 -1.79
C ALA B 437 35.49 10.19 -0.63
N PHE B 438 34.73 11.25 -0.46
CA PHE B 438 35.02 12.23 0.57
C PHE B 438 34.21 12.07 1.85
N TYR B 439 34.85 11.65 2.94
CA TYR B 439 34.17 11.46 4.21
C TYR B 439 34.67 12.39 5.30
N HIS B 440 34.42 13.68 5.17
CA HIS B 440 34.84 14.64 6.20
C HIS B 440 34.34 16.02 5.85
N HIS B 441 33.69 16.65 6.79
CA HIS B 441 33.17 17.98 6.55
C HIS B 441 33.51 18.87 7.72
N CYS B 442 33.20 20.14 7.59
CA CYS B 442 33.47 21.07 8.65
C CYS B 442 32.20 21.13 9.48
N GLN B 443 32.34 20.94 10.79
CA GLN B 443 31.21 20.94 11.69
C GLN B 443 30.82 22.34 12.16
N THR B 444 29.70 22.85 11.64
CA THR B 444 29.21 24.17 12.07
C THR B 444 27.84 23.93 12.72
N ASP B 445 27.10 25.02 12.91
CA ASP B 445 25.78 24.93 13.53
C ASP B 445 24.68 25.04 12.47
N GLN B 446 25.08 25.35 11.23
CA GLN B 446 24.13 25.49 10.12
C GLN B 446 23.76 24.12 9.53
N VAL B 447 24.68 23.18 9.63
CA VAL B 447 24.46 21.82 9.14
C VAL B 447 24.24 20.96 10.37
N PRO B 448 23.15 20.19 10.39
CA PRO B 448 22.84 19.30 11.52
C PRO B 448 24.05 18.45 11.92
N ALA B 449 24.05 17.93 13.15
CA ALA B 449 25.16 17.11 13.61
C ALA B 449 25.17 15.72 12.96
N TRP B 450 23.99 15.15 12.76
CA TRP B 450 23.85 13.83 12.15
C TRP B 450 24.16 13.82 10.66
N ALA B 451 24.41 14.99 10.08
CA ALA B 451 24.71 15.08 8.66
C ALA B 451 26.16 14.75 8.41
N ASP B 452 26.51 14.50 7.15
CA ASP B 452 27.88 14.16 6.80
C ASP B 452 28.30 15.05 5.65
N ALA B 453 29.42 14.71 5.03
CA ALA B 453 29.92 15.46 3.90
C ALA B 453 28.78 15.62 2.92
N ALA B 454 28.27 16.85 2.82
CA ALA B 454 27.18 17.15 1.92
C ALA B 454 27.71 17.68 0.59
N HIS B 455 26.82 17.88 -0.37
CA HIS B 455 27.22 18.37 -1.66
C HIS B 455 28.05 19.66 -1.57
N GLY B 456 29.31 19.58 -1.96
CA GLY B 456 30.16 20.76 -1.94
C GLY B 456 31.05 20.98 -0.73
N ASP B 457 30.93 20.13 0.28
CA ASP B 457 31.76 20.29 1.47
C ASP B 457 33.24 20.09 1.19
N GLU B 458 33.57 19.66 -0.02
CA GLU B 458 34.96 19.43 -0.38
C GLU B 458 35.59 20.70 -0.91
N VAL B 459 34.76 21.58 -1.48
CA VAL B 459 35.26 22.83 -2.05
C VAL B 459 36.17 23.64 -1.17
N PRO B 460 35.79 23.86 0.09
CA PRO B 460 36.67 24.64 0.98
C PRO B 460 37.99 23.96 1.30
N TYR B 461 38.08 22.65 1.12
CA TYR B 461 39.32 21.97 1.38
C TYR B 461 40.16 21.97 0.13
N VAL B 462 39.50 22.05 -1.03
CA VAL B 462 40.24 22.08 -2.28
C VAL B 462 40.76 23.48 -2.52
N LEU B 463 40.13 24.48 -1.90
CA LEU B 463 40.59 25.84 -2.09
C LEU B 463 41.52 26.33 -0.98
N GLY B 464 41.83 25.40 -0.06
CA GLY B 464 42.72 25.69 1.04
C GLY B 464 42.22 26.72 2.03
N ILE B 465 40.92 26.91 2.10
CA ILE B 465 40.32 27.87 3.03
C ILE B 465 40.80 27.68 4.47
N PRO B 466 40.81 26.44 4.97
CA PRO B 466 41.26 26.21 6.35
C PRO B 466 42.58 26.88 6.70
N MET B 467 43.48 26.97 5.72
CA MET B 467 44.79 27.58 5.94
C MET B 467 44.75 29.12 6.13
N ILE B 468 43.59 29.72 5.94
CA ILE B 468 43.46 31.17 6.12
C ILE B 468 42.33 31.47 7.10
N GLY B 469 41.95 30.46 7.88
CA GLY B 469 40.90 30.63 8.87
C GLY B 469 39.55 30.98 8.27
N PRO B 470 38.47 30.89 9.05
CA PRO B 470 37.12 31.20 8.60
C PRO B 470 37.07 32.43 7.70
N THR B 471 36.14 32.44 6.74
CA THR B 471 35.99 33.57 5.84
C THR B 471 34.52 33.91 5.77
N GLU B 472 34.19 35.09 5.25
CA GLU B 472 32.80 35.51 5.16
C GLU B 472 31.97 34.47 4.40
N LEU B 473 32.58 33.86 3.40
CA LEU B 473 31.89 32.84 2.63
C LEU B 473 31.81 31.56 3.44
N PHE B 474 32.98 31.04 3.85
CA PHE B 474 33.08 29.82 4.65
C PHE B 474 33.35 30.14 6.12
N PRO B 475 32.28 30.40 6.89
CA PRO B 475 32.32 30.74 8.31
C PRO B 475 32.89 29.71 9.27
N CYS B 476 32.56 28.44 9.06
CA CYS B 476 33.03 27.36 9.94
C CYS B 476 34.38 27.60 10.66
N ASN B 477 34.45 27.23 11.93
CA ASN B 477 35.66 27.41 12.74
C ASN B 477 36.60 26.23 12.60
N PHE B 478 37.29 26.18 11.46
CA PHE B 478 38.22 25.11 11.13
C PHE B 478 39.17 24.66 12.22
N SER B 479 39.18 23.36 12.47
CA SER B 479 40.05 22.78 13.49
C SER B 479 41.43 22.57 12.91
N LYS B 480 42.36 22.08 13.71
CA LYS B 480 43.72 21.85 13.23
C LYS B 480 43.68 20.72 12.21
N ASN B 481 42.71 19.83 12.35
CA ASN B 481 42.57 18.71 11.43
C ASN B 481 42.12 19.21 10.07
N ASP B 482 41.13 20.10 10.06
CA ASP B 482 40.61 20.66 8.83
C ASP B 482 41.74 21.28 8.01
N VAL B 483 42.60 22.06 8.66
CA VAL B 483 43.72 22.68 7.96
C VAL B 483 44.73 21.63 7.51
N MET B 484 44.86 20.60 8.33
CA MET B 484 45.77 19.50 8.02
C MET B 484 45.24 18.78 6.78
N LEU B 485 44.00 18.30 6.88
CA LEU B 485 43.34 17.57 5.78
C LEU B 485 43.24 18.46 4.53
N SER B 486 43.13 19.77 4.74
CA SER B 486 43.07 20.68 3.60
C SER B 486 44.38 20.60 2.82
N ALA B 487 45.49 20.48 3.54
CA ALA B 487 46.78 20.39 2.89
C ALA B 487 46.90 19.06 2.15
N VAL B 488 46.48 17.96 2.80
CA VAL B 488 46.55 16.63 2.19
C VAL B 488 45.83 16.62 0.84
N VAL B 489 44.66 17.26 0.80
CA VAL B 489 43.84 17.34 -0.40
C VAL B 489 44.52 18.17 -1.49
N MET B 490 44.91 19.40 -1.15
CA MET B 490 45.56 20.29 -2.09
C MET B 490 46.78 19.65 -2.72
N THR B 491 47.57 18.98 -1.91
CA THR B 491 48.77 18.35 -2.44
C THR B 491 48.43 17.30 -3.49
N TYR B 492 47.27 16.67 -3.38
CA TYR B 492 46.85 15.65 -4.36
C TYR B 492 46.46 16.39 -5.61
N TRP B 493 45.44 17.21 -5.47
CA TRP B 493 44.92 18.00 -6.58
C TRP B 493 46.02 18.64 -7.40
N THR B 494 46.98 19.28 -6.74
CA THR B 494 48.07 19.94 -7.47
C THR B 494 49.03 18.95 -8.10
N ASN B 495 49.46 17.94 -7.34
CA ASN B 495 50.35 16.92 -7.89
C ASN B 495 49.73 16.39 -9.15
N PHE B 496 48.42 16.14 -9.06
CA PHE B 496 47.68 15.65 -10.20
C PHE B 496 47.85 16.64 -11.34
N ALA B 497 47.53 17.91 -11.09
CA ALA B 497 47.66 18.99 -12.10
C ALA B 497 49.07 19.11 -12.66
N LYS B 498 50.04 18.74 -11.83
CA LYS B 498 51.44 18.79 -12.18
C LYS B 498 51.84 17.65 -13.06
N THR B 499 51.59 16.43 -12.61
CA THR B 499 52.00 15.24 -13.37
C THR B 499 50.91 14.31 -13.94
N GLY B 500 49.69 14.39 -13.43
CA GLY B 500 48.65 13.49 -13.91
C GLY B 500 48.63 12.27 -13.02
N ASP B 501 49.17 12.46 -11.82
CA ASP B 501 49.25 11.44 -10.81
C ASP B 501 49.21 12.23 -9.51
N PRO B 502 48.18 12.00 -8.69
CA PRO B 502 47.99 12.67 -7.41
C PRO B 502 49.11 12.42 -6.42
N ASN B 503 49.99 11.49 -6.77
CA ASN B 503 51.11 11.14 -5.91
C ASN B 503 52.45 11.76 -6.27
N GLN B 504 52.59 12.26 -7.50
CA GLN B 504 53.83 12.87 -7.91
C GLN B 504 53.62 14.36 -8.16
N PRO B 505 54.62 15.21 -7.83
CA PRO B 505 55.93 14.88 -7.26
C PRO B 505 56.04 14.93 -5.73
N VAL B 506 55.36 15.89 -5.10
CA VAL B 506 55.36 16.09 -3.62
C VAL B 506 55.05 14.85 -2.75
N GLU B 522 51.97 7.43 3.57
CA GLU B 522 51.35 6.24 4.16
C GLU B 522 50.32 5.68 3.19
N VAL B 523 49.81 6.54 2.31
CA VAL B 523 48.82 6.15 1.32
C VAL B 523 49.11 6.61 -0.10
N ALA B 524 49.16 5.63 -0.99
CA ALA B 524 49.38 5.88 -2.41
C ALA B 524 48.02 5.74 -3.03
N TRP B 525 47.57 6.80 -3.69
CA TRP B 525 46.27 6.80 -4.33
C TRP B 525 46.40 5.96 -5.58
N THR B 526 46.18 4.64 -5.45
CA THR B 526 46.30 3.75 -6.58
C THR B 526 45.30 4.12 -7.66
N ARG B 527 45.55 3.67 -8.88
CA ARG B 527 44.67 3.98 -10.00
C ARG B 527 43.37 3.20 -10.07
N TYR B 528 42.36 3.87 -10.60
CA TYR B 528 41.06 3.26 -10.75
C TYR B 528 40.97 2.51 -12.05
N SER B 529 40.60 1.24 -11.96
CA SER B 529 40.43 0.38 -13.11
C SER B 529 39.06 -0.24 -12.89
N GLN B 530 38.39 -0.62 -13.96
CA GLN B 530 37.08 -1.21 -13.82
C GLN B 530 37.10 -2.55 -13.05
N LYS B 531 38.20 -3.29 -13.16
CA LYS B 531 38.30 -4.59 -12.51
C LYS B 531 38.48 -4.57 -11.02
N ASP B 532 39.06 -3.51 -10.46
CA ASP B 532 39.27 -3.47 -9.02
C ASP B 532 38.67 -2.25 -8.35
N GLN B 533 38.37 -1.26 -9.18
CA GLN B 533 37.75 -0.05 -8.70
C GLN B 533 38.33 0.51 -7.40
N LEU B 534 39.64 0.64 -7.32
CA LEU B 534 40.27 1.19 -6.13
C LEU B 534 40.03 2.70 -6.03
N TYR B 535 39.52 3.12 -4.87
CA TYR B 535 39.26 4.54 -4.63
C TYR B 535 39.92 4.99 -3.34
N LEU B 536 40.28 6.27 -3.27
CA LEU B 536 40.90 6.77 -2.04
C LEU B 536 39.82 7.30 -1.11
N HIS B 537 39.70 6.70 0.07
CA HIS B 537 38.71 7.12 1.05
C HIS B 537 39.29 8.33 1.75
N ILE B 538 39.04 9.51 1.20
CA ILE B 538 39.55 10.75 1.77
C ILE B 538 38.77 11.18 2.99
N GLY B 539 39.45 11.15 4.13
CA GLY B 539 38.84 11.53 5.38
C GLY B 539 39.98 11.85 6.33
N LEU B 540 39.80 11.59 7.63
CA LEU B 540 40.88 11.87 8.56
C LEU B 540 41.86 10.73 8.57
N LYS B 541 41.44 9.62 7.97
CA LYS B 541 42.27 8.43 7.86
C LYS B 541 42.37 8.00 6.39
N PRO B 542 42.86 8.89 5.50
CA PRO B 542 42.91 8.41 4.13
C PRO B 542 43.41 6.98 4.01
N ARG B 543 42.77 6.21 3.13
CA ARG B 543 43.18 4.83 2.87
C ARG B 543 42.41 4.28 1.68
N VAL B 544 43.11 3.50 0.85
CA VAL B 544 42.51 2.97 -0.37
C VAL B 544 41.65 1.78 -0.08
N LYS B 545 40.40 1.84 -0.55
CA LYS B 545 39.45 0.75 -0.41
C LYS B 545 39.07 0.39 -1.83
N GLU B 546 38.29 -0.66 -2.02
CA GLU B 546 37.91 -1.06 -3.37
C GLU B 546 36.39 -1.12 -3.51
N HIS B 547 35.92 -1.00 -4.75
CA HIS B 547 34.49 -1.04 -5.07
C HIS B 547 33.60 -0.17 -4.17
N TYR B 548 33.68 1.15 -4.30
CA TYR B 548 32.85 2.01 -3.45
C TYR B 548 31.39 1.66 -3.63
N ARG B 549 30.69 1.51 -2.49
CA ARG B 549 29.25 1.17 -2.49
C ARG B 549 28.84 0.21 -3.62
N ALA B 550 29.72 -0.72 -3.93
CA ALA B 550 29.50 -1.69 -4.99
C ALA B 550 28.07 -2.20 -5.13
N ASN B 551 27.42 -2.44 -4.01
CA ASN B 551 26.07 -2.97 -4.03
C ASN B 551 25.02 -2.10 -4.66
N LYS B 552 24.78 -0.93 -4.08
CA LYS B 552 23.79 -0.02 -4.61
C LYS B 552 24.18 0.43 -6.03
N VAL B 553 25.47 0.70 -6.21
CA VAL B 553 25.97 1.16 -7.50
C VAL B 553 25.50 0.21 -8.57
N ASN B 554 25.44 -1.05 -8.22
CA ASN B 554 25.02 -2.06 -9.16
C ASN B 554 23.51 -2.13 -9.31
N LEU B 555 22.80 -1.85 -8.23
CA LEU B 555 21.35 -1.86 -8.25
C LEU B 555 20.89 -0.86 -9.31
N TRP B 556 21.56 0.28 -9.33
CA TRP B 556 21.22 1.38 -10.23
C TRP B 556 21.74 1.31 -11.67
N LEU B 557 22.94 0.82 -11.86
CA LEU B 557 23.49 0.71 -13.19
C LEU B 557 23.15 -0.65 -13.79
N GLU B 558 22.79 -1.60 -12.94
CA GLU B 558 22.48 -2.96 -13.39
C GLU B 558 21.06 -3.50 -13.27
N LEU B 559 20.58 -3.66 -12.05
CA LEU B 559 19.25 -4.21 -11.84
C LEU B 559 18.12 -3.31 -12.30
N VAL B 560 18.03 -2.11 -11.77
CA VAL B 560 16.95 -1.18 -12.13
C VAL B 560 16.71 -1.11 -13.64
N PRO B 561 17.78 -1.08 -14.44
CA PRO B 561 17.62 -1.02 -15.89
C PRO B 561 17.00 -2.32 -16.42
N HIS B 562 17.60 -3.46 -16.09
CA HIS B 562 17.09 -4.76 -16.51
C HIS B 562 15.59 -4.90 -16.27
N LEU B 563 15.11 -4.33 -15.16
CA LEU B 563 13.70 -4.40 -14.81
C LEU B 563 12.84 -3.47 -15.66
N HIS B 564 13.21 -2.19 -15.67
CA HIS B 564 12.50 -1.16 -16.45
C HIS B 564 12.67 -1.55 -17.93
N ASN B 565 13.17 -2.76 -18.14
CA ASN B 565 13.44 -3.32 -19.46
C ASN B 565 12.50 -4.49 -19.75
N LEU B 566 11.27 -4.41 -19.25
CA LEU B 566 10.29 -5.48 -19.44
C LEU B 566 8.85 -4.97 -19.38
N ASP C 10 18.14 -58.98 34.79
CA ASP C 10 17.16 -59.09 33.68
C ASP C 10 16.14 -57.93 33.69
N PRO C 11 16.04 -57.20 32.56
CA PRO C 11 15.16 -56.04 32.31
C PRO C 11 13.75 -56.36 31.83
N LEU C 12 12.78 -56.30 32.74
CA LEU C 12 11.39 -56.58 32.40
C LEU C 12 10.48 -55.40 32.72
N VAL C 13 9.45 -55.22 31.90
CA VAL C 13 8.48 -54.16 32.09
C VAL C 13 7.12 -54.60 31.58
N THR C 14 6.10 -54.34 32.39
CA THR C 14 4.74 -54.70 32.04
C THR C 14 4.08 -53.49 31.38
N THR C 15 3.33 -53.73 30.33
CA THR C 15 2.64 -52.67 29.62
C THR C 15 1.17 -53.03 29.57
N ASN C 16 0.34 -52.15 29.01
CA ASN C 16 -1.08 -52.45 28.93
C ASN C 16 -1.39 -53.46 27.84
N PHE C 17 -0.36 -53.99 27.21
CA PHE C 17 -0.58 -54.96 26.15
C PHE C 17 0.13 -56.27 26.45
N GLY C 18 1.00 -56.25 27.46
CA GLY C 18 1.74 -57.45 27.85
C GLY C 18 3.11 -57.08 28.42
N LYS C 19 3.88 -58.08 28.87
CA LYS C 19 5.21 -57.81 29.42
C LYS C 19 6.23 -57.90 28.30
N ILE C 20 7.36 -57.23 28.46
CA ILE C 20 8.42 -57.29 27.46
C ILE C 20 9.81 -57.21 28.09
N ARG C 21 10.75 -57.88 27.44
CA ARG C 21 12.14 -57.91 27.92
C ARG C 21 13.06 -57.14 27.01
N GLY C 22 13.82 -56.23 27.60
CA GLY C 22 14.75 -55.44 26.84
C GLY C 22 16.16 -55.84 27.18
N ILE C 23 17.05 -55.74 26.19
CA ILE C 23 18.46 -56.07 26.36
C ILE C 23 19.24 -54.85 26.85
N LYS C 24 20.07 -55.03 27.86
CA LYS C 24 20.85 -53.93 28.40
C LYS C 24 22.11 -53.70 27.55
N LYS C 25 22.65 -52.48 27.57
CA LYS C 25 23.85 -52.17 26.78
C LYS C 25 24.81 -51.20 27.42
N GLU C 26 26.08 -51.32 27.04
CA GLU C 26 27.14 -50.48 27.56
C GLU C 26 27.48 -49.44 26.50
N LEU C 27 28.06 -48.32 26.92
CA LEU C 27 28.43 -47.28 25.98
C LEU C 27 29.94 -47.10 25.90
N ASN C 28 30.41 -46.73 24.72
CA ASN C 28 31.82 -46.56 24.47
C ASN C 28 32.52 -45.41 25.20
N ASN C 29 31.98 -45.04 26.37
CA ASN C 29 32.60 -43.97 27.15
C ASN C 29 32.51 -44.32 28.63
N GLU C 30 33.49 -43.87 29.40
CA GLU C 30 33.54 -44.15 30.84
C GLU C 30 32.86 -43.09 31.69
N ILE C 31 32.01 -42.27 31.07
CA ILE C 31 31.30 -41.24 31.82
C ILE C 31 29.80 -41.52 31.63
N LEU C 32 29.50 -42.22 30.54
CA LEU C 32 28.13 -42.57 30.21
C LEU C 32 27.73 -43.86 30.88
N GLY C 33 26.68 -43.80 31.69
CA GLY C 33 26.20 -44.98 32.36
C GLY C 33 25.69 -45.98 31.33
N PRO C 34 25.00 -47.04 31.77
CA PRO C 34 24.47 -48.05 30.84
C PRO C 34 23.07 -47.65 30.38
N VAL C 35 22.49 -48.46 29.50
CA VAL C 35 21.17 -48.17 28.98
C VAL C 35 20.43 -49.46 28.64
N ILE C 36 19.15 -49.49 28.95
CA ILE C 36 18.32 -50.68 28.66
C ILE C 36 17.57 -50.41 27.37
N GLN C 37 17.87 -51.15 26.31
CA GLN C 37 17.19 -50.93 25.03
C GLN C 37 16.02 -51.89 24.81
N PHE C 38 14.87 -51.36 24.39
CA PHE C 38 13.73 -52.22 24.11
C PHE C 38 13.45 -52.05 22.64
N LEU C 39 14.13 -52.84 21.81
CA LEU C 39 13.98 -52.73 20.37
C LEU C 39 12.86 -53.60 19.78
N GLY C 40 12.14 -53.03 18.80
CA GLY C 40 11.06 -53.77 18.16
C GLY C 40 9.66 -53.70 18.77
N VAL C 41 9.45 -52.86 19.79
CA VAL C 41 8.13 -52.75 20.42
C VAL C 41 7.05 -52.38 19.42
N PRO C 42 5.95 -53.15 19.36
CA PRO C 42 4.83 -52.87 18.45
C PRO C 42 3.86 -51.88 19.10
N TYR C 43 3.60 -50.78 18.39
CA TYR C 43 2.71 -49.76 18.93
C TYR C 43 1.40 -49.70 18.17
N ALA C 44 1.22 -50.64 17.23
CA ALA C 44 -0.01 -50.68 16.47
C ALA C 44 -0.17 -51.96 15.69
N ALA C 45 -1.38 -52.20 15.22
CA ALA C 45 -1.73 -53.38 14.45
C ALA C 45 -1.12 -53.28 13.07
N PRO C 46 -0.50 -54.38 12.60
CA PRO C 46 0.14 -54.44 11.28
C PRO C 46 -0.78 -53.90 10.18
N PRO C 47 -0.30 -52.91 9.41
CA PRO C 47 -1.04 -52.27 8.31
C PRO C 47 -1.04 -53.18 7.11
N THR C 48 -1.63 -54.36 7.27
CA THR C 48 -1.65 -55.35 6.20
C THR C 48 -2.99 -55.78 5.61
N GLY C 49 -2.93 -56.19 4.34
CA GLY C 49 -4.10 -56.66 3.64
C GLY C 49 -5.19 -55.64 3.44
N GLU C 50 -6.21 -55.73 4.28
CA GLU C 50 -7.35 -54.82 4.25
C GLU C 50 -7.02 -53.57 5.07
N HIS C 51 -5.96 -53.67 5.87
CA HIS C 51 -5.52 -52.58 6.72
C HIS C 51 -4.54 -51.62 6.04
N ARG C 52 -4.12 -51.97 4.83
CA ARG C 52 -3.21 -51.14 4.05
C ARG C 52 -4.03 -49.93 3.57
N PHE C 53 -3.43 -48.73 3.63
CA PHE C 53 -4.15 -47.53 3.21
C PHE C 53 -5.30 -47.27 4.19
N GLN C 54 -5.11 -47.69 5.43
CA GLN C 54 -6.11 -47.50 6.47
C GLN C 54 -5.51 -46.97 7.75
N PRO C 55 -6.23 -46.11 8.46
CA PRO C 55 -5.69 -45.56 9.72
C PRO C 55 -5.12 -46.70 10.56
N PRO C 56 -4.00 -46.47 11.25
CA PRO C 56 -3.43 -47.54 12.06
C PRO C 56 -4.40 -47.97 13.16
N GLU C 57 -4.27 -49.22 13.61
CA GLU C 57 -5.12 -49.77 14.65
C GLU C 57 -4.31 -50.06 15.91
N PRO C 58 -4.97 -50.12 17.07
CA PRO C 58 -4.22 -50.40 18.31
C PRO C 58 -3.64 -51.80 18.20
N PRO C 59 -2.51 -52.06 18.86
CA PRO C 59 -1.91 -53.40 18.79
C PRO C 59 -2.64 -54.42 19.67
N SER C 60 -2.54 -55.70 19.30
CA SER C 60 -3.18 -56.79 20.05
C SER C 60 -2.23 -57.28 21.14
N PRO C 61 -2.76 -57.51 22.35
CA PRO C 61 -1.99 -57.97 23.52
C PRO C 61 -1.60 -59.45 23.55
N TRP C 62 -0.57 -59.74 24.31
CA TRP C 62 -0.03 -61.08 24.50
C TRP C 62 0.01 -61.34 26.01
N SER C 63 -0.03 -62.60 26.41
CA SER C 63 -0.01 -62.95 27.83
C SER C 63 1.41 -63.11 28.38
N ASP C 64 2.17 -63.94 27.70
CA ASP C 64 3.57 -64.24 28.07
C ASP C 64 4.45 -63.01 28.20
N ILE C 65 5.73 -63.19 27.83
CA ILE C 65 6.72 -62.13 27.85
C ILE C 65 7.27 -62.06 26.44
N ARG C 66 7.16 -60.89 25.83
CA ARG C 66 7.63 -60.69 24.45
C ARG C 66 9.10 -60.27 24.38
N ASN C 67 9.87 -61.01 23.58
CA ASN C 67 11.27 -60.69 23.41
C ASN C 67 11.41 -59.40 22.57
N ALA C 68 11.77 -58.30 23.21
CA ALA C 68 11.96 -57.04 22.50
C ALA C 68 13.45 -56.75 22.62
N THR C 69 14.26 -57.51 21.88
CA THR C 69 15.70 -57.36 21.94
C THR C 69 16.45 -57.10 20.64
N GLN C 70 15.73 -56.86 19.55
CA GLN C 70 16.39 -56.57 18.28
C GLN C 70 15.41 -55.87 17.35
N PHE C 71 15.94 -54.96 16.54
CA PHE C 71 15.10 -54.21 15.63
C PHE C 71 14.14 -55.09 14.86
N ALA C 72 12.91 -54.62 14.75
CA ALA C 72 11.89 -55.35 14.03
C ALA C 72 12.09 -54.88 12.60
N PRO C 73 11.52 -55.61 11.62
CA PRO C 73 11.67 -55.21 10.22
C PRO C 73 11.32 -53.73 9.99
N VAL C 74 11.96 -53.11 9.00
CA VAL C 74 11.71 -51.72 8.67
C VAL C 74 10.64 -51.69 7.59
N CYS C 75 10.10 -50.52 7.28
CA CYS C 75 9.06 -50.45 6.27
C CYS C 75 9.62 -50.54 4.87
N PRO C 76 8.77 -50.93 3.91
CA PRO C 76 9.06 -51.10 2.48
C PRO C 76 9.68 -49.90 1.80
N GLN C 77 10.90 -50.06 1.32
CA GLN C 77 11.58 -48.98 0.66
C GLN C 77 12.63 -49.53 -0.29
N ASN C 78 13.22 -48.65 -1.08
CA ASN C 78 14.24 -49.03 -2.04
C ASN C 78 15.17 -47.85 -2.24
N ILE C 79 16.33 -47.87 -1.58
CA ILE C 79 17.25 -46.74 -1.69
C ILE C 79 18.44 -46.94 -2.61
N ILE C 80 18.93 -48.16 -2.69
CA ILE C 80 20.10 -48.48 -3.53
C ILE C 80 20.25 -47.71 -4.85
N ASP C 81 19.47 -48.11 -5.86
CA ASP C 81 19.52 -47.49 -7.19
C ASP C 81 19.19 -45.98 -7.22
N GLY C 82 20.22 -45.17 -6.94
CA GLY C 82 20.12 -43.71 -6.90
C GLY C 82 18.92 -42.95 -7.42
N ARG C 83 17.71 -43.39 -7.09
CA ARG C 83 16.47 -42.71 -7.51
C ARG C 83 16.08 -41.75 -6.37
N LEU C 84 16.87 -41.76 -5.30
CA LEU C 84 16.62 -40.90 -4.15
C LEU C 84 17.07 -39.46 -4.40
N PRO C 85 16.20 -38.49 -4.10
CA PRO C 85 16.47 -37.06 -4.28
C PRO C 85 17.67 -36.55 -3.48
N GLU C 86 18.86 -36.73 -4.03
CA GLU C 86 20.12 -36.33 -3.42
C GLU C 86 20.07 -35.14 -2.48
N VAL C 87 19.49 -34.04 -2.96
CA VAL C 87 19.41 -32.80 -2.18
C VAL C 87 18.59 -32.87 -0.90
N MET C 88 17.45 -33.55 -0.95
CA MET C 88 16.58 -33.69 0.20
C MET C 88 17.14 -34.51 1.36
N LEU C 89 17.82 -35.60 1.04
CA LEU C 89 18.38 -36.47 2.07
C LEU C 89 19.61 -35.88 2.70
N PRO C 90 19.86 -36.22 3.97
CA PRO C 90 21.05 -35.70 4.64
C PRO C 90 22.30 -36.19 3.93
N VAL C 91 23.41 -35.50 4.14
CA VAL C 91 24.65 -35.87 3.52
C VAL C 91 25.12 -37.21 4.06
N TRP C 92 25.21 -37.34 5.36
CA TRP C 92 25.66 -38.60 5.95
C TRP C 92 24.92 -39.82 5.41
N PHE C 93 23.65 -39.63 5.03
CA PHE C 93 22.85 -40.72 4.50
C PHE C 93 23.27 -41.10 3.08
N THR C 94 23.50 -40.09 2.25
CA THR C 94 23.91 -40.31 0.85
C THR C 94 25.36 -40.76 0.71
N ASN C 95 26.26 -40.03 1.36
CA ASN C 95 27.68 -40.32 1.36
C ASN C 95 27.98 -41.62 2.12
N ASN C 96 27.06 -42.57 2.10
CA ASN C 96 27.28 -43.81 2.80
C ASN C 96 26.11 -44.80 2.63
N LEU C 97 25.47 -44.77 1.46
CA LEU C 97 24.34 -45.66 1.17
C LEU C 97 24.61 -47.10 1.60
N ASP C 98 25.88 -47.47 1.63
CA ASP C 98 26.28 -48.82 2.01
C ASP C 98 25.71 -49.13 3.39
N VAL C 99 26.38 -48.60 4.41
CA VAL C 99 25.97 -48.80 5.79
C VAL C 99 24.47 -48.62 5.96
N VAL C 100 23.91 -47.63 5.27
CA VAL C 100 22.48 -47.38 5.36
C VAL C 100 21.69 -48.60 4.88
N SER C 101 22.08 -49.14 3.74
CA SER C 101 21.40 -50.33 3.19
C SER C 101 21.37 -51.46 4.21
N SER C 102 22.49 -51.66 4.92
CA SER C 102 22.56 -52.73 5.90
C SER C 102 21.70 -52.45 7.13
N TYR C 103 20.61 -51.71 6.91
CA TYR C 103 19.67 -51.38 7.98
C TYR C 103 18.27 -51.66 7.48
N VAL C 104 18.00 -51.12 6.30
CA VAL C 104 16.70 -51.28 5.68
C VAL C 104 16.67 -52.48 4.75
N GLN C 105 17.64 -53.38 4.93
CA GLN C 105 17.75 -54.60 4.12
C GLN C 105 16.67 -55.62 4.50
N ASP C 106 16.24 -55.52 5.75
CA ASP C 106 15.22 -56.41 6.29
C ASP C 106 13.86 -55.70 6.29
N GLN C 107 13.08 -55.86 5.23
CA GLN C 107 11.79 -55.21 5.13
C GLN C 107 10.58 -56.07 5.49
N SER C 108 9.41 -55.44 5.50
CA SER C 108 8.14 -56.10 5.85
C SER C 108 7.00 -55.08 5.81
N GLU C 109 5.81 -55.49 5.36
CA GLU C 109 4.71 -54.55 5.30
C GLU C 109 4.24 -54.27 6.72
N ASP C 110 4.50 -55.21 7.61
CA ASP C 110 4.15 -55.10 9.02
C ASP C 110 5.40 -54.51 9.69
N CYS C 111 5.47 -53.19 9.77
CA CYS C 111 6.64 -52.50 10.32
C CYS C 111 6.40 -51.49 11.43
N LEU C 112 5.15 -51.25 11.76
CA LEU C 112 4.80 -50.29 12.79
C LEU C 112 5.33 -50.64 14.18
N TYR C 113 6.60 -50.36 14.41
CA TYR C 113 7.22 -50.63 15.71
C TYR C 113 8.08 -49.43 16.13
N LEU C 114 8.37 -49.33 17.42
CA LEU C 114 9.17 -48.22 17.95
C LEU C 114 10.21 -48.74 18.91
N ASN C 115 11.31 -48.02 19.05
CA ASN C 115 12.39 -48.42 19.95
C ASN C 115 12.50 -47.52 21.16
N ILE C 116 12.67 -48.10 22.34
CA ILE C 116 12.77 -47.33 23.57
C ILE C 116 14.14 -47.45 24.23
N TYR C 117 14.77 -46.31 24.54
CA TYR C 117 16.09 -46.32 25.16
C TYR C 117 16.02 -45.72 26.56
N VAL C 118 16.07 -46.57 27.57
CA VAL C 118 15.98 -46.08 28.94
C VAL C 118 17.31 -46.09 29.72
N PRO C 119 17.59 -44.98 30.44
CA PRO C 119 18.82 -44.83 31.23
C PRO C 119 18.74 -45.50 32.60
N THR C 120 19.90 -45.83 33.18
CA THR C 120 19.98 -46.45 34.50
C THR C 120 21.08 -45.81 35.35
N ILE C 124 22.14 -44.66 38.87
CA ILE C 124 21.21 -43.54 38.97
C ILE C 124 21.27 -42.88 40.35
N ARG C 125 22.17 -41.90 40.50
CA ARG C 125 22.35 -41.13 41.75
C ARG C 125 22.30 -39.62 41.49
N ASP C 126 21.54 -39.21 40.48
CA ASP C 126 21.42 -37.80 40.10
C ASP C 126 20.02 -37.20 40.16
N SER C 127 19.05 -37.84 39.50
CA SER C 127 17.67 -37.35 39.48
C SER C 127 16.60 -38.40 39.85
N GLY C 128 15.68 -38.00 40.74
CA GLY C 128 14.60 -38.88 41.18
C GLY C 128 13.26 -38.37 40.68
N GLY C 129 12.43 -39.29 40.20
CA GLY C 129 11.12 -38.92 39.66
C GLY C 129 11.04 -39.36 38.21
N PRO C 130 9.86 -39.25 37.55
CA PRO C 130 9.72 -39.67 36.14
C PRO C 130 10.63 -38.90 35.19
N LYS C 131 11.25 -39.61 34.28
CA LYS C 131 12.16 -38.98 33.32
C LYS C 131 11.42 -38.48 32.07
N PRO C 132 11.90 -37.36 31.50
CA PRO C 132 11.29 -36.78 30.30
C PRO C 132 11.39 -37.76 29.15
N VAL C 133 10.58 -37.58 28.12
CA VAL C 133 10.62 -38.47 26.96
C VAL C 133 10.81 -37.73 25.64
N MET C 134 11.86 -38.09 24.89
CA MET C 134 12.15 -37.48 23.59
C MET C 134 11.91 -38.47 22.47
N VAL C 135 10.83 -38.25 21.71
CA VAL C 135 10.47 -39.11 20.59
C VAL C 135 11.05 -38.60 19.28
N TYR C 136 12.00 -39.32 18.69
CA TYR C 136 12.59 -38.85 17.46
C TYR C 136 11.90 -39.35 16.20
N ILE C 137 11.30 -38.44 15.46
CA ILE C 137 10.62 -38.77 14.20
C ILE C 137 11.68 -38.68 13.10
N HIS C 138 12.16 -39.82 12.61
CA HIS C 138 13.17 -39.82 11.54
C HIS C 138 12.52 -39.39 10.23
N GLY C 139 13.34 -39.06 9.24
CA GLY C 139 12.76 -38.64 7.98
C GLY C 139 13.77 -38.26 6.91
N GLY C 140 13.48 -38.66 5.68
CA GLY C 140 14.36 -38.34 4.56
C GLY C 140 13.58 -37.56 3.53
N SER C 141 12.65 -38.23 2.89
CA SER C 141 11.82 -37.60 1.88
C SER C 141 10.46 -38.27 1.94
N TYR C 142 10.27 -39.05 3.01
CA TYR C 142 9.04 -39.80 3.26
C TYR C 142 9.10 -41.14 2.56
N MET C 143 10.12 -41.34 1.73
CA MET C 143 10.26 -42.58 0.97
C MET C 143 11.15 -43.62 1.60
N GLU C 144 12.00 -43.22 2.54
CA GLU C 144 12.91 -44.19 3.15
C GLU C 144 13.38 -43.77 4.52
N GLY C 145 14.12 -44.67 5.15
CA GLY C 145 14.66 -44.40 6.48
C GLY C 145 14.18 -45.37 7.55
N THR C 146 14.58 -45.11 8.78
CA THR C 146 14.20 -45.93 9.92
C THR C 146 14.85 -45.36 11.18
N GLY C 147 14.06 -45.13 12.22
CA GLY C 147 14.62 -44.61 13.45
C GLY C 147 15.64 -45.58 14.03
N ASN C 148 15.81 -46.70 13.33
CA ASN C 148 16.75 -47.72 13.74
C ASN C 148 18.17 -47.22 13.49
N LEU C 149 18.29 -46.29 12.54
CA LEU C 149 19.58 -45.70 12.19
C LEU C 149 20.07 -44.85 13.35
N TYR C 150 19.15 -44.03 13.85
CA TYR C 150 19.47 -43.15 14.94
C TYR C 150 19.45 -43.93 16.24
N ASP C 151 20.61 -44.11 16.83
CA ASP C 151 20.71 -44.83 18.10
C ASP C 151 20.82 -43.78 19.21
N GLY C 152 19.73 -43.59 19.94
CA GLY C 152 19.73 -42.60 21.00
C GLY C 152 20.08 -43.16 22.36
N SER C 153 21.29 -43.66 22.51
CA SER C 153 21.71 -44.21 23.80
C SER C 153 22.55 -43.18 24.52
N VAL C 154 23.50 -42.60 23.80
CA VAL C 154 24.35 -41.60 24.40
C VAL C 154 23.45 -40.44 24.84
N LEU C 155 22.47 -40.11 24.00
CA LEU C 155 21.55 -39.03 24.34
C LEU C 155 20.80 -39.45 25.59
N ALA C 156 20.11 -40.59 25.50
CA ALA C 156 19.34 -41.11 26.63
C ALA C 156 20.17 -41.11 27.91
N SER C 157 21.38 -41.64 27.82
CA SER C 157 22.26 -41.71 28.96
C SER C 157 22.72 -40.33 29.40
N TYR C 158 23.60 -39.72 28.63
CA TYR C 158 24.14 -38.40 28.95
C TYR C 158 23.14 -37.35 29.42
N GLY C 159 21.89 -37.48 29.00
CA GLY C 159 20.89 -36.50 29.38
C GLY C 159 19.98 -36.88 30.52
N ASN C 160 19.81 -38.18 30.71
CA ASN C 160 18.95 -38.73 31.76
C ASN C 160 17.51 -38.57 31.32
N VAL C 161 17.26 -38.98 30.09
CA VAL C 161 15.93 -38.92 29.52
C VAL C 161 15.73 -40.19 28.73
N ILE C 162 14.48 -40.55 28.50
CA ILE C 162 14.17 -41.74 27.75
C ILE C 162 14.04 -41.28 26.31
N VAL C 163 14.61 -42.03 25.38
CA VAL C 163 14.54 -41.69 23.96
C VAL C 163 13.83 -42.77 23.18
N ILE C 164 12.95 -42.37 22.28
CA ILE C 164 12.19 -43.32 21.47
C ILE C 164 12.31 -43.01 19.99
N THR C 165 12.95 -43.89 19.23
CA THR C 165 13.04 -43.68 17.79
C THR C 165 11.83 -44.46 17.25
N VAL C 166 11.09 -43.85 16.33
CA VAL C 166 9.91 -44.50 15.81
C VAL C 166 9.99 -44.89 14.35
N ASN C 167 9.15 -45.85 13.97
CA ASN C 167 9.06 -46.34 12.60
C ASN C 167 7.64 -46.09 12.14
N TYR C 168 7.47 -45.62 10.92
CA TYR C 168 6.12 -45.38 10.44
C TYR C 168 6.07 -45.64 8.95
N ARG C 169 4.87 -45.93 8.45
CA ARG C 169 4.65 -46.23 7.04
C ARG C 169 5.21 -45.15 6.12
N LEU C 170 6.03 -45.56 5.17
CA LEU C 170 6.64 -44.62 4.26
C LEU C 170 6.10 -44.82 2.86
N GLY C 171 6.78 -44.20 1.90
CA GLY C 171 6.42 -44.30 0.51
C GLY C 171 4.94 -44.33 0.17
N VAL C 172 4.61 -45.13 -0.84
CA VAL C 172 3.25 -45.27 -1.31
C VAL C 172 2.36 -45.75 -0.18
N LEU C 173 2.83 -46.81 0.48
CA LEU C 173 2.10 -47.40 1.59
C LEU C 173 1.63 -46.40 2.62
N GLY C 174 2.47 -45.40 2.90
CA GLY C 174 2.13 -44.43 3.91
C GLY C 174 1.41 -43.15 3.52
N PHE C 175 1.58 -42.66 2.31
CA PHE C 175 0.94 -41.41 1.94
C PHE C 175 0.11 -41.33 0.68
N LEU C 176 -0.09 -42.46 0.00
CA LEU C 176 -0.87 -42.48 -1.24
C LEU C 176 -2.32 -42.05 -1.05
N SER C 177 -2.71 -41.03 -1.80
CA SER C 177 -4.08 -40.54 -1.73
C SER C 177 -4.63 -40.50 -3.15
N THR C 178 -5.95 -40.57 -3.25
CA THR C 178 -6.61 -40.55 -4.54
C THR C 178 -7.21 -39.18 -4.78
N GLY C 179 -7.05 -38.29 -3.81
CA GLY C 179 -7.60 -36.96 -3.98
C GLY C 179 -9.00 -36.92 -3.45
N ASP C 180 -9.67 -38.07 -3.44
CA ASP C 180 -11.02 -38.14 -2.93
C ASP C 180 -11.08 -39.10 -1.76
N GLN C 181 -12.25 -39.69 -1.57
CA GLN C 181 -12.47 -40.61 -0.48
C GLN C 181 -11.80 -41.97 -0.55
N ALA C 182 -11.52 -42.45 -1.76
CA ALA C 182 -10.88 -43.75 -1.96
C ALA C 182 -9.72 -44.00 -1.01
N ALA C 183 -8.82 -43.02 -0.94
CA ALA C 183 -7.64 -43.06 -0.07
C ALA C 183 -7.32 -41.62 0.34
N LYS C 184 -7.42 -41.32 1.63
CA LYS C 184 -7.15 -39.98 2.14
C LYS C 184 -5.72 -39.77 2.65
N GLY C 185 -4.79 -40.61 2.20
CA GLY C 185 -3.40 -40.51 2.61
C GLY C 185 -3.12 -40.20 4.07
N ASN C 186 -1.98 -39.54 4.31
CA ASN C 186 -1.55 -39.18 5.66
C ASN C 186 -1.52 -40.38 6.60
N TYR C 187 -1.37 -41.57 6.05
CA TYR C 187 -1.34 -42.78 6.87
C TYR C 187 -0.14 -42.77 7.80
N GLY C 188 1.02 -42.41 7.27
CA GLY C 188 2.23 -42.37 8.07
C GLY C 188 2.15 -41.35 9.19
N LEU C 189 1.36 -40.30 8.95
CA LEU C 189 1.19 -39.26 9.96
C LEU C 189 0.36 -39.83 11.09
N LEU C 190 -0.70 -40.57 10.74
CA LEU C 190 -1.56 -41.18 11.74
C LEU C 190 -0.77 -42.22 12.51
N ASP C 191 0.17 -42.88 11.81
CA ASP C 191 1.02 -43.88 12.45
C ASP C 191 1.81 -43.16 13.53
N LEU C 192 2.38 -42.01 13.19
CA LEU C 192 3.15 -41.23 14.15
C LEU C 192 2.31 -40.82 15.36
N ILE C 193 1.04 -40.51 15.12
CA ILE C 193 0.20 -40.13 16.24
C ILE C 193 -0.09 -41.35 17.07
N GLN C 194 -0.35 -42.46 16.41
CA GLN C 194 -0.64 -43.69 17.14
C GLN C 194 0.54 -44.00 18.07
N ALA C 195 1.76 -43.71 17.61
CA ALA C 195 2.96 -43.95 18.41
C ALA C 195 2.92 -43.07 19.64
N LEU C 196 2.50 -41.84 19.45
CA LEU C 196 2.41 -40.90 20.54
C LEU C 196 1.35 -41.27 21.56
N ARG C 197 0.22 -41.81 21.08
CA ARG C 197 -0.83 -42.24 22.00
C ARG C 197 -0.23 -43.36 22.84
N TRP C 198 0.31 -44.37 22.16
CA TRP C 198 0.93 -45.50 22.84
C TRP C 198 1.90 -44.99 23.88
N THR C 199 2.72 -44.03 23.47
CA THR C 199 3.70 -43.47 24.37
C THR C 199 3.06 -42.82 25.59
N SER C 200 2.14 -41.89 25.33
CA SER C 200 1.48 -41.17 26.42
C SER C 200 0.83 -42.07 27.48
N GLU C 201 0.52 -43.31 27.09
CA GLU C 201 -0.14 -44.24 27.99
C GLU C 201 0.78 -45.24 28.67
N ASN C 202 1.77 -45.72 27.95
CA ASN C 202 2.65 -46.72 28.49
C ASN C 202 4.05 -46.31 28.88
N ILE C 203 4.54 -45.17 28.36
CA ILE C 203 5.89 -44.75 28.69
C ILE C 203 6.02 -44.55 30.18
N GLY C 204 4.88 -44.51 30.87
CA GLY C 204 4.89 -44.35 32.31
C GLY C 204 5.53 -45.56 32.96
N PHE C 205 5.15 -46.74 32.46
CA PHE C 205 5.67 -48.00 32.95
C PHE C 205 7.18 -48.16 32.78
N PHE C 206 7.82 -47.28 32.01
CA PHE C 206 9.26 -47.38 31.83
C PHE C 206 9.98 -46.31 32.63
N GLY C 207 9.22 -45.57 33.42
CA GLY C 207 9.80 -44.51 34.23
C GLY C 207 9.66 -43.18 33.52
N GLY C 208 9.01 -43.21 32.35
CA GLY C 208 8.82 -42.00 31.57
C GLY C 208 7.74 -41.09 32.11
N ASP C 209 7.85 -39.80 31.82
CA ASP C 209 6.87 -38.81 32.27
C ASP C 209 6.02 -38.32 31.09
N PRO C 210 4.81 -38.87 30.93
CA PRO C 210 3.87 -38.53 29.85
C PRO C 210 3.41 -37.08 29.82
N LEU C 211 3.94 -36.29 30.76
CA LEU C 211 3.63 -34.88 30.83
C LEU C 211 4.80 -34.05 30.31
N ARG C 212 5.82 -34.73 29.80
CA ARG C 212 6.99 -34.03 29.26
C ARG C 212 7.57 -34.76 28.06
N ILE C 213 6.68 -34.98 27.09
CA ILE C 213 7.05 -35.65 25.85
C ILE C 213 7.38 -34.59 24.84
N THR C 214 8.60 -34.67 24.30
CA THR C 214 9.08 -33.73 23.29
C THR C 214 9.32 -34.50 22.00
N VAL C 215 8.57 -34.20 20.94
CA VAL C 215 8.80 -34.90 19.68
C VAL C 215 9.76 -34.04 18.86
N PHE C 216 10.84 -34.66 18.34
CA PHE C 216 11.83 -33.95 17.54
C PHE C 216 12.21 -34.77 16.31
N GLY C 217 12.72 -34.08 15.30
CA GLY C 217 13.13 -34.75 14.08
C GLY C 217 13.99 -33.86 13.21
N SER C 218 14.64 -34.46 12.22
CA SER C 218 15.48 -33.70 11.31
C SER C 218 14.93 -33.81 9.89
N GLY C 219 15.03 -32.70 9.14
CA GLY C 219 14.54 -32.70 7.77
C GLY C 219 13.10 -33.16 7.62
N ALA C 220 12.87 -34.10 6.71
CA ALA C 220 11.55 -34.63 6.47
C ALA C 220 10.89 -34.93 7.80
N GLY C 221 11.71 -35.32 8.77
CA GLY C 221 11.23 -35.64 10.09
C GLY C 221 10.64 -34.43 10.79
N GLY C 222 11.44 -33.37 10.88
CA GLY C 222 10.98 -32.15 11.51
C GLY C 222 9.76 -31.58 10.80
N SER C 223 9.52 -32.05 9.58
CA SER C 223 8.36 -31.61 8.81
C SER C 223 7.16 -32.30 9.46
N CYS C 224 7.33 -33.56 9.82
CA CYS C 224 6.25 -34.29 10.46
C CYS C 224 5.99 -33.60 11.79
N VAL C 225 7.04 -33.40 12.57
CA VAL C 225 6.91 -32.72 13.86
C VAL C 225 6.00 -31.52 13.66
N ASN C 226 6.32 -30.69 12.70
CA ASN C 226 5.51 -29.51 12.46
C ASN C 226 4.08 -29.83 12.00
N LEU C 227 3.92 -30.74 11.04
CA LEU C 227 2.58 -31.07 10.57
C LEU C 227 1.79 -31.65 11.75
N LEU C 228 2.45 -32.40 12.63
CA LEU C 228 1.77 -32.98 13.77
C LEU C 228 1.14 -31.91 14.61
N THR C 229 1.81 -30.77 14.74
CA THR C 229 1.28 -29.67 15.56
C THR C 229 0.19 -28.90 14.87
N LEU C 230 -0.06 -29.23 13.62
CA LEU C 230 -1.11 -28.55 12.86
C LEU C 230 -2.37 -29.37 12.73
N SER C 231 -2.27 -30.67 13.03
CA SER C 231 -3.41 -31.58 12.94
C SER C 231 -4.20 -31.59 14.22
N HIS C 232 -5.53 -31.58 14.08
CA HIS C 232 -6.35 -31.57 15.27
C HIS C 232 -6.27 -32.93 15.96
N TYR C 233 -5.72 -33.92 15.26
CA TYR C 233 -5.60 -35.25 15.83
C TYR C 233 -4.61 -35.33 16.95
N SER C 234 -3.83 -34.27 17.13
CA SER C 234 -2.88 -34.21 18.23
C SER C 234 -3.64 -33.37 19.22
N GLU C 235 -4.35 -34.02 20.14
CA GLU C 235 -5.12 -33.26 21.12
C GLU C 235 -4.28 -32.75 22.26
N LYS C 236 -4.80 -31.71 22.89
CA LYS C 236 -4.14 -31.07 24.01
C LYS C 236 -3.63 -32.12 24.96
N GLY C 237 -2.37 -31.98 25.36
CA GLY C 237 -1.79 -32.91 26.31
C GLY C 237 -1.03 -34.09 25.76
N LEU C 238 -1.27 -34.46 24.50
CA LEU C 238 -0.56 -35.60 23.91
C LEU C 238 0.94 -35.42 24.14
N PHE C 239 1.53 -34.42 23.48
CA PHE C 239 2.95 -34.10 23.67
C PHE C 239 3.08 -32.61 23.99
N GLN C 240 4.09 -32.23 24.76
CA GLN C 240 4.23 -30.84 25.15
C GLN C 240 5.24 -29.96 24.42
N ARG C 241 6.31 -30.54 23.87
CA ARG C 241 7.32 -29.73 23.17
C ARG C 241 7.68 -30.28 21.80
N ALA C 242 8.33 -29.45 20.99
CA ALA C 242 8.75 -29.86 19.65
C ALA C 242 10.07 -29.22 19.21
N ILE C 243 10.90 -30.00 18.54
CA ILE C 243 12.19 -29.55 18.02
C ILE C 243 12.21 -29.92 16.55
N ALA C 244 12.18 -28.93 15.67
CA ALA C 244 12.19 -29.18 14.24
C ALA C 244 13.54 -28.73 13.68
N GLN C 245 14.45 -29.68 13.51
CA GLN C 245 15.79 -29.40 12.99
C GLN C 245 15.87 -29.46 11.45
N SER C 246 16.23 -28.34 10.84
CA SER C 246 16.33 -28.29 9.38
C SER C 246 15.09 -28.89 8.73
N GLY C 247 13.91 -28.35 9.04
CA GLY C 247 12.70 -28.90 8.44
C GLY C 247 11.40 -28.24 8.89
N THR C 248 10.49 -28.06 7.94
CA THR C 248 9.21 -27.43 8.26
C THR C 248 8.05 -27.99 7.48
N ALA C 249 6.89 -27.43 7.78
CA ALA C 249 5.67 -27.84 7.11
C ALA C 249 5.49 -26.87 5.98
N LEU C 250 6.39 -25.90 5.90
CA LEU C 250 6.29 -24.87 4.89
C LEU C 250 7.12 -25.06 3.63
N SER C 251 8.09 -25.98 3.65
CA SER C 251 8.93 -26.22 2.49
C SER C 251 8.15 -26.79 1.30
N SER C 252 8.70 -26.59 0.11
CA SER C 252 8.06 -27.04 -1.12
C SER C 252 7.85 -28.55 -1.17
N TRP C 253 8.72 -29.28 -0.49
CA TRP C 253 8.63 -30.74 -0.47
C TRP C 253 8.06 -31.36 0.81
N ALA C 254 7.34 -30.56 1.59
CA ALA C 254 6.77 -31.05 2.82
C ALA C 254 5.41 -31.64 2.61
N VAL C 255 4.74 -31.22 1.55
CA VAL C 255 3.41 -31.71 1.25
C VAL C 255 3.24 -32.02 -0.23
N SER C 256 2.35 -32.95 -0.54
CA SER C 256 2.06 -33.30 -1.93
C SER C 256 0.74 -32.66 -2.28
N PHE C 257 0.74 -31.83 -3.32
CA PHE C 257 -0.50 -31.17 -3.70
C PHE C 257 -1.18 -31.78 -4.90
N GLN C 258 -0.55 -32.81 -5.47
CA GLN C 258 -1.11 -33.51 -6.61
C GLN C 258 -1.04 -34.98 -6.25
N PRO C 259 -1.75 -35.38 -5.19
CA PRO C 259 -1.77 -36.76 -4.70
C PRO C 259 -2.43 -37.73 -5.68
N ALA C 260 -3.41 -37.23 -6.43
CA ALA C 260 -4.12 -38.03 -7.43
C ALA C 260 -3.20 -38.31 -8.61
N LYS C 261 -2.70 -37.25 -9.22
CA LYS C 261 -1.78 -37.37 -10.37
C LYS C 261 -0.76 -38.47 -10.18
N TYR C 262 -0.03 -38.43 -9.07
CA TYR C 262 0.99 -39.42 -8.81
C TYR C 262 0.45 -40.75 -8.31
N ALA C 263 -0.82 -40.78 -7.91
CA ALA C 263 -1.43 -42.02 -7.44
C ALA C 263 -1.75 -42.84 -8.68
N ARG C 264 -2.37 -42.18 -9.66
CA ARG C 264 -2.75 -42.80 -10.94
C ARG C 264 -1.53 -43.23 -11.75
N ILE C 265 -0.46 -42.47 -11.66
CA ILE C 265 0.78 -42.80 -12.37
C ILE C 265 1.36 -44.07 -11.76
N LEU C 266 1.13 -44.27 -10.47
CA LEU C 266 1.59 -45.46 -9.78
C LEU C 266 0.66 -46.60 -10.17
N ALA C 267 -0.61 -46.26 -10.34
CA ALA C 267 -1.63 -47.22 -10.74
C ALA C 267 -1.31 -47.72 -12.14
N THR C 268 -1.16 -46.79 -13.08
CA THR C 268 -0.82 -47.12 -14.46
C THR C 268 0.40 -48.05 -14.51
N LYS C 269 1.44 -47.73 -13.75
CA LYS C 269 2.66 -48.54 -13.76
C LYS C 269 2.53 -49.98 -13.26
N VAL C 270 1.47 -50.28 -12.52
CA VAL C 270 1.27 -51.65 -12.05
C VAL C 270 -0.06 -52.17 -12.62
N GLY C 271 -0.51 -51.54 -13.69
CA GLY C 271 -1.75 -51.92 -14.34
C GLY C 271 -2.93 -51.81 -13.40
N CYS C 272 -3.48 -50.61 -13.27
CA CYS C 272 -4.61 -50.39 -12.38
C CYS C 272 -5.34 -49.07 -12.61
N ASN C 273 -4.81 -48.21 -13.49
CA ASN C 273 -5.45 -46.92 -13.73
C ASN C 273 -6.91 -47.01 -14.21
N VAL C 274 -7.78 -47.58 -13.37
CA VAL C 274 -9.19 -47.70 -13.71
C VAL C 274 -9.79 -46.30 -13.57
N SER C 275 -10.99 -46.09 -14.13
CA SER C 275 -11.61 -44.77 -14.03
C SER C 275 -12.17 -44.50 -12.64
N ASP C 276 -12.48 -45.54 -11.89
CA ASP C 276 -13.02 -45.36 -10.54
C ASP C 276 -11.98 -45.53 -9.44
N THR C 277 -11.87 -44.52 -8.60
CA THR C 277 -10.92 -44.51 -7.49
C THR C 277 -11.01 -45.78 -6.63
N VAL C 278 -12.17 -45.99 -6.01
CA VAL C 278 -12.40 -47.15 -5.14
C VAL C 278 -11.89 -48.46 -5.73
N GLU C 279 -12.01 -48.63 -7.03
CA GLU C 279 -11.53 -49.84 -7.68
C GLU C 279 -10.01 -49.80 -7.72
N LEU C 280 -9.49 -48.61 -8.04
CA LEU C 280 -8.06 -48.38 -8.12
C LEU C 280 -7.39 -48.67 -6.78
N VAL C 281 -8.03 -48.27 -5.68
CA VAL C 281 -7.48 -48.52 -4.35
C VAL C 281 -7.45 -50.03 -4.09
N GLU C 282 -8.57 -50.70 -4.34
CA GLU C 282 -8.66 -52.13 -4.14
C GLU C 282 -7.65 -52.86 -4.99
N CYS C 283 -7.47 -52.37 -6.21
CA CYS C 283 -6.51 -52.94 -7.14
C CYS C 283 -5.14 -52.98 -6.48
N LEU C 284 -4.72 -51.83 -5.98
CA LEU C 284 -3.43 -51.70 -5.33
C LEU C 284 -3.40 -52.43 -4.00
N GLN C 285 -4.54 -52.47 -3.31
CA GLN C 285 -4.61 -53.15 -2.01
C GLN C 285 -4.28 -54.63 -2.13
N LYS C 286 -4.05 -55.08 -3.36
CA LYS C 286 -3.74 -56.48 -3.64
C LYS C 286 -2.26 -56.72 -3.99
N LYS C 287 -1.78 -56.00 -4.98
CA LYS C 287 -0.38 -56.11 -5.43
C LYS C 287 0.61 -56.36 -4.29
N PRO C 288 1.64 -57.20 -4.54
CA PRO C 288 2.65 -57.50 -3.50
C PRO C 288 3.27 -56.20 -3.06
N TYR C 289 3.36 -55.99 -1.75
CA TYR C 289 3.92 -54.73 -1.26
C TYR C 289 5.22 -54.35 -1.98
N LYS C 290 6.04 -55.33 -2.32
CA LYS C 290 7.30 -55.06 -2.99
C LYS C 290 7.15 -54.62 -4.45
N GLU C 291 5.98 -54.86 -5.04
CA GLU C 291 5.74 -54.48 -6.43
C GLU C 291 5.43 -53.00 -6.54
N LEU C 292 4.72 -52.49 -5.55
CA LEU C 292 4.34 -51.08 -5.50
C LEU C 292 5.54 -50.22 -5.13
N VAL C 293 6.31 -50.70 -4.15
CA VAL C 293 7.49 -50.00 -3.66
C VAL C 293 8.65 -49.94 -4.65
N ASP C 294 8.58 -50.73 -5.71
CA ASP C 294 9.67 -50.71 -6.67
C ASP C 294 9.39 -49.97 -7.96
N GLN C 295 8.21 -49.38 -8.07
CA GLN C 295 7.88 -48.63 -9.28
C GLN C 295 8.82 -47.44 -9.37
N ASP C 296 8.43 -46.43 -10.14
CA ASP C 296 9.27 -45.25 -10.26
C ASP C 296 8.47 -44.00 -10.61
N VAL C 297 7.75 -43.49 -9.62
CA VAL C 297 6.94 -42.30 -9.83
C VAL C 297 7.86 -41.11 -9.56
N GLN C 298 8.03 -40.27 -10.59
CA GLN C 298 8.90 -39.08 -10.49
C GLN C 298 8.11 -37.78 -10.31
N PRO C 299 8.45 -37.02 -9.25
CA PRO C 299 7.81 -35.74 -8.93
C PRO C 299 8.59 -34.56 -9.52
N ALA C 300 7.94 -33.41 -9.72
CA ALA C 300 8.64 -32.24 -10.25
C ALA C 300 9.82 -31.91 -9.33
N ARG C 301 10.93 -31.45 -9.88
CA ARG C 301 12.09 -31.16 -9.04
C ARG C 301 11.72 -30.26 -7.87
N TYR C 302 12.32 -30.56 -6.72
CA TYR C 302 12.09 -29.83 -5.48
C TYR C 302 10.68 -30.06 -4.94
N HIS C 303 10.05 -31.15 -5.36
CA HIS C 303 8.72 -31.51 -4.87
C HIS C 303 8.65 -33.00 -4.58
N ILE C 304 7.60 -33.42 -3.88
CA ILE C 304 7.44 -34.83 -3.54
C ILE C 304 6.28 -35.45 -4.29
N ALA C 305 6.41 -36.75 -4.54
CA ALA C 305 5.39 -37.50 -5.25
C ALA C 305 4.42 -38.01 -4.18
N PHE C 306 4.96 -38.73 -3.21
CA PHE C 306 4.15 -39.26 -2.13
C PHE C 306 4.56 -38.67 -0.80
N GLY C 307 3.57 -38.25 -0.02
CA GLY C 307 3.85 -37.68 1.28
C GLY C 307 2.59 -37.09 1.91
N PRO C 308 2.72 -36.32 2.99
CA PRO C 308 1.55 -35.72 3.64
C PRO C 308 0.73 -34.96 2.60
N VAL C 309 -0.58 -34.97 2.77
CA VAL C 309 -1.48 -34.30 1.85
C VAL C 309 -2.57 -33.55 2.59
N ILE C 310 -3.00 -32.41 2.03
CA ILE C 310 -4.04 -31.61 2.68
C ILE C 310 -5.34 -32.36 2.49
N ASP C 311 -5.70 -33.19 3.47
CA ASP C 311 -6.93 -33.99 3.38
C ASP C 311 -8.19 -33.34 3.96
N GLY C 312 -8.02 -32.24 4.65
CA GLY C 312 -9.17 -31.56 5.21
C GLY C 312 -9.49 -32.00 6.63
N ASP C 313 -8.94 -33.13 7.04
CA ASP C 313 -9.19 -33.64 8.37
C ASP C 313 -7.90 -33.69 9.18
N VAL C 314 -7.02 -34.62 8.83
CA VAL C 314 -5.75 -34.72 9.53
C VAL C 314 -4.97 -33.42 9.31
N ILE C 315 -4.87 -33.01 8.05
CA ILE C 315 -4.21 -31.75 7.70
C ILE C 315 -5.37 -30.94 7.12
N PRO C 316 -6.06 -30.17 7.99
CA PRO C 316 -7.21 -29.31 7.73
C PRO C 316 -7.17 -28.33 6.58
N ASP C 317 -6.01 -27.71 6.37
CA ASP C 317 -5.86 -26.74 5.31
C ASP C 317 -4.38 -26.70 4.95
N ASP C 318 -4.01 -25.75 4.10
CA ASP C 318 -2.62 -25.59 3.70
C ASP C 318 -1.80 -25.14 4.92
N PRO C 319 -0.73 -25.89 5.26
CA PRO C 319 0.10 -25.53 6.41
C PRO C 319 0.35 -24.03 6.54
N GLN C 320 0.76 -23.42 5.44
CA GLN C 320 1.06 -22.00 5.43
C GLN C 320 -0.09 -21.15 5.94
N ILE C 321 -1.33 -21.55 5.67
CA ILE C 321 -2.48 -20.76 6.13
C ILE C 321 -2.73 -21.01 7.61
N LEU C 322 -2.80 -22.29 7.96
CA LEU C 322 -3.03 -22.67 9.35
C LEU C 322 -2.06 -21.88 10.21
N MET C 323 -0.79 -21.85 9.81
CA MET C 323 0.24 -21.13 10.53
C MET C 323 -0.09 -19.65 10.74
N GLU C 324 -0.59 -19.00 9.69
CA GLU C 324 -0.92 -17.58 9.79
C GLU C 324 -2.17 -17.36 10.63
N GLN C 325 -3.05 -18.35 10.68
CA GLN C 325 -4.29 -18.24 11.45
C GLN C 325 -4.16 -18.74 12.88
N GLY C 326 -2.94 -19.08 13.28
CA GLY C 326 -2.75 -19.60 14.62
C GLY C 326 -3.48 -20.90 14.91
N GLU C 327 -3.81 -21.65 13.87
CA GLU C 327 -4.51 -22.90 14.06
C GLU C 327 -3.67 -24.05 14.57
N PHE C 328 -2.98 -23.79 15.68
CA PHE C 328 -2.16 -24.78 16.33
C PHE C 328 -2.19 -24.53 17.82
N LEU C 329 -1.98 -25.59 18.59
CA LEU C 329 -2.00 -25.46 20.05
C LEU C 329 -0.67 -24.88 20.47
N ASN C 330 -0.52 -24.62 21.76
CA ASN C 330 0.73 -24.06 22.20
C ASN C 330 1.65 -25.14 22.73
N TYR C 331 2.89 -25.12 22.24
CA TYR C 331 3.92 -26.05 22.66
C TYR C 331 5.20 -25.24 22.87
N ASP C 332 6.20 -25.88 23.45
CA ASP C 332 7.47 -25.22 23.59
C ASP C 332 8.17 -25.61 22.28
N ILE C 333 8.51 -24.62 21.47
CA ILE C 333 9.13 -24.87 20.19
C ILE C 333 10.59 -24.47 20.10
N MET C 334 11.37 -25.35 19.47
CA MET C 334 12.78 -25.08 19.24
C MET C 334 13.05 -25.57 17.82
N LEU C 335 13.58 -24.69 16.98
CA LEU C 335 13.87 -25.08 15.61
C LEU C 335 15.01 -24.27 15.07
N GLY C 336 15.61 -24.76 13.98
CA GLY C 336 16.74 -24.06 13.38
C GLY C 336 17.23 -24.68 12.08
N VAL C 337 18.28 -24.06 11.55
CA VAL C 337 18.89 -24.50 10.29
C VAL C 337 20.40 -24.56 10.43
N ASN C 338 21.05 -25.14 9.42
CA ASN C 338 22.51 -25.27 9.38
C ASN C 338 23.02 -24.29 8.33
N GLN C 339 24.27 -23.86 8.46
CA GLN C 339 24.84 -22.89 7.51
C GLN C 339 24.70 -23.24 6.03
N GLY C 340 25.22 -24.38 5.62
CA GLY C 340 25.14 -24.74 4.21
C GLY C 340 24.23 -25.92 3.89
N GLU C 341 22.98 -25.83 4.34
CA GLU C 341 22.02 -26.89 4.11
C GLU C 341 22.12 -27.47 2.72
N GLY C 342 21.88 -26.62 1.72
CA GLY C 342 21.89 -27.06 0.34
C GLY C 342 23.24 -27.34 -0.27
N LEU C 343 24.04 -28.17 0.37
CA LEU C 343 25.33 -28.50 -0.20
C LEU C 343 25.09 -29.21 -1.52
N LYS C 344 24.42 -30.36 -1.47
CA LYS C 344 24.13 -31.14 -2.67
C LYS C 344 23.60 -30.36 -3.86
N PHE C 345 22.96 -29.24 -3.61
CA PHE C 345 22.41 -28.44 -4.70
C PHE C 345 23.50 -27.94 -5.63
N VAL C 346 24.58 -27.41 -5.07
CA VAL C 346 25.66 -26.89 -5.87
C VAL C 346 26.78 -27.88 -6.06
N GLU C 347 27.02 -28.73 -5.06
CA GLU C 347 28.11 -29.72 -5.13
C GLU C 347 28.08 -30.42 -6.50
N ASN C 348 26.90 -30.37 -7.10
CA ASN C 348 26.65 -30.95 -8.41
C ASN C 348 27.60 -30.45 -9.52
N ILE C 349 27.81 -29.12 -9.58
CA ILE C 349 28.66 -28.51 -10.61
C ILE C 349 29.79 -27.57 -10.12
N VAL C 350 30.60 -28.04 -9.16
CA VAL C 350 31.71 -27.25 -8.64
C VAL C 350 33.00 -27.75 -9.25
N ASP C 351 33.50 -27.07 -10.27
CA ASP C 351 34.73 -27.50 -10.94
C ASP C 351 35.89 -27.80 -10.01
N SER C 352 36.92 -28.41 -10.61
CA SER C 352 38.14 -28.81 -9.92
C SER C 352 38.82 -27.71 -9.11
N ASP C 353 38.60 -26.45 -9.49
CA ASP C 353 39.20 -25.32 -8.79
C ASP C 353 38.21 -24.75 -7.76
N ASP C 354 37.29 -25.60 -7.31
CA ASP C 354 36.26 -25.22 -6.32
C ASP C 354 35.48 -23.97 -6.70
N GLY C 355 35.19 -23.79 -7.99
CA GLY C 355 34.45 -22.60 -8.39
C GLY C 355 33.14 -22.90 -9.09
N VAL C 356 32.49 -21.85 -9.58
CA VAL C 356 31.23 -21.99 -10.29
C VAL C 356 31.25 -21.02 -11.45
N SER C 357 31.08 -21.56 -12.66
CA SER C 357 31.08 -20.73 -13.85
C SER C 357 29.87 -19.81 -13.87
N ALA C 358 30.11 -18.53 -14.12
CA ALA C 358 29.02 -17.56 -14.15
C ALA C 358 27.88 -18.03 -15.04
N SER C 359 28.16 -18.88 -16.02
CA SER C 359 27.09 -19.36 -16.89
C SER C 359 26.32 -20.49 -16.21
N ASP C 360 26.99 -21.23 -15.33
CA ASP C 360 26.35 -22.32 -14.58
C ASP C 360 25.49 -21.71 -13.49
N PHE C 361 25.94 -20.57 -12.96
CA PHE C 361 25.20 -19.86 -11.94
C PHE C 361 23.97 -19.25 -12.61
N ASP C 362 24.18 -18.46 -13.66
CA ASP C 362 23.06 -17.85 -14.36
C ASP C 362 22.05 -18.90 -14.72
N PHE C 363 22.53 -20.11 -14.98
CA PHE C 363 21.65 -21.21 -15.34
C PHE C 363 20.91 -21.79 -14.14
N ALA C 364 21.67 -22.22 -13.14
CA ALA C 364 21.10 -22.80 -11.92
C ALA C 364 19.89 -22.00 -11.42
N VAL C 365 20.00 -20.67 -11.47
CA VAL C 365 18.92 -19.81 -11.01
C VAL C 365 17.73 -19.89 -11.96
N SER C 366 17.94 -19.56 -13.22
CA SER C 366 16.88 -19.59 -14.22
C SER C 366 16.09 -20.86 -14.12
N ASN C 367 16.82 -21.94 -13.80
CA ASN C 367 16.23 -23.27 -13.65
C ASN C 367 15.44 -23.35 -12.34
N PHE C 368 16.10 -22.96 -11.24
CA PHE C 368 15.49 -22.94 -9.91
C PHE C 368 14.17 -22.16 -9.96
N VAL C 369 14.17 -21.06 -10.71
CA VAL C 369 12.99 -20.25 -10.82
C VAL C 369 11.91 -20.97 -11.59
N ASP C 370 12.28 -21.63 -12.69
CA ASP C 370 11.29 -22.34 -13.51
C ASP C 370 10.51 -23.38 -12.70
N ASN C 371 11.19 -24.08 -11.81
CA ASN C 371 10.55 -25.12 -10.97
C ASN C 371 9.75 -24.62 -9.75
N LEU C 372 10.25 -23.58 -9.08
CA LEU C 372 9.56 -23.07 -7.91
C LEU C 372 8.55 -21.98 -8.25
N TYR C 373 8.69 -21.39 -9.42
CA TYR C 373 7.80 -20.31 -9.83
C TYR C 373 7.57 -20.41 -11.34
N GLY C 374 6.48 -21.07 -11.75
CA GLY C 374 6.21 -21.20 -13.18
C GLY C 374 5.19 -20.23 -13.76
N VAL C 381 12.23 -12.36 -14.69
CA VAL C 381 12.09 -11.10 -13.96
C VAL C 381 12.38 -11.17 -12.45
N LEU C 382 11.91 -12.23 -11.81
CA LEU C 382 12.19 -12.43 -10.40
C LEU C 382 13.59 -12.93 -10.54
N ARG C 383 13.78 -13.64 -11.66
CA ARG C 383 15.03 -14.26 -12.06
C ARG C 383 16.18 -13.27 -11.97
N GLU C 384 16.00 -12.10 -12.59
CA GLU C 384 17.05 -11.09 -12.57
C GLU C 384 17.23 -10.54 -11.15
N THR C 385 16.13 -10.46 -10.41
CA THR C 385 16.17 -9.97 -9.04
C THR C 385 16.91 -10.95 -8.13
N ILE C 386 16.71 -12.24 -8.35
CA ILE C 386 17.38 -13.24 -7.54
C ILE C 386 18.87 -13.15 -7.81
N LYS C 387 19.23 -13.17 -9.09
CA LYS C 387 20.64 -13.11 -9.51
C LYS C 387 21.35 -11.92 -8.90
N PHE C 388 20.68 -10.77 -8.89
CA PHE C 388 21.28 -9.59 -8.31
C PHE C 388 21.52 -9.83 -6.83
N MET C 389 20.46 -10.17 -6.12
CA MET C 389 20.53 -10.41 -4.69
C MET C 389 21.58 -11.41 -4.25
N TYR C 390 21.94 -12.33 -5.13
CA TYR C 390 22.91 -13.36 -4.77
C TYR C 390 24.28 -13.29 -5.46
N THR C 391 24.76 -12.06 -5.67
CA THR C 391 26.04 -11.82 -6.31
C THR C 391 26.81 -10.80 -5.47
N ASP C 392 27.92 -11.21 -4.87
CA ASP C 392 28.72 -10.27 -4.08
C ASP C 392 29.43 -9.37 -5.07
N TRP C 393 28.84 -8.21 -5.37
CA TRP C 393 29.41 -7.27 -6.34
C TRP C 393 30.80 -6.71 -5.98
N ALA C 394 31.17 -6.81 -4.72
CA ALA C 394 32.46 -6.34 -4.28
C ALA C 394 33.46 -7.45 -4.59
N ASP C 395 33.11 -8.30 -5.55
CA ASP C 395 33.94 -9.45 -5.94
C ASP C 395 33.12 -10.22 -6.98
N ARG C 396 32.44 -9.49 -7.86
CA ARG C 396 31.58 -10.10 -8.87
C ARG C 396 32.19 -11.10 -9.86
N HIS C 397 33.41 -11.55 -9.59
CA HIS C 397 34.08 -12.50 -10.50
C HIS C 397 34.70 -13.73 -9.84
N ASN C 398 34.93 -13.69 -8.53
CA ASN C 398 35.51 -14.82 -7.81
C ASN C 398 34.57 -16.03 -7.91
N PRO C 399 35.00 -17.10 -8.59
CA PRO C 399 34.18 -18.30 -8.76
C PRO C 399 33.91 -19.05 -7.47
N GLU C 400 34.82 -18.95 -6.51
CA GLU C 400 34.63 -19.61 -5.22
C GLU C 400 33.51 -18.90 -4.47
N THR C 401 33.47 -17.58 -4.57
CA THR C 401 32.44 -16.79 -3.93
C THR C 401 31.16 -17.06 -4.69
N ARG C 402 31.23 -17.00 -6.01
CA ARG C 402 30.07 -17.25 -6.84
C ARG C 402 29.37 -18.54 -6.45
N ARG C 403 30.12 -19.43 -5.81
CA ARG C 403 29.56 -20.70 -5.38
C ARG C 403 28.89 -20.58 -4.03
N LYS C 404 29.61 -19.96 -3.07
CA LYS C 404 29.07 -19.77 -1.73
C LYS C 404 27.69 -19.17 -1.82
N THR C 405 27.55 -18.09 -2.57
CA THR C 405 26.26 -17.44 -2.71
C THR C 405 25.27 -18.33 -3.43
N LEU C 406 25.70 -19.04 -4.47
CA LEU C 406 24.76 -19.90 -5.17
C LEU C 406 24.19 -20.96 -4.23
N LEU C 407 25.00 -21.39 -3.28
CA LEU C 407 24.55 -22.39 -2.32
C LEU C 407 23.61 -21.75 -1.31
N ALA C 408 23.90 -20.52 -0.92
CA ALA C 408 23.05 -19.83 0.01
C ALA C 408 21.66 -19.71 -0.59
N LEU C 409 21.59 -19.46 -1.89
CA LEU C 409 20.30 -19.32 -2.55
C LEU C 409 19.40 -20.46 -2.14
N PHE C 410 19.80 -21.69 -2.44
CA PHE C 410 19.03 -22.86 -2.07
C PHE C 410 18.80 -22.83 -0.55
N THR C 411 19.88 -22.90 0.21
CA THR C 411 19.82 -22.89 1.68
C THR C 411 18.82 -21.90 2.27
N ASP C 412 18.88 -20.66 1.81
CA ASP C 412 17.98 -19.64 2.29
C ASP C 412 16.54 -20.00 1.97
N HIS C 413 16.25 -20.19 0.69
CA HIS C 413 14.91 -20.51 0.23
C HIS C 413 14.27 -21.81 0.73
N GLN C 414 15.01 -22.91 0.62
CA GLN C 414 14.49 -24.22 1.05
C GLN C 414 14.50 -24.49 2.56
N TRP C 415 15.37 -23.82 3.30
CA TRP C 415 15.45 -24.06 4.73
C TRP C 415 15.30 -22.83 5.63
N VAL C 416 16.23 -21.89 5.54
CA VAL C 416 16.17 -20.70 6.40
C VAL C 416 14.88 -19.88 6.37
N ALA C 417 14.40 -19.55 5.18
CA ALA C 417 13.19 -18.73 5.08
C ALA C 417 11.97 -19.37 5.76
N PRO C 418 11.66 -20.63 5.41
CA PRO C 418 10.51 -21.32 6.00
C PRO C 418 10.65 -21.46 7.51
N ALA C 419 11.87 -21.69 7.94
CA ALA C 419 12.17 -21.85 9.34
C ALA C 419 11.80 -20.59 10.09
N VAL C 420 12.41 -19.48 9.69
CA VAL C 420 12.12 -18.20 10.33
C VAL C 420 10.61 -17.95 10.25
N ALA C 421 10.02 -18.23 9.09
CA ALA C 421 8.58 -18.04 8.90
C ALA C 421 7.83 -18.71 10.05
N THR C 422 8.18 -19.96 10.30
CA THR C 422 7.57 -20.74 11.38
C THR C 422 7.80 -20.10 12.76
N ALA C 423 9.06 -19.85 13.11
CA ALA C 423 9.43 -19.25 14.40
C ALA C 423 8.69 -17.95 14.67
N ASP C 424 8.53 -17.15 13.63
CA ASP C 424 7.84 -15.86 13.72
C ASP C 424 6.39 -16.00 14.12
N LEU C 425 5.72 -16.99 13.55
CA LEU C 425 4.30 -17.22 13.84
C LEU C 425 4.09 -17.98 15.15
N HIS C 426 4.92 -18.98 15.39
CA HIS C 426 4.80 -19.74 16.60
C HIS C 426 4.95 -18.85 17.80
N SER C 427 5.80 -17.83 17.70
CA SER C 427 5.99 -16.92 18.82
C SER C 427 4.83 -15.94 18.88
N ASN C 428 4.53 -15.28 17.77
CA ASN C 428 3.43 -14.32 17.73
C ASN C 428 2.14 -14.95 18.26
N PHE C 429 2.14 -16.24 18.53
CA PHE C 429 0.91 -16.83 19.02
C PHE C 429 1.00 -17.42 20.40
N GLY C 430 2.01 -17.01 21.17
CA GLY C 430 2.13 -17.48 22.53
C GLY C 430 3.18 -18.55 22.80
N SER C 431 3.39 -19.43 21.84
CA SER C 431 4.38 -20.50 22.01
C SER C 431 5.80 -19.98 22.30
N PRO C 432 6.43 -20.50 23.36
CA PRO C 432 7.78 -20.09 23.73
C PRO C 432 8.70 -20.71 22.68
N THR C 433 9.38 -19.86 21.91
CA THR C 433 10.22 -20.36 20.85
C THR C 433 11.70 -20.08 21.02
N TYR C 434 12.55 -20.98 20.56
CA TYR C 434 14.01 -20.82 20.59
C TYR C 434 14.49 -21.17 19.17
N PHE C 435 15.33 -20.34 18.58
CA PHE C 435 15.81 -20.59 17.22
C PHE C 435 17.31 -20.71 17.23
N TYR C 436 17.86 -21.58 16.39
CA TYR C 436 19.30 -21.77 16.34
C TYR C 436 19.84 -21.91 14.92
N ALA C 437 21.10 -21.53 14.75
CA ALA C 437 21.78 -21.65 13.46
C ALA C 437 23.00 -22.52 13.74
N PHE C 438 23.16 -23.59 12.98
CA PHE C 438 24.27 -24.50 13.21
C PHE C 438 25.47 -24.29 12.30
N TYR C 439 26.58 -23.80 12.84
CA TYR C 439 27.80 -23.56 12.07
C TYR C 439 28.97 -24.42 12.49
N HIS C 440 28.90 -25.72 12.27
CA HIS C 440 30.00 -26.61 12.62
C HIS C 440 29.68 -28.01 12.18
N HIS C 441 30.61 -28.62 11.46
CA HIS C 441 30.40 -29.96 10.98
C HIS C 441 31.64 -30.78 11.26
N CYS C 442 31.55 -32.07 10.96
CA CYS C 442 32.68 -32.94 11.17
C CYS C 442 33.41 -32.97 9.84
N GLN C 443 34.71 -32.72 9.89
CA GLN C 443 35.52 -32.70 8.68
C GLN C 443 36.05 -34.09 8.28
N THR C 444 35.47 -34.65 7.22
CA THR C 444 35.91 -35.94 6.71
C THR C 444 36.45 -35.71 5.29
N ASP C 445 36.64 -36.79 4.55
CA ASP C 445 37.14 -36.70 3.19
C ASP C 445 36.00 -36.90 2.19
N GLN C 446 34.82 -37.27 2.69
CA GLN C 446 33.64 -37.48 1.84
C GLN C 446 32.97 -36.14 1.49
N VAL C 447 33.08 -35.17 2.39
CA VAL C 447 32.51 -33.85 2.17
C VAL C 447 33.67 -32.93 1.85
N PRO C 448 33.57 -32.18 0.73
CA PRO C 448 34.62 -31.25 0.32
C PRO C 448 35.07 -30.36 1.48
N ALA C 449 36.25 -29.77 1.36
CA ALA C 449 36.76 -28.90 2.43
C ALA C 449 36.04 -27.54 2.48
N TRP C 450 35.71 -27.01 1.30
CA TRP C 450 35.02 -25.72 1.19
C TRP C 450 33.55 -25.77 1.62
N ALA C 451 33.06 -26.97 1.92
CA ALA C 451 31.67 -27.14 2.34
C ALA C 451 31.52 -26.78 3.80
N ASP C 452 30.28 -26.60 4.25
CA ASP C 452 30.03 -26.25 5.63
C ASP C 452 28.97 -27.19 6.16
N ALA C 453 28.42 -26.86 7.33
CA ALA C 453 27.37 -27.67 7.92
C ALA C 453 26.30 -27.91 6.86
N ALA C 454 26.23 -29.14 6.38
CA ALA C 454 25.26 -29.49 5.36
C ALA C 454 24.02 -30.07 6.00
N HIS C 455 23.00 -30.35 5.19
CA HIS C 455 21.77 -30.90 5.72
C HIS C 455 21.96 -32.17 6.55
N GLY C 456 21.69 -32.09 7.85
CA GLY C 456 21.85 -33.25 8.70
C GLY C 456 23.14 -33.39 9.51
N ASP C 457 24.09 -32.50 9.30
CA ASP C 457 25.35 -32.56 10.02
C ASP C 457 25.17 -32.35 11.51
N GLU C 458 23.96 -31.96 11.92
CA GLU C 458 23.71 -31.73 13.33
C GLU C 458 23.31 -33.03 14.02
N VAL C 459 22.70 -33.94 13.27
CA VAL C 459 22.24 -35.20 13.84
C VAL C 459 23.25 -35.95 14.70
N PRO C 460 24.50 -36.12 14.22
CA PRO C 460 25.49 -36.83 15.03
C PRO C 460 25.87 -36.10 16.30
N TYR C 461 25.61 -34.80 16.37
CA TYR C 461 25.94 -34.08 17.58
C TYR C 461 24.76 -34.13 18.54
N VAL C 462 23.57 -34.29 17.99
CA VAL C 462 22.39 -34.36 18.81
C VAL C 462 22.26 -35.76 19.37
N LEU C 463 22.87 -36.75 18.71
CA LEU C 463 22.80 -38.11 19.21
C LEU C 463 24.01 -38.51 20.05
N GLY C 464 24.89 -37.53 20.28
CA GLY C 464 26.08 -37.74 21.07
C GLY C 464 27.08 -38.73 20.50
N ILE C 465 27.04 -38.93 19.20
CA ILE C 465 27.97 -39.86 18.56
C ILE C 465 29.44 -39.60 18.92
N PRO C 466 29.88 -38.33 18.87
CA PRO C 466 31.27 -38.00 19.21
C PRO C 466 31.76 -38.63 20.51
N MET C 467 30.86 -38.76 21.49
CA MET C 467 31.22 -39.35 22.77
C MET C 467 31.48 -40.86 22.75
N ILE C 468 31.23 -41.50 21.61
CA ILE C 468 31.47 -42.94 21.50
C ILE C 468 32.38 -43.21 20.29
N GLY C 469 33.10 -42.18 19.86
CA GLY C 469 34.00 -42.31 18.73
C GLY C 469 33.31 -42.74 17.44
N PRO C 470 34.01 -42.61 16.30
CA PRO C 470 33.46 -42.99 14.99
C PRO C 470 32.62 -44.26 15.03
N THR C 471 31.61 -44.34 14.18
CA THR C 471 30.75 -45.51 14.12
C THR C 471 30.58 -45.89 12.65
N GLU C 472 30.09 -47.10 12.39
CA GLU C 472 29.91 -47.56 11.02
C GLU C 472 29.05 -46.58 10.24
N LEU C 473 28.07 -45.99 10.91
CA LEU C 473 27.19 -45.03 10.29
C LEU C 473 27.93 -43.71 10.12
N PHE C 474 28.40 -43.16 11.24
CA PHE C 474 29.13 -41.89 11.26
C PHE C 474 30.65 -42.13 11.40
N PRO C 475 31.33 -42.37 10.28
CA PRO C 475 32.77 -42.64 10.22
C PRO C 475 33.71 -41.54 10.69
N CYS C 476 33.42 -40.30 10.36
CA CYS C 476 34.27 -39.16 10.73
C CYS C 476 35.09 -39.34 12.02
N ASN C 477 36.34 -38.89 11.98
CA ASN C 477 37.25 -39.02 13.13
C ASN C 477 37.12 -37.82 14.07
N PHE C 478 36.05 -37.83 14.85
CA PHE C 478 35.74 -36.76 15.79
C PHE C 478 36.89 -36.24 16.63
N SER C 479 37.07 -34.92 16.61
CA SER C 479 38.12 -34.27 17.38
C SER C 479 37.62 -34.06 18.81
N LYS C 480 38.46 -33.50 19.67
CA LYS C 480 38.08 -33.26 21.05
C LYS C 480 37.00 -32.20 21.09
N ASN C 481 37.01 -31.31 20.10
CA ASN C 481 36.01 -30.24 19.99
C ASN C 481 34.66 -30.82 19.65
N ASP C 482 34.64 -31.73 18.68
CA ASP C 482 33.40 -32.37 18.27
C ASP C 482 32.70 -33.00 19.46
N VAL C 483 33.44 -33.73 20.29
CA VAL C 483 32.86 -34.37 21.48
C VAL C 483 32.44 -33.33 22.51
N MET C 484 33.21 -32.24 22.56
CA MET C 484 32.92 -31.17 23.47
C MET C 484 31.62 -30.50 23.02
N LEU C 485 31.58 -30.05 21.76
CA LEU C 485 30.40 -29.39 21.20
C LEU C 485 29.20 -30.33 21.22
N SER C 486 29.45 -31.64 21.12
CA SER C 486 28.36 -32.61 21.15
C SER C 486 27.69 -32.55 22.51
N ALA C 487 28.48 -32.35 23.55
CA ALA C 487 27.95 -32.27 24.89
C ALA C 487 27.15 -30.98 25.04
N VAL C 488 27.69 -29.87 24.55
CA VAL C 488 27.02 -28.57 24.64
C VAL C 488 25.63 -28.64 24.04
N VAL C 489 25.53 -29.29 22.89
CA VAL C 489 24.27 -29.46 22.17
C VAL C 489 23.30 -30.33 22.95
N MET C 490 23.74 -31.53 23.32
CA MET C 490 22.89 -32.48 24.06
C MET C 490 22.31 -31.84 25.33
N THR C 491 23.14 -31.09 26.03
CA THR C 491 22.68 -30.46 27.26
C THR C 491 21.56 -29.48 26.99
N TYR C 492 21.55 -28.86 25.82
CA TYR C 492 20.49 -27.92 25.47
C TYR C 492 19.24 -28.73 25.17
N TRP C 493 19.33 -29.56 24.15
CA TRP C 493 18.24 -30.40 23.74
C TRP C 493 17.54 -31.07 24.92
N THR C 494 18.30 -31.66 25.83
CA THR C 494 17.71 -32.33 26.97
C THR C 494 17.09 -31.35 27.97
N ASN C 495 17.84 -30.31 28.32
CA ASN C 495 17.31 -29.31 29.25
C ASN C 495 15.98 -28.87 28.71
N PHE C 496 15.93 -28.61 27.40
CA PHE C 496 14.72 -28.20 26.75
C PHE C 496 13.64 -29.26 27.03
N ALA C 497 13.94 -30.52 26.69
CA ALA C 497 12.99 -31.64 26.90
C ALA C 497 12.56 -31.75 28.36
N LYS C 498 13.45 -31.34 29.25
CA LYS C 498 13.23 -31.38 30.69
C LYS C 498 12.32 -30.28 31.16
N THR C 499 12.68 -29.04 30.83
CA THR C 499 11.89 -27.89 31.28
C THR C 499 11.19 -27.01 30.23
N GLY C 500 11.60 -27.09 28.96
CA GLY C 500 10.98 -26.24 27.96
C GLY C 500 11.80 -24.97 27.86
N ASP C 501 13.05 -25.09 28.29
CA ASP C 501 14.00 -24.00 28.28
C ASP C 501 15.34 -24.72 28.15
N PRO C 502 16.06 -24.49 27.04
CA PRO C 502 17.35 -25.10 26.77
C PRO C 502 18.42 -24.77 27.82
N ASN C 503 18.10 -23.84 28.71
CA ASN C 503 19.02 -23.41 29.74
C ASN C 503 18.80 -24.02 31.12
N GLN C 504 17.62 -24.58 31.36
CA GLN C 504 17.32 -25.20 32.64
C GLN C 504 17.15 -26.71 32.48
N PRO C 505 17.60 -27.50 33.47
CA PRO C 505 18.25 -27.11 34.73
C PRO C 505 19.79 -27.07 34.71
N VAL C 506 20.42 -28.01 33.99
CA VAL C 506 21.88 -28.14 33.87
C VAL C 506 22.63 -26.85 33.50
N GLU C 522 28.30 -19.20 29.81
CA GLU C 522 28.79 -18.01 29.12
C GLU C 522 27.71 -17.53 28.15
N VAL C 523 26.84 -18.46 27.74
CA VAL C 523 25.77 -18.14 26.81
C VAL C 523 24.40 -18.66 27.21
N ALA C 524 23.48 -17.72 27.33
CA ALA C 524 22.09 -18.02 27.66
C ALA C 524 21.35 -17.95 26.35
N TRP C 525 20.72 -19.05 25.96
CA TRP C 525 19.98 -19.10 24.71
C TRP C 525 18.70 -18.32 24.93
N THR C 526 18.75 -17.02 24.69
CA THR C 526 17.58 -16.17 24.87
C THR C 526 16.44 -16.63 23.97
N ARG C 527 15.23 -16.23 24.31
CA ARG C 527 14.05 -16.62 23.53
C ARG C 527 13.84 -15.87 22.22
N TYR C 528 13.28 -16.58 21.26
CA TYR C 528 13.01 -16.01 19.97
C TYR C 528 11.66 -15.34 19.97
N SER C 529 11.66 -14.07 19.58
CA SER C 529 10.45 -13.26 19.48
C SER C 529 10.53 -12.66 18.11
N GLN C 530 9.39 -12.36 17.51
CA GLN C 530 9.39 -11.79 16.18
C GLN C 530 10.08 -10.41 16.12
N LYS C 531 10.02 -9.66 17.20
CA LYS C 531 10.61 -8.32 17.24
C LYS C 531 12.13 -8.25 17.30
N ASP C 532 12.79 -9.25 17.84
CA ASP C 532 14.24 -9.22 17.92
C ASP C 532 14.92 -10.41 17.28
N GLN C 533 14.14 -11.47 17.09
CA GLN C 533 14.62 -12.68 16.46
C GLN C 533 15.99 -13.14 16.93
N LEU C 534 16.16 -13.27 18.23
CA LEU C 534 17.42 -13.73 18.78
C LEU C 534 17.60 -15.21 18.57
N TYR C 535 18.72 -15.59 17.98
CA TYR C 535 19.01 -17.00 17.73
C TYR C 535 20.39 -17.37 18.29
N LEU C 536 20.57 -18.64 18.67
CA LEU C 536 21.85 -19.06 19.18
C LEU C 536 22.70 -19.57 18.05
N HIS C 537 23.85 -18.92 17.83
CA HIS C 537 24.76 -19.32 16.77
C HIS C 537 25.57 -20.48 17.32
N ILE C 538 25.07 -21.67 17.11
CA ILE C 538 25.74 -22.86 17.60
C ILE C 538 26.91 -23.24 16.74
N GLY C 539 28.10 -23.14 17.32
CA GLY C 539 29.32 -23.49 16.64
C GLY C 539 30.37 -23.74 17.71
N LEU C 540 31.63 -23.42 17.42
CA LEU C 540 32.66 -23.62 18.43
C LEU C 540 32.67 -22.46 19.40
N LYS C 541 31.99 -21.39 19.00
CA LYS C 541 31.89 -20.20 19.83
C LYS C 541 30.42 -19.83 20.01
N PRO C 542 29.61 -20.74 20.59
CA PRO C 542 28.21 -20.34 20.73
C PRO C 542 28.04 -18.91 21.24
N ARG C 543 27.08 -18.21 20.66
CA ARG C 543 26.79 -16.85 21.06
C ARG C 543 25.52 -16.38 20.37
N VAL C 544 24.71 -15.64 21.09
CA VAL C 544 23.45 -15.15 20.58
C VAL C 544 23.58 -13.98 19.67
N LYS C 545 23.03 -14.10 18.47
CA LYS C 545 23.02 -13.02 17.50
C LYS C 545 21.55 -12.73 17.24
N GLU C 546 21.26 -11.70 16.47
CA GLU C 546 19.87 -11.37 16.19
C GLU C 546 19.60 -11.34 14.68
N HIS C 547 18.34 -11.57 14.31
CA HIS C 547 17.92 -11.56 12.91
C HIS C 547 18.79 -12.38 11.97
N TYR C 548 18.74 -13.70 12.08
CA TYR C 548 19.55 -14.56 11.20
C TYR C 548 19.26 -14.24 9.73
N ARG C 549 20.31 -14.08 8.93
CA ARG C 549 20.19 -13.75 7.51
C ARG C 549 19.00 -12.86 7.17
N ALA C 550 18.70 -11.93 8.07
CA ALA C 550 17.59 -11.01 7.92
C ALA C 550 17.30 -10.54 6.50
N ASN C 551 18.35 -10.26 5.74
CA ASN C 551 18.18 -9.75 4.39
C ASN C 551 17.51 -10.67 3.41
N LYS C 552 18.13 -11.82 3.17
CA LYS C 552 17.59 -12.78 2.23
C LYS C 552 16.24 -13.29 2.74
N VAL C 553 16.17 -13.58 4.03
CA VAL C 553 14.94 -14.07 4.63
C VAL C 553 13.79 -13.18 4.23
N ASN C 554 14.06 -11.90 4.12
CA ASN C 554 13.04 -10.95 3.76
C ASN C 554 12.77 -10.94 2.27
N LEU C 555 13.80 -11.15 1.49
CA LEU C 555 13.67 -11.18 0.05
C LEU C 555 12.63 -12.24 -0.31
N TRP C 556 12.71 -13.36 0.38
CA TRP C 556 11.85 -14.51 0.15
C TRP C 556 10.47 -14.50 0.77
N LEU C 557 10.37 -13.99 1.98
CA LEU C 557 9.07 -13.95 2.64
C LEU C 557 8.38 -12.63 2.33
N GLU C 558 9.15 -11.66 1.87
CA GLU C 558 8.61 -10.34 1.56
C GLU C 558 8.59 -9.82 0.11
N LEU C 559 9.76 -9.60 -0.46
CA LEU C 559 9.80 -9.07 -1.79
C LEU C 559 9.30 -10.02 -2.87
N VAL C 560 9.90 -11.19 -2.98
CA VAL C 560 9.50 -12.15 -4.01
C VAL C 560 7.99 -12.29 -4.14
N PRO C 561 7.28 -12.35 -3.00
CA PRO C 561 5.82 -12.47 -3.04
C PRO C 561 5.18 -11.23 -3.63
N HIS C 562 5.51 -10.07 -3.10
CA HIS C 562 4.98 -8.80 -3.59
C HIS C 562 5.08 -8.68 -5.10
N LEU C 563 6.17 -9.20 -5.66
CA LEU C 563 6.40 -9.14 -7.09
C LEU C 563 5.54 -10.13 -7.86
N HIS C 564 5.63 -11.40 -7.48
CA HIS C 564 4.85 -12.49 -8.10
C HIS C 564 3.37 -12.18 -7.82
N ASN C 565 3.14 -10.96 -7.34
CA ASN C 565 1.82 -10.46 -6.97
C ASN C 565 1.39 -9.31 -7.90
N LEU C 566 1.80 -9.40 -9.15
CA LEU C 566 1.48 -8.38 -10.14
C LEU C 566 1.45 -8.90 -11.60
N ASP D 10 -52.01 -18.62 -47.80
CA ASP D 10 -51.25 -19.70 -47.10
C ASP D 10 -49.76 -19.42 -47.03
N PRO D 11 -49.19 -19.41 -45.81
CA PRO D 11 -47.78 -19.15 -45.48
C PRO D 11 -46.85 -20.36 -45.55
N LEU D 12 -46.08 -20.46 -46.62
CA LEU D 12 -45.13 -21.56 -46.79
C LEU D 12 -43.70 -21.07 -46.97
N VAL D 13 -42.75 -21.86 -46.46
CA VAL D 13 -41.34 -21.54 -46.57
C VAL D 13 -40.52 -22.82 -46.62
N THR D 14 -39.58 -22.86 -47.57
CA THR D 14 -38.72 -24.02 -47.72
C THR D 14 -37.44 -23.78 -46.95
N THR D 15 -36.96 -24.81 -46.27
CA THR D 15 -35.74 -24.70 -45.49
C THR D 15 -34.80 -25.81 -45.97
N ASN D 16 -33.60 -25.85 -45.43
CA ASN D 16 -32.65 -26.88 -45.83
C ASN D 16 -32.98 -28.24 -45.23
N PHE D 17 -34.10 -28.32 -44.53
CA PHE D 17 -34.51 -29.58 -43.93
C PHE D 17 -35.89 -30.01 -44.42
N GLY D 18 -36.60 -29.10 -45.08
CA GLY D 18 -37.92 -29.38 -45.61
C GLY D 18 -38.78 -28.13 -45.63
N LYS D 19 -40.02 -28.25 -46.12
CA LYS D 19 -40.91 -27.10 -46.16
C LYS D 19 -41.75 -27.07 -44.89
N ILE D 20 -42.24 -25.89 -44.51
CA ILE D 20 -43.07 -25.79 -43.33
C ILE D 20 -44.13 -24.71 -43.49
N ARG D 21 -45.28 -24.94 -42.85
CA ARG D 21 -46.39 -23.99 -42.90
C ARG D 21 -46.61 -23.29 -41.58
N GLY D 22 -46.66 -21.97 -41.63
CA GLY D 22 -46.88 -21.19 -40.43
C GLY D 22 -48.27 -20.57 -40.47
N ILE D 23 -48.87 -20.42 -39.29
CA ILE D 23 -50.20 -19.82 -39.16
C ILE D 23 -50.06 -18.31 -39.01
N LYS D 24 -50.86 -17.56 -39.74
CA LYS D 24 -50.82 -16.10 -39.68
C LYS D 24 -51.65 -15.61 -38.49
N LYS D 25 -51.32 -14.42 -37.98
CA LYS D 25 -52.05 -13.85 -36.84
C LYS D 25 -52.24 -12.34 -36.87
N GLU D 26 -53.31 -11.90 -36.21
CA GLU D 26 -53.65 -10.49 -36.12
C GLU D 26 -53.25 -10.00 -34.74
N LEU D 27 -53.01 -8.68 -34.63
CA LEU D 27 -52.63 -8.10 -33.35
C LEU D 27 -53.70 -7.18 -32.81
N ASN D 28 -53.83 -7.16 -31.49
CA ASN D 28 -54.83 -6.36 -30.80
C ASN D 28 -54.70 -4.84 -30.94
N ASN D 29 -54.07 -4.39 -32.02
CA ASN D 29 -53.92 -2.94 -32.23
C ASN D 29 -54.12 -2.63 -33.70
N GLU D 30 -54.65 -1.44 -33.99
CA GLU D 30 -54.90 -1.02 -35.37
C GLU D 30 -53.73 -0.28 -36.01
N ILE D 31 -52.55 -0.40 -35.43
CA ILE D 31 -51.37 0.25 -35.99
C ILE D 31 -50.36 -0.84 -36.32
N LEU D 32 -50.50 -1.96 -35.63
CA LEU D 32 -49.62 -3.10 -35.81
C LEU D 32 -50.13 -4.01 -36.93
N GLY D 33 -49.28 -4.19 -37.95
CA GLY D 33 -49.66 -5.05 -39.05
C GLY D 33 -49.84 -6.47 -38.58
N PRO D 34 -49.97 -7.45 -39.50
CA PRO D 34 -50.14 -8.84 -39.10
C PRO D 34 -48.78 -9.51 -38.95
N VAL D 35 -48.80 -10.78 -38.54
CA VAL D 35 -47.57 -11.52 -38.35
C VAL D 35 -47.77 -13.00 -38.66
N ILE D 36 -46.78 -13.61 -39.30
CA ILE D 36 -46.84 -15.02 -39.62
C ILE D 36 -46.03 -15.77 -38.58
N GLN D 37 -46.69 -16.60 -37.77
CA GLN D 37 -46.00 -17.34 -36.73
C GLN D 37 -45.66 -18.77 -37.15
N PHE D 38 -44.42 -19.19 -36.93
CA PHE D 38 -44.01 -20.56 -37.25
C PHE D 38 -43.64 -21.20 -35.92
N LEU D 39 -44.64 -21.74 -35.24
CA LEU D 39 -44.42 -22.35 -33.94
C LEU D 39 -44.06 -23.84 -33.98
N GLY D 40 -43.11 -24.23 -33.13
CA GLY D 40 -42.69 -25.62 -33.06
C GLY D 40 -41.56 -26.08 -33.97
N VAL D 41 -40.92 -25.16 -34.70
CA VAL D 41 -39.82 -25.55 -35.59
C VAL D 41 -38.69 -26.27 -34.88
N PRO D 42 -38.31 -27.47 -35.37
CA PRO D 42 -37.23 -28.25 -34.77
C PRO D 42 -35.88 -27.78 -35.31
N TYR D 43 -34.97 -27.42 -34.41
CA TYR D 43 -33.66 -26.95 -34.82
C TYR D 43 -32.57 -27.95 -34.49
N ALA D 44 -32.96 -29.11 -33.98
CA ALA D 44 -32.00 -30.14 -33.64
C ALA D 44 -32.63 -31.49 -33.36
N ALA D 45 -31.79 -32.52 -33.35
CA ALA D 45 -32.22 -33.89 -33.11
C ALA D 45 -32.61 -34.05 -31.64
N PRO D 46 -33.76 -34.69 -31.38
CA PRO D 46 -34.26 -34.92 -30.02
C PRO D 46 -33.17 -35.50 -29.12
N PRO D 47 -32.92 -34.83 -27.98
CA PRO D 47 -31.91 -35.23 -26.99
C PRO D 47 -32.44 -36.40 -26.16
N THR D 48 -32.69 -37.52 -26.83
CA THR D 48 -33.26 -38.68 -26.17
C THR D 48 -32.45 -39.98 -26.14
N GLY D 49 -32.70 -40.77 -25.11
CA GLY D 49 -32.04 -42.05 -24.91
C GLY D 49 -30.54 -41.97 -24.73
N GLU D 50 -29.82 -42.25 -25.81
CA GLU D 50 -28.36 -42.22 -25.82
C GLU D 50 -27.88 -40.80 -26.09
N HIS D 51 -28.81 -39.96 -26.56
CA HIS D 51 -28.50 -38.56 -26.87
C HIS D 51 -28.66 -37.61 -25.69
N ARG D 52 -29.16 -38.14 -24.58
CA ARG D 52 -29.34 -37.37 -23.36
C ARG D 52 -27.95 -37.14 -22.77
N PHE D 53 -27.67 -35.93 -22.29
CA PHE D 53 -26.36 -35.62 -21.74
C PHE D 53 -25.33 -35.64 -22.88
N GLN D 54 -25.78 -35.34 -24.09
CA GLN D 54 -24.92 -35.33 -25.26
C GLN D 54 -25.10 -34.08 -26.10
N PRO D 55 -24.02 -33.56 -26.68
CA PRO D 55 -24.14 -32.34 -27.49
C PRO D 55 -25.32 -32.51 -28.45
N PRO D 56 -26.08 -31.43 -28.70
CA PRO D 56 -27.22 -31.56 -29.61
C PRO D 56 -26.76 -31.94 -31.01
N GLU D 57 -27.65 -32.61 -31.76
CA GLU D 57 -27.35 -33.03 -33.12
C GLU D 57 -28.20 -32.28 -34.12
N PRO D 58 -27.75 -32.19 -35.38
CA PRO D 58 -28.56 -31.48 -36.38
C PRO D 58 -29.88 -32.22 -36.56
N PRO D 59 -30.96 -31.52 -36.93
CA PRO D 59 -32.25 -32.18 -37.11
C PRO D 59 -32.34 -32.98 -38.42
N SER D 60 -33.19 -34.00 -38.44
CA SER D 60 -33.39 -34.83 -39.63
C SER D 60 -34.46 -34.21 -40.52
N PRO D 61 -34.23 -34.18 -41.84
CA PRO D 61 -35.15 -33.62 -42.83
C PRO D 61 -36.37 -34.46 -43.21
N TRP D 62 -37.38 -33.78 -43.72
CA TRP D 62 -38.64 -34.38 -44.15
C TRP D 62 -38.88 -33.92 -45.59
N SER D 63 -39.63 -34.70 -46.35
CA SER D 63 -39.91 -34.34 -47.75
C SER D 63 -41.14 -33.47 -47.90
N ASP D 64 -42.25 -33.93 -47.33
CA ASP D 64 -43.54 -33.24 -47.37
C ASP D 64 -43.49 -31.80 -46.87
N ILE D 65 -44.59 -31.38 -46.23
CA ILE D 65 -44.72 -30.06 -45.65
C ILE D 65 -45.06 -30.27 -44.18
N ARG D 66 -44.22 -29.74 -43.29
CA ARG D 66 -44.42 -29.91 -41.86
C ARG D 66 -45.33 -28.84 -41.25
N ASN D 67 -46.36 -29.27 -40.53
CA ASN D 67 -47.27 -28.33 -39.89
C ASN D 67 -46.57 -27.69 -38.69
N ALA D 68 -46.19 -26.43 -38.84
CA ALA D 68 -45.54 -25.68 -37.76
C ALA D 68 -46.54 -24.61 -37.35
N THR D 69 -47.62 -25.03 -36.70
CA THR D 69 -48.67 -24.09 -36.30
C THR D 69 -49.05 -24.02 -34.83
N GLN D 70 -48.29 -24.69 -33.97
CA GLN D 70 -48.59 -24.67 -32.55
C GLN D 70 -47.36 -25.07 -31.75
N PHE D 71 -47.20 -24.46 -30.59
CA PHE D 71 -46.04 -24.75 -29.76
C PHE D 71 -45.80 -26.24 -29.60
N ALA D 72 -44.53 -26.62 -29.71
CA ALA D 72 -44.14 -28.01 -29.55
C ALA D 72 -43.97 -28.15 -28.04
N PRO D 73 -43.94 -29.39 -27.53
CA PRO D 73 -43.76 -29.60 -26.09
C PRO D 73 -42.58 -28.81 -25.53
N VAL D 74 -42.68 -28.41 -24.26
CA VAL D 74 -41.63 -27.67 -23.60
C VAL D 74 -40.72 -28.69 -22.91
N CYS D 75 -39.56 -28.26 -22.43
CA CYS D 75 -38.66 -29.20 -21.76
C CYS D 75 -39.11 -29.55 -20.35
N PRO D 76 -38.65 -30.69 -19.84
CA PRO D 76 -38.94 -31.25 -18.51
C PRO D 76 -38.66 -30.31 -17.36
N GLN D 77 -39.71 -29.95 -16.62
CA GLN D 77 -39.57 -29.07 -15.48
C GLN D 77 -40.71 -29.29 -14.51
N ASN D 78 -40.62 -28.63 -13.35
CA ASN D 78 -41.63 -28.76 -12.32
C ASN D 78 -41.62 -27.47 -11.52
N ILE D 79 -42.56 -26.58 -11.80
CA ILE D 79 -42.59 -25.30 -11.10
C ILE D 79 -43.62 -25.17 -9.99
N ILE D 80 -44.76 -25.84 -10.15
CA ILE D 80 -45.84 -25.77 -9.17
C ILE D 80 -45.43 -25.67 -7.69
N ASP D 81 -45.05 -26.81 -7.10
CA ASP D 81 -44.65 -26.87 -5.70
C ASP D 81 -43.47 -25.98 -5.30
N GLY D 82 -43.79 -24.71 -5.03
CA GLY D 82 -42.81 -23.69 -4.64
C GLY D 82 -41.37 -24.01 -4.27
N ARG D 83 -40.70 -24.85 -5.04
CA ARG D 83 -39.30 -25.19 -4.78
C ARG D 83 -38.43 -24.24 -5.60
N LEU D 84 -39.10 -23.39 -6.37
CA LEU D 84 -38.42 -22.42 -7.23
C LEU D 84 -37.89 -21.23 -6.44
N PRO D 85 -36.60 -20.89 -6.64
CA PRO D 85 -35.93 -19.77 -5.97
C PRO D 85 -36.59 -18.41 -6.22
N GLU D 86 -37.63 -18.13 -5.44
CA GLU D 86 -38.40 -16.90 -5.53
C GLU D 86 -37.64 -15.67 -6.04
N VAL D 87 -36.50 -15.38 -5.42
CA VAL D 87 -35.70 -14.20 -5.76
C VAL D 87 -35.13 -14.18 -7.18
N MET D 88 -34.66 -15.32 -7.66
CA MET D 88 -34.08 -15.42 -9.00
C MET D 88 -35.05 -15.23 -10.15
N LEU D 89 -36.26 -15.77 -10.00
CA LEU D 89 -37.27 -15.67 -11.04
C LEU D 89 -37.91 -14.30 -11.10
N PRO D 90 -38.35 -13.88 -12.29
CA PRO D 90 -38.98 -12.57 -12.42
C PRO D 90 -40.25 -12.54 -11.58
N VAL D 91 -40.70 -11.34 -11.24
CA VAL D 91 -41.90 -11.20 -10.44
C VAL D 91 -43.13 -11.67 -11.20
N TRP D 92 -43.31 -11.20 -12.43
CA TRP D 92 -44.47 -11.60 -13.20
C TRP D 92 -44.61 -13.13 -13.29
N PHE D 93 -43.50 -13.84 -13.26
CA PHE D 93 -43.50 -15.30 -13.33
C PHE D 93 -44.01 -15.94 -12.03
N THR D 94 -43.56 -15.43 -10.90
CA THR D 94 -43.97 -15.94 -9.57
C THR D 94 -45.38 -15.50 -9.18
N ASN D 95 -45.66 -14.21 -9.32
CA ASN D 95 -46.97 -13.66 -8.99
C ASN D 95 -48.02 -14.11 -9.99
N ASN D 96 -47.87 -15.32 -10.53
CA ASN D 96 -48.83 -15.81 -11.51
C ASN D 96 -48.51 -17.24 -11.96
N LEU D 97 -47.95 -18.05 -11.06
CA LEU D 97 -47.61 -19.43 -11.38
C LEU D 97 -48.71 -20.15 -12.15
N ASP D 98 -49.95 -19.72 -11.93
CA ASP D 98 -51.10 -20.32 -12.60
C ASP D 98 -50.89 -20.30 -14.10
N VAL D 99 -51.13 -19.12 -14.69
CA VAL D 99 -50.98 -18.93 -16.13
C VAL D 99 -49.69 -19.55 -16.64
N VAL D 100 -48.62 -19.42 -15.87
CA VAL D 100 -47.34 -19.98 -16.27
C VAL D 100 -47.45 -21.49 -16.43
N SER D 101 -48.06 -22.15 -15.46
CA SER D 101 -48.23 -23.61 -15.49
C SER D 101 -48.94 -24.04 -16.77
N SER D 102 -49.95 -23.26 -17.18
CA SER D 102 -50.70 -23.60 -18.37
C SER D 102 -49.88 -23.35 -19.64
N TYR D 103 -48.56 -23.50 -19.52
CA TYR D 103 -47.64 -23.33 -20.64
C TYR D 103 -46.70 -24.51 -20.68
N VAL D 104 -46.12 -24.79 -19.51
CA VAL D 104 -45.18 -25.87 -19.35
C VAL D 104 -45.87 -27.14 -18.89
N GLN D 105 -47.19 -27.19 -19.05
CA GLN D 105 -47.99 -28.35 -18.65
C GLN D 105 -47.79 -29.51 -19.62
N ASP D 106 -47.41 -29.16 -20.84
CA ASP D 106 -47.18 -30.14 -21.90
C ASP D 106 -45.68 -30.36 -22.06
N GLN D 107 -45.14 -31.36 -21.38
CA GLN D 107 -43.71 -31.64 -21.44
C GLN D 107 -43.31 -32.79 -22.35
N SER D 108 -41.99 -32.95 -22.52
CA SER D 108 -41.41 -33.99 -23.36
C SER D 108 -39.89 -33.88 -23.33
N GLU D 109 -39.19 -35.02 -23.37
CA GLU D 109 -37.73 -34.98 -23.35
C GLU D 109 -37.22 -34.45 -24.69
N ASP D 110 -38.05 -34.62 -25.71
CA ASP D 110 -37.74 -34.13 -27.06
C ASP D 110 -38.39 -32.76 -27.13
N CYS D 111 -37.63 -31.73 -26.78
CA CYS D 111 -38.15 -30.36 -26.73
C CYS D 111 -37.38 -29.30 -27.50
N LEU D 112 -36.25 -29.68 -28.08
CA LEU D 112 -35.43 -28.74 -28.82
C LEU D 112 -36.10 -28.12 -30.05
N TYR D 113 -36.95 -27.13 -29.82
CA TYR D 113 -37.65 -26.45 -30.91
C TYR D 113 -37.61 -24.93 -30.68
N LEU D 114 -37.80 -24.17 -31.75
CA LEU D 114 -37.76 -22.71 -31.66
C LEU D 114 -38.94 -22.10 -32.41
N ASN D 115 -39.38 -20.91 -32.01
CA ASN D 115 -40.51 -20.25 -32.65
C ASN D 115 -40.06 -19.03 -33.45
N ILE D 116 -40.60 -18.88 -34.65
CA ILE D 116 -40.24 -17.76 -35.52
C ILE D 116 -41.42 -16.82 -35.77
N TYR D 117 -41.23 -15.54 -35.52
CA TYR D 117 -42.29 -14.54 -35.72
C TYR D 117 -41.90 -13.57 -36.82
N VAL D 118 -42.50 -13.72 -38.00
CA VAL D 118 -42.19 -12.86 -39.14
C VAL D 118 -43.27 -11.83 -39.47
N PRO D 119 -42.85 -10.57 -39.71
CA PRO D 119 -43.74 -9.46 -40.04
C PRO D 119 -44.12 -9.43 -41.52
N THR D 120 -45.25 -8.79 -41.82
CA THR D 120 -45.74 -8.65 -43.19
C THR D 120 -46.24 -7.22 -43.45
N ILE D 124 -46.48 -4.34 -46.02
CA ILE D 124 -45.07 -4.00 -46.01
C ILE D 124 -44.74 -2.91 -47.06
N ARG D 125 -44.86 -1.64 -46.64
CA ARG D 125 -44.57 -0.49 -47.49
C ARG D 125 -43.59 0.47 -46.80
N ASP D 126 -42.71 -0.07 -45.97
CA ASP D 126 -41.75 0.73 -45.22
C ASP D 126 -40.26 0.43 -45.49
N SER D 127 -39.86 -0.84 -45.35
CA SER D 127 -38.47 -1.24 -45.56
C SER D 127 -38.31 -2.43 -46.52
N GLY D 128 -37.36 -2.29 -47.45
CA GLY D 128 -37.07 -3.34 -48.41
C GLY D 128 -35.68 -3.91 -48.18
N GLY D 129 -35.58 -5.24 -48.24
CA GLY D 129 -34.30 -5.90 -48.01
C GLY D 129 -34.46 -6.88 -46.85
N PRO D 130 -33.45 -7.71 -46.56
CA PRO D 130 -33.54 -8.68 -45.45
C PRO D 130 -33.76 -8.00 -44.10
N LYS D 131 -34.66 -8.56 -43.29
CA LYS D 131 -34.96 -7.99 -41.99
C LYS D 131 -34.03 -8.54 -40.90
N PRO D 132 -33.70 -7.72 -39.90
CA PRO D 132 -32.83 -8.11 -38.79
C PRO D 132 -33.48 -9.25 -38.02
N VAL D 133 -32.69 -9.99 -37.25
CA VAL D 133 -33.23 -11.10 -36.47
C VAL D 133 -32.87 -11.01 -34.99
N MET D 134 -33.89 -11.01 -34.13
CA MET D 134 -33.70 -10.93 -32.69
C MET D 134 -34.07 -12.27 -32.02
N VAL D 135 -33.07 -12.99 -31.56
CA VAL D 135 -33.27 -14.29 -30.91
C VAL D 135 -33.36 -14.12 -29.39
N TYR D 136 -34.53 -14.37 -28.83
CA TYR D 136 -34.69 -14.23 -27.38
C TYR D 136 -34.43 -15.50 -26.57
N ILE D 137 -33.36 -15.46 -25.79
CA ILE D 137 -33.00 -16.59 -24.95
C ILE D 137 -33.72 -16.41 -23.61
N HIS D 138 -34.79 -17.18 -23.40
CA HIS D 138 -35.54 -17.08 -22.14
C HIS D 138 -34.71 -17.65 -21.01
N GLY D 139 -35.12 -17.36 -19.77
CA GLY D 139 -34.36 -17.88 -18.64
C GLY D 139 -34.89 -17.48 -17.27
N GLY D 140 -34.89 -18.44 -16.36
CA GLY D 140 -35.35 -18.19 -15.00
C GLY D 140 -34.24 -18.47 -14.03
N SER D 141 -33.87 -19.74 -13.93
CA SER D 141 -32.80 -20.18 -13.05
C SER D 141 -32.13 -21.38 -13.69
N TYR D 142 -32.50 -21.61 -14.95
CA TYR D 142 -32.01 -22.72 -15.75
C TYR D 142 -32.85 -23.96 -15.52
N MET D 143 -33.76 -23.89 -14.54
CA MET D 143 -34.61 -25.03 -14.20
C MET D 143 -36.00 -25.04 -14.82
N GLU D 144 -36.44 -23.90 -15.33
CA GLU D 144 -37.77 -23.83 -15.92
C GLU D 144 -37.92 -22.70 -16.92
N GLY D 145 -39.07 -22.67 -17.57
CA GLY D 145 -39.36 -21.63 -18.54
C GLY D 145 -39.61 -22.17 -19.93
N THR D 146 -39.80 -21.24 -20.87
CA THR D 146 -40.06 -21.59 -22.26
C THR D 146 -40.27 -20.32 -23.05
N GLY D 147 -39.54 -20.16 -24.16
CA GLY D 147 -39.69 -18.97 -24.99
C GLY D 147 -41.10 -18.86 -25.53
N ASN D 148 -41.93 -19.85 -25.18
CA ASN D 148 -43.32 -19.91 -25.60
C ASN D 148 -44.13 -18.88 -24.80
N LEU D 149 -43.62 -18.53 -23.63
CA LEU D 149 -44.26 -17.54 -22.75
C LEU D 149 -44.16 -16.17 -23.42
N TYR D 150 -42.95 -15.86 -23.86
CA TYR D 150 -42.66 -14.59 -24.51
C TYR D 150 -43.16 -14.63 -25.95
N ASP D 151 -44.23 -13.90 -26.22
CA ASP D 151 -44.80 -13.83 -27.57
C ASP D 151 -44.27 -12.56 -28.23
N GLY D 152 -43.30 -12.71 -29.11
CA GLY D 152 -42.73 -11.56 -29.78
C GLY D 152 -43.38 -11.21 -31.09
N SER D 153 -44.66 -10.85 -31.05
CA SER D 153 -45.37 -10.48 -32.27
C SER D 153 -45.43 -8.97 -32.39
N VAL D 154 -45.81 -8.32 -31.30
CA VAL D 154 -45.89 -6.88 -31.30
C VAL D 154 -44.47 -6.36 -31.59
N LEU D 155 -43.47 -6.99 -30.98
CA LEU D 155 -42.09 -6.58 -31.22
C LEU D 155 -41.79 -6.79 -32.70
N ALA D 156 -41.93 -8.03 -33.15
CA ALA D 156 -41.68 -8.37 -34.55
C ALA D 156 -42.39 -7.39 -35.49
N SER D 157 -43.66 -7.15 -35.23
CA SER D 157 -44.44 -6.23 -36.06
C SER D 157 -43.97 -4.80 -35.91
N TYR D 158 -44.27 -4.19 -34.76
CA TYR D 158 -43.90 -2.80 -34.50
C TYR D 158 -42.46 -2.39 -34.88
N GLY D 159 -41.55 -3.35 -34.89
CA GLY D 159 -40.17 -3.02 -35.21
C GLY D 159 -39.73 -3.34 -36.62
N ASN D 160 -40.42 -4.29 -37.24
CA ASN D 160 -40.10 -4.71 -38.60
C ASN D 160 -38.85 -5.58 -38.56
N VAL D 161 -38.86 -6.53 -37.64
CA VAL D 161 -37.75 -7.45 -37.45
C VAL D 161 -38.35 -8.81 -37.18
N ILE D 162 -37.58 -9.85 -37.45
CA ILE D 162 -38.03 -11.21 -37.21
C ILE D 162 -37.61 -11.55 -35.79
N VAL D 163 -38.50 -12.14 -35.01
CA VAL D 163 -38.19 -12.51 -33.64
C VAL D 163 -38.27 -14.02 -33.46
N ILE D 164 -37.30 -14.58 -32.77
CA ILE D 164 -37.25 -16.01 -32.53
C ILE D 164 -37.11 -16.34 -31.05
N THR D 165 -38.14 -16.94 -30.46
CA THR D 165 -38.04 -17.34 -29.06
C THR D 165 -37.55 -18.78 -29.14
N VAL D 166 -36.57 -19.13 -28.32
CA VAL D 166 -36.00 -20.47 -28.37
C VAL D 166 -36.27 -21.32 -27.13
N ASN D 167 -36.18 -22.63 -27.31
CA ASN D 167 -36.36 -23.61 -26.25
C ASN D 167 -35.06 -24.39 -26.16
N TYR D 168 -34.58 -24.64 -24.95
CA TYR D 168 -33.35 -25.42 -24.80
C TYR D 168 -33.43 -26.25 -23.54
N ARG D 169 -32.66 -27.34 -23.53
CA ARG D 169 -32.64 -28.25 -22.39
C ARG D 169 -32.37 -27.53 -21.08
N LEU D 170 -33.25 -27.75 -20.11
CA LEU D 170 -33.12 -27.13 -18.80
C LEU D 170 -32.77 -28.15 -17.74
N GLY D 171 -32.89 -27.73 -16.49
CA GLY D 171 -32.61 -28.58 -15.35
C GLY D 171 -31.46 -29.56 -15.48
N VAL D 172 -31.65 -30.72 -14.89
CA VAL D 172 -30.65 -31.78 -14.88
C VAL D 172 -30.29 -32.13 -16.31
N LEU D 173 -31.33 -32.37 -17.10
CA LEU D 173 -31.16 -32.74 -18.50
C LEU D 173 -30.22 -31.84 -19.27
N GLY D 174 -30.26 -30.55 -18.96
CA GLY D 174 -29.43 -29.61 -19.68
C GLY D 174 -28.07 -29.25 -19.14
N PHE D 175 -27.87 -29.31 -17.83
CA PHE D 175 -26.57 -28.89 -17.31
C PHE D 175 -25.84 -29.83 -16.37
N LEU D 176 -26.35 -31.04 -16.17
CA LEU D 176 -25.71 -31.98 -15.25
C LEU D 176 -24.30 -32.39 -15.69
N SER D 177 -23.34 -32.19 -14.81
CA SER D 177 -21.95 -32.57 -15.10
C SER D 177 -21.46 -33.42 -13.94
N THR D 178 -20.46 -34.22 -14.23
CA THR D 178 -19.89 -35.10 -13.23
C THR D 178 -18.57 -34.53 -12.75
N GLY D 179 -18.18 -33.40 -13.32
CA GLY D 179 -16.93 -32.79 -12.92
C GLY D 179 -15.80 -33.31 -13.79
N ASP D 180 -15.99 -34.51 -14.32
CA ASP D 180 -14.99 -35.10 -15.17
C ASP D 180 -15.56 -35.35 -16.55
N GLN D 181 -15.03 -36.35 -17.23
CA GLN D 181 -15.45 -36.69 -18.58
C GLN D 181 -16.81 -37.34 -18.75
N ALA D 182 -17.27 -38.06 -17.71
CA ALA D 182 -18.56 -38.73 -17.77
C ALA D 182 -19.67 -37.85 -18.37
N ALA D 183 -19.74 -36.61 -17.89
CA ALA D 183 -20.72 -35.64 -18.37
C ALA D 183 -20.12 -34.24 -18.19
N LYS D 184 -19.89 -33.54 -19.30
CA LYS D 184 -19.31 -32.19 -19.27
C LYS D 184 -20.32 -31.06 -19.29
N GLY D 185 -21.56 -31.34 -18.86
CA GLY D 185 -22.61 -30.35 -18.83
C GLY D 185 -22.70 -29.37 -19.99
N ASN D 186 -23.19 -28.17 -19.69
CA ASN D 186 -23.34 -27.12 -20.69
C ASN D 186 -24.13 -27.58 -21.91
N TYR D 187 -24.98 -28.59 -21.74
CA TYR D 187 -25.77 -29.11 -22.83
C TYR D 187 -26.76 -28.06 -23.35
N GLY D 188 -27.46 -27.38 -22.43
CA GLY D 188 -28.40 -26.36 -22.82
C GLY D 188 -27.74 -25.19 -23.54
N LEU D 189 -26.47 -24.95 -23.23
CA LEU D 189 -25.72 -23.87 -23.87
C LEU D 189 -25.45 -24.28 -25.31
N LEU D 190 -25.05 -25.52 -25.50
CA LEU D 190 -24.78 -26.04 -26.82
C LEU D 190 -26.08 -26.04 -27.62
N ASP D 191 -27.19 -26.29 -26.93
CA ASP D 191 -28.49 -26.29 -27.59
C ASP D 191 -28.72 -24.89 -28.14
N LEU D 192 -28.45 -23.89 -27.31
CA LEU D 192 -28.62 -22.52 -27.73
C LEU D 192 -27.74 -22.18 -28.92
N ILE D 193 -26.53 -22.74 -28.98
CA ILE D 193 -25.67 -22.46 -30.12
C ILE D 193 -26.21 -23.16 -31.35
N GLN D 194 -26.68 -24.39 -31.17
CA GLN D 194 -27.23 -25.13 -32.29
C GLN D 194 -28.38 -24.34 -32.89
N ALA D 195 -29.15 -23.65 -32.04
CA ALA D 195 -30.27 -22.85 -32.50
C ALA D 195 -29.74 -21.72 -33.37
N LEU D 196 -28.62 -21.13 -32.93
CA LEU D 196 -28.02 -20.03 -33.66
C LEU D 196 -27.44 -20.47 -34.99
N ARG D 197 -26.89 -21.68 -35.04
CA ARG D 197 -26.35 -22.20 -36.30
C ARG D 197 -27.53 -22.33 -37.24
N TRP D 198 -28.56 -23.04 -36.78
CA TRP D 198 -29.76 -23.24 -37.59
C TRP D 198 -30.25 -21.91 -38.10
N THR D 199 -30.29 -20.92 -37.22
CA THR D 199 -30.76 -19.61 -37.61
C THR D 199 -29.89 -18.97 -38.67
N SER D 200 -28.58 -18.91 -38.41
CA SER D 200 -27.66 -18.29 -39.35
C SER D 200 -27.72 -18.88 -40.75
N GLU D 201 -28.23 -20.11 -40.88
CA GLU D 201 -28.30 -20.77 -42.17
C GLU D 201 -29.67 -20.72 -42.86
N ASN D 202 -30.72 -20.82 -42.07
CA ASN D 202 -32.08 -20.85 -42.61
C ASN D 202 -32.94 -19.61 -42.43
N ILE D 203 -32.59 -18.73 -41.49
CA ILE D 203 -33.40 -17.55 -41.29
C ILE D 203 -33.44 -16.71 -42.56
N GLY D 204 -32.53 -17.03 -43.48
CA GLY D 204 -32.49 -16.31 -44.74
C GLY D 204 -33.76 -16.58 -45.52
N PHE D 205 -34.17 -17.84 -45.51
CA PHE D 205 -35.37 -18.27 -46.22
C PHE D 205 -36.66 -17.62 -45.71
N PHE D 206 -36.60 -16.96 -44.57
CA PHE D 206 -37.79 -16.31 -44.02
C PHE D 206 -37.72 -14.80 -44.22
N GLY D 207 -36.69 -14.35 -44.93
CA GLY D 207 -36.51 -12.93 -45.18
C GLY D 207 -35.57 -12.33 -44.14
N GLY D 208 -35.04 -13.18 -43.27
CA GLY D 208 -34.12 -12.72 -42.25
C GLY D 208 -32.73 -12.45 -42.77
N ASP D 209 -32.01 -11.59 -42.06
CA ASP D 209 -30.64 -11.23 -42.43
C ASP D 209 -29.64 -11.82 -41.45
N PRO D 210 -29.01 -12.95 -41.80
CA PRO D 210 -28.03 -13.67 -40.98
C PRO D 210 -26.77 -12.87 -40.63
N LEU D 211 -26.74 -11.62 -41.10
CA LEU D 211 -25.62 -10.72 -40.83
C LEU D 211 -26.00 -9.70 -39.78
N ARG D 212 -27.21 -9.83 -39.25
CA ARG D 212 -27.69 -8.92 -38.22
C ARG D 212 -28.56 -9.64 -37.18
N ILE D 213 -27.97 -10.69 -36.60
CA ILE D 213 -28.64 -11.49 -35.58
C ILE D 213 -28.22 -10.94 -34.23
N THR D 214 -29.21 -10.57 -33.43
CA THR D 214 -28.98 -10.03 -32.10
C THR D 214 -29.61 -10.99 -31.09
N VAL D 215 -28.80 -11.61 -30.25
CA VAL D 215 -29.36 -12.51 -29.25
C VAL D 215 -29.56 -11.70 -27.97
N PHE D 216 -30.76 -11.77 -27.40
CA PHE D 216 -31.07 -11.05 -26.18
C PHE D 216 -31.83 -11.92 -25.20
N GLY D 217 -31.78 -11.56 -23.92
CA GLY D 217 -32.47 -12.33 -22.90
C GLY D 217 -32.59 -11.57 -21.59
N SER D 218 -33.43 -12.07 -20.69
CA SER D 218 -33.61 -11.45 -19.39
C SER D 218 -33.20 -12.41 -18.27
N GLY D 219 -32.57 -11.86 -17.23
CA GLY D 219 -32.14 -12.69 -16.13
C GLY D 219 -31.28 -13.87 -16.54
N ALA D 220 -31.64 -15.05 -16.06
CA ALA D 220 -30.91 -16.28 -16.39
C ALA D 220 -30.63 -16.31 -17.88
N GLY D 221 -31.55 -15.74 -18.66
CA GLY D 221 -31.40 -15.71 -20.10
C GLY D 221 -30.22 -14.86 -20.51
N GLY D 222 -30.19 -13.61 -20.04
CA GLY D 222 -29.10 -12.71 -20.37
C GLY D 222 -27.78 -13.27 -19.89
N SER D 223 -27.84 -14.23 -18.98
CA SER D 223 -26.63 -14.87 -18.47
C SER D 223 -26.12 -15.75 -19.60
N CYS D 224 -27.04 -16.43 -20.27
CA CYS D 224 -26.65 -17.29 -21.37
C CYS D 224 -26.06 -16.39 -22.45
N VAL D 225 -26.79 -15.33 -22.79
CA VAL D 225 -26.32 -14.39 -23.80
C VAL D 225 -24.86 -14.10 -23.53
N ASN D 226 -24.57 -13.72 -22.29
CA ASN D 226 -23.19 -13.40 -21.92
C ASN D 226 -22.25 -14.60 -22.00
N LEU D 227 -22.66 -15.74 -21.47
CA LEU D 227 -21.81 -16.93 -21.52
C LEU D 227 -21.55 -17.30 -22.98
N LEU D 228 -22.58 -17.12 -23.81
CA LEU D 228 -22.43 -17.43 -25.23
C LEU D 228 -21.29 -16.65 -25.85
N THR D 229 -21.14 -15.40 -25.46
CA THR D 229 -20.07 -14.56 -26.02
C THR D 229 -18.68 -14.90 -25.46
N LEU D 230 -18.65 -15.79 -24.46
CA LEU D 230 -17.39 -16.17 -23.85
C LEU D 230 -16.90 -17.53 -24.33
N SER D 231 -17.80 -18.28 -24.96
CA SER D 231 -17.44 -19.59 -25.46
C SER D 231 -16.87 -19.50 -26.86
N HIS D 232 -15.81 -20.28 -27.12
CA HIS D 232 -15.21 -20.25 -28.44
C HIS D 232 -16.12 -20.91 -29.46
N TYR D 233 -17.14 -21.62 -28.98
CA TYR D 233 -18.10 -22.30 -29.86
C TYR D 233 -18.97 -21.33 -30.64
N SER D 234 -18.94 -20.06 -30.25
CA SER D 234 -19.68 -19.04 -30.96
C SER D 234 -18.59 -18.43 -31.83
N GLU D 235 -18.46 -18.93 -33.06
CA GLU D 235 -17.40 -18.39 -33.92
C GLU D 235 -17.80 -17.09 -34.57
N LYS D 236 -16.78 -16.35 -34.97
CA LYS D 236 -16.93 -15.06 -35.61
C LYS D 236 -18.02 -15.14 -36.67
N GLY D 237 -18.92 -14.17 -36.66
CA GLY D 237 -20.00 -14.14 -37.64
C GLY D 237 -21.31 -14.80 -37.28
N LEU D 238 -21.31 -15.73 -36.33
CA LEU D 238 -22.54 -16.41 -35.93
C LEU D 238 -23.61 -15.35 -35.66
N PHE D 239 -23.45 -14.57 -34.58
CA PHE D 239 -24.39 -13.50 -34.27
C PHE D 239 -23.57 -12.23 -34.07
N GLN D 240 -24.16 -11.07 -34.35
CA GLN D 240 -23.44 -9.81 -34.24
C GLN D 240 -23.67 -8.93 -33.02
N ARG D 241 -24.84 -8.99 -32.42
CA ARG D 241 -25.11 -8.14 -31.26
C ARG D 241 -25.68 -8.90 -30.07
N ALA D 242 -25.68 -8.27 -28.89
CA ALA D 242 -26.21 -8.89 -27.69
C ALA D 242 -26.83 -7.89 -26.73
N ILE D 243 -27.95 -8.28 -26.12
CA ILE D 243 -28.66 -7.46 -25.15
C ILE D 243 -28.87 -8.33 -23.92
N ALA D 244 -28.21 -7.99 -22.82
CA ALA D 244 -28.33 -8.75 -21.59
C ALA D 244 -29.09 -7.93 -20.57
N GLN D 245 -30.40 -8.18 -20.45
CA GLN D 245 -31.26 -7.45 -19.52
C GLN D 245 -31.29 -8.07 -18.14
N SER D 246 -30.87 -7.32 -17.13
CA SER D 246 -30.89 -7.83 -15.76
C SER D 246 -30.25 -9.22 -15.70
N GLY D 247 -29.01 -9.34 -16.17
CA GLY D 247 -28.38 -10.66 -16.13
C GLY D 247 -26.96 -10.69 -16.68
N THR D 248 -26.09 -11.46 -16.03
CA THR D 248 -24.69 -11.57 -16.46
C THR D 248 -24.10 -12.93 -16.25
N ALA D 249 -22.85 -13.06 -16.67
CA ALA D 249 -22.11 -14.29 -16.53
C ALA D 249 -21.34 -14.17 -15.24
N LEU D 250 -21.44 -13.00 -14.63
CA LEU D 250 -20.71 -12.74 -13.41
C LEU D 250 -21.45 -12.94 -12.09
N SER D 251 -22.78 -13.08 -12.14
CA SER D 251 -23.56 -13.27 -10.91
C SER D 251 -23.25 -14.60 -10.23
N SER D 252 -23.51 -14.65 -8.92
CA SER D 252 -23.25 -15.84 -8.12
C SER D 252 -24.01 -17.06 -8.59
N TRP D 253 -25.16 -16.83 -9.21
CA TRP D 253 -26.00 -17.93 -9.67
C TRP D 253 -25.97 -18.15 -11.18
N ALA D 254 -24.94 -17.64 -11.85
CA ALA D 254 -24.82 -17.79 -13.29
C ALA D 254 -24.10 -19.07 -13.67
N VAL D 255 -23.29 -19.58 -12.75
CA VAL D 255 -22.53 -20.79 -12.99
C VAL D 255 -22.54 -21.71 -11.79
N SER D 256 -22.39 -23.00 -12.05
CA SER D 256 -22.35 -24.00 -10.97
C SER D 256 -20.89 -24.41 -10.84
N PHE D 257 -20.33 -24.24 -9.64
CA PHE D 257 -18.94 -24.58 -9.43
C PHE D 257 -18.75 -25.89 -8.70
N GLN D 258 -19.86 -26.52 -8.33
CA GLN D 258 -19.82 -27.81 -7.65
C GLN D 258 -20.81 -28.70 -8.41
N PRO D 259 -20.54 -28.93 -9.69
CA PRO D 259 -21.37 -29.76 -10.58
C PRO D 259 -21.40 -31.23 -10.16
N ALA D 260 -20.30 -31.71 -9.61
CA ALA D 260 -20.21 -33.09 -9.14
C ALA D 260 -21.07 -33.26 -7.90
N LYS D 261 -20.78 -32.48 -6.86
CA LYS D 261 -21.52 -32.55 -5.61
C LYS D 261 -23.03 -32.71 -5.84
N TYR D 262 -23.60 -31.82 -6.64
CA TYR D 262 -25.03 -31.86 -6.91
C TYR D 262 -25.44 -32.93 -7.91
N ALA D 263 -24.47 -33.45 -8.65
CA ALA D 263 -24.77 -34.52 -9.61
C ALA D 263 -24.99 -35.82 -8.82
N ARG D 264 -24.06 -36.09 -7.90
CA ARG D 264 -24.11 -37.27 -7.04
C ARG D 264 -25.29 -37.24 -6.10
N ILE D 265 -25.67 -36.05 -5.64
CA ILE D 265 -26.81 -35.91 -4.75
C ILE D 265 -28.08 -36.27 -5.53
N LEU D 266 -28.06 -36.01 -6.83
CA LEU D 266 -29.19 -36.33 -7.71
C LEU D 266 -29.14 -37.81 -7.96
N ALA D 267 -27.91 -38.33 -8.05
CA ALA D 267 -27.70 -39.76 -8.26
C ALA D 267 -28.22 -40.52 -7.04
N THR D 268 -27.73 -40.14 -5.86
CA THR D 268 -28.16 -40.77 -4.62
C THR D 268 -29.70 -40.79 -4.50
N LYS D 269 -30.35 -39.69 -4.82
CA LYS D 269 -31.81 -39.60 -4.72
C LYS D 269 -32.61 -40.53 -5.64
N VAL D 270 -31.99 -41.02 -6.71
CA VAL D 270 -32.68 -41.93 -7.61
C VAL D 270 -31.94 -43.27 -7.63
N GLY D 271 -31.17 -43.52 -6.58
CA GLY D 271 -30.40 -44.75 -6.46
C GLY D 271 -29.42 -44.92 -7.60
N CYS D 272 -28.25 -44.30 -7.51
CA CYS D 272 -27.24 -44.39 -8.57
C CYS D 272 -25.85 -43.93 -8.15
N ASN D 273 -25.70 -43.38 -6.95
CA ASN D 273 -24.39 -42.88 -6.51
C ASN D 273 -23.31 -43.96 -6.50
N VAL D 274 -22.99 -44.48 -7.68
CA VAL D 274 -21.94 -45.50 -7.79
C VAL D 274 -20.62 -44.75 -7.67
N SER D 275 -19.53 -45.48 -7.42
CA SER D 275 -18.24 -44.83 -7.29
C SER D 275 -17.67 -44.37 -8.61
N ASP D 276 -18.09 -44.98 -9.71
CA ASP D 276 -17.58 -44.58 -11.01
C ASP D 276 -18.55 -43.68 -11.76
N THR D 277 -18.03 -42.55 -12.22
CA THR D 277 -18.81 -41.58 -12.96
C THR D 277 -19.55 -42.18 -14.17
N VAL D 278 -18.78 -42.71 -15.12
CA VAL D 278 -19.35 -43.30 -16.32
C VAL D 278 -20.55 -44.22 -16.06
N GLU D 279 -20.52 -44.96 -14.95
CA GLU D 279 -21.62 -45.86 -14.60
C GLU D 279 -22.78 -45.01 -14.13
N LEU D 280 -22.46 -43.99 -13.34
CA LEU D 280 -23.45 -43.08 -12.79
C LEU D 280 -24.20 -42.36 -13.92
N VAL D 281 -23.48 -41.98 -14.97
CA VAL D 281 -24.11 -41.30 -16.12
C VAL D 281 -25.08 -42.26 -16.82
N GLU D 282 -24.59 -43.46 -17.09
CA GLU D 282 -25.40 -44.47 -17.75
C GLU D 282 -26.62 -44.79 -16.90
N CYS D 283 -26.42 -44.84 -15.58
CA CYS D 283 -27.50 -45.12 -14.64
C CYS D 283 -28.63 -44.12 -14.87
N LEU D 284 -28.27 -42.84 -14.87
CA LEU D 284 -29.23 -41.76 -15.06
C LEU D 284 -29.74 -41.73 -16.49
N GLN D 285 -28.89 -42.10 -17.45
CA GLN D 285 -29.30 -42.10 -18.85
C GLN D 285 -30.46 -43.04 -19.11
N LYS D 286 -30.88 -43.75 -18.06
CA LYS D 286 -31.99 -44.71 -18.16
C LYS D 286 -33.27 -44.22 -17.51
N LYS D 287 -33.18 -43.84 -16.24
CA LYS D 287 -34.32 -43.35 -15.47
C LYS D 287 -35.30 -42.52 -16.31
N PRO D 288 -36.62 -42.66 -16.06
CA PRO D 288 -37.63 -41.90 -16.82
C PRO D 288 -37.33 -40.42 -16.65
N TYR D 289 -37.31 -39.67 -17.75
CA TYR D 289 -37.00 -38.25 -17.66
C TYR D 289 -37.76 -37.55 -16.53
N LYS D 290 -39.00 -37.95 -16.28
CA LYS D 290 -39.83 -37.35 -15.24
C LYS D 290 -39.41 -37.73 -13.81
N GLU D 291 -38.60 -38.78 -13.67
CA GLU D 291 -38.14 -39.20 -12.35
C GLU D 291 -36.97 -38.34 -11.89
N LEU D 292 -36.12 -37.94 -12.84
CA LEU D 292 -34.95 -37.12 -12.56
C LEU D 292 -35.37 -35.68 -12.29
N VAL D 293 -36.29 -35.20 -13.12
CA VAL D 293 -36.81 -33.84 -13.02
C VAL D 293 -37.67 -33.58 -11.77
N ASP D 294 -38.07 -34.63 -11.07
CA ASP D 294 -38.90 -34.42 -9.89
C ASP D 294 -38.18 -34.57 -8.56
N GLN D 295 -36.88 -34.84 -8.60
CA GLN D 295 -36.12 -34.96 -7.37
C GLN D 295 -36.12 -33.62 -6.66
N ASP D 296 -35.16 -33.42 -5.75
CA ASP D 296 -35.10 -32.15 -5.04
C ASP D 296 -33.70 -31.83 -4.56
N VAL D 297 -32.85 -31.44 -5.51
CA VAL D 297 -31.48 -31.09 -5.19
C VAL D 297 -31.46 -29.62 -4.82
N GLN D 298 -31.05 -29.33 -3.57
CA GLN D 298 -30.99 -27.97 -3.06
C GLN D 298 -29.59 -27.38 -3.04
N PRO D 299 -29.42 -26.21 -3.66
CA PRO D 299 -28.14 -25.49 -3.74
C PRO D 299 -28.02 -24.45 -2.63
N ALA D 300 -26.80 -24.04 -2.30
CA ALA D 300 -26.61 -23.04 -1.25
C ALA D 300 -27.36 -21.78 -1.67
N ARG D 301 -27.93 -21.06 -0.71
CA ARG D 301 -28.71 -19.87 -1.05
C ARG D 301 -27.89 -18.95 -1.95
N TYR D 302 -28.58 -18.33 -2.91
CA TYR D 302 -27.97 -17.41 -3.87
C TYR D 302 -27.02 -18.14 -4.83
N HIS D 303 -27.20 -19.45 -4.97
CA HIS D 303 -26.39 -20.23 -5.90
C HIS D 303 -27.26 -21.23 -6.63
N ILE D 304 -26.71 -21.82 -7.69
CA ILE D 304 -27.44 -22.79 -8.48
C ILE D 304 -26.91 -24.20 -8.31
N ALA D 305 -27.80 -25.17 -8.43
CA ALA D 305 -27.44 -26.57 -8.31
C ALA D 305 -27.03 -27.03 -9.70
N PHE D 306 -27.92 -26.85 -10.67
CA PHE D 306 -27.65 -27.25 -12.04
C PHE D 306 -27.66 -26.03 -12.95
N GLY D 307 -26.65 -25.96 -13.81
CA GLY D 307 -26.53 -24.85 -14.73
C GLY D 307 -25.21 -24.87 -15.48
N PRO D 308 -24.87 -23.77 -16.18
CA PRO D 308 -23.61 -23.72 -16.93
C PRO D 308 -22.46 -24.04 -15.98
N VAL D 309 -21.45 -24.70 -16.51
CA VAL D 309 -20.29 -25.09 -15.72
C VAL D 309 -18.99 -24.85 -16.47
N ILE D 310 -17.94 -24.49 -15.72
CA ILE D 310 -16.64 -24.24 -16.33
C ILE D 310 -16.07 -25.58 -16.76
N ASP D 311 -16.32 -25.98 -18.00
CA ASP D 311 -15.86 -27.27 -18.50
C ASP D 311 -14.49 -27.23 -19.16
N GLY D 312 -13.95 -26.03 -19.40
CA GLY D 312 -12.66 -25.94 -20.03
C GLY D 312 -12.72 -25.86 -21.54
N ASP D 313 -13.86 -26.20 -22.12
CA ASP D 313 -14.03 -26.16 -23.58
C ASP D 313 -15.10 -25.14 -23.98
N VAL D 314 -16.35 -25.47 -23.69
CA VAL D 314 -17.45 -24.56 -24.01
C VAL D 314 -17.23 -23.30 -23.19
N ILE D 315 -17.04 -23.47 -21.89
CA ILE D 315 -16.76 -22.35 -20.99
C ILE D 315 -15.32 -22.61 -20.54
N PRO D 316 -14.34 -22.09 -21.31
CA PRO D 316 -12.89 -22.21 -21.12
C PRO D 316 -12.29 -21.94 -19.75
N ASP D 317 -12.81 -20.94 -19.06
CA ASP D 317 -12.31 -20.58 -17.75
C ASP D 317 -13.43 -19.88 -16.98
N ASP D 318 -13.11 -19.33 -15.83
CA ASP D 318 -14.08 -18.62 -15.01
C ASP D 318 -14.50 -17.34 -15.75
N PRO D 319 -15.80 -17.16 -15.99
CA PRO D 319 -16.30 -15.97 -16.70
C PRO D 319 -15.59 -14.70 -16.29
N GLN D 320 -15.49 -14.49 -14.98
CA GLN D 320 -14.86 -13.31 -14.44
C GLN D 320 -13.42 -13.11 -14.96
N ILE D 321 -12.69 -14.20 -15.20
CA ILE D 321 -11.32 -14.06 -15.70
C ILE D 321 -11.33 -13.77 -17.19
N LEU D 322 -12.06 -14.58 -17.94
CA LEU D 322 -12.17 -14.41 -19.36
C LEU D 322 -12.48 -12.94 -19.65
N MET D 323 -13.44 -12.40 -18.90
CA MET D 323 -13.84 -11.01 -19.06
C MET D 323 -12.69 -10.02 -18.88
N GLU D 324 -11.84 -10.26 -17.88
CA GLU D 324 -10.70 -9.38 -17.62
C GLU D 324 -9.59 -9.53 -18.65
N GLN D 325 -9.51 -10.72 -19.25
CA GLN D 325 -8.49 -10.99 -20.26
C GLN D 325 -8.96 -10.70 -21.68
N GLY D 326 -10.15 -10.13 -21.82
CA GLY D 326 -10.69 -9.84 -23.13
C GLY D 326 -10.91 -11.07 -24.00
N GLU D 327 -11.08 -12.23 -23.37
CA GLU D 327 -11.30 -13.46 -24.13
C GLU D 327 -12.71 -13.61 -24.70
N PHE D 328 -13.11 -12.60 -25.46
CA PHE D 328 -14.39 -12.60 -26.14
C PHE D 328 -14.25 -11.81 -27.44
N LEU D 329 -15.08 -12.14 -28.42
CA LEU D 329 -15.04 -11.45 -29.69
C LEU D 329 -15.75 -10.13 -29.53
N ASN D 330 -15.74 -9.31 -30.57
CA ASN D 330 -16.39 -8.02 -30.46
C ASN D 330 -17.80 -8.08 -31.01
N TYR D 331 -18.75 -7.58 -30.21
CA TYR D 331 -20.15 -7.54 -30.61
C TYR D 331 -20.67 -6.17 -30.18
N ASP D 332 -21.88 -5.83 -30.61
CA ASP D 332 -22.48 -4.58 -30.20
C ASP D 332 -23.23 -5.03 -28.94
N ILE D 333 -22.84 -4.46 -27.80
CA ILE D 333 -23.44 -4.81 -26.53
C ILE D 333 -24.36 -3.78 -25.92
N MET D 334 -25.48 -4.25 -25.40
CA MET D 334 -26.43 -3.39 -24.72
C MET D 334 -26.89 -4.17 -23.50
N LEU D 335 -26.76 -3.59 -22.32
CA LEU D 335 -27.17 -4.27 -21.11
C LEU D 335 -27.55 -3.27 -20.05
N GLY D 336 -28.27 -3.74 -19.04
CA GLY D 336 -28.72 -2.87 -17.97
C GLY D 336 -29.44 -3.59 -16.84
N VAL D 337 -29.88 -2.80 -15.87
CA VAL D 337 -30.58 -3.30 -14.69
C VAL D 337 -31.82 -2.46 -14.41
N ASN D 338 -32.65 -2.94 -13.49
CA ASN D 338 -33.87 -2.24 -13.10
C ASN D 338 -33.63 -1.69 -11.70
N GLN D 339 -34.37 -0.64 -11.32
CA GLN D 339 -34.20 0.00 -10.01
C GLN D 339 -34.25 -0.94 -8.81
N GLY D 340 -35.36 -1.65 -8.63
CA GLY D 340 -35.49 -2.55 -7.50
C GLY D 340 -35.49 -4.04 -7.83
N GLU D 341 -34.46 -4.49 -8.55
CA GLU D 341 -34.33 -5.89 -8.95
C GLU D 341 -34.72 -6.85 -7.83
N GLY D 342 -33.96 -6.81 -6.74
CA GLY D 342 -34.21 -7.70 -5.62
C GLY D 342 -35.41 -7.39 -4.77
N LEU D 343 -36.58 -7.27 -5.40
CA LEU D 343 -37.77 -7.00 -4.60
C LEU D 343 -38.00 -8.18 -3.66
N LYS D 344 -38.15 -9.37 -4.24
CA LYS D 344 -38.39 -10.59 -3.48
C LYS D 344 -37.45 -10.81 -2.31
N PHE D 345 -36.25 -10.26 -2.39
CA PHE D 345 -35.28 -10.42 -1.31
C PHE D 345 -35.79 -9.86 0.03
N VAL D 346 -36.35 -8.64 -0.02
CA VAL D 346 -36.87 -7.99 1.19
C VAL D 346 -38.37 -8.17 1.37
N GLU D 347 -39.11 -8.24 0.26
CA GLU D 347 -40.57 -8.40 0.30
C GLU D 347 -40.93 -9.48 1.31
N ASN D 348 -39.96 -10.34 1.56
CA ASN D 348 -40.07 -11.45 2.49
C ASN D 348 -40.46 -11.01 3.91
N ILE D 349 -39.83 -9.95 4.43
CA ILE D 349 -40.07 -9.46 5.80
C ILE D 349 -40.39 -7.96 5.95
N VAL D 350 -41.33 -7.46 5.17
CA VAL D 350 -41.74 -6.05 5.24
C VAL D 350 -43.06 -5.96 6.00
N ASP D 351 -43.00 -5.63 7.29
CA ASP D 351 -44.21 -5.55 8.10
C ASP D 351 -45.35 -4.73 7.50
N SER D 352 -46.51 -4.86 8.13
CA SER D 352 -47.75 -4.19 7.72
C SER D 352 -47.63 -2.69 7.50
N ASP D 353 -46.68 -2.06 8.18
CA ASP D 353 -46.46 -0.62 8.05
C ASP D 353 -45.37 -0.33 7.02
N ASP D 354 -45.18 -1.25 6.09
CA ASP D 354 -44.18 -1.13 5.03
C ASP D 354 -42.77 -0.80 5.53
N GLY D 355 -42.39 -1.37 6.68
CA GLY D 355 -41.07 -1.07 7.21
C GLY D 355 -40.19 -2.29 7.38
N VAL D 356 -39.02 -2.09 7.97
CA VAL D 356 -38.10 -3.17 8.23
C VAL D 356 -37.48 -2.95 9.60
N SER D 357 -37.64 -3.92 10.48
CA SER D 357 -37.09 -3.82 11.83
C SER D 357 -35.56 -3.82 11.78
N ALA D 358 -34.96 -2.87 12.47
CA ALA D 358 -33.50 -2.79 12.47
C ALA D 358 -32.87 -4.14 12.78
N SER D 359 -33.56 -4.99 13.54
CA SER D 359 -32.99 -6.29 13.88
C SER D 359 -33.12 -7.25 12.71
N ASP D 360 -34.12 -7.04 11.87
CA ASP D 360 -34.33 -7.87 10.68
C ASP D 360 -33.32 -7.45 9.64
N PHE D 361 -32.97 -6.17 9.66
CA PHE D 361 -31.98 -5.63 8.73
C PHE D 361 -30.61 -6.13 9.18
N ASP D 362 -30.26 -5.88 10.44
CA ASP D 362 -28.98 -6.34 10.96
C ASP D 362 -28.82 -7.82 10.65
N PHE D 363 -29.92 -8.56 10.68
CA PHE D 363 -29.91 -9.99 10.41
C PHE D 363 -29.73 -10.32 8.92
N ALA D 364 -30.61 -9.79 8.09
CA ALA D 364 -30.56 -10.02 6.66
C ALA D 364 -29.15 -9.88 6.11
N VAL D 365 -28.41 -8.89 6.60
CA VAL D 365 -27.03 -8.67 6.15
C VAL D 365 -26.11 -9.77 6.65
N SER D 366 -26.06 -9.95 7.96
CA SER D 366 -25.20 -10.98 8.56
C SER D 366 -25.38 -12.30 7.86
N ASN D 367 -26.61 -12.55 7.44
CA ASN D 367 -26.96 -13.76 6.73
C ASN D 367 -26.44 -13.70 5.29
N PHE D 368 -26.73 -12.60 4.60
CA PHE D 368 -26.28 -12.39 3.23
C PHE D 368 -24.78 -12.54 3.16
N VAL D 369 -24.08 -12.07 4.18
CA VAL D 369 -22.65 -12.17 4.20
C VAL D 369 -22.19 -13.61 4.37
N ASP D 370 -22.84 -14.36 5.27
CA ASP D 370 -22.49 -15.76 5.52
C ASP D 370 -22.53 -16.61 4.26
N ASN D 371 -23.52 -16.35 3.40
CA ASN D 371 -23.70 -17.10 2.16
C ASN D 371 -22.82 -16.67 1.00
N LEU D 372 -22.58 -15.37 0.86
CA LEU D 372 -21.77 -14.89 -0.26
C LEU D 372 -20.29 -14.78 0.09
N TYR D 373 -19.99 -14.74 1.37
CA TYR D 373 -18.61 -14.62 1.87
C TYR D 373 -18.44 -15.45 3.15
N GLY D 374 -18.03 -16.71 3.02
CA GLY D 374 -17.85 -17.53 4.23
C GLY D 374 -16.44 -17.55 4.82
N VAL D 381 -17.09 -8.48 9.97
CA VAL D 381 -16.23 -7.32 9.65
C VAL D 381 -16.53 -6.53 8.35
N LEU D 382 -16.81 -7.28 7.28
CA LEU D 382 -17.20 -6.70 5.99
C LEU D 382 -18.63 -6.36 6.36
N ARG D 383 -19.19 -7.25 7.17
CA ARG D 383 -20.56 -7.19 7.70
C ARG D 383 -20.84 -5.81 8.24
N GLU D 384 -19.95 -5.32 9.10
CA GLU D 384 -20.15 -4.02 9.70
C GLU D 384 -19.99 -2.93 8.66
N THR D 385 -19.12 -3.17 7.68
CA THR D 385 -18.89 -2.20 6.60
C THR D 385 -20.09 -2.13 5.68
N ILE D 386 -20.73 -3.26 5.42
CA ILE D 386 -21.91 -3.29 4.55
C ILE D 386 -23.01 -2.53 5.25
N LYS D 387 -23.28 -2.90 6.49
CA LYS D 387 -24.34 -2.26 7.27
C LYS D 387 -24.19 -0.75 7.26
N PHE D 388 -22.96 -0.28 7.41
CA PHE D 388 -22.72 1.15 7.42
C PHE D 388 -23.10 1.73 6.08
N MET D 389 -22.50 1.20 5.04
CA MET D 389 -22.72 1.66 3.70
C MET D 389 -24.18 1.69 3.28
N TYR D 390 -25.01 0.86 3.92
CA TYR D 390 -26.42 0.79 3.54
C TYR D 390 -27.44 1.31 4.57
N THR D 391 -27.06 2.36 5.27
CA THR D 391 -27.89 2.99 6.28
C THR D 391 -27.90 4.49 6.03
N ASP D 392 -29.04 5.06 5.68
CA ASP D 392 -29.10 6.51 5.47
C ASP D 392 -29.09 7.16 6.85
N TRP D 393 -27.91 7.55 7.30
CA TRP D 393 -27.73 8.14 8.62
C TRP D 393 -28.49 9.44 8.87
N ALA D 394 -28.89 10.08 7.78
CA ALA D 394 -29.65 11.32 7.87
C ALA D 394 -31.10 10.94 8.10
N ASP D 395 -31.32 9.72 8.59
CA ASP D 395 -32.66 9.17 8.84
C ASP D 395 -32.46 7.73 9.34
N ARG D 396 -31.44 7.53 10.18
CA ARG D 396 -31.10 6.21 10.68
C ARG D 396 -32.17 5.44 11.44
N HIS D 397 -33.42 5.90 11.40
CA HIS D 397 -34.50 5.22 12.10
C HIS D 397 -35.77 4.94 11.32
N ASN D 398 -35.95 5.62 10.18
CA ASN D 398 -37.12 5.41 9.33
C ASN D 398 -37.14 3.98 8.80
N PRO D 399 -38.11 3.16 9.23
CA PRO D 399 -38.21 1.76 8.78
C PRO D 399 -38.50 1.59 7.30
N GLU D 400 -39.16 2.57 6.71
CA GLU D 400 -39.47 2.52 5.29
C GLU D 400 -38.18 2.74 4.51
N THR D 401 -37.34 3.63 5.01
CA THR D 401 -36.07 3.89 4.37
C THR D 401 -35.19 2.67 4.61
N ARG D 402 -35.17 2.21 5.86
CA ARG D 402 -34.37 1.06 6.24
C ARG D 402 -34.63 -0.10 5.27
N ARG D 403 -35.80 -0.09 4.64
CA ARG D 403 -36.16 -1.14 3.69
C ARG D 403 -35.61 -0.84 2.31
N LYS D 404 -35.80 0.38 1.84
CA LYS D 404 -35.32 0.78 0.53
C LYS D 404 -33.85 0.41 0.38
N THR D 405 -33.05 0.81 1.37
CA THR D 405 -31.62 0.51 1.33
C THR D 405 -31.36 -0.98 1.45
N LEU D 406 -32.10 -1.69 2.29
CA LEU D 406 -31.88 -3.13 2.41
C LEU D 406 -32.13 -3.82 1.08
N LEU D 407 -33.05 -3.29 0.29
CA LEU D 407 -33.35 -3.88 -1.00
C LEU D 407 -32.24 -3.51 -1.99
N ALA D 408 -31.72 -2.28 -1.88
CA ALA D 408 -30.66 -1.86 -2.77
C ALA D 408 -29.47 -2.79 -2.57
N LEU D 409 -29.22 -3.19 -1.33
CA LEU D 409 -28.10 -4.07 -1.02
C LEU D 409 -28.11 -5.23 -2.01
N PHE D 410 -29.18 -6.02 -1.99
CA PHE D 410 -29.30 -7.16 -2.91
C PHE D 410 -29.15 -6.65 -4.34
N THR D 411 -30.05 -5.76 -4.76
CA THR D 411 -30.06 -5.18 -6.11
C THR D 411 -28.68 -4.77 -6.63
N ASP D 412 -27.94 -4.03 -5.81
CA ASP D 412 -26.62 -3.57 -6.19
C ASP D 412 -25.69 -4.75 -6.41
N HIS D 413 -25.57 -5.59 -5.39
CA HIS D 413 -24.68 -6.75 -5.43
C HIS D 413 -24.99 -7.83 -6.47
N GLN D 414 -26.24 -8.29 -6.51
CA GLN D 414 -26.64 -9.34 -7.45
C GLN D 414 -26.86 -8.91 -8.90
N TRP D 415 -27.15 -7.64 -9.12
CA TRP D 415 -27.40 -7.17 -10.47
C TRP D 415 -26.56 -6.01 -10.95
N VAL D 416 -26.71 -4.85 -10.30
CA VAL D 416 -25.99 -3.65 -10.72
C VAL D 416 -24.47 -3.77 -10.82
N ALA D 417 -23.83 -4.29 -9.78
CA ALA D 417 -22.37 -4.41 -9.77
C ALA D 417 -21.82 -5.26 -10.90
N PRO D 418 -22.36 -6.48 -11.07
CA PRO D 418 -21.90 -7.39 -12.13
C PRO D 418 -22.14 -6.78 -13.51
N ALA D 419 -23.29 -6.12 -13.65
CA ALA D 419 -23.68 -5.47 -14.88
C ALA D 419 -22.61 -4.45 -15.28
N VAL D 420 -22.39 -3.48 -14.41
CA VAL D 420 -21.38 -2.46 -14.67
C VAL D 420 -20.03 -3.13 -14.96
N ALA D 421 -19.69 -4.13 -14.15
CA ALA D 421 -18.45 -4.86 -14.31
C ALA D 421 -18.30 -5.28 -15.76
N THR D 422 -19.36 -5.87 -16.29
CA THR D 422 -19.38 -6.34 -17.67
C THR D 422 -19.22 -5.18 -18.66
N ALA D 423 -20.08 -4.18 -18.54
CA ALA D 423 -20.04 -3.00 -19.43
C ALA D 423 -18.66 -2.36 -19.48
N ASP D 424 -18.01 -2.29 -18.33
CA ASP D 424 -16.68 -1.69 -18.21
C ASP D 424 -15.63 -2.43 -19.03
N LEU D 425 -15.70 -3.75 -19.02
CA LEU D 425 -14.74 -4.56 -19.75
C LEU D 425 -15.07 -4.69 -21.22
N HIS D 426 -16.35 -4.86 -21.52
CA HIS D 426 -16.78 -4.99 -22.90
C HIS D 426 -16.39 -3.75 -23.69
N SER D 427 -16.42 -2.60 -23.05
CA SER D 427 -16.05 -1.36 -23.71
C SER D 427 -14.53 -1.26 -23.80
N ASN D 428 -13.85 -1.42 -22.67
CA ASN D 428 -12.39 -1.35 -22.64
C ASN D 428 -11.75 -2.28 -23.66
N PHE D 429 -12.55 -3.11 -24.31
CA PHE D 429 -11.99 -4.01 -25.28
C PHE D 429 -12.48 -3.82 -26.72
N GLY D 430 -13.02 -2.64 -27.01
CA GLY D 430 -13.48 -2.34 -28.35
C GLY D 430 -14.97 -2.44 -28.62
N SER D 431 -15.65 -3.36 -27.95
CA SER D 431 -17.09 -3.53 -28.16
C SER D 431 -17.90 -2.27 -27.88
N PRO D 432 -18.74 -1.85 -28.84
CA PRO D 432 -19.56 -0.65 -28.66
C PRO D 432 -20.62 -1.05 -27.64
N THR D 433 -20.63 -0.36 -26.51
CA THR D 433 -21.57 -0.69 -25.45
C THR D 433 -22.55 0.42 -25.10
N TYR D 434 -23.76 0.02 -24.70
CA TYR D 434 -24.81 0.94 -24.27
C TYR D 434 -25.37 0.36 -22.98
N PHE D 435 -25.49 1.19 -21.95
CA PHE D 435 -25.99 0.71 -20.66
C PHE D 435 -27.25 1.47 -20.28
N TYR D 436 -28.19 0.78 -19.64
CA TYR D 436 -29.44 1.41 -19.24
C TYR D 436 -29.90 1.03 -17.86
N ALA D 437 -30.67 1.92 -17.25
CA ALA D 437 -31.24 1.68 -15.93
C ALA D 437 -32.73 1.84 -16.11
N PHE D 438 -33.49 0.83 -15.69
CA PHE D 438 -34.93 0.87 -15.86
C PHE D 438 -35.73 1.30 -14.62
N TYR D 439 -36.31 2.50 -14.67
CA TYR D 439 -37.10 3.02 -13.55
C TYR D 439 -38.57 3.22 -13.86
N HIS D 440 -39.29 2.13 -14.10
CA HIS D 440 -40.72 2.22 -14.39
C HIS D 440 -41.30 0.84 -14.51
N HIS D 441 -42.38 0.61 -13.78
CA HIS D 441 -43.05 -0.67 -13.81
C HIS D 441 -44.53 -0.46 -13.96
N CYS D 442 -45.25 -1.55 -14.13
CA CYS D 442 -46.69 -1.50 -14.26
C CYS D 442 -47.24 -1.67 -12.86
N GLN D 443 -48.10 -0.75 -12.45
CA GLN D 443 -48.69 -0.78 -11.12
C GLN D 443 -49.94 -1.66 -11.03
N THR D 444 -49.79 -2.83 -10.41
CA THR D 444 -50.92 -3.74 -10.22
C THR D 444 -51.15 -3.86 -8.73
N ASP D 445 -51.94 -4.85 -8.34
CA ASP D 445 -52.24 -5.09 -6.93
C ASP D 445 -51.44 -6.26 -6.39
N GLN D 446 -50.74 -6.96 -7.28
CA GLN D 446 -49.93 -8.11 -6.90
C GLN D 446 -48.56 -7.66 -6.37
N VAL D 447 -48.09 -6.53 -6.87
CA VAL D 447 -46.81 -5.96 -6.42
C VAL D 447 -47.14 -4.78 -5.51
N PRO D 448 -46.56 -4.77 -4.30
CA PRO D 448 -46.81 -3.68 -3.35
C PRO D 448 -46.63 -2.31 -4.01
N ALA D 449 -47.20 -1.27 -3.39
CA ALA D 449 -47.11 0.08 -3.94
C ALA D 449 -45.71 0.68 -3.76
N TRP D 450 -45.10 0.41 -2.62
CA TRP D 450 -43.76 0.92 -2.31
C TRP D 450 -42.66 0.25 -3.13
N ALA D 451 -43.02 -0.78 -3.90
CA ALA D 451 -42.05 -1.47 -4.73
C ALA D 451 -41.76 -0.67 -6.00
N ASP D 452 -40.69 -1.05 -6.70
CA ASP D 452 -40.31 -0.35 -7.93
C ASP D 452 -40.05 -1.41 -8.98
N ALA D 453 -39.46 -0.99 -10.09
CA ALA D 453 -39.14 -1.92 -11.17
C ALA D 453 -38.41 -3.11 -10.58
N ALA D 454 -39.10 -4.25 -10.52
CA ALA D 454 -38.51 -5.47 -9.98
C ALA D 454 -37.92 -6.30 -11.09
N HIS D 455 -37.27 -7.40 -10.73
CA HIS D 455 -36.65 -8.26 -11.72
C HIS D 455 -37.62 -8.72 -12.80
N GLY D 456 -37.38 -8.28 -14.04
CA GLY D 456 -38.25 -8.69 -15.13
C GLY D 456 -39.37 -7.75 -15.54
N ASP D 457 -39.56 -6.66 -14.81
CA ASP D 457 -40.63 -5.71 -15.14
C ASP D 457 -40.40 -5.02 -16.47
N GLU D 458 -39.24 -5.25 -17.07
CA GLU D 458 -38.92 -4.64 -18.37
C GLU D 458 -39.42 -5.51 -19.52
N VAL D 459 -39.50 -6.82 -19.28
CA VAL D 459 -39.93 -7.77 -20.30
C VAL D 459 -41.22 -7.40 -21.03
N PRO D 460 -42.28 -7.04 -20.29
CA PRO D 460 -43.53 -6.67 -20.96
C PRO D 460 -43.43 -5.41 -21.81
N TYR D 461 -42.43 -4.58 -21.55
CA TYR D 461 -42.28 -3.37 -22.34
C TYR D 461 -41.40 -3.66 -23.54
N VAL D 462 -40.55 -4.67 -23.41
CA VAL D 462 -39.69 -5.03 -24.52
C VAL D 462 -40.46 -5.88 -25.52
N LEU D 463 -41.52 -6.53 -25.05
CA LEU D 463 -42.33 -7.36 -25.92
C LEU D 463 -43.56 -6.63 -26.48
N GLY D 464 -43.67 -5.35 -26.14
CA GLY D 464 -44.77 -4.52 -26.61
C GLY D 464 -46.14 -4.91 -26.10
N ILE D 465 -46.20 -5.62 -24.98
CA ILE D 465 -47.48 -6.05 -24.42
C ILE D 465 -48.48 -4.91 -24.27
N PRO D 466 -48.05 -3.77 -23.70
CA PRO D 466 -48.96 -2.63 -23.53
C PRO D 466 -49.77 -2.28 -24.77
N MET D 467 -49.17 -2.47 -25.95
CA MET D 467 -49.85 -2.15 -27.20
C MET D 467 -50.97 -3.11 -27.58
N ILE D 468 -51.14 -4.18 -26.81
CA ILE D 468 -52.20 -5.14 -27.06
C ILE D 468 -53.05 -5.34 -25.81
N GLY D 469 -52.99 -4.36 -24.90
CA GLY D 469 -53.75 -4.45 -23.67
C GLY D 469 -53.41 -5.67 -22.82
N PRO D 470 -53.84 -5.67 -21.55
CA PRO D 470 -53.61 -6.77 -20.62
C PRO D 470 -53.73 -8.15 -21.28
N THR D 471 -52.94 -9.10 -20.82
CA THR D 471 -52.98 -10.46 -21.36
C THR D 471 -53.04 -11.43 -20.19
N GLU D 472 -53.40 -12.67 -20.45
CA GLU D 472 -53.49 -13.68 -19.40
C GLU D 472 -52.18 -13.77 -18.62
N LEU D 473 -51.07 -13.60 -19.33
CA LEU D 473 -49.76 -13.65 -18.70
C LEU D 473 -49.51 -12.35 -17.94
N PHE D 474 -49.59 -11.22 -18.66
CA PHE D 474 -49.39 -9.90 -18.09
C PHE D 474 -50.74 -9.19 -17.88
N PRO D 475 -51.39 -9.44 -16.73
CA PRO D 475 -52.69 -8.87 -16.35
C PRO D 475 -52.78 -7.36 -16.17
N CYS D 476 -51.77 -6.75 -15.57
CA CYS D 476 -51.75 -5.31 -15.32
C CYS D 476 -52.54 -4.47 -16.33
N ASN D 477 -53.27 -3.46 -15.82
CA ASN D 477 -54.09 -2.57 -16.63
C ASN D 477 -53.28 -1.38 -17.17
N PHE D 478 -52.46 -1.66 -18.17
CA PHE D 478 -51.58 -0.68 -18.79
C PHE D 478 -52.19 0.69 -19.07
N SER D 479 -51.52 1.74 -18.61
CA SER D 479 -51.98 3.11 -18.81
C SER D 479 -51.51 3.56 -20.19
N LYS D 480 -51.87 4.79 -20.55
CA LYS D 480 -51.45 5.31 -21.85
C LYS D 480 -49.95 5.51 -21.85
N ASN D 481 -49.38 5.75 -20.66
CA ASN D 481 -47.93 5.94 -20.52
C ASN D 481 -47.21 4.63 -20.77
N ASP D 482 -47.72 3.56 -20.18
CA ASP D 482 -47.12 2.24 -20.35
C ASP D 482 -46.99 1.89 -21.83
N VAL D 483 -48.06 2.12 -22.59
CA VAL D 483 -48.04 1.81 -24.03
C VAL D 483 -47.10 2.77 -24.75
N MET D 484 -47.04 4.00 -24.26
CA MET D 484 -46.17 5.01 -24.85
C MET D 484 -44.72 4.58 -24.61
N LEU D 485 -44.37 4.38 -23.33
CA LEU D 485 -43.03 3.97 -22.94
C LEU D 485 -42.66 2.64 -23.58
N SER D 486 -43.65 1.80 -23.81
CA SER D 486 -43.41 0.51 -24.44
C SER D 486 -42.88 0.75 -25.85
N ALA D 487 -43.42 1.76 -26.51
CA ALA D 487 -42.98 2.08 -27.85
C ALA D 487 -41.56 2.64 -27.83
N VAL D 488 -41.30 3.52 -26.87
CA VAL D 488 -39.98 4.14 -26.73
C VAL D 488 -38.90 3.07 -26.60
N VAL D 489 -39.20 2.06 -25.79
CA VAL D 489 -38.29 0.96 -25.55
C VAL D 489 -38.07 0.11 -26.78
N MET D 490 -39.16 -0.36 -27.38
CA MET D 490 -39.10 -1.20 -28.57
C MET D 490 -38.31 -0.55 -29.70
N THR D 491 -38.51 0.76 -29.88
CA THR D 491 -37.81 1.47 -30.93
C THR D 491 -36.30 1.45 -30.70
N TYR D 492 -35.88 1.41 -29.44
CA TYR D 492 -34.46 1.36 -29.12
C TYR D 492 -33.95 -0.03 -29.45
N TRP D 493 -34.51 -1.01 -28.75
CA TRP D 493 -34.16 -2.40 -28.95
C TRP D 493 -34.05 -2.77 -30.41
N THR D 494 -35.05 -2.42 -31.21
CA THR D 494 -35.03 -2.75 -32.62
C THR D 494 -33.97 -1.96 -33.39
N ASN D 495 -33.93 -0.65 -33.19
CA ASN D 495 -32.93 0.17 -33.87
C ASN D 495 -31.59 -0.47 -33.63
N PHE D 496 -31.36 -0.85 -32.36
CA PHE D 496 -30.12 -1.50 -31.99
C PHE D 496 -29.93 -2.74 -32.85
N ALA D 497 -30.93 -3.61 -32.87
CA ALA D 497 -30.88 -4.85 -33.65
C ALA D 497 -30.66 -4.56 -35.12
N LYS D 498 -31.15 -3.41 -35.56
CA LYS D 498 -31.03 -2.99 -36.94
C LYS D 498 -29.64 -2.48 -37.28
N THR D 499 -29.14 -1.53 -36.51
CA THR D 499 -27.84 -0.94 -36.78
C THR D 499 -26.72 -1.13 -35.77
N GLY D 500 -27.05 -1.47 -34.53
CA GLY D 500 -26.01 -1.62 -33.53
C GLY D 500 -25.86 -0.28 -32.81
N ASP D 501 -26.93 0.50 -32.90
CA ASP D 501 -27.04 1.80 -32.28
C ASP D 501 -28.52 1.97 -32.01
N PRO D 502 -28.91 2.08 -30.73
CA PRO D 502 -30.30 2.24 -30.30
C PRO D 502 -30.96 3.51 -30.84
N ASN D 503 -30.17 4.35 -31.49
CA ASN D 503 -30.67 5.61 -32.03
C ASN D 503 -30.91 5.61 -33.54
N GLN D 504 -30.33 4.64 -34.25
CA GLN D 504 -30.52 4.56 -35.70
C GLN D 504 -31.31 3.31 -36.05
N PRO D 505 -32.19 3.40 -37.07
CA PRO D 505 -32.50 4.56 -37.91
C PRO D 505 -33.70 5.42 -37.46
N VAL D 506 -34.74 4.77 -36.93
CA VAL D 506 -35.97 5.44 -36.47
C VAL D 506 -35.74 6.63 -35.53
N GLU D 522 -35.39 13.79 -28.22
CA GLU D 522 -35.03 14.64 -27.09
C GLU D 522 -33.85 13.99 -26.35
N VAL D 523 -33.72 12.68 -26.49
CA VAL D 523 -32.64 11.94 -25.85
C VAL D 523 -31.89 10.97 -26.75
N ALA D 524 -30.59 11.19 -26.83
CA ALA D 524 -29.71 10.34 -27.62
C ALA D 524 -29.04 9.44 -26.61
N TRP D 525 -29.21 8.14 -26.77
CA TRP D 525 -28.61 7.18 -25.86
C TRP D 525 -27.11 7.12 -26.17
N THR D 526 -26.35 7.99 -25.54
CA THR D 526 -24.91 8.05 -25.76
C THR D 526 -24.26 6.72 -25.42
N ARG D 527 -23.07 6.49 -25.93
CA ARG D 527 -22.37 5.25 -25.68
C ARG D 527 -21.72 5.12 -24.32
N TYR D 528 -21.68 3.90 -23.82
CA TYR D 528 -21.06 3.63 -22.54
C TYR D 528 -19.58 3.37 -22.70
N SER D 529 -18.79 4.13 -21.96
CA SER D 529 -17.34 4.00 -21.96
C SER D 529 -16.98 3.93 -20.50
N GLN D 530 -15.87 3.30 -20.18
CA GLN D 530 -15.47 3.16 -18.79
C GLN D 530 -15.16 4.50 -18.12
N LYS D 531 -14.68 5.46 -18.90
CA LYS D 531 -14.33 6.77 -18.36
C LYS D 531 -15.48 7.69 -17.96
N ASP D 532 -16.66 7.53 -18.58
CA ASP D 532 -17.79 8.40 -18.24
C ASP D 532 -19.03 7.64 -17.85
N GLN D 533 -19.06 6.36 -18.21
CA GLN D 533 -20.16 5.47 -17.89
C GLN D 533 -21.54 6.08 -18.06
N LEU D 534 -21.79 6.62 -19.25
CA LEU D 534 -23.09 7.20 -19.53
C LEU D 534 -24.14 6.13 -19.75
N TYR D 535 -25.24 6.23 -19.02
CA TYR D 535 -26.32 5.26 -19.14
C TYR D 535 -27.65 5.99 -19.38
N LEU D 536 -28.58 5.33 -20.05
CA LEU D 536 -29.87 5.94 -20.29
C LEU D 536 -30.83 5.57 -19.17
N HIS D 537 -31.29 6.58 -18.46
CA HIS D 537 -32.22 6.36 -17.37
C HIS D 537 -33.60 6.21 -17.99
N ILE D 538 -33.94 4.97 -18.32
CA ILE D 538 -35.22 4.67 -18.95
C ILE D 538 -36.36 4.68 -17.95
N GLY D 539 -37.26 5.64 -18.13
CA GLY D 539 -38.42 5.78 -17.26
C GLY D 539 -39.42 6.61 -18.03
N LEU D 540 -40.21 7.43 -17.33
CA LEU D 540 -41.18 8.27 -18.01
C LEU D 540 -40.50 9.53 -18.53
N LYS D 541 -39.29 9.77 -18.05
CA LYS D 541 -38.50 10.94 -18.46
C LYS D 541 -37.14 10.45 -18.92
N PRO D 542 -37.08 9.58 -19.94
CA PRO D 542 -35.73 9.15 -20.34
C PRO D 542 -34.73 10.31 -20.40
N ARG D 543 -33.52 10.06 -19.92
CA ARG D 543 -32.47 11.07 -19.95
C ARG D 543 -31.16 10.42 -19.52
N VAL D 544 -30.09 10.81 -20.21
CA VAL D 544 -28.78 10.24 -19.94
C VAL D 544 -28.12 10.82 -18.70
N LYS D 545 -27.71 9.92 -17.81
CA LYS D 545 -27.02 10.29 -16.59
C LYS D 545 -25.67 9.58 -16.68
N GLU D 546 -24.79 9.84 -15.73
CA GLU D 546 -23.49 9.19 -15.76
C GLU D 546 -23.21 8.43 -14.47
N HIS D 547 -22.33 7.43 -14.54
CA HIS D 547 -21.94 6.64 -13.38
C HIS D 547 -23.12 6.13 -12.54
N TYR D 548 -23.87 5.17 -13.05
CA TYR D 548 -25.01 4.65 -12.29
C TYR D 548 -24.53 4.12 -10.94
N ARG D 549 -25.23 4.50 -9.86
CA ARG D 549 -24.90 4.08 -8.50
C ARG D 549 -23.42 3.93 -8.26
N ALA D 550 -22.62 4.78 -8.89
CA ALA D 550 -21.15 4.76 -8.78
C ALA D 550 -20.59 4.38 -7.41
N ASN D 551 -21.22 4.87 -6.35
CA ASN D 551 -20.75 4.59 -5.00
C ASN D 551 -20.76 3.12 -4.59
N LYS D 552 -21.94 2.53 -4.50
CA LYS D 552 -22.09 1.13 -4.11
C LYS D 552 -21.37 0.24 -5.10
N VAL D 553 -21.52 0.55 -6.39
CA VAL D 553 -20.88 -0.24 -7.44
C VAL D 553 -19.42 -0.38 -7.11
N ASN D 554 -18.85 0.66 -6.55
CA ASN D 554 -17.43 0.63 -6.22
C ASN D 554 -17.14 -0.14 -4.94
N LEU D 555 -18.06 -0.06 -4.00
CA LEU D 555 -17.92 -0.77 -2.73
C LEU D 555 -17.76 -2.24 -3.01
N TRP D 556 -18.56 -2.73 -3.96
CA TRP D 556 -18.58 -4.14 -4.34
C TRP D 556 -17.52 -4.64 -5.30
N LEU D 557 -17.13 -3.83 -6.28
CA LEU D 557 -16.10 -4.25 -7.22
C LEU D 557 -14.73 -3.78 -6.72
N GLU D 558 -14.72 -2.82 -5.81
CA GLU D 558 -13.47 -2.27 -5.27
C GLU D 558 -13.07 -2.51 -3.80
N LEU D 559 -13.84 -1.96 -2.88
CA LEU D 559 -13.54 -2.10 -1.46
C LEU D 559 -13.71 -3.49 -0.90
N VAL D 560 -14.90 -4.06 -0.96
CA VAL D 560 -15.12 -5.40 -0.43
C VAL D 560 -14.01 -6.38 -0.79
N PRO D 561 -13.54 -6.35 -2.06
CA PRO D 561 -12.46 -7.27 -2.48
C PRO D 561 -11.18 -6.97 -1.75
N HIS D 562 -10.75 -5.71 -1.79
CA HIS D 562 -9.52 -5.30 -1.11
C HIS D 562 -9.47 -5.78 0.33
N LEU D 563 -10.63 -5.81 0.98
CA LEU D 563 -10.71 -6.20 2.37
C LEU D 563 -10.62 -7.70 2.52
N HIS D 564 -11.50 -8.42 1.82
CA HIS D 564 -11.54 -9.90 1.86
C HIS D 564 -10.20 -10.38 1.32
N ASN D 565 -9.29 -9.41 1.14
CA ASN D 565 -7.95 -9.59 0.59
C ASN D 565 -6.88 -9.39 1.66
N LEU D 566 -7.20 -9.74 2.91
CA LEU D 566 -6.25 -9.60 4.04
C LEU D 566 -6.50 -10.62 5.18
N HIS E 50 -45.33 25.33 63.06
CA HIS E 50 -45.11 25.38 61.59
C HIS E 50 -44.70 26.76 61.09
N ALA E 51 -43.60 26.78 60.33
CA ALA E 51 -43.02 28.02 59.77
C ALA E 51 -43.66 28.58 58.49
N GLY E 52 -44.46 29.63 58.63
CA GLY E 52 -45.09 30.26 57.47
C GLY E 52 -46.08 29.39 56.72
N THR E 53 -46.05 29.50 55.39
CA THR E 53 -46.96 28.74 54.53
C THR E 53 -47.02 27.26 54.88
N THR E 54 -48.22 26.80 55.24
CA THR E 54 -48.44 25.40 55.59
C THR E 54 -49.55 24.79 54.73
N TYR E 55 -49.34 23.55 54.31
CA TYR E 55 -50.32 22.85 53.49
C TYR E 55 -50.77 21.57 54.20
N ILE E 56 -52.07 21.30 54.15
CA ILE E 56 -52.65 20.13 54.79
C ILE E 56 -53.11 19.05 53.82
N PHE E 57 -52.54 17.87 53.97
CA PHE E 57 -52.87 16.73 53.14
C PHE E 57 -53.82 15.81 53.89
N SER E 58 -55.04 15.70 53.38
CA SER E 58 -56.07 14.87 53.98
C SER E 58 -56.09 13.48 53.35
N LYS E 59 -57.06 12.66 53.75
CA LYS E 59 -57.18 11.32 53.19
C LYS E 59 -57.45 11.43 51.70
N GLY E 60 -56.95 10.46 50.95
CA GLY E 60 -57.11 10.47 49.50
C GLY E 60 -55.86 11.10 48.90
N GLY E 61 -54.99 11.59 49.78
CA GLY E 61 -53.75 12.21 49.37
C GLY E 61 -53.88 13.38 48.40
N GLY E 62 -52.75 14.04 48.16
CA GLY E 62 -52.73 15.16 47.24
C GLY E 62 -51.38 15.28 46.56
N GLN E 63 -51.16 16.37 45.84
CA GLN E 63 -49.90 16.56 45.14
C GLN E 63 -49.69 17.95 44.57
N ILE E 64 -48.66 18.64 45.05
CA ILE E 64 -48.32 19.96 44.55
C ILE E 64 -47.11 19.70 43.68
N THR E 65 -47.19 20.10 42.41
CA THR E 65 -46.10 19.86 41.47
C THR E 65 -45.57 21.10 40.76
N TYR E 66 -44.28 21.33 40.90
CA TYR E 66 -43.63 22.45 40.25
C TYR E 66 -42.97 21.90 39.01
N LYS E 67 -43.29 22.48 37.87
CA LYS E 67 -42.73 22.03 36.59
C LYS E 67 -41.86 23.14 36.00
N TRP E 68 -40.55 22.96 36.11
CA TRP E 68 -39.62 23.94 35.57
C TRP E 68 -39.85 24.14 34.09
N PRO E 69 -39.85 25.41 33.66
CA PRO E 69 -40.04 25.74 32.24
C PRO E 69 -38.87 25.15 31.43
N PRO E 70 -39.17 24.29 30.45
CA PRO E 70 -38.21 23.62 29.58
C PRO E 70 -36.78 24.12 29.61
N ASN E 71 -36.53 25.24 28.95
CA ASN E 71 -35.20 25.82 28.87
C ASN E 71 -34.65 26.34 30.19
N ASP E 72 -35.13 25.79 31.29
CA ASP E 72 -34.68 26.21 32.60
C ASP E 72 -34.51 25.08 33.59
N ARG E 73 -34.62 23.85 33.13
CA ARG E 73 -34.42 22.71 34.01
C ARG E 73 -32.94 22.75 34.37
N PRO E 74 -32.63 23.07 35.63
CA PRO E 74 -31.25 23.16 36.11
C PRO E 74 -30.55 21.82 36.34
N SER E 75 -29.23 21.90 36.40
CA SER E 75 -28.40 20.76 36.70
C SER E 75 -27.66 21.25 37.93
N THR E 76 -27.27 20.34 38.82
CA THR E 76 -26.57 20.76 40.02
C THR E 76 -25.58 19.71 40.52
N ARG E 77 -24.49 20.19 41.11
CA ARG E 77 -23.49 19.31 41.68
C ARG E 77 -23.80 19.18 43.16
N ALA E 78 -24.37 20.25 43.72
CA ALA E 78 -24.73 20.31 45.13
C ALA E 78 -26.20 20.60 45.31
N ASP E 79 -26.75 20.17 46.43
CA ASP E 79 -28.17 20.40 46.69
C ASP E 79 -28.50 20.70 48.14
N ARG E 80 -29.37 21.67 48.36
CA ARG E 80 -29.80 22.04 49.71
C ARG E 80 -31.29 21.85 49.71
N LEU E 81 -31.77 20.86 50.45
CA LEU E 81 -33.20 20.61 50.54
C LEU E 81 -33.58 20.56 52.00
N ALA E 82 -34.63 21.27 52.37
CA ALA E 82 -35.09 21.28 53.75
C ALA E 82 -36.60 21.48 53.79
N ILE E 83 -37.24 20.86 54.77
CA ILE E 83 -38.68 21.00 54.90
C ILE E 83 -39.09 20.65 56.31
N GLY E 84 -40.22 21.21 56.74
CA GLY E 84 -40.75 20.95 58.07
C GLY E 84 -42.07 20.24 57.91
N PHE E 85 -42.23 19.11 58.60
CA PHE E 85 -43.44 18.33 58.48
C PHE E 85 -44.09 17.99 59.81
N SER E 86 -45.09 17.13 59.73
CA SER E 86 -45.84 16.66 60.90
C SER E 86 -46.77 15.58 60.37
N THR E 87 -46.55 14.35 60.81
CA THR E 87 -47.39 13.25 60.35
C THR E 87 -47.32 12.02 61.24
N VAL E 88 -48.36 11.21 61.17
CA VAL E 88 -48.46 9.98 61.95
C VAL E 88 -48.48 8.76 61.04
N GLN E 89 -47.64 8.76 60.01
CA GLN E 89 -47.58 7.65 59.08
C GLN E 89 -46.32 6.82 59.29
N LYS E 90 -46.34 5.59 58.82
CA LYS E 90 -45.18 4.70 58.95
C LYS E 90 -44.44 4.78 57.63
N GLU E 91 -45.20 4.85 56.54
CA GLU E 91 -44.64 4.93 55.21
C GLU E 91 -45.29 6.08 54.46
N ALA E 92 -44.47 6.84 53.73
CA ALA E 92 -44.95 7.96 52.95
C ALA E 92 -43.79 8.74 52.34
N VAL E 93 -44.01 9.26 51.13
CA VAL E 93 -43.00 10.06 50.44
C VAL E 93 -43.45 11.52 50.46
N LEU E 94 -42.59 12.38 51.00
CA LEU E 94 -42.92 13.80 51.12
C LEU E 94 -42.60 14.63 49.88
N VAL E 95 -41.34 14.59 49.46
CA VAL E 95 -40.87 15.35 48.31
C VAL E 95 -40.04 14.50 47.33
N ARG E 96 -40.15 14.80 46.04
CA ARG E 96 -39.40 14.06 45.02
C ARG E 96 -39.11 14.88 43.76
N VAL E 97 -37.82 15.04 43.45
CA VAL E 97 -37.41 15.80 42.28
C VAL E 97 -36.91 14.84 41.20
N ASP E 98 -37.43 15.04 39.99
CA ASP E 98 -37.10 14.19 38.84
C ASP E 98 -36.54 14.90 37.62
N SER E 99 -35.56 14.25 37.00
CA SER E 99 -34.92 14.79 35.81
C SER E 99 -35.73 14.39 34.60
N SER E 100 -36.08 15.38 33.79
CA SER E 100 -36.87 15.16 32.58
C SER E 100 -36.69 13.76 32.04
N SER E 101 -37.82 13.10 31.78
CA SER E 101 -37.86 11.74 31.25
C SER E 101 -36.66 11.37 30.40
N GLY E 102 -36.06 10.24 30.70
CA GLY E 102 -34.89 9.81 29.97
C GLY E 102 -33.74 9.73 30.95
N LEU E 103 -33.18 10.88 31.29
CA LEU E 103 -32.08 10.94 32.25
C LEU E 103 -32.63 10.27 33.50
N GLY E 104 -31.83 9.46 34.16
CA GLY E 104 -32.31 8.76 35.34
C GLY E 104 -32.40 9.52 36.65
N ASP E 105 -31.37 10.29 36.95
CA ASP E 105 -31.27 11.08 38.17
C ASP E 105 -32.59 11.44 38.85
N TYR E 106 -32.58 11.45 40.19
CA TYR E 106 -33.74 11.79 41.00
C TYR E 106 -33.39 11.92 42.48
N LEU E 107 -34.25 12.63 43.21
CA LEU E 107 -34.04 12.84 44.63
C LEU E 107 -35.34 12.57 45.38
N GLU E 108 -35.27 11.78 46.45
CA GLU E 108 -36.47 11.46 47.21
C GLU E 108 -36.35 11.56 48.72
N LEU E 109 -37.33 12.24 49.33
CA LEU E 109 -37.39 12.44 50.78
C LEU E 109 -38.64 11.69 51.25
N HIS E 110 -38.42 10.62 51.99
CA HIS E 110 -39.51 9.81 52.46
C HIS E 110 -39.36 9.39 53.93
N ILE E 111 -40.41 8.73 54.44
CA ILE E 111 -40.42 8.23 55.81
C ILE E 111 -40.60 6.72 55.72
N HIS E 112 -39.56 5.98 56.08
CA HIS E 112 -39.59 4.52 56.04
C HIS E 112 -39.58 3.95 57.45
N GLN E 113 -40.69 3.31 57.81
CA GLN E 113 -40.87 2.71 59.12
C GLN E 113 -40.74 3.75 60.24
N GLY E 114 -41.35 4.91 60.01
CA GLY E 114 -41.31 5.96 61.00
C GLY E 114 -40.05 6.81 61.09
N LYS E 115 -39.06 6.54 60.26
CA LYS E 115 -37.82 7.32 60.31
C LYS E 115 -37.61 8.08 59.00
N ILE E 116 -37.37 9.40 59.09
CA ILE E 116 -37.17 10.23 57.92
C ILE E 116 -35.82 9.92 57.27
N GLY E 117 -35.82 9.83 55.94
CA GLY E 117 -34.59 9.55 55.22
C GLY E 117 -34.62 10.06 53.78
N VAL E 118 -33.52 9.92 53.06
CA VAL E 118 -33.46 10.38 51.68
C VAL E 118 -32.72 9.40 50.76
N LYS E 119 -33.23 9.27 49.55
CA LYS E 119 -32.64 8.39 48.56
C LYS E 119 -32.55 9.19 47.27
N PHE E 120 -31.40 9.12 46.61
CA PHE E 120 -31.21 9.86 45.38
C PHE E 120 -30.27 9.09 44.48
N ASN E 121 -30.09 9.58 43.26
CA ASN E 121 -29.20 8.94 42.30
C ASN E 121 -28.86 9.96 41.23
N VAL E 122 -27.58 10.23 41.03
CA VAL E 122 -27.18 11.22 40.03
C VAL E 122 -26.49 10.55 38.85
N GLY E 123 -26.41 9.24 38.87
CA GLY E 123 -25.75 8.56 37.77
C GLY E 123 -25.10 7.24 38.10
N THR E 124 -24.64 7.04 39.33
CA THR E 124 -24.02 5.77 39.68
C THR E 124 -25.10 4.86 40.25
N ASP E 125 -25.07 4.58 41.55
CA ASP E 125 -26.10 3.73 42.15
C ASP E 125 -27.02 4.65 42.91
N ASP E 126 -27.95 4.05 43.66
CA ASP E 126 -28.85 4.81 44.47
C ASP E 126 -28.14 4.99 45.78
N ILE E 127 -28.10 6.22 46.25
CA ILE E 127 -27.45 6.47 47.52
C ILE E 127 -28.51 6.92 48.50
N ALA E 128 -28.50 6.34 49.69
CA ALA E 128 -29.49 6.71 50.69
C ALA E 128 -28.81 7.07 52.00
N ILE E 129 -29.46 7.92 52.77
CA ILE E 129 -28.96 8.37 54.06
C ILE E 129 -30.21 8.55 54.91
N GLU E 130 -30.18 8.10 56.16
CA GLU E 130 -31.38 8.22 56.99
C GLU E 130 -31.16 8.38 58.49
N GLU E 131 -32.08 9.11 59.13
CA GLU E 131 -32.05 9.30 60.58
C GLU E 131 -32.86 8.15 61.17
N SER E 132 -32.17 7.05 61.46
CA SER E 132 -32.79 5.85 62.02
C SER E 132 -32.95 5.82 63.54
N ASN E 133 -32.24 6.69 64.25
CA ASN E 133 -32.35 6.76 65.71
C ASN E 133 -33.63 7.46 66.11
N ALA E 134 -33.66 8.78 65.93
CA ALA E 134 -34.84 9.56 66.26
C ALA E 134 -36.06 9.04 65.52
N ILE E 135 -37.24 9.39 66.03
CA ILE E 135 -38.50 8.99 65.42
C ILE E 135 -39.25 10.29 65.12
N ILE E 136 -40.02 10.31 64.04
CA ILE E 136 -40.71 11.53 63.68
C ILE E 136 -42.18 11.42 63.24
N ASN E 137 -42.72 10.20 63.27
CA ASN E 137 -44.12 10.04 62.88
C ASN E 137 -45.04 10.16 64.08
N ASP E 138 -44.64 10.99 65.05
CA ASP E 138 -45.43 11.19 66.26
C ASP E 138 -46.45 12.34 66.18
N GLY E 139 -46.89 12.66 64.96
CA GLY E 139 -47.87 13.74 64.79
C GLY E 139 -47.40 15.14 65.15
N LYS E 140 -46.17 15.27 65.65
CA LYS E 140 -45.62 16.57 66.05
C LYS E 140 -44.73 17.21 64.98
N TYR E 141 -44.37 18.48 65.20
CA TYR E 141 -43.54 19.24 64.26
C TYR E 141 -42.09 18.76 64.24
N HIS E 142 -41.55 18.60 63.03
CA HIS E 142 -40.17 18.16 62.81
C HIS E 142 -39.58 18.80 61.55
N VAL E 143 -38.29 19.12 61.60
CA VAL E 143 -37.61 19.73 60.47
C VAL E 143 -36.39 18.94 60.06
N VAL E 144 -36.32 18.61 58.76
CA VAL E 144 -35.21 17.85 58.21
C VAL E 144 -34.48 18.65 57.16
N ARG E 145 -33.16 18.51 57.15
CA ARG E 145 -32.34 19.22 56.19
C ARG E 145 -31.42 18.26 55.44
N PHE E 146 -31.50 18.33 54.11
CA PHE E 146 -30.70 17.47 53.27
C PHE E 146 -29.61 18.25 52.55
N THR E 147 -28.48 17.58 52.33
CA THR E 147 -27.37 18.17 51.65
C THR E 147 -26.67 17.17 50.75
N ARG E 148 -26.35 17.59 49.54
CA ARG E 148 -25.68 16.75 48.57
C ARG E 148 -24.54 17.54 47.95
N SER E 149 -23.49 16.80 47.61
CA SER E 149 -22.29 17.33 46.97
C SER E 149 -21.80 16.14 46.17
N GLY E 150 -22.42 15.94 45.02
CA GLY E 150 -22.05 14.83 44.19
C GLY E 150 -22.65 13.62 44.87
N GLY E 151 -21.83 12.65 45.19
CA GLY E 151 -22.31 11.45 45.85
C GLY E 151 -22.42 11.64 47.35
N ASN E 152 -21.40 12.27 47.92
CA ASN E 152 -21.37 12.53 49.34
C ASN E 152 -22.64 13.31 49.70
N ALA E 153 -23.30 12.92 50.78
CA ALA E 153 -24.53 13.59 51.20
C ALA E 153 -24.61 13.81 52.71
N THR E 154 -25.63 14.56 53.13
CA THR E 154 -25.84 14.91 54.55
C THR E 154 -27.31 15.06 54.95
N LEU E 155 -27.63 14.59 56.14
CA LEU E 155 -29.00 14.68 56.63
C LEU E 155 -29.01 15.12 58.08
N GLN E 156 -30.08 15.81 58.48
CA GLN E 156 -30.18 16.26 59.86
C GLN E 156 -31.62 16.59 60.26
N VAL E 157 -32.09 15.92 61.32
CA VAL E 157 -33.44 16.12 61.83
C VAL E 157 -33.44 16.95 63.10
N ASP E 158 -34.34 17.92 63.17
CA ASP E 158 -34.44 18.79 64.33
C ASP E 158 -33.05 19.21 64.79
N SER E 159 -32.58 18.62 65.88
CA SER E 159 -31.27 18.99 66.39
C SER E 159 -30.32 17.81 66.58
N TRP E 160 -30.78 16.63 66.26
CA TRP E 160 -29.94 15.44 66.39
C TRP E 160 -28.63 15.68 65.67
N PRO E 161 -27.61 14.87 65.98
CA PRO E 161 -26.33 15.07 65.30
C PRO E 161 -26.52 14.96 63.79
N VAL E 162 -25.64 15.62 63.04
CA VAL E 162 -25.70 15.61 61.58
C VAL E 162 -25.17 14.29 61.06
N ILE E 163 -25.92 13.68 60.15
CA ILE E 163 -25.54 12.40 59.57
C ILE E 163 -24.79 12.60 58.27
N GLU E 164 -23.75 11.80 58.06
CA GLU E 164 -22.95 11.92 56.86
C GLU E 164 -22.80 10.60 56.11
N ARG E 165 -23.20 10.59 54.84
CA ARG E 165 -23.06 9.40 54.01
C ARG E 165 -21.99 9.77 52.98
N TYR E 166 -21.00 8.90 52.82
CA TYR E 166 -19.90 9.13 51.87
C TYR E 166 -19.73 7.92 50.95
N PRO E 167 -20.70 7.71 50.04
CA PRO E 167 -20.70 6.60 49.11
C PRO E 167 -19.36 5.97 48.71
N ALA E 168 -19.46 4.69 48.36
CA ALA E 168 -18.37 3.79 47.96
C ALA E 168 -17.34 4.28 46.93
N GLY E 169 -17.04 3.39 45.98
CA GLY E 169 -16.06 3.67 44.94
C GLY E 169 -16.13 4.99 44.18
N ARG E 170 -16.13 4.92 42.84
CA ARG E 170 -16.20 6.12 42.03
C ARG E 170 -17.67 6.58 41.93
N GLN E 171 -17.90 7.88 42.11
CA GLN E 171 -19.28 8.42 42.07
C GLN E 171 -19.49 9.52 41.05
N LEU E 172 -20.69 9.56 40.48
CA LEU E 172 -21.02 10.59 39.52
C LEU E 172 -21.46 11.81 40.30
N THR E 173 -21.47 12.96 39.66
CA THR E 173 -21.77 14.20 40.35
C THR E 173 -22.99 15.03 40.04
N ILE E 174 -23.37 15.11 38.77
CA ILE E 174 -24.48 15.97 38.41
C ILE E 174 -25.91 15.45 38.23
N PHE E 175 -26.84 16.18 38.85
CA PHE E 175 -28.26 15.91 38.80
C PHE E 175 -28.73 16.65 37.58
N ASN E 176 -28.72 15.97 36.43
CA ASN E 176 -29.07 16.60 35.16
C ASN E 176 -30.52 16.96 34.91
N SER E 177 -30.69 18.05 34.16
CA SER E 177 -32.00 18.55 33.77
C SER E 177 -33.11 18.17 34.74
N GLN E 178 -33.19 18.89 35.84
CA GLN E 178 -34.23 18.64 36.82
C GLN E 178 -35.50 19.23 36.24
N ALA E 179 -36.58 18.45 36.16
CA ALA E 179 -37.81 18.99 35.55
C ALA E 179 -39.04 19.13 36.41
N THR E 180 -39.13 18.39 37.51
CA THR E 180 -40.31 18.48 38.40
C THR E 180 -40.09 18.16 39.89
N ILE E 181 -40.70 18.99 40.73
CA ILE E 181 -40.65 18.80 42.17
C ILE E 181 -42.06 18.36 42.53
N ILE E 182 -42.18 17.16 43.09
CA ILE E 182 -43.49 16.64 43.45
C ILE E 182 -43.67 16.42 44.95
N ILE E 183 -44.55 17.24 45.53
CA ILE E 183 -44.85 17.19 46.95
C ILE E 183 -46.19 16.50 47.14
N GLY E 184 -46.20 15.45 47.96
CA GLY E 184 -47.42 14.70 48.22
C GLY E 184 -47.14 13.22 48.12
N GLY E 185 -46.00 12.90 47.52
CA GLY E 185 -45.60 11.53 47.36
C GLY E 185 -46.75 10.60 46.96
N LYS E 186 -47.62 11.07 46.09
CA LYS E 186 -48.75 10.27 45.65
C LYS E 186 -48.40 9.46 44.41
N GLU E 187 -47.90 10.16 43.40
CA GLU E 187 -47.52 9.54 42.13
C GLU E 187 -46.57 8.37 42.36
N GLN E 188 -45.69 8.48 43.35
CA GLN E 188 -44.73 7.43 43.67
C GLN E 188 -45.41 6.29 44.45
N GLY E 189 -46.72 6.40 44.62
CA GLY E 189 -47.47 5.37 45.32
C GLY E 189 -47.27 5.21 46.82
N GLN E 190 -47.29 6.32 47.56
CA GLN E 190 -47.14 6.31 49.01
C GLN E 190 -47.64 7.64 49.51
N PRO E 191 -48.93 7.95 49.25
CA PRO E 191 -49.56 9.21 49.66
C PRO E 191 -49.16 9.68 51.05
N PHE E 192 -49.06 11.00 51.18
CA PHE E 192 -48.70 11.62 52.43
C PHE E 192 -49.96 12.24 53.01
N GLN E 193 -50.04 12.24 54.33
CA GLN E 193 -51.17 12.81 55.05
C GLN E 193 -50.63 13.54 56.27
N GLY E 194 -50.75 14.86 56.26
CA GLY E 194 -50.25 15.64 57.36
C GLY E 194 -50.04 17.08 56.95
N GLN E 195 -49.01 17.69 57.50
CA GLN E 195 -48.72 19.08 57.18
C GLN E 195 -47.27 19.36 56.83
N LEU E 196 -47.09 20.15 55.78
CA LEU E 196 -45.77 20.52 55.31
C LEU E 196 -45.66 22.03 55.28
N SER E 197 -44.51 22.53 55.68
CA SER E 197 -44.27 23.95 55.72
C SER E 197 -42.86 24.29 55.26
N GLY E 198 -42.64 25.58 54.98
CA GLY E 198 -41.33 26.06 54.55
C GLY E 198 -40.46 25.04 53.82
N LEU E 199 -40.85 24.70 52.59
CA LEU E 199 -40.09 23.76 51.77
C LEU E 199 -39.09 24.56 50.97
N TYR E 200 -37.82 24.26 51.15
CA TYR E 200 -36.79 24.98 50.45
C TYR E 200 -35.93 24.03 49.64
N TYR E 201 -35.88 24.27 48.34
CA TYR E 201 -35.06 23.44 47.44
C TYR E 201 -34.18 24.31 46.58
N ASN E 202 -32.88 24.27 46.82
CA ASN E 202 -31.93 25.07 46.06
C ASN E 202 -32.48 26.47 45.77
N GLY E 203 -32.95 27.18 46.78
CA GLY E 203 -33.44 28.52 46.54
C GLY E 203 -34.93 28.68 46.29
N LEU E 204 -35.60 27.60 45.91
CA LEU E 204 -37.02 27.67 45.66
C LEU E 204 -37.83 27.38 46.90
N LYS E 205 -38.70 28.32 47.26
CA LYS E 205 -39.57 28.14 48.42
C LYS E 205 -40.89 27.75 47.77
N VAL E 206 -40.85 26.58 47.16
CA VAL E 206 -41.96 25.98 46.44
C VAL E 206 -43.32 26.17 47.09
N LEU E 207 -43.42 26.01 48.40
CA LEU E 207 -44.71 26.15 49.06
C LEU E 207 -45.35 27.54 48.95
N ASN E 208 -44.54 28.60 49.03
CA ASN E 208 -45.08 29.96 48.89
C ASN E 208 -45.47 30.10 47.45
N MET E 209 -44.53 29.73 46.58
CA MET E 209 -44.75 29.79 45.15
C MET E 209 -46.12 29.23 44.82
N ALA E 210 -46.46 28.11 45.43
CA ALA E 210 -47.75 27.45 45.22
C ALA E 210 -48.87 28.33 45.73
N ALA E 211 -48.67 28.81 46.95
CA ALA E 211 -49.64 29.69 47.58
C ALA E 211 -49.88 30.91 46.73
N GLU E 212 -48.82 31.54 46.23
CA GLU E 212 -48.95 32.73 45.41
C GLU E 212 -49.34 32.43 43.98
N ASN E 213 -50.00 31.30 43.76
CA ASN E 213 -50.45 30.90 42.44
C ASN E 213 -49.36 31.17 41.41
N ASP E 214 -48.34 30.31 41.41
CA ASP E 214 -47.22 30.43 40.48
C ASP E 214 -47.68 29.78 39.18
N ALA E 215 -47.35 30.41 38.06
CA ALA E 215 -47.76 29.91 36.76
C ALA E 215 -47.34 28.46 36.50
N ASN E 216 -46.33 27.99 37.23
CA ASN E 216 -45.82 26.64 37.02
C ASN E 216 -46.25 25.61 38.05
N ILE E 217 -46.62 26.07 39.23
CA ILE E 217 -47.05 25.15 40.27
C ILE E 217 -48.47 24.73 40.01
N ALA E 218 -48.71 23.42 40.10
CA ALA E 218 -50.03 22.86 39.87
C ALA E 218 -50.41 22.00 41.06
N ILE E 219 -51.48 22.39 41.74
CA ILE E 219 -51.99 21.65 42.89
C ILE E 219 -53.18 20.81 42.47
N VAL E 220 -53.17 19.55 42.88
CA VAL E 220 -54.25 18.64 42.53
C VAL E 220 -54.35 17.60 43.64
N GLY E 221 -55.58 17.30 44.06
CA GLY E 221 -55.79 16.33 45.10
C GLY E 221 -56.44 16.92 46.33
N ASN E 222 -56.33 16.21 47.44
CA ASN E 222 -56.93 16.65 48.70
C ASN E 222 -56.00 17.56 49.50
N VAL E 223 -55.36 18.49 48.82
CA VAL E 223 -54.45 19.41 49.49
C VAL E 223 -55.16 20.74 49.77
N ARG E 224 -54.88 21.34 50.91
CA ARG E 224 -55.50 22.60 51.28
C ARG E 224 -54.47 23.52 51.92
N LEU E 225 -54.66 24.82 51.74
CA LEU E 225 -53.73 25.79 52.31
C LEU E 225 -54.20 26.20 53.69
N VAL E 226 -53.28 26.67 54.54
CA VAL E 226 -53.65 27.09 55.89
C VAL E 226 -53.13 28.48 56.19
N HIS F 50 64.02 8.69 -52.49
CA HIS F 50 63.61 8.47 -51.07
C HIS F 50 64.02 9.61 -50.14
N ALA F 51 63.04 10.12 -49.39
CA ALA F 51 63.23 11.23 -48.45
C ALA F 51 63.80 10.88 -47.08
N GLY F 52 65.08 11.18 -46.89
CA GLY F 52 65.72 10.94 -45.60
C GLY F 52 65.81 9.50 -45.18
N THR F 53 65.62 9.23 -43.88
CA THR F 53 65.69 7.88 -43.33
C THR F 53 64.91 6.84 -44.15
N THR F 54 65.64 5.85 -44.65
CA THR F 54 65.05 4.78 -45.46
C THR F 54 65.37 3.41 -44.86
N TYR F 55 64.38 2.52 -44.86
CA TYR F 55 64.56 1.17 -44.34
C TYR F 55 64.28 0.16 -45.44
N ILE F 56 65.12 -0.88 -45.49
CA ILE F 56 64.98 -1.92 -46.50
C ILE F 56 64.52 -3.26 -45.95
N PHE F 57 63.38 -3.71 -46.47
CA PHE F 57 62.80 -4.98 -46.07
C PHE F 57 63.13 -6.03 -47.10
N SER F 58 63.89 -7.04 -46.67
CA SER F 58 64.32 -8.14 -47.54
C SER F 58 63.38 -9.33 -47.40
N LYS F 59 63.74 -10.43 -48.07
CA LYS F 59 62.92 -11.63 -47.99
C LYS F 59 62.89 -12.11 -46.55
N GLY F 60 61.76 -12.69 -46.15
CA GLY F 60 61.61 -13.17 -44.79
C GLY F 60 60.91 -12.09 -43.99
N GLY F 61 60.71 -10.95 -44.65
CA GLY F 61 60.04 -9.81 -44.03
C GLY F 61 60.63 -9.31 -42.72
N GLY F 62 60.12 -8.19 -42.26
CA GLY F 62 60.59 -7.61 -41.01
C GLY F 62 59.50 -6.84 -40.30
N GLN F 63 59.85 -6.10 -39.26
CA GLN F 63 58.84 -5.36 -38.55
C GLN F 63 59.39 -4.36 -37.53
N ILE F 64 59.11 -3.09 -37.76
CA ILE F 64 59.52 -2.03 -36.84
C ILE F 64 58.25 -1.69 -36.07
N THR F 65 58.31 -1.80 -34.73
CA THR F 65 57.13 -1.53 -33.92
C THR F 65 57.32 -0.48 -32.85
N TYR F 66 56.48 0.54 -32.87
CA TYR F 66 56.53 1.58 -31.88
C TYR F 66 55.42 1.28 -30.87
N LYS F 67 55.80 1.20 -29.60
CA LYS F 67 54.85 0.87 -28.56
C LYS F 67 54.73 2.07 -27.62
N TRP F 68 53.62 2.80 -27.75
CA TRP F 68 53.39 3.95 -26.90
C TRP F 68 53.40 3.57 -25.44
N PRO F 69 54.07 4.38 -24.61
CA PRO F 69 54.14 4.11 -23.18
C PRO F 69 52.72 4.23 -22.59
N PRO F 70 52.23 3.14 -21.95
CA PRO F 70 50.93 3.02 -21.33
C PRO F 70 50.12 4.29 -21.17
N ASN F 71 50.48 5.09 -20.17
CA ASN F 71 49.77 6.33 -19.88
C ASN F 71 49.91 7.41 -20.95
N ASP F 72 50.18 7.00 -22.19
CA ASP F 72 50.34 7.95 -23.27
C ASP F 72 49.72 7.50 -24.58
N ARG F 73 48.97 6.41 -24.54
CA ARG F 73 48.31 5.95 -25.74
C ARG F 73 47.26 7.00 -26.04
N PRO F 74 47.46 7.75 -27.12
CA PRO F 74 46.53 8.82 -27.51
C PRO F 74 45.24 8.35 -28.17
N SER F 75 44.27 9.24 -28.19
CA SER F 75 43.00 9.00 -28.84
C SER F 75 42.95 10.14 -29.82
N THR F 76 42.28 9.95 -30.95
CA THR F 76 42.22 11.02 -31.92
C THR F 76 40.92 11.03 -32.72
N ARG F 77 40.48 12.23 -33.11
CA ARG F 77 39.28 12.37 -33.92
C ARG F 77 39.75 12.49 -35.36
N ALA F 78 40.95 13.05 -35.54
CA ALA F 78 41.53 13.25 -36.86
C ALA F 78 42.87 12.57 -36.96
N ASP F 79 43.28 12.21 -38.16
CA ASP F 79 44.57 11.56 -38.35
C ASP F 79 45.29 11.96 -39.63
N ARG F 80 46.59 12.17 -39.53
CA ARG F 80 47.39 12.53 -40.68
C ARG F 80 48.45 11.44 -40.78
N LEU F 81 48.35 10.60 -41.81
CA LEU F 81 49.33 9.55 -42.02
C LEU F 81 49.89 9.66 -43.41
N ALA F 82 51.21 9.61 -43.53
CA ALA F 82 51.85 9.69 -44.83
C ALA F 82 53.14 8.91 -44.83
N ILE F 83 53.47 8.32 -45.96
CA ILE F 83 54.69 7.55 -46.08
C ILE F 83 55.09 7.41 -47.54
N GLY F 84 56.39 7.22 -47.77
CA GLY F 84 56.89 7.06 -49.12
C GLY F 84 57.43 5.65 -49.23
N PHE F 85 57.02 4.91 -50.25
CA PHE F 85 57.48 3.53 -50.42
C PHE F 85 58.02 3.24 -51.81
N SER F 86 58.29 1.96 -52.03
CA SER F 86 58.81 1.44 -53.29
C SER F 86 58.78 -0.06 -53.17
N THR F 87 57.96 -0.71 -54.00
CA THR F 87 57.85 -2.16 -53.93
C THR F 87 57.24 -2.76 -55.18
N VAL F 88 57.55 -4.04 -55.41
CA VAL F 88 57.04 -4.77 -56.55
C VAL F 88 56.14 -5.91 -56.08
N GLN F 89 55.30 -5.65 -55.09
CA GLN F 89 54.40 -6.67 -54.58
C GLN F 89 52.97 -6.44 -55.03
N LYS F 90 52.16 -7.48 -55.00
CA LYS F 90 50.76 -7.36 -55.39
C LYS F 90 49.99 -7.18 -54.09
N GLU F 91 50.40 -7.90 -53.07
CA GLU F 91 49.75 -7.83 -51.78
C GLU F 91 50.79 -7.63 -50.72
N ALA F 92 50.46 -6.75 -49.78
CA ALA F 92 51.35 -6.45 -48.66
C ALA F 92 50.79 -5.32 -47.79
N VAL F 93 51.03 -5.40 -46.49
CA VAL F 93 50.60 -4.36 -45.56
C VAL F 93 51.83 -3.56 -45.11
N LEU F 94 51.80 -2.25 -45.32
CA LEU F 94 52.93 -1.39 -44.97
C LEU F 94 52.93 -0.89 -43.53
N VAL F 95 51.84 -0.23 -43.12
CA VAL F 95 51.71 0.31 -41.76
C VAL F 95 50.38 -0.05 -41.11
N ARG F 96 50.39 -0.25 -39.78
CA ARG F 96 49.17 -0.58 -39.06
C ARG F 96 49.17 -0.12 -37.60
N VAL F 97 48.19 0.72 -37.24
CA VAL F 97 48.10 1.20 -35.88
C VAL F 97 46.94 0.53 -35.16
N ASP F 98 47.21 0.04 -33.96
CA ASP F 98 46.22 -0.69 -33.16
C ASP F 98 45.96 -0.16 -31.76
N SER F 99 44.69 -0.19 -31.38
CA SER F 99 44.31 0.30 -30.08
C SER F 99 44.46 -0.83 -29.07
N SER F 100 45.16 -0.53 -27.98
CA SER F 100 45.42 -1.51 -26.92
C SER F 100 44.33 -2.57 -26.87
N SER F 101 44.75 -3.82 -26.84
CA SER F 101 43.86 -4.99 -26.81
C SER F 101 42.55 -4.72 -26.11
N GLY F 102 41.46 -5.10 -26.76
CA GLY F 102 40.15 -4.87 -26.19
C GLY F 102 39.43 -3.93 -27.12
N LEU F 103 39.74 -2.63 -27.03
CA LEU F 103 39.12 -1.65 -27.90
C LEU F 103 39.37 -2.16 -29.33
N GLY F 104 38.38 -2.07 -30.21
CA GLY F 104 38.54 -2.56 -31.57
C GLY F 104 39.33 -1.72 -32.55
N ASP F 105 39.05 -0.42 -32.56
CA ASP F 105 39.70 0.53 -33.47
C ASP F 105 41.10 0.14 -34.01
N TYR F 106 41.34 0.51 -35.26
CA TYR F 106 42.61 0.24 -35.92
C TYR F 106 42.71 0.95 -37.28
N LEU F 107 43.93 1.13 -37.75
CA LEU F 107 44.18 1.79 -39.02
C LEU F 107 45.17 0.98 -39.84
N GLU F 108 44.85 0.71 -41.10
CA GLU F 108 45.76 -0.07 -41.93
C GLU F 108 46.01 0.49 -43.33
N LEU F 109 47.29 0.51 -43.71
CA LEU F 109 47.75 1.01 -45.00
C LEU F 109 48.34 -0.17 -45.72
N HIS F 110 47.68 -0.62 -46.79
CA HIS F 110 48.14 -1.78 -47.51
C HIS F 110 48.06 -1.61 -49.02
N ILE F 111 48.57 -2.61 -49.73
CA ILE F 111 48.55 -2.62 -51.19
C ILE F 111 47.78 -3.86 -51.60
N HIS F 112 46.60 -3.65 -52.19
CA HIS F 112 45.74 -4.75 -52.63
C HIS F 112 45.68 -4.78 -54.15
N GLN F 113 46.22 -5.86 -54.71
CA GLN F 113 46.24 -6.05 -56.14
C GLN F 113 46.97 -4.91 -56.84
N GLY F 114 48.09 -4.50 -56.25
CA GLY F 114 48.90 -3.45 -56.84
C GLY F 114 48.46 -2.01 -56.64
N LYS F 115 47.36 -1.79 -55.94
CA LYS F 115 46.89 -0.42 -55.71
C LYS F 115 46.92 -0.09 -54.23
N ILE F 116 47.54 1.03 -53.87
CA ILE F 116 47.64 1.45 -52.47
C ILE F 116 46.30 1.90 -51.93
N GLY F 117 45.98 1.51 -50.70
CA GLY F 117 44.71 1.88 -50.10
C GLY F 117 44.75 1.85 -48.57
N VAL F 118 43.66 2.24 -47.92
CA VAL F 118 43.62 2.23 -46.48
C VAL F 118 42.29 1.75 -45.92
N LYS F 119 42.37 1.00 -44.83
CA LYS F 119 41.20 0.47 -44.17
C LYS F 119 41.35 0.77 -42.69
N PHE F 120 40.29 1.28 -42.08
CA PHE F 120 40.33 1.61 -40.67
C PHE F 120 38.96 1.40 -40.04
N ASN F 121 38.88 1.56 -38.74
CA ASN F 121 37.63 1.40 -38.03
C ASN F 121 37.78 2.07 -36.68
N VAL F 122 36.90 3.01 -36.38
CA VAL F 122 36.98 3.70 -35.09
C VAL F 122 35.82 3.35 -34.18
N GLY F 123 34.96 2.45 -34.63
CA GLY F 123 33.82 2.07 -33.81
C GLY F 123 32.59 1.60 -34.54
N THR F 124 32.37 2.06 -35.77
CA THR F 124 31.18 1.63 -36.50
C THR F 124 31.59 0.43 -37.35
N ASP F 125 31.65 0.60 -38.68
CA ASP F 125 32.06 -0.51 -39.54
C ASP F 125 33.48 -0.23 -39.99
N ASP F 126 33.98 -1.06 -40.90
CA ASP F 126 35.30 -0.85 -41.43
C ASP F 126 35.12 0.08 -42.60
N ILE F 127 35.90 1.14 -42.65
CA ILE F 127 35.79 2.07 -43.74
C ILE F 127 37.08 1.98 -44.54
N ALA F 128 36.95 1.88 -45.85
CA ALA F 128 38.14 1.80 -46.68
C ALA F 128 38.10 2.84 -47.80
N ILE F 129 39.27 3.25 -48.25
CA ILE F 129 39.41 4.23 -49.31
C ILE F 129 40.67 3.79 -50.07
N GLU F 130 40.62 3.82 -51.39
CA GLU F 130 41.78 3.37 -52.16
C GLU F 130 41.99 4.02 -53.53
N GLU F 131 43.27 4.16 -53.91
CA GLU F 131 43.63 4.72 -55.21
C GLU F 131 43.68 3.54 -56.16
N SER F 132 42.54 3.25 -56.78
CA SER F 132 42.42 2.12 -57.70
C SER F 132 42.83 2.39 -59.15
N ASN F 133 42.93 3.66 -59.52
CA ASN F 133 43.33 4.02 -60.89
C ASN F 133 44.83 3.84 -61.05
N ALA F 134 45.60 4.73 -60.45
CA ALA F 134 47.05 4.64 -60.53
C ALA F 134 47.56 3.27 -60.02
N ILE F 135 48.77 2.92 -60.41
CA ILE F 135 49.39 1.67 -59.98
C ILE F 135 50.69 2.07 -59.29
N ILE F 136 51.09 1.31 -58.26
CA ILE F 136 52.29 1.68 -57.52
C ILE F 136 53.27 0.56 -57.20
N ASN F 137 52.98 -0.66 -57.62
CA ASN F 137 53.89 -1.76 -57.32
C ASN F 137 54.92 -1.93 -58.44
N ASP F 138 55.30 -0.83 -59.08
CA ASP F 138 56.26 -0.85 -60.16
C ASP F 138 57.72 -0.68 -59.72
N GLY F 139 58.02 -1.02 -58.47
CA GLY F 139 59.38 -0.90 -57.97
C GLY F 139 59.94 0.51 -57.84
N LYS F 140 59.16 1.50 -58.25
CA LYS F 140 59.59 2.90 -58.21
C LYS F 140 59.07 3.66 -56.97
N TYR F 141 59.60 4.87 -56.74
CA TYR F 141 59.22 5.69 -55.60
C TYR F 141 57.82 6.24 -55.72
N HIS F 142 57.06 6.14 -54.62
CA HIS F 142 55.69 6.63 -54.53
C HIS F 142 55.36 7.14 -53.11
N VAL F 143 54.56 8.20 -53.03
CA VAL F 143 54.18 8.77 -51.75
C VAL F 143 52.68 8.85 -51.61
N VAL F 144 52.17 8.32 -50.50
CA VAL F 144 50.74 8.31 -50.20
C VAL F 144 50.45 9.09 -48.94
N ARG F 145 49.34 9.82 -48.95
CA ARG F 145 48.95 10.61 -47.80
C ARG F 145 47.52 10.29 -47.37
N PHE F 146 47.36 9.93 -46.11
CA PHE F 146 46.05 9.59 -45.59
C PHE F 146 45.54 10.64 -44.63
N THR F 147 44.22 10.79 -44.65
CA THR F 147 43.56 11.75 -43.78
C THR F 147 42.24 11.22 -43.25
N ARG F 148 42.02 11.41 -41.94
CA ARG F 148 40.80 10.96 -41.30
C ARG F 148 40.28 12.06 -40.44
N SER F 149 38.95 12.11 -40.35
CA SER F 149 38.20 13.07 -39.56
C SER F 149 36.96 12.31 -39.18
N GLY F 150 37.09 11.48 -38.15
CA GLY F 150 35.97 10.68 -37.74
C GLY F 150 35.85 9.60 -38.78
N GLY F 151 34.68 9.52 -39.40
CA GLY F 151 34.46 8.50 -40.41
C GLY F 151 34.95 8.97 -41.77
N ASN F 152 34.66 10.22 -42.08
CA ASN F 152 35.08 10.80 -43.33
C ASN F 152 36.61 10.68 -43.44
N ALA F 153 37.11 10.25 -44.59
CA ALA F 153 38.55 10.08 -44.79
C ALA F 153 39.04 10.60 -46.15
N THR F 154 40.36 10.62 -46.33
CA THR F 154 41.00 11.11 -47.54
C THR F 154 42.29 10.39 -47.92
N LEU F 155 42.49 10.16 -49.21
CA LEU F 155 43.69 9.49 -49.67
C LEU F 155 44.27 10.19 -50.88
N GLN F 156 45.59 10.14 -51.04
CA GLN F 156 46.22 10.78 -52.18
C GLN F 156 47.60 10.21 -52.49
N VAL F 157 47.78 9.72 -53.71
CA VAL F 157 49.05 9.14 -54.14
C VAL F 157 49.78 10.08 -55.08
N ASP F 158 51.09 10.22 -54.85
CA ASP F 158 51.90 11.11 -55.66
C ASP F 158 51.17 12.41 -55.93
N SER F 159 50.69 12.57 -57.15
CA SER F 159 49.98 13.81 -57.50
C SER F 159 48.58 13.59 -58.05
N TRP F 160 48.15 12.34 -58.13
CA TRP F 160 46.82 12.05 -58.62
C TRP F 160 45.80 12.86 -57.84
N PRO F 161 44.58 13.00 -58.38
CA PRO F 161 43.58 13.77 -57.66
C PRO F 161 43.37 13.17 -56.28
N VAL F 162 42.95 14.01 -55.33
CA VAL F 162 42.69 13.56 -53.97
C VAL F 162 41.38 12.80 -53.89
N ILE F 163 41.42 11.65 -53.25
CA ILE F 163 40.26 10.80 -53.11
C ILE F 163 39.53 11.08 -51.81
N GLU F 164 38.21 11.09 -51.85
CA GLU F 164 37.41 11.36 -50.65
C GLU F 164 36.37 10.31 -50.37
N ARG F 165 36.41 9.70 -49.21
CA ARG F 165 35.43 8.71 -48.83
C ARG F 165 34.61 9.36 -47.72
N TYR F 166 33.29 9.33 -47.82
CA TYR F 166 32.40 9.94 -46.82
C TYR F 166 31.37 8.92 -46.35
N PRO F 167 31.81 7.91 -45.59
CA PRO F 167 30.96 6.85 -45.06
C PRO F 167 29.47 7.12 -44.88
N ALA F 168 28.71 6.02 -44.97
CA ALA F 168 27.26 5.95 -44.86
C ALA F 168 26.55 6.68 -43.72
N GLY F 169 25.60 5.97 -43.10
CA GLY F 169 24.79 6.51 -42.02
C GLY F 169 25.48 7.23 -40.87
N ARG F 170 25.18 6.81 -39.64
CA ARG F 170 25.80 7.45 -38.49
C ARG F 170 27.18 6.83 -38.25
N GLN F 171 28.19 7.67 -38.00
CA GLN F 171 29.55 7.19 -37.81
C GLN F 171 30.19 7.57 -36.49
N LEU F 172 31.03 6.70 -35.95
CA LEU F 172 31.73 7.00 -34.71
C LEU F 172 32.97 7.81 -35.07
N THR F 173 33.54 8.47 -34.07
CA THR F 173 34.65 9.37 -34.33
C THR F 173 36.03 9.13 -33.78
N ILE F 174 36.13 8.63 -32.56
CA ILE F 174 37.42 8.46 -31.96
C ILE F 174 38.18 7.13 -31.99
N PHE F 175 39.46 7.23 -32.34
CA PHE F 175 40.39 6.12 -32.42
C PHE F 175 40.95 6.06 -31.00
N ASN F 176 40.32 5.25 -30.16
CA ASN F 176 40.71 5.14 -28.76
C ASN F 176 42.01 4.43 -28.44
N SER F 177 42.66 4.91 -27.38
CA SER F 177 43.89 4.36 -26.84
C SER F 177 44.71 3.63 -27.91
N GLN F 178 45.44 4.39 -28.72
CA GLN F 178 46.28 3.81 -29.76
C GLN F 178 47.49 3.29 -29.03
N ALA F 179 47.86 2.02 -29.23
CA ALA F 179 49.00 1.50 -28.50
C ALA F 179 50.23 1.06 -29.27
N THR F 180 50.06 0.74 -30.55
CA THR F 180 51.20 0.31 -31.38
C THR F 180 51.14 0.61 -32.88
N ILE F 181 52.26 1.05 -33.42
CA ILE F 181 52.40 1.33 -34.85
C ILE F 181 53.31 0.21 -35.35
N ILE F 182 52.80 -0.59 -36.27
CA ILE F 182 53.58 -1.70 -36.80
C ILE F 182 53.88 -1.59 -38.30
N ILE F 183 55.16 -1.39 -38.58
CA ILE F 183 55.65 -1.26 -39.95
C ILE F 183 56.31 -2.53 -40.39
N GLY F 184 55.84 -3.10 -41.49
CA GLY F 184 56.40 -4.34 -41.98
C GLY F 184 55.26 -5.26 -42.39
N GLY F 185 54.07 -4.94 -41.91
CA GLY F 185 52.90 -5.74 -42.22
C GLY F 185 53.15 -7.24 -42.17
N LYS F 186 53.93 -7.68 -41.19
CA LYS F 186 54.25 -9.09 -41.06
C LYS F 186 53.26 -9.79 -40.16
N GLU F 187 53.07 -9.22 -38.96
CA GLU F 187 52.16 -9.77 -37.97
C GLU F 187 50.78 -9.97 -38.55
N GLN F 188 50.35 -9.06 -39.43
CA GLN F 188 49.04 -9.16 -40.07
C GLN F 188 49.03 -10.19 -41.19
N GLY F 189 50.15 -10.91 -41.34
CA GLY F 189 50.25 -11.94 -42.36
C GLY F 189 50.30 -11.52 -43.82
N GLN F 190 51.11 -10.53 -44.15
CA GLN F 190 51.29 -10.07 -45.53
C GLN F 190 52.58 -9.27 -45.56
N PRO F 191 53.71 -9.93 -45.25
CA PRO F 191 55.03 -9.29 -45.22
C PRO F 191 55.27 -8.34 -46.36
N PHE F 192 56.01 -7.28 -46.05
CA PHE F 192 56.35 -6.27 -47.03
C PHE F 192 57.81 -6.46 -47.40
N GLN F 193 58.13 -6.15 -48.64
CA GLN F 193 59.49 -6.26 -49.14
C GLN F 193 59.74 -5.06 -50.03
N GLY F 194 60.63 -4.20 -49.58
CA GLY F 194 60.93 -3.01 -50.37
C GLY F 194 61.54 -1.94 -49.51
N GLN F 195 61.22 -0.68 -49.80
CA GLN F 195 61.77 0.42 -49.04
C GLN F 195 60.74 1.43 -48.60
N LEU F 196 60.86 1.84 -47.34
CA LEU F 196 59.97 2.82 -46.76
C LEU F 196 60.78 4.00 -46.24
N SER F 197 60.28 5.20 -46.44
CA SER F 197 60.96 6.40 -45.99
C SER F 197 59.96 7.42 -45.44
N GLY F 198 60.51 8.42 -44.76
CA GLY F 198 59.69 9.46 -44.16
C GLY F 198 58.28 9.07 -43.78
N LEU F 199 58.14 8.25 -42.73
CA LEU F 199 56.82 7.84 -42.26
C LEU F 199 56.38 8.83 -41.23
N TYR F 200 55.24 9.46 -41.48
CA TYR F 200 54.72 10.46 -40.55
C TYR F 200 53.33 10.11 -40.10
N TYR F 201 53.17 9.96 -38.78
CA TYR F 201 51.88 9.63 -38.21
C TYR F 201 51.55 10.59 -37.09
N ASN F 202 50.56 11.44 -37.30
CA ASN F 202 50.15 12.42 -36.29
C ASN F 202 51.35 13.02 -35.55
N GLY F 203 52.33 13.52 -36.28
CA GLY F 203 53.49 14.11 -35.63
C GLY F 203 54.69 13.22 -35.36
N LEU F 204 54.48 11.91 -35.38
CA LEU F 204 55.59 11.00 -35.13
C LEU F 204 56.29 10.62 -36.42
N LYS F 205 57.59 10.85 -36.47
CA LYS F 205 58.39 10.48 -37.63
C LYS F 205 59.05 9.18 -37.19
N VAL F 206 58.19 8.19 -36.99
CA VAL F 206 58.56 6.86 -36.53
C VAL F 206 59.86 6.30 -37.10
N LEU F 207 60.10 6.52 -38.39
CA LEU F 207 61.30 5.97 -38.98
C LEU F 207 62.61 6.53 -38.43
N ASN F 208 62.65 7.83 -38.15
CA ASN F 208 63.85 8.45 -37.59
C ASN F 208 63.95 7.92 -36.19
N MET F 209 62.84 8.02 -35.46
CA MET F 209 62.76 7.55 -34.10
C MET F 209 63.43 6.18 -34.00
N ALA F 210 63.13 5.30 -34.96
CA ALA F 210 63.69 3.96 -34.97
C ALA F 210 65.17 4.04 -35.19
N ALA F 211 65.55 4.85 -36.16
CA ALA F 211 66.94 5.04 -36.50
C ALA F 211 67.71 5.55 -35.30
N GLU F 212 67.16 6.54 -34.60
CA GLU F 212 67.84 7.11 -33.45
C GLU F 212 67.68 6.26 -32.20
N ASN F 213 67.48 4.96 -32.38
CA ASN F 213 67.32 4.04 -31.26
C ASN F 213 66.43 4.65 -30.18
N ASP F 214 65.13 4.67 -30.44
CA ASP F 214 64.15 5.21 -29.51
C ASP F 214 63.87 4.10 -28.50
N ALA F 215 63.75 4.48 -27.24
CA ALA F 215 63.51 3.51 -26.19
C ALA F 215 62.27 2.67 -26.42
N ASN F 216 61.35 3.15 -27.24
CA ASN F 216 60.11 2.44 -27.48
C ASN F 216 60.03 1.68 -28.81
N ILE F 217 60.83 2.08 -29.78
CA ILE F 217 60.83 1.42 -31.07
C ILE F 217 61.62 0.14 -30.99
N ALA F 218 61.04 -0.94 -31.49
CA ALA F 218 61.68 -2.22 -31.47
C ALA F 218 61.69 -2.79 -32.88
N ILE F 219 62.89 -3.01 -33.42
CA ILE F 219 63.06 -3.55 -34.77
C ILE F 219 63.39 -5.03 -34.65
N VAL F 220 62.71 -5.84 -35.45
CA VAL F 220 62.93 -7.28 -35.46
C VAL F 220 62.61 -7.81 -36.85
N GLY F 221 63.46 -8.70 -37.35
CA GLY F 221 63.23 -9.24 -38.67
C GLY F 221 64.33 -8.89 -39.65
N ASN F 222 64.05 -9.04 -40.93
CA ASN F 222 65.03 -8.76 -41.98
C ASN F 222 65.03 -7.31 -42.41
N VAL F 223 64.92 -6.41 -41.46
CA VAL F 223 64.91 -4.99 -41.77
C VAL F 223 66.31 -4.41 -41.60
N ARG F 224 66.68 -3.48 -42.49
CA ARG F 224 67.99 -2.86 -42.44
C ARG F 224 67.86 -1.37 -42.72
N LEU F 225 68.74 -0.58 -42.14
CA LEU F 225 68.74 0.86 -42.33
C LEU F 225 69.62 1.25 -43.51
N VAL F 226 69.34 2.38 -44.14
CA VAL F 226 70.14 2.81 -45.28
C VAL F 226 70.65 4.23 -45.09
N HIS G 50 -24.72 -22.44 47.92
CA HIS G 50 -23.39 -22.19 47.29
C HIS G 50 -22.37 -23.30 47.57
N ALA G 51 -21.76 -23.80 46.49
CA ALA G 51 -20.76 -24.88 46.54
C ALA G 51 -19.34 -24.49 46.91
N GLY G 52 -18.96 -24.76 48.15
CA GLY G 52 -17.60 -24.46 48.60
C GLY G 52 -17.23 -23.00 48.62
N THR G 53 -15.98 -22.70 48.23
CA THR G 53 -15.47 -21.32 48.21
C THR G 53 -16.41 -20.32 47.55
N THR G 54 -16.84 -19.34 48.32
CA THR G 54 -17.76 -18.31 47.84
C THR G 54 -17.18 -16.91 48.06
N TYR G 55 -17.34 -16.04 47.08
CA TYR G 55 -16.84 -14.68 47.19
C TYR G 55 -17.98 -13.70 47.06
N ILE G 56 -17.96 -12.65 47.89
CA ILE G 56 -19.01 -11.65 47.88
C ILE G 56 -18.57 -10.30 47.32
N PHE G 57 -19.26 -9.87 46.26
CA PHE G 57 -18.97 -8.60 45.62
C PHE G 57 -19.98 -7.56 46.07
N SER G 58 -19.48 -6.54 46.76
CA SER G 58 -20.31 -5.47 47.30
C SER G 58 -20.35 -4.28 46.34
N LYS G 59 -20.99 -3.19 46.76
CA LYS G 59 -21.07 -2.00 45.92
C LYS G 59 -19.67 -1.47 45.69
N GLY G 60 -19.45 -0.91 44.51
CA GLY G 60 -18.14 -0.39 44.18
C GLY G 60 -17.41 -1.45 43.38
N GLY G 61 -18.05 -2.61 43.28
CA GLY G 61 -17.50 -3.73 42.54
C GLY G 61 -16.11 -4.19 42.95
N GLY G 62 -15.67 -5.32 42.38
CA GLY G 62 -14.37 -5.87 42.70
C GLY G 62 -13.81 -6.63 41.52
N GLN G 63 -12.70 -7.33 41.72
CA GLN G 63 -12.09 -8.07 40.63
C GLN G 63 -10.98 -9.02 41.04
N ILE G 64 -11.19 -10.30 40.79
CA ILE G 64 -10.19 -11.32 41.10
C ILE G 64 -9.60 -11.63 39.75
N THR G 65 -8.28 -11.50 39.62
CA THR G 65 -7.63 -11.77 38.34
C THR G 65 -6.48 -12.77 38.39
N TYR G 66 -6.61 -13.82 37.59
CA TYR G 66 -5.58 -14.84 37.51
C TYR G 66 -4.75 -14.51 36.27
N LYS G 67 -3.45 -14.38 36.46
CA LYS G 67 -2.56 -14.05 35.36
C LYS G 67 -1.61 -15.22 35.11
N TRP G 68 -1.86 -15.96 34.05
CA TRP G 68 -1.03 -17.09 33.72
C TRP G 68 0.40 -16.68 33.53
N PRO G 69 1.34 -17.44 34.09
CA PRO G 69 2.77 -17.13 33.95
C PRO G 69 3.15 -17.24 32.46
N PRO G 70 3.68 -16.16 31.89
CA PRO G 70 4.11 -16.04 30.49
C PRO G 70 4.19 -17.32 29.70
N ASN G 71 5.25 -18.08 29.94
CA ASN G 71 5.48 -19.33 29.22
C ASN G 71 4.49 -20.45 29.51
N ASP G 72 3.29 -20.06 29.92
CA ASP G 72 2.26 -21.04 30.23
C ASP G 72 0.87 -20.63 29.81
N ARG G 73 0.77 -19.55 29.03
CA ARG G 73 -0.53 -19.13 28.55
C ARG G 73 -0.94 -20.21 27.57
N PRO G 74 -1.96 -21.00 27.92
CA PRO G 74 -2.44 -22.08 27.07
C PRO G 74 -3.29 -21.66 25.88
N SER G 75 -3.42 -22.57 24.92
CA SER G 75 -4.24 -22.37 23.75
C SER G 75 -5.19 -23.53 23.85
N THR G 76 -6.40 -23.39 23.35
CA THR G 76 -7.34 -24.50 23.45
C THR G 76 -8.31 -24.56 22.29
N ARG G 77 -8.69 -25.77 21.91
CA ARG G 77 -9.67 -25.96 20.84
C ARG G 77 -11.04 -26.10 21.49
N ALA G 78 -11.04 -26.65 22.70
CA ALA G 78 -12.27 -26.87 23.46
C ALA G 78 -12.20 -26.19 24.80
N ASP G 79 -13.35 -25.84 25.36
CA ASP G 79 -13.37 -25.17 26.66
C ASP G 79 -14.53 -25.61 27.55
N ARG G 80 -14.22 -25.80 28.84
CA ARG G 80 -15.25 -26.18 29.80
C ARG G 80 -15.23 -25.08 30.85
N LEU G 81 -16.29 -24.29 30.90
CA LEU G 81 -16.39 -23.23 31.89
C LEU G 81 -17.69 -23.38 32.61
N ALA G 82 -17.64 -23.32 33.94
CA ALA G 82 -18.83 -23.43 34.77
C ALA G 82 -18.68 -22.63 36.06
N ILE G 83 -19.77 -22.04 36.51
CA ILE G 83 -19.73 -21.25 37.72
C ILE G 83 -21.13 -21.15 38.32
N GLY G 84 -21.19 -20.94 39.63
CA GLY G 84 -22.45 -20.81 40.31
C GLY G 84 -22.51 -19.40 40.86
N PHE G 85 -23.62 -18.70 40.60
CA PHE G 85 -23.75 -17.32 41.06
C PHE G 85 -25.05 -17.07 41.79
N SER G 86 -25.29 -15.78 42.07
CA SER G 86 -26.49 -15.32 42.75
C SER G 86 -26.42 -13.81 42.67
N THR G 87 -27.37 -13.19 41.98
CA THR G 87 -27.37 -11.74 41.86
C THR G 87 -28.71 -11.19 41.41
N VAL G 88 -28.92 -9.91 41.74
CA VAL G 88 -30.16 -9.22 41.38
C VAL G 88 -29.85 -8.07 40.42
N GLN G 89 -28.98 -8.31 39.44
CA GLN G 89 -28.63 -7.28 38.47
C GLN G 89 -29.27 -7.56 37.13
N LYS G 90 -29.38 -6.54 36.31
CA LYS G 90 -29.95 -6.69 34.98
C LYS G 90 -28.79 -6.83 34.00
N GLU G 91 -27.73 -6.07 34.28
CA GLU G 91 -26.53 -6.10 33.45
C GLU G 91 -25.33 -6.28 34.34
N ALA G 92 -24.41 -7.12 33.89
CA ALA G 92 -23.17 -7.39 34.62
C ALA G 92 -22.37 -8.51 33.95
N VAL G 93 -21.05 -8.40 34.02
CA VAL G 93 -20.15 -9.40 33.47
C VAL G 93 -19.51 -10.16 34.63
N LEU G 94 -19.68 -11.48 34.64
CA LEU G 94 -19.15 -12.32 35.72
C LEU G 94 -17.70 -12.75 35.52
N VAL G 95 -17.43 -13.43 34.40
CA VAL G 95 -16.09 -13.91 34.10
C VAL G 95 -15.65 -13.55 32.68
N ARG G 96 -14.34 -13.32 32.50
CA ARG G 96 -13.81 -12.98 31.17
C ARG G 96 -12.34 -13.38 30.99
N VAL G 97 -12.08 -14.23 29.99
CA VAL G 97 -10.73 -14.69 29.71
C VAL G 97 -10.21 -14.01 28.46
N ASP G 98 -9.00 -13.48 28.55
CA ASP G 98 -8.37 -12.75 27.44
C ASP G 98 -7.02 -13.26 27.00
N SER G 99 -6.81 -13.24 25.69
CA SER G 99 -5.55 -13.69 25.13
C SER G 99 -4.58 -12.54 25.15
N SER G 100 -3.39 -12.78 25.70
CA SER G 100 -2.35 -11.78 25.78
C SER G 100 -2.47 -10.73 24.68
N SER G 101 -2.43 -9.46 25.09
CA SER G 101 -2.55 -8.32 24.17
C SER G 101 -2.02 -8.58 22.79
N GLY G 102 -2.83 -8.26 21.80
CA GLY G 102 -2.43 -8.48 20.42
C GLY G 102 -3.43 -9.45 19.84
N LEU G 103 -3.28 -10.73 20.15
CA LEU G 103 -4.20 -11.75 19.67
C LEU G 103 -5.59 -11.29 20.14
N GLY G 104 -6.58 -11.41 19.27
CA GLY G 104 -7.92 -10.96 19.62
C GLY G 104 -8.76 -11.82 20.54
N ASP G 105 -8.76 -13.12 20.29
CA ASP G 105 -9.53 -14.09 21.05
C ASP G 105 -9.89 -13.70 22.49
N TYR G 106 -11.09 -14.10 22.92
CA TYR G 106 -11.59 -13.82 24.26
C TYR G 106 -12.89 -14.57 24.55
N LEU G 107 -13.17 -14.76 25.83
CA LEU G 107 -14.38 -15.45 26.28
C LEU G 107 -15.08 -14.63 27.36
N GLU G 108 -16.39 -14.43 27.21
CA GLU G 108 -17.11 -13.66 28.21
C GLU G 108 -18.45 -14.25 28.67
N LEU G 109 -18.63 -14.27 29.99
CA LEU G 109 -19.83 -14.79 30.63
C LEU G 109 -20.49 -13.62 31.31
N HIS G 110 -21.64 -13.22 30.80
CA HIS G 110 -22.34 -12.08 31.34
C HIS G 110 -23.85 -12.30 31.50
N ILE G 111 -24.53 -11.31 32.07
CA ILE G 111 -25.97 -11.35 32.25
C ILE G 111 -26.51 -10.12 31.53
N HIS G 112 -27.23 -10.36 30.44
CA HIS G 112 -27.82 -9.29 29.65
C HIS G 112 -29.35 -9.29 29.79
N GLN G 113 -29.86 -8.23 30.40
CA GLN G 113 -31.29 -8.07 30.63
C GLN G 113 -31.84 -9.23 31.45
N GLY G 114 -31.10 -9.59 32.49
CA GLY G 114 -31.52 -10.66 33.37
C GLY G 114 -31.35 -12.10 32.93
N LYS G 115 -30.79 -12.31 31.73
CA LYS G 115 -30.58 -13.67 31.25
C LYS G 115 -29.09 -13.96 31.08
N ILE G 116 -28.63 -15.08 31.65
CA ILE G 116 -27.22 -15.45 31.57
C ILE G 116 -26.86 -15.92 30.16
N GLY G 117 -25.70 -15.48 29.67
CA GLY G 117 -25.27 -15.85 28.33
C GLY G 117 -23.76 -15.77 28.17
N VAL G 118 -23.26 -16.16 27.01
CA VAL G 118 -21.82 -16.11 26.78
C VAL G 118 -21.48 -15.63 25.38
N LYS G 119 -20.40 -14.86 25.29
CA LYS G 119 -19.93 -14.32 24.03
C LYS G 119 -18.42 -14.58 23.98
N PHE G 120 -17.96 -15.09 22.86
CA PHE G 120 -16.54 -15.37 22.70
C PHE G 120 -16.13 -15.16 21.26
N ASN G 121 -14.83 -15.27 21.00
CA ASN G 121 -14.32 -15.11 19.65
C ASN G 121 -12.93 -15.74 19.60
N VAL G 122 -12.72 -16.68 18.71
CA VAL G 122 -11.43 -17.33 18.62
C VAL G 122 -10.70 -16.98 17.34
N GLY G 123 -11.30 -16.11 16.55
CA GLY G 123 -10.66 -15.74 15.31
C GLY G 123 -11.57 -15.30 14.17
N THR G 124 -12.80 -15.81 14.12
CA THR G 124 -13.70 -15.41 13.05
C THR G 124 -14.53 -14.23 13.55
N ASP G 125 -15.83 -14.44 13.80
CA ASP G 125 -16.67 -13.34 14.33
C ASP G 125 -16.89 -13.62 15.81
N ASP G 126 -17.74 -12.81 16.41
CA ASP G 126 -18.09 -13.01 17.80
C ASP G 126 -19.24 -13.97 17.80
N ILE G 127 -19.14 -15.03 18.58
CA ILE G 127 -20.20 -16.00 18.64
C ILE G 127 -20.82 -15.92 20.02
N ALA G 128 -22.15 -15.85 20.09
CA ALA G 128 -22.81 -15.77 21.37
C ALA G 128 -23.88 -16.83 21.48
N ILE G 129 -24.15 -17.25 22.72
CA ILE G 129 -25.15 -18.26 23.01
C ILE G 129 -25.73 -17.84 24.35
N GLU G 130 -27.06 -17.90 24.48
CA GLU G 130 -27.67 -17.45 25.73
C GLU G 130 -28.97 -18.15 26.15
N GLU G 131 -29.16 -18.27 27.46
CA GLU G 131 -30.38 -18.85 28.03
C GLU G 131 -31.35 -17.69 28.20
N SER G 132 -32.14 -17.44 27.15
CA SER G 132 -33.11 -16.35 27.14
C SER G 132 -34.47 -16.66 27.75
N ASN G 133 -34.79 -17.94 27.92
CA ASN G 133 -36.07 -18.35 28.52
C ASN G 133 -36.03 -18.14 30.03
N ALA G 134 -35.30 -19.02 30.72
CA ALA G 134 -35.19 -18.90 32.16
C ALA G 134 -34.65 -17.53 32.57
N ILE G 135 -34.87 -17.16 33.83
CA ILE G 135 -34.39 -15.89 34.37
C ILE G 135 -33.51 -16.25 35.57
N ILE G 136 -32.47 -15.46 35.81
CA ILE G 136 -31.57 -15.77 36.89
C ILE G 136 -31.14 -14.62 37.79
N ASN G 137 -31.64 -13.42 37.55
CA ASN G 137 -31.26 -12.29 38.40
C ASN G 137 -32.23 -12.12 39.58
N ASP G 138 -32.78 -13.25 40.03
CA ASP G 138 -33.71 -13.25 41.15
C ASP G 138 -33.06 -13.39 42.53
N GLY G 139 -31.79 -13.00 42.65
CA GLY G 139 -31.10 -13.09 43.94
C GLY G 139 -30.85 -14.48 44.50
N LYS G 140 -31.33 -15.50 43.79
CA LYS G 140 -31.18 -16.90 44.22
C LYS G 140 -30.00 -17.63 43.54
N TYR G 141 -29.66 -18.81 44.06
CA TYR G 141 -28.56 -19.61 43.54
C TYR G 141 -28.86 -20.19 42.15
N HIS G 142 -27.88 -20.07 41.26
CA HIS G 142 -27.96 -20.58 39.89
C HIS G 142 -26.59 -21.04 39.37
N VAL G 143 -26.59 -22.11 38.59
CA VAL G 143 -25.35 -22.65 38.03
C VAL G 143 -25.42 -22.76 36.52
N VAL G 144 -24.41 -22.19 35.85
CA VAL G 144 -24.33 -22.20 34.41
C VAL G 144 -23.08 -22.94 33.93
N ARG G 145 -23.24 -23.69 32.85
CA ARG G 145 -22.12 -24.45 32.32
C ARG G 145 -21.91 -24.12 30.85
N PHE G 146 -20.69 -23.73 30.50
CA PHE G 146 -20.37 -23.40 29.14
C PHE G 146 -19.46 -24.43 28.49
N THR G 147 -19.63 -24.61 27.20
CA THR G 147 -18.84 -25.55 26.44
C THR G 147 -18.52 -25.02 25.05
N ARG G 148 -17.26 -25.17 24.66
CA ARG G 148 -16.82 -24.72 23.35
C ARG G 148 -16.03 -25.83 22.71
N SER G 149 -16.10 -25.89 21.39
CA SER G 149 -15.39 -26.84 20.56
C SER G 149 -15.21 -26.07 19.26
N GLY G 150 -14.21 -25.21 19.24
CA GLY G 150 -13.98 -24.42 18.07
C GLY G 150 -15.05 -23.36 18.08
N GLY G 151 -15.84 -23.33 17.02
CA GLY G 151 -16.91 -22.34 16.91
C GLY G 151 -18.17 -22.83 17.59
N ASN G 152 -18.49 -24.10 17.35
CA ASN G 152 -19.65 -24.72 17.95
C ASN G 152 -19.55 -24.56 19.49
N ALA G 153 -20.64 -24.19 20.13
CA ALA G 153 -20.62 -23.99 21.58
C ALA G 153 -21.87 -24.54 22.26
N THR G 154 -21.85 -24.55 23.59
CA THR G 154 -22.95 -25.07 24.43
C THR G 154 -23.17 -24.33 25.76
N LEU G 155 -24.43 -24.15 26.13
CA LEU G 155 -24.72 -23.48 27.38
C LEU G 155 -25.84 -24.20 28.11
N GLN G 156 -25.82 -24.12 29.43
CA GLN G 156 -26.85 -24.78 30.23
C GLN G 156 -26.97 -24.20 31.65
N VAL G 157 -28.18 -23.75 31.98
CA VAL G 157 -28.43 -23.17 33.28
C VAL G 157 -29.23 -24.13 34.14
N ASP G 158 -28.82 -24.25 35.39
CA ASP G 158 -29.47 -25.14 36.33
C ASP G 158 -29.79 -26.46 35.66
N SER G 159 -31.06 -26.67 35.34
CA SER G 159 -31.46 -27.93 34.71
C SER G 159 -32.22 -27.75 33.40
N TRP G 160 -32.41 -26.50 32.99
CA TRP G 160 -33.10 -26.25 31.74
C TRP G 160 -32.44 -27.05 30.64
N PRO G 161 -33.14 -27.21 29.50
CA PRO G 161 -32.53 -27.99 28.41
C PRO G 161 -31.20 -27.35 27.99
N VAL G 162 -30.30 -28.17 27.45
CA VAL G 162 -29.00 -27.68 27.02
C VAL G 162 -29.15 -26.93 25.70
N ILE G 163 -28.54 -25.75 25.65
CA ILE G 163 -28.59 -24.91 24.47
C ILE G 163 -27.40 -25.15 23.56
N GLU G 164 -27.63 -25.20 22.26
CA GLU G 164 -26.55 -25.45 21.31
C GLU G 164 -26.46 -24.39 20.21
N ARG G 165 -25.30 -23.76 20.08
CA ARG G 165 -25.09 -22.78 19.04
C ARG G 165 -24.08 -23.43 18.09
N TYR G 166 -24.38 -23.41 16.80
CA TYR G 166 -23.50 -24.00 15.79
C TYR G 166 -23.21 -22.96 14.70
N PRO G 167 -22.41 -21.93 15.01
CA PRO G 167 -22.05 -20.86 14.08
C PRO G 167 -22.07 -21.15 12.59
N ALA G 168 -22.29 -20.08 11.84
CA ALA G 168 -22.40 -20.02 10.37
C ALA G 168 -21.34 -20.73 9.52
N GLY G 169 -20.87 -20.00 8.51
CA GLY G 169 -19.89 -20.52 7.55
C GLY G 169 -18.64 -21.20 8.07
N ARG G 170 -17.48 -20.77 7.59
CA ARG G 170 -16.23 -21.36 8.05
C ARG G 170 -15.84 -20.72 9.40
N GLN G 171 -15.41 -21.52 10.36
CA GLN G 171 -15.06 -21.01 11.68
C GLN G 171 -13.63 -21.36 12.13
N LEU G 172 -13.02 -20.47 12.89
CA LEU G 172 -11.68 -20.73 13.39
C LEU G 172 -11.84 -21.53 14.67
N THR G 173 -10.76 -22.15 15.11
CA THR G 173 -10.80 -23.04 16.24
C THR G 173 -10.07 -22.76 17.54
N ILE G 174 -8.88 -22.21 17.45
CA ILE G 174 -8.12 -21.99 18.66
C ILE G 174 -8.09 -20.65 19.40
N PHE G 175 -8.24 -20.76 20.71
CA PHE G 175 -8.23 -19.63 21.64
C PHE G 175 -6.75 -19.52 22.00
N ASN G 176 -6.03 -18.70 21.26
CA ASN G 176 -4.59 -18.55 21.45
C ASN G 176 -4.11 -17.82 22.68
N SER G 177 -2.95 -18.26 23.17
CA SER G 177 -2.28 -17.68 24.32
C SER G 177 -3.24 -16.96 25.28
N GLN G 178 -3.91 -17.74 26.12
CA GLN G 178 -4.84 -17.18 27.08
C GLN G 178 -3.96 -16.63 28.18
N ALA G 179 -4.17 -15.36 28.56
CA ALA G 179 -3.31 -14.77 29.59
C ALA G 179 -3.91 -14.32 30.90
N THR G 180 -5.22 -14.04 30.91
CA THR G 180 -5.89 -13.62 32.15
C THR G 180 -7.36 -13.96 32.28
N ILE G 181 -7.72 -14.41 33.48
CA ILE G 181 -9.10 -14.72 33.83
C ILE G 181 -9.52 -13.60 34.79
N ILE G 182 -10.54 -12.84 34.40
CA ILE G 182 -10.99 -11.74 35.23
C ILE G 182 -12.41 -11.90 35.72
N ILE G 183 -12.52 -12.08 37.04
CA ILE G 183 -13.80 -12.26 37.72
C ILE G 183 -14.17 -10.97 38.43
N GLY G 184 -15.36 -10.47 38.11
CA GLY G 184 -15.82 -9.23 38.71
C GLY G 184 -16.40 -8.33 37.64
N GLY G 185 -16.09 -8.66 36.39
CA GLY G 185 -16.58 -7.88 35.27
C GLY G 185 -16.53 -6.38 35.51
N LYS G 186 -15.48 -5.90 36.16
CA LYS G 186 -15.35 -4.48 36.43
C LYS G 186 -14.61 -3.76 35.29
N GLU G 187 -13.43 -4.29 34.96
CA GLU G 187 -12.59 -3.73 33.91
C GLU G 187 -13.37 -3.57 32.61
N GLN G 188 -14.27 -4.50 32.33
CA GLN G 188 -15.08 -4.45 31.11
C GLN G 188 -16.23 -3.45 31.26
N GLY G 189 -16.25 -2.73 32.38
CA GLY G 189 -17.26 -1.73 32.61
C GLY G 189 -18.69 -2.18 32.86
N GLN G 190 -18.86 -3.18 33.73
CA GLN G 190 -20.19 -3.67 34.09
C GLN G 190 -20.03 -4.44 35.38
N PRO G 191 -19.57 -3.76 36.45
CA PRO G 191 -19.36 -4.36 37.76
C PRO G 191 -20.43 -5.37 38.17
N PHE G 192 -19.99 -6.39 38.88
CA PHE G 192 -20.87 -7.43 39.36
C PHE G 192 -21.02 -7.24 40.85
N GLN G 193 -22.21 -7.59 41.34
CA GLN G 193 -22.52 -7.48 42.76
C GLN G 193 -23.34 -8.69 43.15
N GLY G 194 -22.76 -9.54 43.98
CA GLY G 194 -23.45 -10.74 44.40
C GLY G 194 -22.46 -11.78 44.88
N GLN G 195 -22.76 -13.04 44.63
CA GLN G 195 -21.90 -14.10 45.06
C GLN G 195 -21.57 -15.12 43.98
N LEU G 196 -20.30 -15.50 43.94
CA LEU G 196 -19.81 -16.47 42.99
C LEU G 196 -19.14 -17.60 43.73
N SER G 197 -19.36 -18.82 43.25
CA SER G 197 -18.79 -20.00 43.89
C SER G 197 -18.34 -21.01 42.84
N GLY G 198 -17.53 -21.96 43.28
CA GLY G 198 -17.04 -23.02 42.42
C GLY G 198 -16.90 -22.64 40.97
N LEU G 199 -15.90 -21.80 40.68
CA LEU G 199 -15.64 -21.39 39.31
C LEU G 199 -14.64 -22.36 38.73
N TYR G 200 -15.02 -23.02 37.64
CA TYR G 200 -14.14 -23.99 37.02
C TYR G 200 -13.88 -23.63 35.58
N TYR G 201 -12.61 -23.46 35.25
CA TYR G 201 -12.23 -23.13 33.88
C TYR G 201 -11.14 -24.07 33.40
N ASN G 202 -11.47 -24.93 32.45
CA ASN G 202 -10.50 -25.88 31.92
C ASN G 202 -9.58 -26.43 33.02
N GLY G 203 -10.15 -26.93 34.11
CA GLY G 203 -9.34 -27.50 35.15
C GLY G 203 -8.93 -26.58 36.29
N LEU G 204 -9.03 -25.28 36.08
CA LEU G 204 -8.67 -24.36 37.13
C LEU G 204 -9.85 -23.99 37.99
N LYS G 205 -9.70 -24.21 39.29
CA LYS G 205 -10.75 -23.87 40.23
C LYS G 205 -10.24 -22.55 40.80
N VAL G 206 -10.22 -21.57 39.93
CA VAL G 206 -9.74 -20.22 40.22
C VAL G 206 -10.14 -19.66 41.59
N LEU G 207 -11.37 -19.90 42.01
CA LEU G 207 -11.82 -19.35 43.27
C LEU G 207 -11.08 -19.89 44.49
N ASN G 208 -10.76 -21.18 44.50
CA ASN G 208 -10.01 -21.76 45.62
C ASN G 208 -8.62 -21.18 45.52
N MET G 209 -8.06 -21.27 44.32
CA MET G 209 -6.73 -20.76 44.03
C MET G 209 -6.58 -19.38 44.67
N ALA G 210 -7.60 -18.54 44.49
CA ALA G 210 -7.59 -17.20 45.04
C ALA G 210 -7.59 -17.27 46.55
N ALA G 211 -8.50 -18.08 47.08
CA ALA G 211 -8.63 -18.26 48.51
C ALA G 211 -7.30 -18.72 49.10
N GLU G 212 -6.66 -19.70 48.47
CA GLU G 212 -5.40 -20.23 48.96
C GLU G 212 -4.20 -19.35 48.63
N ASN G 213 -4.45 -18.06 48.44
CA ASN G 213 -3.39 -17.11 48.11
C ASN G 213 -2.43 -17.70 47.10
N ASP G 214 -2.87 -17.75 45.85
CA ASP G 214 -2.08 -18.27 44.75
C ASP G 214 -1.15 -17.14 44.32
N ALA G 215 0.10 -17.48 44.05
CA ALA G 215 1.08 -16.48 43.65
C ALA G 215 0.65 -15.66 42.44
N ASN G 216 -0.28 -16.19 41.64
CA ASN G 216 -0.72 -15.49 40.43
C ASN G 216 -2.07 -14.79 40.53
N ILE G 217 -2.90 -15.21 41.47
CA ILE G 217 -4.19 -14.59 41.64
C ILE G 217 -4.05 -13.28 42.40
N ALA G 218 -4.66 -12.23 41.88
CA ALA G 218 -4.60 -10.93 42.50
C ALA G 218 -6.02 -10.40 42.70
N ILE G 219 -6.38 -10.18 43.96
CA ILE G 219 -7.71 -9.69 44.31
C ILE G 219 -7.60 -8.20 44.60
N VAL G 220 -8.51 -7.43 44.03
CA VAL G 220 -8.53 -5.99 44.23
C VAL G 220 -9.95 -5.51 44.10
N GLY G 221 -10.36 -4.63 45.01
CA GLY G 221 -11.73 -4.11 44.98
C GLY G 221 -12.53 -4.48 46.22
N ASN G 222 -13.84 -4.35 46.11
CA ASN G 222 -14.74 -4.65 47.21
C ASN G 222 -15.13 -6.13 47.28
N VAL G 223 -14.16 -7.00 47.06
CA VAL G 223 -14.44 -8.43 47.11
C VAL G 223 -14.06 -8.98 48.48
N ARG G 224 -14.85 -9.93 48.97
CA ARG G 224 -14.60 -10.54 50.27
C ARG G 224 -14.85 -12.04 50.20
N LEU G 225 -14.11 -12.80 51.00
CA LEU G 225 -14.26 -14.25 51.03
C LEU G 225 -15.29 -14.65 52.08
N VAL G 226 -15.91 -15.80 51.90
CA VAL G 226 -16.93 -16.25 52.86
C VAL G 226 -16.61 -17.67 53.34
N HIS H 50 5.29 -11.32 -59.26
CA HIS H 50 4.41 -10.62 -58.29
C HIS H 50 2.92 -10.68 -58.67
N ALA H 51 2.10 -11.10 -57.71
CA ALA H 51 0.65 -11.25 -57.91
C ALA H 51 -0.20 -9.98 -57.76
N GLY H 52 -0.64 -9.44 -58.89
CA GLY H 52 -1.47 -8.25 -58.87
C GLY H 52 -0.82 -6.99 -58.31
N THR H 53 -1.59 -6.21 -57.57
CA THR H 53 -1.12 -4.95 -56.98
C THR H 53 0.22 -5.11 -56.26
N THR H 54 1.21 -4.36 -56.73
CA THR H 54 2.56 -4.39 -56.16
C THR H 54 2.99 -2.98 -55.75
N TYR H 55 3.65 -2.88 -54.59
CA TYR H 55 4.14 -1.61 -54.11
C TYR H 55 5.65 -1.66 -53.92
N ILE H 56 6.32 -0.58 -54.33
CA ILE H 56 7.77 -0.50 -54.22
C ILE H 56 8.27 0.46 -53.16
N PHE H 57 9.04 -0.08 -52.23
CA PHE H 57 9.61 0.70 -51.15
C PHE H 57 11.07 1.01 -51.45
N SER H 58 11.35 2.30 -51.62
CA SER H 58 12.69 2.77 -51.92
C SER H 58 13.44 3.16 -50.65
N LYS H 59 14.64 3.72 -50.82
CA LYS H 59 15.43 4.15 -49.67
C LYS H 59 14.68 5.25 -48.95
N GLY H 60 14.83 5.29 -47.63
CA GLY H 60 14.13 6.28 -46.84
C GLY H 60 12.88 5.65 -46.30
N GLY H 61 12.62 4.42 -46.75
CA GLY H 61 11.46 3.67 -46.30
C GLY H 61 10.12 4.34 -46.51
N GLY H 62 9.05 3.59 -46.28
CA GLY H 62 7.71 4.12 -46.44
C GLY H 62 6.76 3.44 -45.49
N GLN H 63 5.46 3.68 -45.66
CA GLN H 63 4.49 3.08 -44.77
C GLN H 63 3.04 3.26 -45.21
N ILE H 64 2.37 2.13 -45.46
CA ILE H 64 0.96 2.13 -45.84
C ILE H 64 0.24 1.70 -44.58
N THR H 65 -0.68 2.53 -44.09
CA THR H 65 -1.39 2.21 -42.86
C THR H 65 -2.90 2.21 -42.97
N TYR H 66 -3.51 1.07 -42.61
CA TYR H 66 -4.95 0.94 -42.65
C TYR H 66 -5.42 1.15 -41.21
N LYS H 67 -6.34 2.09 -41.03
CA LYS H 67 -6.86 2.40 -39.71
C LYS H 67 -8.33 2.05 -39.65
N TRP H 68 -8.65 0.94 -38.99
CA TRP H 68 -10.03 0.50 -38.86
C TRP H 68 -10.87 1.57 -38.20
N PRO H 69 -12.07 1.81 -38.75
CA PRO H 69 -12.97 2.82 -38.19
C PRO H 69 -13.38 2.36 -36.78
N PRO H 70 -13.12 3.21 -35.77
CA PRO H 70 -13.42 2.96 -34.36
C PRO H 70 -14.34 1.79 -34.04
N ASN H 71 -15.62 1.97 -34.26
CA ASN H 71 -16.62 0.95 -33.97
C ASN H 71 -16.56 -0.29 -34.85
N ASP H 72 -15.37 -0.56 -35.38
CA ASP H 72 -15.19 -1.72 -36.26
C ASP H 72 -13.87 -2.44 -36.06
N ARG H 73 -13.13 -2.07 -35.02
CA ARG H 73 -11.88 -2.75 -34.74
C ARG H 73 -12.29 -4.15 -34.30
N PRO H 74 -12.00 -5.15 -35.14
CA PRO H 74 -12.34 -6.54 -34.85
C PRO H 74 -11.47 -7.23 -33.83
N SER H 75 -11.99 -8.32 -33.30
CA SER H 75 -11.27 -9.16 -32.36
C SER H 75 -11.28 -10.49 -33.08
N THR H 76 -10.27 -11.32 -32.86
CA THR H 76 -10.24 -12.60 -33.55
C THR H 76 -9.56 -13.68 -32.73
N ARG H 77 -10.04 -14.92 -32.91
CA ARG H 77 -9.46 -16.07 -32.23
C ARG H 77 -8.48 -16.70 -33.20
N ALA H 78 -8.79 -16.58 -34.49
CA ALA H 78 -7.96 -17.15 -35.54
C ALA H 78 -7.53 -16.06 -36.52
N ASP H 79 -6.40 -16.27 -37.18
CA ASP H 79 -5.90 -15.29 -38.14
C ASP H 79 -5.26 -15.91 -39.38
N ARG H 80 -5.57 -15.35 -40.53
CA ARG H 80 -5.00 -15.80 -41.80
C ARG H 80 -4.27 -14.60 -42.37
N LEU H 81 -2.96 -14.65 -42.39
CA LEU H 81 -2.17 -13.57 -42.95
C LEU H 81 -1.23 -14.13 -43.98
N ALA H 82 -1.19 -13.50 -45.16
CA ALA H 82 -0.32 -13.96 -46.23
C ALA H 82 0.12 -12.78 -47.07
N ILE H 83 1.34 -12.84 -47.58
CA ILE H 83 1.87 -11.77 -48.41
C ILE H 83 3.02 -12.28 -49.26
N GLY H 84 3.24 -11.63 -50.39
CA GLY H 84 4.33 -12.01 -51.28
C GLY H 84 5.28 -10.84 -51.32
N PHE H 85 6.57 -11.12 -51.09
CA PHE H 85 7.57 -10.07 -51.08
C PHE H 85 8.77 -10.35 -51.97
N SER H 86 9.78 -9.49 -51.84
CA SER H 86 11.02 -9.58 -52.59
C SER H 86 11.92 -8.51 -52.00
N THR H 87 13.02 -8.93 -51.37
CA THR H 87 13.94 -7.99 -50.77
C THR H 87 15.31 -8.57 -50.50
N VAL H 88 16.30 -7.69 -50.43
CA VAL H 88 17.68 -8.06 -50.17
C VAL H 88 18.16 -7.49 -48.83
N GLN H 89 17.30 -7.56 -47.82
CA GLN H 89 17.65 -7.05 -46.50
C GLN H 89 17.91 -8.18 -45.52
N LYS H 90 18.64 -7.88 -44.45
CA LYS H 90 18.94 -8.87 -43.43
C LYS H 90 17.91 -8.67 -42.32
N GLU H 91 17.58 -7.41 -42.05
CA GLU H 91 16.61 -7.07 -41.02
C GLU H 91 15.59 -6.11 -41.60
N ALA H 92 14.33 -6.33 -41.26
CA ALA H 92 13.23 -5.48 -41.72
C ALA H 92 11.87 -6.04 -41.32
N VAL H 93 10.94 -5.16 -41.02
CA VAL H 93 9.59 -5.56 -40.64
C VAL H 93 8.66 -5.22 -41.80
N LEU H 94 7.95 -6.23 -42.30
CA LEU H 94 7.05 -6.06 -43.43
C LEU H 94 5.64 -5.60 -43.05
N VAL H 95 4.97 -6.36 -42.18
CA VAL H 95 3.62 -6.04 -41.75
C VAL H 95 3.45 -6.11 -40.23
N ARG H 96 2.59 -5.25 -39.68
CA ARG H 96 2.35 -5.25 -38.24
C ARG H 96 0.97 -4.73 -37.85
N VAL H 97 0.20 -5.57 -37.17
CA VAL H 97 -1.15 -5.20 -36.74
C VAL H 97 -1.16 -4.94 -35.25
N ASP H 98 -1.76 -3.81 -34.86
CA ASP H 98 -1.80 -3.41 -33.46
C ASP H 98 -3.20 -3.15 -32.91
N SER H 99 -3.39 -3.56 -31.67
CA SER H 99 -4.66 -3.36 -30.99
C SER H 99 -4.69 -1.97 -30.37
N SER H 100 -5.73 -1.21 -30.67
CA SER H 100 -5.88 0.15 -30.17
C SER H 100 -5.17 0.34 -28.84
N SER H 101 -4.37 1.41 -28.77
CA SER H 101 -3.58 1.76 -27.59
C SER H 101 -4.22 1.31 -26.29
N GLY H 102 -3.41 0.66 -25.45
CA GLY H 102 -3.91 0.16 -24.19
C GLY H 102 -3.75 -1.35 -24.22
N LEU H 103 -4.67 -2.01 -24.90
CA LEU H 103 -4.64 -3.45 -25.04
C LEU H 103 -3.26 -3.77 -25.64
N GLY H 104 -2.61 -4.80 -25.11
CA GLY H 104 -1.28 -5.14 -25.61
C GLY H 104 -1.16 -5.86 -26.94
N ASP H 105 -1.99 -6.87 -27.16
CA ASP H 105 -2.00 -7.68 -28.37
C ASP H 105 -1.42 -7.02 -29.63
N TYR H 106 -0.74 -7.83 -30.44
CA TYR H 106 -0.14 -7.37 -31.69
C TYR H 106 0.40 -8.53 -32.53
N LEU H 107 0.55 -8.29 -33.82
CA LEU H 107 1.05 -9.31 -34.74
C LEU H 107 2.15 -8.71 -35.61
N GLU H 108 3.27 -9.40 -35.74
CA GLU H 108 4.36 -8.88 -36.56
C GLU H 108 5.02 -9.89 -37.49
N LEU H 109 5.18 -9.47 -38.74
CA LEU H 109 5.81 -10.28 -39.79
C LEU H 109 7.10 -9.57 -40.17
N HIS H 110 8.22 -10.20 -39.84
CA HIS H 110 9.51 -9.59 -40.12
C HIS H 110 10.53 -10.58 -40.68
N ILE H 111 11.70 -10.05 -41.04
CA ILE H 111 12.79 -10.85 -41.57
C ILE H 111 13.97 -10.64 -40.63
N HIS H 112 14.33 -11.69 -39.89
CA HIS H 112 15.44 -11.62 -38.94
C HIS H 112 16.60 -12.46 -39.45
N GLN H 113 17.69 -11.77 -39.77
CA GLN H 113 18.90 -12.43 -40.26
C GLN H 113 18.64 -13.21 -41.54
N GLY H 114 17.87 -12.60 -42.44
CA GLY H 114 17.56 -13.23 -43.72
C GLY H 114 16.49 -14.30 -43.75
N LYS H 115 15.87 -14.59 -42.60
CA LYS H 115 14.82 -15.61 -42.57
C LYS H 115 13.49 -15.00 -42.14
N ILE H 116 12.45 -15.25 -42.93
CA ILE H 116 11.12 -14.71 -42.65
C ILE H 116 10.50 -15.41 -41.43
N GLY H 117 9.87 -14.63 -40.56
CA GLY H 117 9.25 -15.18 -39.38
C GLY H 117 8.14 -14.30 -38.84
N VAL H 118 7.46 -14.76 -37.79
CA VAL H 118 6.37 -13.97 -37.21
C VAL H 118 6.37 -14.01 -35.69
N LYS H 119 6.05 -12.87 -35.09
CA LYS H 119 5.97 -12.74 -33.65
C LYS H 119 4.65 -12.05 -33.33
N PHE H 120 3.93 -12.59 -32.36
CA PHE H 120 2.65 -12.02 -31.98
C PHE H 120 2.42 -12.23 -30.49
N ASN H 121 1.34 -11.65 -29.98
CA ASN H 121 0.98 -11.78 -28.57
C ASN H 121 -0.48 -11.40 -28.42
N VAL H 122 -1.28 -12.32 -27.89
CA VAL H 122 -2.70 -12.05 -27.71
C VAL H 122 -3.07 -11.91 -26.24
N GLY H 123 -2.07 -11.98 -25.37
CA GLY H 123 -2.38 -11.84 -23.96
C GLY H 123 -1.43 -12.55 -23.02
N THR H 124 -0.82 -13.65 -23.43
CA THR H 124 0.11 -14.35 -22.54
C THR H 124 1.52 -13.80 -22.81
N ASP H 125 2.39 -14.62 -23.39
CA ASP H 125 3.75 -14.14 -23.70
C ASP H 125 3.79 -13.85 -25.19
N ASP H 126 4.99 -13.56 -25.67
CA ASP H 126 5.17 -13.32 -27.08
C ASP H 126 5.45 -14.68 -27.68
N ILE H 127 4.73 -15.02 -28.74
CA ILE H 127 4.93 -16.30 -29.38
C ILE H 127 5.49 -16.03 -30.76
N ALA H 128 6.55 -16.74 -31.11
CA ALA H 128 7.17 -16.56 -32.42
C ALA H 128 7.32 -17.88 -33.15
N ILE H 129 7.30 -17.81 -34.47
CA ILE H 129 7.43 -18.98 -35.32
C ILE H 129 8.21 -18.48 -36.53
N GLU H 130 9.19 -19.25 -36.99
CA GLU H 130 9.99 -18.79 -38.13
C GLU H 130 10.57 -19.86 -39.04
N GLU H 131 10.69 -19.52 -40.32
CA GLU H 131 11.26 -20.42 -41.32
C GLU H 131 12.75 -20.12 -41.32
N SER H 132 13.48 -20.84 -40.47
CA SER H 132 14.93 -20.66 -40.33
C SER H 132 15.80 -21.43 -41.32
N ASN H 133 15.22 -22.44 -41.99
CA ASN H 133 15.98 -23.22 -42.96
C ASN H 133 16.14 -22.44 -44.26
N ALA H 134 15.05 -22.31 -45.01
CA ALA H 134 15.08 -21.58 -46.26
C ALA H 134 15.54 -20.14 -46.03
N ILE H 135 16.00 -19.50 -47.12
CA ILE H 135 16.47 -18.12 -47.07
C ILE H 135 15.59 -17.35 -48.05
N ILE H 136 15.31 -16.09 -47.76
CA ILE H 136 14.45 -15.32 -48.64
C ILE H 136 14.87 -13.90 -48.97
N ASN H 137 16.02 -13.45 -48.46
CA ASN H 137 16.47 -12.10 -48.76
C ASN H 137 17.35 -12.09 -50.01
N ASP H 138 17.07 -12.99 -50.94
CA ASP H 138 17.85 -13.09 -52.18
C ASP H 138 17.30 -12.23 -53.33
N GLY H 139 16.57 -11.16 -53.00
CA GLY H 139 16.02 -10.28 -54.02
C GLY H 139 14.97 -10.87 -54.95
N LYS H 140 14.65 -12.14 -54.76
CA LYS H 140 13.67 -12.83 -55.60
C LYS H 140 12.28 -12.92 -54.95
N TYR H 141 11.29 -13.34 -55.73
CA TYR H 141 9.91 -13.46 -55.26
C TYR H 141 9.71 -14.61 -54.27
N HIS H 142 9.01 -14.31 -53.18
CA HIS H 142 8.71 -15.28 -52.13
C HIS H 142 7.35 -15.01 -51.49
N VAL H 143 6.63 -16.07 -51.13
CA VAL H 143 5.32 -15.94 -50.51
C VAL H 143 5.26 -16.67 -49.18
N VAL H 144 4.82 -15.95 -48.16
CA VAL H 144 4.70 -16.51 -46.82
C VAL H 144 3.25 -16.50 -46.35
N ARG H 145 2.85 -17.54 -45.64
CA ARG H 145 1.48 -17.64 -45.15
C ARG H 145 1.47 -17.90 -43.64
N PHE H 146 0.78 -17.04 -42.91
CA PHE H 146 0.70 -17.18 -41.47
C PHE H 146 -0.68 -17.62 -41.01
N THR H 147 -0.70 -18.39 -39.94
CA THR H 147 -1.94 -18.90 -39.38
C THR H 147 -1.89 -18.90 -37.86
N ARG H 148 -2.98 -18.43 -37.25
CA ARG H 148 -3.08 -18.40 -35.81
C ARG H 148 -4.43 -18.95 -35.39
N SER H 149 -4.45 -19.60 -34.24
CA SER H 149 -5.63 -20.19 -33.63
C SER H 149 -5.33 -20.08 -32.15
N GLY H 150 -5.54 -18.89 -31.61
CA GLY H 150 -5.25 -18.66 -30.21
C GLY H 150 -3.74 -18.56 -30.12
N GLY H 151 -3.14 -19.43 -29.32
CA GLY H 151 -1.69 -19.43 -29.16
C GLY H 151 -1.03 -20.24 -30.25
N ASN H 152 -1.60 -21.40 -30.54
CA ASN H 152 -1.08 -22.28 -31.57
C ASN H 152 -1.02 -21.48 -32.88
N ALA H 153 0.10 -21.59 -33.61
CA ALA H 153 0.25 -20.86 -34.86
C ALA H 153 0.90 -21.70 -35.97
N THR H 154 0.92 -21.14 -37.18
CA THR H 154 1.46 -21.82 -38.36
C THR H 154 2.13 -20.88 -39.37
N LEU H 155 3.24 -21.33 -39.95
CA LEU H 155 3.94 -20.53 -40.93
C LEU H 155 4.35 -21.39 -42.12
N GLN H 156 4.44 -20.78 -43.30
CA GLN H 156 4.84 -21.52 -44.49
C GLN H 156 5.34 -20.61 -45.61
N VAL H 157 6.57 -20.87 -46.04
CA VAL H 157 7.20 -20.07 -47.10
C VAL H 157 7.22 -20.85 -48.41
N ASP H 158 6.87 -20.17 -49.49
CA ASP H 158 6.83 -20.80 -50.80
C ASP H 158 6.21 -22.18 -50.72
N SER H 159 7.05 -23.21 -50.81
CA SER H 159 6.54 -24.58 -50.74
C SER H 159 7.19 -25.44 -49.68
N TRP H 160 8.10 -24.86 -48.91
CA TRP H 160 8.76 -25.61 -47.85
C TRP H 160 7.72 -26.24 -46.95
N PRO H 161 8.11 -27.23 -46.14
CA PRO H 161 7.12 -27.85 -45.26
C PRO H 161 6.49 -26.81 -44.35
N VAL H 162 5.25 -27.06 -43.94
CA VAL H 162 4.54 -26.15 -43.06
C VAL H 162 5.08 -26.24 -41.64
N ILE H 163 5.36 -25.09 -41.04
CA ILE H 163 5.89 -25.03 -39.70
C ILE H 163 4.78 -24.86 -38.68
N GLU H 164 4.90 -25.56 -37.56
CA GLU H 164 3.87 -25.49 -36.52
C GLU H 164 4.44 -25.16 -35.15
N ARG H 165 3.95 -24.09 -34.54
CA ARG H 165 4.36 -23.71 -33.21
C ARG H 165 3.15 -23.95 -32.31
N TYR H 166 3.35 -24.65 -31.20
CA TYR H 166 2.27 -24.95 -30.27
C TYR H 166 2.68 -24.53 -28.86
N PRO H 167 2.71 -23.21 -28.60
CA PRO H 167 3.09 -22.63 -27.32
C PRO H 167 2.89 -23.46 -26.05
N ALA H 168 3.71 -23.14 -25.06
CA ALA H 168 3.77 -23.79 -23.74
C ALA H 168 2.48 -24.01 -22.94
N GLY H 169 2.53 -23.67 -21.66
CA GLY H 169 1.42 -23.85 -20.74
C GLY H 169 0.05 -23.34 -21.16
N ARG H 170 -0.59 -22.56 -20.30
CA ARG H 170 -1.91 -22.03 -20.62
C ARG H 170 -1.74 -20.79 -21.52
N GLN H 171 -2.55 -20.71 -22.58
CA GLN H 171 -2.47 -19.59 -23.52
C GLN H 171 -3.76 -18.81 -23.71
N LEU H 172 -3.63 -17.50 -23.94
CA LEU H 172 -4.80 -16.67 -24.17
C LEU H 172 -5.14 -16.79 -25.64
N THR H 173 -6.36 -16.43 -25.98
CA THR H 173 -6.85 -16.60 -27.33
C THR H 173 -7.18 -15.43 -28.24
N ILE H 174 -7.75 -14.39 -27.69
CA ILE H 174 -8.18 -13.29 -28.53
C ILE H 174 -7.33 -12.04 -28.74
N PHE H 175 -7.24 -11.67 -30.02
CA PHE H 175 -6.51 -10.50 -30.47
C PHE H 175 -7.56 -9.40 -30.41
N ASN H 176 -7.62 -8.71 -29.27
CA ASN H 176 -8.62 -7.67 -29.05
C ASN H 176 -8.48 -6.36 -29.81
N SER H 177 -9.63 -5.78 -30.11
CA SER H 177 -9.73 -4.50 -30.79
C SER H 177 -8.52 -4.17 -31.66
N GLN H 178 -8.46 -4.78 -32.85
CA GLN H 178 -7.36 -4.52 -33.78
C GLN H 178 -7.66 -3.16 -34.38
N ALA H 179 -6.70 -2.24 -34.35
CA ALA H 179 -6.95 -0.91 -34.88
C ALA H 179 -6.14 -0.44 -36.07
N THR H 180 -4.95 -1.01 -36.30
CA THR H 180 -4.12 -0.59 -37.44
C THR H 180 -3.21 -1.65 -38.04
N ILE H 181 -3.17 -1.68 -39.37
CA ILE H 181 -2.30 -2.58 -40.10
C ILE H 181 -1.23 -1.66 -40.70
N ILE H 182 0.02 -1.89 -40.33
CA ILE H 182 1.11 -1.05 -40.82
C ILE H 182 2.11 -1.80 -41.68
N ILE H 183 2.13 -1.44 -42.96
CA ILE H 183 3.02 -2.03 -43.93
C ILE H 183 4.16 -1.07 -44.22
N GLY H 184 5.39 -1.55 -44.04
CA GLY H 184 6.55 -0.71 -44.28
C GLY H 184 7.53 -0.88 -43.15
N GLY H 185 7.03 -1.44 -42.05
CA GLY H 185 7.86 -1.66 -40.88
C GLY H 185 8.80 -0.50 -40.59
N LYS H 186 8.31 0.72 -40.76
CA LYS H 186 9.14 1.89 -40.51
C LYS H 186 8.97 2.38 -39.06
N GLU H 187 7.72 2.56 -38.65
CA GLU H 187 7.40 3.02 -37.30
C GLU H 187 8.06 2.13 -36.24
N GLN H 188 8.14 0.83 -36.53
CA GLN H 188 8.77 -0.13 -35.61
C GLN H 188 10.29 -0.04 -35.66
N GLY H 189 10.80 0.90 -36.44
CA GLY H 189 12.25 1.09 -36.54
C GLY H 189 13.07 0.05 -37.28
N GLN H 190 12.59 -0.39 -38.44
CA GLN H 190 13.30 -1.37 -39.27
C GLN H 190 12.71 -1.27 -40.67
N PRO H 191 12.83 -0.09 -41.30
CA PRO H 191 12.30 0.16 -42.64
C PRO H 191 12.52 -1.00 -43.61
N PHE H 192 11.55 -1.16 -44.50
CA PHE H 192 11.59 -2.20 -45.49
C PHE H 192 11.89 -1.54 -46.83
N GLN H 193 12.60 -2.28 -47.68
CA GLN H 193 12.97 -1.79 -49.01
C GLN H 193 12.84 -2.96 -49.97
N GLY H 194 11.87 -2.87 -50.87
CA GLY H 194 11.66 -3.93 -51.82
C GLY H 194 10.26 -3.86 -52.38
N GLN H 195 9.67 -5.02 -52.64
CA GLN H 195 8.33 -5.06 -53.19
C GLN H 195 7.39 -6.01 -52.49
N LEU H 196 6.17 -5.55 -52.27
CA LEU H 196 5.15 -6.33 -51.60
C LEU H 196 3.93 -6.41 -52.51
N SER H 197 3.32 -7.59 -52.55
CA SER H 197 2.15 -7.81 -53.38
C SER H 197 1.12 -8.67 -52.67
N GLY H 198 -0.09 -8.69 -53.21
CA GLY H 198 -1.17 -9.48 -52.65
C GLY H 198 -1.10 -9.71 -51.16
N LEU H 199 -1.33 -8.66 -50.38
CA LEU H 199 -1.32 -8.78 -48.93
C LEU H 199 -2.74 -9.11 -48.48
N TYR H 200 -2.89 -10.25 -47.83
CA TYR H 200 -4.20 -10.67 -47.37
C TYR H 200 -4.23 -10.86 -45.86
N TYR H 201 -5.10 -10.13 -45.19
CA TYR H 201 -5.24 -10.24 -43.75
C TYR H 201 -6.70 -10.42 -43.37
N ASN H 202 -7.03 -11.61 -42.87
CA ASN H 202 -8.41 -11.91 -42.48
C ASN H 202 -9.43 -11.31 -43.44
N GLY H 203 -9.28 -11.56 -44.73
CA GLY H 203 -10.24 -11.04 -45.70
C GLY H 203 -9.91 -9.71 -46.32
N LEU H 204 -9.01 -8.94 -45.71
CA LEU H 204 -8.66 -7.65 -46.25
C LEU H 204 -7.48 -7.73 -47.20
N LYS H 205 -7.69 -7.26 -48.43
CA LYS H 205 -6.63 -7.23 -49.42
C LYS H 205 -6.17 -5.79 -49.39
N VAL H 206 -5.58 -5.44 -48.24
CA VAL H 206 -5.08 -4.12 -47.94
C VAL H 206 -4.37 -3.39 -49.07
N LEU H 207 -3.55 -4.12 -49.83
CA LEU H 207 -2.82 -3.48 -50.92
C LEU H 207 -3.70 -2.92 -52.04
N ASN H 208 -4.78 -3.62 -52.39
CA ASN H 208 -5.68 -3.12 -53.44
C ASN H 208 -6.38 -1.93 -52.82
N MET H 209 -6.92 -2.16 -51.62
CA MET H 209 -7.62 -1.13 -50.88
C MET H 209 -6.84 0.18 -50.95
N ALA H 210 -5.53 0.08 -50.74
CA ALA H 210 -4.65 1.23 -50.78
C ALA H 210 -4.64 1.82 -52.18
N ALA H 211 -4.46 0.93 -53.15
CA ALA H 211 -4.41 1.33 -54.55
C ALA H 211 -5.72 2.03 -54.93
N GLU H 212 -6.84 1.48 -54.52
CA GLU H 212 -8.14 2.06 -54.85
C GLU H 212 -8.52 3.23 -53.96
N ASN H 213 -7.50 3.90 -53.42
CA ASN H 213 -7.72 5.05 -52.55
C ASN H 213 -8.88 4.78 -51.59
N ASP H 214 -8.60 3.98 -50.57
CA ASP H 214 -9.59 3.63 -49.56
C ASP H 214 -9.60 4.79 -48.57
N ALA H 215 -10.79 5.19 -48.13
CA ALA H 215 -10.93 6.29 -47.19
C ALA H 215 -10.11 6.12 -45.90
N ASN H 216 -9.76 4.87 -45.58
CA ASN H 216 -9.02 4.57 -44.37
C ASN H 216 -7.53 4.32 -44.54
N ILE H 217 -7.13 3.90 -45.74
CA ILE H 217 -5.72 3.65 -45.99
C ILE H 217 -4.98 4.95 -46.20
N ALA H 218 -3.85 5.10 -45.52
CA ALA H 218 -3.05 6.31 -45.62
C ALA H 218 -1.62 5.92 -45.98
N ILE H 219 -1.16 6.36 -47.14
CA ILE H 219 0.18 6.07 -47.60
C ILE H 219 1.06 7.29 -47.33
N VAL H 220 2.24 7.04 -46.77
CA VAL H 220 3.18 8.11 -46.47
C VAL H 220 4.59 7.53 -46.55
N GLY H 221 5.50 8.28 -47.17
CA GLY H 221 6.87 7.82 -47.28
C GLY H 221 7.30 7.61 -48.73
N ASN H 222 8.38 6.86 -48.90
CA ASN H 222 8.91 6.59 -50.24
C ASN H 222 8.28 5.38 -50.88
N VAL H 223 6.96 5.25 -50.76
CA VAL H 223 6.26 4.12 -51.35
C VAL H 223 5.66 4.52 -52.69
N ARG H 224 5.69 3.61 -53.64
CA ARG H 224 5.16 3.87 -54.97
C ARG H 224 4.38 2.66 -55.48
N LEU H 225 3.37 2.90 -56.29
CA LEU H 225 2.56 1.82 -56.83
C LEU H 225 3.15 1.36 -58.17
N VAL H 226 2.88 0.11 -58.55
CA VAL H 226 3.39 -0.42 -59.81
C VAL H 226 2.28 -1.03 -60.65
#